data_1CF4
#
_entry.id   1CF4
#
_cell.length_a   1.000
_cell.length_b   1.000
_cell.length_c   1.000
_cell.angle_alpha   90.00
_cell.angle_beta   90.00
_cell.angle_gamma   90.00
#
_symmetry.space_group_name_H-M   'P 1'
#
loop_
_entity.id
_entity.type
_entity.pdbx_description
1 polymer 'PROTEIN (CDC42 HOMOLOG)'
2 polymer 'PROTEIN (ACTIVATED P21CDC42HS KINASE)'
3 non-polymer 'MAGNESIUM ION'
4 non-polymer 'PHOSPHOAMINOPHOSPHONIC ACID-GUANYLATE ESTER'
5 water water
#
loop_
_entity_poly.entity_id
_entity_poly.type
_entity_poly.pdbx_seq_one_letter_code
_entity_poly.pdbx_strand_id
1 'polypeptide(L)'
;MQTIKCVVVGDGAVGKTCLLISYTTNKFPSEYVPTVFDNYAVTVMIGGEPYTLGLFDTAGLEDYDRLRPLSYPQTDVFLV
CFSVVSPSSFENVKEKWVPEITHHCPKTPFLLVGTQIDLRDDPSTIEKLAKNKQKPITPETAEKLARDLKAVKYVECSAL
TQKGLKNVFDEAILAALEPPEPKK
;
A
2 'polypeptide(L)' GSGLSAQDISQPLQNSFIHTGHGDSDPRHCWGFPDRIDELYLGN B
#
loop_
_chem_comp.id
_chem_comp.type
_chem_comp.name
_chem_comp.formula
GNP non-polymer 'PHOSPHOAMINOPHOSPHONIC ACID-GUANYLATE ESTER' 'C10 H17 N6 O13 P3'
MG non-polymer 'MAGNESIUM ION' 'Mg 2'
#
# COMPACT_ATOMS: atom_id res chain seq x y z
N MET A 1 -8.03 15.69 -16.77
CA MET A 1 -7.80 15.72 -15.29
C MET A 1 -7.85 14.32 -14.69
N GLN A 2 -9.07 13.81 -14.53
CA GLN A 2 -9.26 12.47 -13.96
C GLN A 2 -8.72 12.42 -12.54
N THR A 3 -9.52 11.85 -11.64
CA THR A 3 -9.12 11.75 -10.25
C THR A 3 -8.73 10.33 -9.85
N ILE A 4 -8.64 10.09 -8.55
CA ILE A 4 -8.27 8.79 -8.03
C ILE A 4 -8.76 8.58 -6.60
N LYS A 5 -8.79 7.33 -6.17
CA LYS A 5 -9.24 6.99 -4.82
C LYS A 5 -8.27 6.00 -4.18
N CYS A 6 -7.39 6.52 -3.34
CA CYS A 6 -6.40 5.69 -2.66
C CYS A 6 -7.00 4.94 -1.48
N VAL A 7 -7.26 3.66 -1.68
CA VAL A 7 -7.82 2.81 -0.63
C VAL A 7 -7.09 1.48 -0.57
N VAL A 8 -6.37 1.27 0.52
CA VAL A 8 -5.61 0.03 0.69
C VAL A 8 -6.31 -0.92 1.66
N VAL A 9 -6.31 -2.20 1.31
CA VAL A 9 -6.91 -3.23 2.12
C VAL A 9 -5.91 -4.37 2.31
N GLY A 10 -5.70 -4.78 3.55
CA GLY A 10 -4.76 -5.85 3.80
C GLY A 10 -3.97 -5.64 5.07
N ASP A 11 -2.97 -6.49 5.29
CA ASP A 11 -2.12 -6.40 6.47
C ASP A 11 -0.84 -5.64 6.16
N GLY A 12 -0.91 -4.75 5.18
CA GLY A 12 0.26 -3.97 4.80
C GLY A 12 -0.10 -2.60 4.26
N ALA A 13 0.81 -1.65 4.46
CA ALA A 13 0.60 -0.29 3.99
C ALA A 13 0.38 -0.26 2.49
N VAL A 14 1.31 -0.84 1.73
CA VAL A 14 1.22 -0.88 0.27
C VAL A 14 0.80 0.47 -0.30
N GLY A 15 -0.50 0.69 -0.40
CA GLY A 15 -1.00 1.95 -0.93
C GLY A 15 -1.49 2.88 0.15
N LYS A 16 -0.98 2.68 1.37
CA LYS A 16 -1.36 3.51 2.51
C LYS A 16 -0.53 4.79 2.56
N THR A 17 -0.54 5.44 3.71
CA THR A 17 0.21 6.68 3.90
C THR A 17 1.69 6.40 4.03
N CYS A 18 2.03 5.23 4.55
CA CYS A 18 3.43 4.83 4.75
C CYS A 18 4.30 5.24 3.57
N LEU A 19 3.70 5.28 2.39
CA LEU A 19 4.44 5.66 1.18
C LEU A 19 4.95 7.09 1.28
N LEU A 20 4.03 8.05 1.21
CA LEU A 20 4.40 9.46 1.29
C LEU A 20 4.84 9.82 2.71
N ILE A 21 4.21 9.22 3.70
CA ILE A 21 4.56 9.48 5.10
C ILE A 21 6.03 9.17 5.35
N SER A 22 6.37 7.88 5.35
CA SER A 22 7.77 7.48 5.58
C SER A 22 8.69 8.16 4.58
N TYR A 23 8.20 8.36 3.36
CA TYR A 23 9.01 9.02 2.34
C TYR A 23 9.54 10.34 2.87
N THR A 24 8.72 10.99 3.69
CA THR A 24 9.07 12.26 4.30
C THR A 24 9.52 12.06 5.74
N THR A 25 8.75 11.27 6.50
CA THR A 25 9.07 11.01 7.90
C THR A 25 8.07 10.04 8.53
N ASN A 26 8.07 10.01 9.87
CA ASN A 26 7.19 9.14 10.67
C ASN A 26 7.94 7.89 11.11
N LYS A 27 9.02 7.56 10.40
CA LYS A 27 9.83 6.38 10.73
C LYS A 27 9.01 5.10 10.65
N PHE A 28 9.66 4.02 10.24
CA PHE A 28 8.99 2.73 10.13
C PHE A 28 9.06 1.95 11.44
N PRO A 29 10.26 1.87 12.06
CA PRO A 29 10.46 1.16 13.32
C PRO A 29 10.22 2.03 14.54
N SER A 30 9.01 2.59 14.64
CA SER A 30 8.66 3.45 15.77
C SER A 30 7.28 3.06 16.32
N GLU A 31 6.23 3.62 15.73
CA GLU A 31 4.87 3.34 16.16
C GLU A 31 3.87 3.64 15.04
N TYR A 32 2.67 3.12 15.17
CA TYR A 32 1.63 3.33 14.18
C TYR A 32 0.29 3.67 14.85
N VAL A 33 -0.07 4.94 14.82
CA VAL A 33 -1.32 5.40 15.41
C VAL A 33 -1.68 6.81 14.94
N PRO A 34 -0.82 7.80 15.24
CA PRO A 34 -1.06 9.19 14.85
C PRO A 34 -1.59 9.31 13.41
N THR A 35 -1.22 8.35 12.58
CA THR A 35 -1.65 8.35 11.18
C THR A 35 -3.18 8.36 11.08
N VAL A 36 -3.85 7.94 12.15
CA VAL A 36 -5.31 7.89 12.18
C VAL A 36 -5.91 9.23 11.77
N PHE A 37 -5.13 10.30 11.87
CA PHE A 37 -5.60 11.63 11.50
C PHE A 37 -5.47 11.88 10.00
N ASP A 38 -5.92 10.92 9.20
CA ASP A 38 -5.86 11.05 7.74
C ASP A 38 -6.73 12.21 7.26
N ASN A 39 -7.13 12.16 5.99
CA ASN A 39 -7.96 13.21 5.42
C ASN A 39 -7.15 14.49 5.18
N TYR A 40 -5.83 14.34 5.07
CA TYR A 40 -4.95 15.47 4.85
C TYR A 40 -5.29 16.17 3.53
N ALA A 41 -5.46 17.49 3.60
CA ALA A 41 -5.79 18.28 2.41
C ALA A 41 -4.54 18.86 1.79
N VAL A 42 -4.26 18.50 0.54
CA VAL A 42 -3.07 19.00 -0.14
C VAL A 42 -3.43 19.82 -1.37
N THR A 43 -2.50 20.64 -1.82
CA THR A 43 -2.70 21.49 -2.99
C THR A 43 -1.48 21.45 -3.90
N VAL A 44 -1.59 20.73 -5.00
CA VAL A 44 -0.50 20.60 -5.95
C VAL A 44 -1.01 20.44 -7.37
N MET A 45 -0.08 20.26 -8.30
CA MET A 45 -0.42 20.11 -9.72
C MET A 45 -0.42 18.62 -10.13
N ILE A 46 -1.61 18.01 -10.14
CA ILE A 46 -1.73 16.60 -10.53
C ILE A 46 -1.75 16.50 -12.06
N GLY A 47 -0.56 16.42 -12.63
CA GLY A 47 -0.42 16.32 -14.07
C GLY A 47 -1.35 17.25 -14.85
N GLY A 48 -2.53 16.74 -15.20
CA GLY A 48 -3.50 17.51 -15.95
C GLY A 48 -3.58 18.97 -15.54
N GLU A 49 -4.48 19.28 -14.60
CA GLU A 49 -4.66 20.64 -14.12
C GLU A 49 -4.53 20.71 -12.61
N PRO A 50 -4.12 21.87 -12.07
CA PRO A 50 -3.95 22.05 -10.63
C PRO A 50 -5.10 21.46 -9.84
N TYR A 51 -4.83 20.32 -9.20
CA TYR A 51 -5.82 19.63 -8.40
C TYR A 51 -5.17 18.48 -7.63
N THR A 52 -5.83 18.05 -6.57
CA THR A 52 -5.32 16.95 -5.76
C THR A 52 -6.44 15.97 -5.39
N LEU A 53 -6.05 14.73 -5.17
CA LEU A 53 -7.02 13.70 -4.81
C LEU A 53 -7.25 13.66 -3.30
N GLY A 54 -8.10 12.74 -2.86
CA GLY A 54 -8.38 12.63 -1.44
C GLY A 54 -8.22 11.22 -0.93
N LEU A 55 -7.12 10.97 -0.23
CA LEU A 55 -6.86 9.65 0.33
C LEU A 55 -7.54 9.49 1.68
N PHE A 56 -8.72 8.88 1.68
CA PHE A 56 -9.46 8.67 2.92
C PHE A 56 -8.98 7.43 3.65
N ASP A 57 -8.24 7.63 4.73
CA ASP A 57 -7.72 6.53 5.50
C ASP A 57 -8.69 6.13 6.61
N THR A 58 -8.86 4.82 6.78
CA THR A 58 -9.75 4.29 7.81
C THR A 58 -8.96 3.88 9.04
N ALA A 59 -9.53 4.09 10.22
CA ALA A 59 -8.87 3.74 11.46
C ALA A 59 -9.88 3.46 12.57
N GLY A 60 -9.37 3.08 13.73
CA GLY A 60 -10.23 2.79 14.86
C GLY A 60 -9.79 3.51 16.12
N LEU A 61 -9.60 4.81 16.01
CA LEU A 61 -9.16 5.63 17.14
C LEU A 61 -10.19 6.72 17.45
N GLU A 62 -9.84 7.58 18.41
CA GLU A 62 -10.71 8.68 18.82
C GLU A 62 -11.28 9.42 17.61
N ASP A 63 -10.43 9.62 16.61
CA ASP A 63 -10.84 10.33 15.39
C ASP A 63 -12.17 9.80 14.87
N TYR A 64 -12.22 8.49 14.61
CA TYR A 64 -13.43 7.86 14.11
C TYR A 64 -13.33 6.34 14.19
N ASP A 65 -13.83 5.78 15.29
CA ASP A 65 -13.80 4.35 15.51
C ASP A 65 -15.01 3.66 14.88
N ARG A 66 -15.96 4.44 14.38
CA ARG A 66 -17.15 3.89 13.76
C ARG A 66 -17.00 3.72 12.26
N LEU A 67 -16.06 4.44 11.66
CA LEU A 67 -15.83 4.34 10.22
C LEU A 67 -15.67 2.88 9.80
N ARG A 68 -15.85 2.62 8.50
CA ARG A 68 -15.72 1.27 7.97
C ARG A 68 -15.94 1.25 6.46
N PRO A 69 -15.06 1.93 5.71
CA PRO A 69 -15.15 2.00 4.25
C PRO A 69 -14.48 0.81 3.57
N LEU A 70 -13.55 0.18 4.27
CA LEU A 70 -12.82 -0.97 3.73
C LEU A 70 -13.73 -2.21 3.66
N SER A 71 -14.94 -2.11 4.20
CA SER A 71 -15.88 -3.23 4.19
C SER A 71 -15.97 -3.85 2.79
N TYR A 72 -16.59 -3.13 1.87
CA TYR A 72 -16.75 -3.61 0.50
C TYR A 72 -16.55 -2.48 -0.50
N PRO A 73 -15.34 -1.89 -0.53
CA PRO A 73 -15.02 -0.79 -1.44
C PRO A 73 -15.35 -1.13 -2.90
N GLN A 74 -16.06 -0.22 -3.57
CA GLN A 74 -16.44 -0.42 -4.96
C GLN A 74 -15.34 0.04 -5.91
N THR A 75 -14.17 0.35 -5.37
CA THR A 75 -13.05 0.81 -6.19
C THR A 75 -12.81 -0.14 -7.36
N ASP A 76 -11.89 0.23 -8.24
CA ASP A 76 -11.57 -0.59 -9.40
C ASP A 76 -10.17 -1.16 -9.30
N VAL A 77 -9.31 -0.46 -8.55
CA VAL A 77 -7.93 -0.91 -8.37
C VAL A 77 -7.58 -1.01 -6.89
N PHE A 78 -7.63 -2.23 -6.35
CA PHE A 78 -7.31 -2.46 -4.95
C PHE A 78 -5.80 -2.52 -4.75
N LEU A 79 -5.38 -2.66 -3.49
CA LEU A 79 -3.96 -2.74 -3.18
C LEU A 79 -3.65 -3.96 -2.31
N VAL A 80 -2.98 -4.94 -2.90
CA VAL A 80 -2.63 -6.16 -2.18
C VAL A 80 -1.19 -6.08 -1.69
N CYS A 81 -0.99 -6.33 -0.40
CA CYS A 81 0.35 -6.27 0.18
C CYS A 81 0.95 -7.66 0.35
N PHE A 82 2.21 -7.69 0.75
CA PHE A 82 2.93 -8.95 0.96
C PHE A 82 4.35 -8.67 1.44
N SER A 83 5.16 -9.71 1.55
CA SER A 83 6.54 -9.57 2.00
C SER A 83 7.40 -10.72 1.51
N VAL A 84 8.69 -10.44 1.28
CA VAL A 84 9.61 -11.47 0.81
C VAL A 84 9.73 -12.62 1.80
N VAL A 85 9.81 -12.28 3.09
CA VAL A 85 9.91 -13.30 4.13
C VAL A 85 8.71 -14.24 4.08
N SER A 86 8.96 -15.51 3.76
CA SER A 86 7.87 -16.48 3.68
C SER A 86 8.35 -17.89 3.98
N PRO A 87 7.82 -18.51 5.06
CA PRO A 87 8.19 -19.86 5.45
C PRO A 87 7.21 -20.88 4.87
N SER A 88 7.03 -20.82 3.55
CA SER A 88 6.11 -21.72 2.85
C SER A 88 4.67 -21.23 2.99
N SER A 89 4.51 -19.92 3.09
CA SER A 89 3.19 -19.31 3.22
C SER A 89 2.68 -18.81 1.86
N PHE A 90 3.59 -18.68 0.89
CA PHE A 90 3.24 -18.21 -0.44
C PHE A 90 1.95 -18.87 -0.93
N GLU A 91 1.82 -20.18 -0.69
CA GLU A 91 0.64 -20.92 -1.12
C GLU A 91 -0.61 -20.40 -0.41
N ASN A 92 -0.44 -19.96 0.84
CA ASN A 92 -1.57 -19.44 1.61
C ASN A 92 -1.96 -18.05 1.14
N VAL A 93 -0.99 -17.14 1.09
CA VAL A 93 -1.25 -15.77 0.65
C VAL A 93 -2.02 -15.74 -0.65
N LYS A 94 -1.62 -16.58 -1.61
CA LYS A 94 -2.27 -16.64 -2.89
C LYS A 94 -3.70 -17.15 -2.76
N GLU A 95 -3.87 -18.27 -2.05
CA GLU A 95 -5.18 -18.85 -1.84
C GLU A 95 -5.92 -18.18 -0.68
N LYS A 96 -5.37 -17.10 -0.15
CA LYS A 96 -5.99 -16.39 0.95
C LYS A 96 -6.41 -14.98 0.53
N TRP A 97 -5.69 -14.42 -0.46
CA TRP A 97 -5.99 -13.08 -0.95
C TRP A 97 -6.91 -13.12 -2.15
N VAL A 98 -6.57 -13.95 -3.14
CA VAL A 98 -7.38 -14.07 -4.36
C VAL A 98 -8.84 -14.31 -4.04
N PRO A 99 -9.16 -15.24 -3.12
CA PRO A 99 -10.53 -15.56 -2.75
C PRO A 99 -11.14 -14.56 -1.75
N GLU A 100 -10.29 -13.71 -1.19
CA GLU A 100 -10.75 -12.71 -0.24
C GLU A 100 -11.13 -11.41 -0.96
N ILE A 101 -10.18 -10.86 -1.69
CA ILE A 101 -10.41 -9.63 -2.44
C ILE A 101 -11.58 -9.78 -3.39
N THR A 102 -11.82 -11.01 -3.84
CA THR A 102 -12.92 -11.28 -4.77
C THR A 102 -14.22 -11.54 -4.00
N HIS A 103 -14.09 -12.07 -2.79
CA HIS A 103 -15.24 -12.35 -1.96
C HIS A 103 -16.06 -11.09 -1.70
N HIS A 104 -15.40 -10.06 -1.18
CA HIS A 104 -16.07 -8.80 -0.89
C HIS A 104 -16.54 -8.13 -2.17
N CYS A 105 -15.70 -8.16 -3.21
CA CYS A 105 -16.02 -7.56 -4.49
C CYS A 105 -15.86 -8.59 -5.62
N PRO A 106 -16.94 -8.81 -6.41
CA PRO A 106 -16.89 -9.77 -7.52
C PRO A 106 -15.70 -9.54 -8.43
N LYS A 107 -14.58 -10.18 -8.13
CA LYS A 107 -13.37 -10.04 -8.93
C LYS A 107 -12.87 -8.60 -8.90
N THR A 108 -11.93 -8.32 -8.00
CA THR A 108 -11.37 -6.97 -7.87
C THR A 108 -9.86 -6.99 -8.10
N PRO A 109 -9.36 -6.15 -9.03
CA PRO A 109 -7.93 -6.09 -9.33
C PRO A 109 -7.10 -5.70 -8.12
N PHE A 110 -5.77 -5.68 -8.30
CA PHE A 110 -4.87 -5.31 -7.22
C PHE A 110 -3.47 -5.04 -7.76
N LEU A 111 -2.57 -4.63 -6.87
CA LEU A 111 -1.20 -4.33 -7.25
C LEU A 111 -0.22 -4.84 -6.20
N LEU A 112 0.85 -5.49 -6.66
CA LEU A 112 1.86 -6.02 -5.77
C LEU A 112 2.95 -4.97 -5.52
N VAL A 113 3.40 -4.86 -4.27
CA VAL A 113 4.42 -3.89 -3.93
C VAL A 113 5.56 -4.51 -3.13
N GLY A 114 6.76 -3.98 -3.33
CA GLY A 114 7.93 -4.47 -2.61
C GLY A 114 8.47 -3.44 -1.65
N THR A 115 8.92 -3.88 -0.49
CA THR A 115 9.47 -2.97 0.51
C THR A 115 10.48 -3.67 1.42
N GLN A 116 10.01 -4.70 2.13
CA GLN A 116 10.87 -5.46 3.03
C GLN A 116 12.02 -6.11 2.26
N ILE A 117 11.85 -6.26 0.94
CA ILE A 117 12.88 -6.87 0.10
C ILE A 117 14.28 -6.41 0.49
N ASP A 118 14.39 -5.20 1.03
CA ASP A 118 15.67 -4.64 1.44
C ASP A 118 16.27 -5.43 2.61
N LEU A 119 15.45 -5.79 3.58
CA LEU A 119 15.93 -6.52 4.75
C LEU A 119 15.81 -8.03 4.56
N ARG A 120 14.64 -8.49 4.12
CA ARG A 120 14.41 -9.92 3.92
C ARG A 120 15.55 -10.54 3.13
N ASP A 121 16.22 -9.73 2.31
CA ASP A 121 17.33 -10.21 1.51
C ASP A 121 18.43 -10.81 2.39
N ASP A 122 18.43 -10.43 3.66
CA ASP A 122 19.43 -10.93 4.60
C ASP A 122 19.28 -12.43 4.80
N PRO A 123 20.37 -13.12 5.16
CA PRO A 123 20.37 -14.57 5.38
C PRO A 123 19.85 -14.96 6.76
N SER A 124 19.53 -13.97 7.58
CA SER A 124 19.02 -14.24 8.93
C SER A 124 17.54 -14.57 8.89
N THR A 125 16.73 -13.55 8.59
CA THR A 125 15.28 -13.76 8.51
C THR A 125 14.99 -14.93 7.59
N ILE A 126 15.83 -15.07 6.57
CA ILE A 126 15.69 -16.15 5.62
C ILE A 126 15.76 -17.49 6.36
N GLU A 127 16.70 -17.58 7.29
CA GLU A 127 16.87 -18.79 8.08
C GLU A 127 15.57 -19.11 8.80
N LYS A 128 14.85 -18.08 9.22
CA LYS A 128 13.58 -18.27 9.90
C LYS A 128 12.58 -18.88 8.92
N LEU A 129 12.71 -18.52 7.65
CA LEU A 129 11.86 -19.06 6.62
C LEU A 129 12.27 -20.50 6.34
N ALA A 130 13.57 -20.72 6.41
CA ALA A 130 14.15 -22.03 6.17
C ALA A 130 13.42 -23.10 6.98
N LYS A 131 12.97 -22.72 8.17
CA LYS A 131 12.25 -23.65 9.04
C LYS A 131 11.16 -24.39 8.26
N ASN A 132 10.59 -23.71 7.28
CA ASN A 132 9.55 -24.29 6.44
C ASN A 132 9.92 -24.26 4.97
N LYS A 133 10.68 -23.24 4.56
CA LYS A 133 11.10 -23.10 3.18
C LYS A 133 12.50 -22.48 3.08
N GLN A 134 12.55 -21.14 2.89
CA GLN A 134 13.81 -20.36 2.76
C GLN A 134 13.78 -19.48 1.51
N LYS A 135 12.92 -19.84 0.56
CA LYS A 135 12.80 -19.11 -0.68
C LYS A 135 12.19 -17.72 -0.47
N PRO A 136 13.00 -16.65 -0.64
CA PRO A 136 12.53 -15.28 -0.46
C PRO A 136 11.84 -14.77 -1.72
N ILE A 137 10.65 -14.19 -1.55
CA ILE A 137 9.90 -13.67 -2.68
C ILE A 137 10.66 -12.55 -3.36
N THR A 138 11.38 -12.88 -4.43
CA THR A 138 12.16 -11.91 -5.17
C THR A 138 11.25 -10.90 -5.89
N PRO A 139 11.77 -9.71 -6.18
CA PRO A 139 11.00 -8.66 -6.87
C PRO A 139 10.34 -9.18 -8.14
N GLU A 140 10.91 -10.24 -8.69
CA GLU A 140 10.37 -10.84 -9.92
C GLU A 140 9.26 -11.84 -9.58
N THR A 141 9.33 -12.41 -8.38
CA THR A 141 8.34 -13.38 -7.93
C THR A 141 6.96 -12.73 -7.84
N ALA A 142 6.87 -11.67 -7.05
CA ALA A 142 5.60 -10.95 -6.88
C ALA A 142 5.01 -10.57 -8.23
N GLU A 143 5.87 -10.22 -9.18
CA GLU A 143 5.43 -9.84 -10.52
C GLU A 143 4.77 -11.02 -11.22
N LYS A 144 5.30 -12.22 -10.97
CA LYS A 144 4.76 -13.42 -11.58
C LYS A 144 3.33 -13.67 -11.13
N LEU A 145 3.12 -13.76 -9.82
CA LEU A 145 1.80 -13.99 -9.26
C LEU A 145 0.88 -12.80 -9.55
N ALA A 146 1.45 -11.60 -9.50
CA ALA A 146 0.69 -10.38 -9.76
C ALA A 146 0.03 -10.44 -11.13
N ARG A 147 0.83 -10.74 -12.15
CA ARG A 147 0.34 -10.81 -13.53
C ARG A 147 -0.54 -12.06 -13.71
N ASP A 148 -0.31 -13.06 -12.88
CA ASP A 148 -1.07 -14.30 -12.96
C ASP A 148 -2.57 -14.02 -12.98
N LEU A 149 -3.00 -13.07 -12.16
CA LEU A 149 -4.41 -12.69 -12.09
C LEU A 149 -4.65 -11.36 -12.79
N LYS A 150 -3.78 -11.04 -13.75
CA LYS A 150 -3.90 -9.79 -14.50
C LYS A 150 -4.19 -8.61 -13.59
N ALA A 151 -3.55 -8.60 -12.42
CA ALA A 151 -3.75 -7.52 -11.46
C ALA A 151 -3.30 -6.19 -12.03
N VAL A 152 -1.99 -5.94 -11.99
CA VAL A 152 -1.43 -4.70 -12.50
C VAL A 152 0.07 -4.87 -12.80
N LYS A 153 0.87 -4.89 -11.73
CA LYS A 153 2.31 -5.01 -11.87
C LYS A 153 3.01 -4.77 -10.54
N TYR A 154 4.12 -5.47 -10.31
CA TYR A 154 4.89 -5.31 -9.09
C TYR A 154 6.11 -4.44 -9.37
N VAL A 155 6.13 -3.25 -8.77
CA VAL A 155 7.23 -2.32 -8.96
C VAL A 155 8.18 -2.34 -7.76
N GLU A 156 9.27 -1.61 -7.85
CA GLU A 156 10.25 -1.56 -6.77
C GLU A 156 9.91 -0.48 -5.75
N CYS A 157 10.20 -0.75 -4.49
CA CYS A 157 9.92 0.20 -3.41
C CYS A 157 10.58 -0.28 -2.12
N SER A 158 10.93 0.68 -1.26
CA SER A 158 11.56 0.35 0.01
C SER A 158 11.43 1.51 1.00
N ALA A 159 10.85 1.23 2.17
CA ALA A 159 10.67 2.25 3.19
C ALA A 159 11.84 2.25 4.17
N LEU A 160 12.97 1.69 3.74
CA LEU A 160 14.16 1.63 4.57
C LEU A 160 15.38 2.10 3.80
N THR A 161 15.50 1.66 2.55
CA THR A 161 16.62 2.04 1.70
C THR A 161 16.16 3.02 0.62
N GLN A 162 14.85 3.05 0.35
CA GLN A 162 14.28 3.94 -0.66
C GLN A 162 14.51 3.39 -2.07
N LYS A 163 13.70 2.40 -2.45
CA LYS A 163 13.81 1.80 -3.77
C LYS A 163 12.81 2.43 -4.74
N GLY A 164 12.51 3.70 -4.51
CA GLY A 164 11.58 4.40 -5.38
C GLY A 164 10.35 4.89 -4.63
N LEU A 165 9.63 3.96 -4.00
CA LEU A 165 8.44 4.31 -3.24
C LEU A 165 7.32 4.81 -4.16
N LYS A 166 7.48 6.03 -4.66
CA LYS A 166 6.50 6.63 -5.54
C LYS A 166 6.26 5.74 -6.77
N ASN A 167 7.31 5.05 -7.20
CA ASN A 167 7.21 4.17 -8.36
C ASN A 167 6.05 3.19 -8.23
N VAL A 168 6.18 2.22 -7.34
CA VAL A 168 5.14 1.23 -7.13
C VAL A 168 3.81 1.88 -6.76
N PHE A 169 3.86 2.81 -5.81
CA PHE A 169 2.66 3.50 -5.37
C PHE A 169 2.04 4.28 -6.52
N ASP A 170 2.87 4.67 -7.49
CA ASP A 170 2.39 5.41 -8.65
C ASP A 170 1.59 4.48 -9.55
N GLU A 171 1.94 3.20 -9.52
CA GLU A 171 1.24 2.20 -10.32
C GLU A 171 -0.12 1.92 -9.70
N ALA A 172 -0.20 2.06 -8.38
CA ALA A 172 -1.45 1.82 -7.66
C ALA A 172 -2.49 2.87 -8.02
N ILE A 173 -2.09 4.14 -7.95
CA ILE A 173 -2.99 5.24 -8.28
C ILE A 173 -3.23 5.30 -9.78
N LEU A 174 -2.20 4.92 -10.53
CA LEU A 174 -2.27 4.91 -11.99
C LEU A 174 -3.57 4.29 -12.48
N ALA A 175 -3.94 3.16 -11.88
CA ALA A 175 -5.16 2.47 -12.24
C ALA A 175 -6.37 3.39 -12.10
N ALA A 176 -6.24 4.40 -11.24
CA ALA A 176 -7.32 5.36 -11.02
C ALA A 176 -7.16 6.59 -11.89
N LEU A 177 -5.91 6.95 -12.18
CA LEU A 177 -5.61 8.11 -13.01
C LEU A 177 -6.05 7.87 -14.45
N GLU A 178 -6.10 6.60 -14.85
CA GLU A 178 -6.50 6.22 -16.20
C GLU A 178 -6.25 4.74 -16.44
N PRO A 179 -7.08 4.09 -17.29
CA PRO A 179 -6.95 2.66 -17.61
C PRO A 179 -5.57 2.33 -18.17
N PRO A 180 -4.73 1.65 -17.38
CA PRO A 180 -3.37 1.26 -17.82
C PRO A 180 -3.38 0.01 -18.69
N GLU A 181 -2.22 -0.31 -19.26
CA GLU A 181 -2.09 -1.48 -20.12
C GLU A 181 -1.18 -2.52 -19.48
N PRO A 182 -1.54 -3.81 -19.60
CA PRO A 182 -0.75 -4.91 -19.02
C PRO A 182 0.49 -5.22 -19.86
N LYS A 183 1.09 -6.37 -19.59
CA LYS A 183 2.29 -6.79 -20.32
C LYS A 183 2.19 -8.25 -20.74
N LYS A 184 1.47 -8.49 -21.84
CA LYS A 184 1.29 -9.85 -22.35
C LYS A 184 1.46 -9.88 -23.87
N GLY B 1 7.06 15.10 -16.10
CA GLY B 1 5.89 14.37 -15.53
C GLY B 1 6.15 12.88 -15.44
N SER B 2 5.24 12.16 -14.77
CA SER B 2 5.36 10.72 -14.61
C SER B 2 5.29 10.02 -15.96
N GLY B 3 4.08 9.85 -16.48
CA GLY B 3 3.89 9.20 -17.75
C GLY B 3 3.75 7.70 -17.61
N LEU B 4 2.54 7.21 -17.85
CA LEU B 4 2.27 5.78 -17.74
C LEU B 4 0.93 5.43 -18.36
N SER B 5 0.74 5.79 -19.64
CA SER B 5 -0.51 5.51 -20.33
C SER B 5 -1.71 5.93 -19.49
N ALA B 6 -1.84 7.24 -19.27
CA ALA B 6 -2.92 7.77 -18.48
C ALA B 6 -2.90 9.29 -18.49
N GLN B 7 -2.88 9.88 -19.67
CA GLN B 7 -2.83 11.33 -19.78
C GLN B 7 -1.47 11.86 -19.32
N ASP B 8 -0.54 10.94 -19.00
CA ASP B 8 0.79 11.31 -18.53
C ASP B 8 0.70 12.29 -17.37
N ILE B 9 -0.16 11.95 -16.42
CA ILE B 9 -0.36 12.78 -15.23
C ILE B 9 0.63 12.38 -14.15
N SER B 10 1.18 13.38 -13.47
CA SER B 10 2.16 13.14 -12.41
C SER B 10 1.47 12.71 -11.13
N GLN B 11 1.84 11.53 -10.63
CA GLN B 11 1.27 11.00 -9.39
C GLN B 11 1.36 12.05 -8.29
N PRO B 12 0.88 11.75 -7.06
CA PRO B 12 0.94 12.72 -5.95
C PRO B 12 2.31 13.37 -5.85
N LEU B 13 2.44 14.52 -6.50
CA LEU B 13 3.71 15.25 -6.52
C LEU B 13 4.10 15.71 -5.12
N GLN B 14 5.10 16.58 -5.05
CA GLN B 14 5.57 17.09 -3.78
C GLN B 14 4.80 18.35 -3.37
N ASN B 15 5.12 18.89 -2.20
CA ASN B 15 4.45 20.08 -1.70
C ASN B 15 2.98 19.79 -1.38
N SER B 16 2.61 18.51 -1.37
CA SER B 16 1.24 18.12 -1.07
C SER B 16 1.12 17.63 0.37
N PHE B 17 1.33 18.54 1.31
CA PHE B 17 1.25 18.21 2.74
C PHE B 17 1.00 19.45 3.56
N ILE B 18 -0.27 19.76 3.80
CA ILE B 18 -0.65 20.94 4.58
C ILE B 18 -1.00 20.57 6.02
N HIS B 19 -1.30 19.29 6.26
CA HIS B 19 -1.66 18.82 7.58
C HIS B 19 -3.06 19.29 7.97
N THR B 20 -4.02 18.38 7.90
CA THR B 20 -5.40 18.70 8.24
C THR B 20 -6.08 17.51 8.92
N GLY B 21 -5.49 17.06 10.02
CA GLY B 21 -6.05 15.93 10.75
C GLY B 21 -5.77 16.03 12.24
N HIS B 22 -6.55 15.31 13.04
CA HIS B 22 -6.37 15.31 14.50
C HIS B 22 -5.58 14.09 14.95
N GLY B 23 -6.28 13.01 15.29
CA GLY B 23 -5.62 11.79 15.74
C GLY B 23 -4.52 12.06 16.75
N ASP B 24 -3.35 11.46 16.53
CA ASP B 24 -2.21 11.64 17.43
C ASP B 24 -2.31 10.71 18.63
N SER B 25 -1.96 9.45 18.42
CA SER B 25 -2.00 8.45 19.48
C SER B 25 -0.59 7.97 19.82
N ASP B 26 -0.03 8.54 20.90
CA ASP B 26 1.31 8.19 21.35
C ASP B 26 1.59 6.68 21.22
N PRO B 27 2.87 6.29 21.28
CA PRO B 27 3.29 4.88 21.17
C PRO B 27 2.51 3.99 22.14
N ARG B 28 1.67 3.13 21.59
CA ARG B 28 0.87 2.23 22.40
C ARG B 28 1.46 0.83 22.43
N HIS B 29 1.71 0.26 21.26
CA HIS B 29 2.28 -1.07 21.16
C HIS B 29 3.36 -1.15 20.08
N CYS B 30 3.76 0.00 19.55
CA CYS B 30 4.78 0.05 18.51
C CYS B 30 4.54 -1.01 17.44
N TRP B 31 5.58 -1.32 16.66
CA TRP B 31 5.48 -2.32 15.62
C TRP B 31 6.64 -3.31 15.69
N GLY B 32 6.43 -4.41 16.39
CA GLY B 32 7.47 -5.41 16.53
C GLY B 32 7.37 -6.50 15.47
N PHE B 33 6.16 -7.04 15.30
CA PHE B 33 5.93 -8.10 14.33
C PHE B 33 5.16 -7.57 13.13
N PRO B 34 5.52 -8.01 11.91
CA PRO B 34 4.85 -7.57 10.68
C PRO B 34 3.35 -7.83 10.71
N ASP B 35 2.74 -7.90 9.53
CA ASP B 35 1.31 -8.16 9.42
C ASP B 35 0.50 -6.97 9.94
N ARG B 36 0.68 -5.82 9.29
CA ARG B 36 -0.04 -4.60 9.67
C ARG B 36 -1.52 -4.88 9.85
N ILE B 37 -2.18 -4.00 10.59
CA ILE B 37 -3.60 -4.13 10.81
C ILE B 37 -4.39 -3.59 9.63
N ASP B 38 -5.48 -4.27 9.28
CA ASP B 38 -6.31 -3.85 8.16
C ASP B 38 -6.58 -2.35 8.20
N GLU B 39 -6.98 -1.80 7.07
CA GLU B 39 -7.26 -0.37 6.96
C GLU B 39 -8.41 0.04 7.89
N LEU B 40 -9.15 -0.94 8.39
CA LEU B 40 -10.26 -0.66 9.29
C LEU B 40 -9.75 -0.09 10.60
N TYR B 41 -8.57 -0.54 10.98
CA TYR B 41 -7.93 -0.11 12.21
C TYR B 41 -6.78 0.87 11.93
N LEU B 42 -5.90 0.47 11.01
CA LEU B 42 -4.75 1.30 10.65
C LEU B 42 -3.71 1.32 11.77
N GLY B 43 -4.07 1.95 12.89
CA GLY B 43 -3.17 2.02 14.01
C GLY B 43 -3.72 1.33 15.25
N ASN B 44 -2.84 1.06 16.21
CA ASN B 44 -3.24 0.40 17.45
C ASN B 44 -4.20 1.27 18.24
MG MG C . 0.10 5.53 8.21
PG GNP D . 2.14 5.15 10.41
O1G GNP D . 2.84 4.75 11.66
O2G GNP D . 0.67 5.01 10.37
O3G GNP D . 2.46 6.72 10.23
N3B GNP D . 2.75 4.22 9.17
PB GNP D . 1.79 3.24 8.21
O1B GNP D . 0.69 2.74 9.06
O2B GNP D . 1.42 4.04 7.02
O3A GNP D . 2.57 1.95 7.66
PA GNP D . 2.37 0.39 8.02
O1A GNP D . 2.18 0.26 9.47
O2A GNP D . 1.36 -0.17 7.10
O5' GNP D . 3.79 -0.24 7.65
C5' GNP D . 4.05 -0.73 6.32
C4' GNP D . 5.09 -1.85 6.32
O4' GNP D . 4.53 -3.06 5.81
C3' GNP D . 6.27 -1.48 5.45
O3' GNP D . 7.40 -1.10 6.22
C2' GNP D . 6.56 -2.68 4.60
O2' GNP D . 7.82 -3.27 4.98
C1' GNP D . 5.42 -3.64 4.83
N9 GNP D . 4.71 -3.92 3.58
C8 GNP D . 3.45 -3.57 3.23
N7 GNP D . 3.03 -3.92 2.05
C5 GNP D . 4.15 -4.58 1.54
C6 GNP D . 4.35 -5.20 0.26
O6 GNP D . 3.55 -5.28 -0.67
N1 GNP D . 5.63 -5.77 0.14
C2 GNP D . 6.61 -5.73 1.13
N2 GNP D . 7.76 -6.34 0.84
N3 GNP D . 6.43 -5.14 2.34
C4 GNP D . 5.18 -4.59 2.47
HNB3 GNP D . 3.71 4.24 9.00
H5'2 GNP D . 4.41 0.09 5.70
H5'1 GNP D . 3.12 -1.12 5.91
H4' GNP D . 5.44 -2.00 7.34
H3' GNP D . 5.98 -0.67 4.78
HO3' GNP D . 7.16 -0.30 6.71
H2' GNP D . 6.59 -2.39 3.55
HO2' GNP D . 7.65 -4.21 5.14
H1' GNP D . 5.82 -4.55 5.23
H8 GNP D . 2.81 -3.04 3.92
HN1 GNP D . 5.83 -6.20 -0.72
HN21 GNP D . 7.89 -6.78 -0.05
HN22 GNP D . 8.51 -6.36 1.52
N MET A 1 -8.49 14.90 -16.79
CA MET A 1 -7.37 14.86 -15.80
C MET A 1 -7.36 13.53 -15.03
N GLN A 2 -8.54 13.01 -14.72
CA GLN A 2 -8.66 11.74 -13.99
C GLN A 2 -7.91 11.79 -12.66
N THR A 3 -8.34 10.97 -11.71
CA THR A 3 -7.70 10.92 -10.40
C THR A 3 -7.72 9.50 -9.83
N ILE A 4 -7.38 9.37 -8.54
CA ILE A 4 -7.34 8.06 -7.92
C ILE A 4 -7.78 8.09 -6.45
N LYS A 5 -8.23 6.93 -5.96
CA LYS A 5 -8.66 6.80 -4.57
C LYS A 5 -7.78 5.76 -3.88
N CYS A 6 -6.87 6.22 -3.03
CA CYS A 6 -5.96 5.33 -2.32
C CYS A 6 -6.64 4.63 -1.15
N VAL A 7 -6.93 3.35 -1.36
CA VAL A 7 -7.56 2.53 -0.32
C VAL A 7 -6.83 1.20 -0.20
N VAL A 8 -6.28 0.93 0.98
CA VAL A 8 -5.54 -0.30 1.19
C VAL A 8 -6.42 -1.36 1.85
N VAL A 9 -6.20 -2.60 1.45
CA VAL A 9 -6.94 -3.73 1.99
C VAL A 9 -6.01 -4.92 2.16
N GLY A 10 -6.02 -5.52 3.34
CA GLY A 10 -5.15 -6.64 3.59
C GLY A 10 -4.82 -6.82 5.06
N ASP A 11 -3.58 -7.21 5.33
CA ASP A 11 -3.14 -7.41 6.71
C ASP A 11 -1.91 -6.57 7.01
N GLY A 12 -1.72 -5.49 6.25
CA GLY A 12 -0.58 -4.62 6.48
C GLY A 12 -0.82 -3.19 6.03
N ALA A 13 0.25 -2.40 6.06
CA ALA A 13 0.19 -1.00 5.66
C ALA A 13 -0.18 -0.85 4.19
N VAL A 14 0.52 -1.59 3.34
CA VAL A 14 0.29 -1.55 1.91
C VAL A 14 0.71 -0.20 1.33
N GLY A 15 -0.06 0.84 1.62
CA GLY A 15 0.26 2.16 1.12
C GLY A 15 -0.62 3.24 1.71
N LYS A 16 -0.49 3.47 3.01
CA LYS A 16 -1.29 4.48 3.69
C LYS A 16 -0.50 5.78 3.82
N THR A 17 0.12 6.01 4.98
CA THR A 17 0.88 7.23 5.21
C THR A 17 2.37 6.99 4.99
N CYS A 18 2.93 6.03 5.74
CA CYS A 18 4.35 5.68 5.67
C CYS A 18 4.90 5.77 4.25
N LEU A 19 4.13 5.26 3.28
CA LEU A 19 4.56 5.28 1.89
C LEU A 19 5.10 6.65 1.49
N LEU A 20 4.20 7.63 1.39
CA LEU A 20 4.60 8.98 1.02
C LEU A 20 5.55 9.58 2.05
N ILE A 21 5.47 9.08 3.28
CA ILE A 21 6.34 9.56 4.35
C ILE A 21 7.79 9.16 4.08
N SER A 22 8.08 7.88 4.19
CA SER A 22 9.43 7.38 3.96
C SER A 22 10.01 7.94 2.67
N TYR A 23 9.14 8.24 1.71
CA TYR A 23 9.56 8.79 0.43
C TYR A 23 10.14 10.18 0.60
N THR A 24 9.29 11.14 0.95
CA THR A 24 9.71 12.51 1.15
C THR A 24 10.51 12.65 2.44
N THR A 25 9.96 12.10 3.52
CA THR A 25 10.61 12.15 4.82
C THR A 25 11.66 11.03 4.94
N ASN A 26 11.91 10.58 6.16
CA ASN A 26 12.89 9.52 6.39
C ASN A 26 12.66 8.85 7.74
N LYS A 27 11.39 8.76 8.15
CA LYS A 27 11.05 8.15 9.43
C LYS A 27 10.11 6.97 9.24
N PHE A 28 10.65 5.76 9.31
CA PHE A 28 9.86 4.55 9.14
C PHE A 28 9.62 3.85 10.49
N PRO A 29 10.70 3.44 11.20
CA PRO A 29 10.57 2.76 12.49
C PRO A 29 10.43 3.74 13.65
N SER A 30 9.53 4.71 13.50
CA SER A 30 9.30 5.71 14.53
C SER A 30 8.11 5.32 15.39
N GLU A 31 6.92 5.61 14.88
CA GLU A 31 5.69 5.30 15.60
C GLU A 31 4.51 5.22 14.63
N TYR A 32 3.62 4.27 14.87
CA TYR A 32 2.45 4.10 14.01
C TYR A 32 1.19 4.01 14.87
N VAL A 33 0.46 5.12 14.94
CA VAL A 33 -0.78 5.17 15.72
C VAL A 33 -1.60 6.39 15.36
N PRO A 34 -1.07 7.61 15.62
CA PRO A 34 -1.76 8.85 15.31
C PRO A 34 -2.54 8.80 13.99
N THR A 35 -2.05 8.00 13.05
CA THR A 35 -2.70 7.87 11.75
C THR A 35 -4.15 7.42 11.91
N VAL A 36 -5.05 8.39 12.12
CA VAL A 36 -6.46 8.10 12.28
C VAL A 36 -7.33 9.15 11.58
N PHE A 37 -6.93 10.41 11.67
CA PHE A 37 -7.66 11.49 11.03
C PHE A 37 -7.13 11.76 9.62
N ASP A 38 -6.54 10.74 9.02
CA ASP A 38 -5.99 10.87 7.68
C ASP A 38 -7.07 11.29 6.68
N ASN A 39 -6.82 11.04 5.40
CA ASN A 39 -7.77 11.41 4.36
C ASN A 39 -7.86 12.91 4.23
N TYR A 40 -6.78 13.60 4.54
CA TYR A 40 -6.73 15.05 4.46
C TYR A 40 -6.99 15.53 3.04
N ALA A 41 -6.59 16.75 2.75
CA ALA A 41 -6.79 17.33 1.42
C ALA A 41 -5.47 17.77 0.80
N VAL A 42 -5.18 17.24 -0.39
CA VAL A 42 -3.96 17.59 -1.09
C VAL A 42 -4.26 18.49 -2.28
N THR A 43 -3.67 19.68 -2.29
CA THR A 43 -3.88 20.63 -3.37
C THR A 43 -2.63 20.76 -4.25
N VAL A 44 -2.71 20.20 -5.45
CA VAL A 44 -1.61 20.25 -6.39
C VAL A 44 -2.09 20.00 -7.82
N MET A 45 -1.16 19.99 -8.77
CA MET A 45 -1.50 19.77 -10.17
C MET A 45 -1.25 18.32 -10.55
N ILE A 46 -2.32 17.53 -10.66
CA ILE A 46 -2.20 16.13 -11.03
C ILE A 46 -2.41 15.95 -12.54
N GLY A 47 -1.31 15.68 -13.25
CA GLY A 47 -1.38 15.49 -14.69
C GLY A 47 -2.27 16.49 -15.39
N GLY A 48 -3.54 16.12 -15.58
CA GLY A 48 -4.49 17.00 -16.26
C GLY A 48 -4.32 18.46 -15.89
N GLU A 49 -4.97 18.87 -14.81
CA GLU A 49 -4.89 20.26 -14.36
C GLU A 49 -4.88 20.35 -12.83
N PRO A 50 -4.76 21.57 -12.28
CA PRO A 50 -4.74 21.78 -10.82
C PRO A 50 -5.90 21.09 -10.12
N TYR A 51 -5.67 19.88 -9.67
CA TYR A 51 -6.68 19.10 -8.97
C TYR A 51 -6.08 17.81 -8.42
N THR A 52 -6.23 17.57 -7.12
CA THR A 52 -5.70 16.37 -6.49
C THR A 52 -6.74 15.72 -5.59
N LEU A 53 -6.74 14.39 -5.54
CA LEU A 53 -7.68 13.65 -4.70
C LEU A 53 -7.12 13.45 -3.29
N GLY A 54 -7.87 12.74 -2.47
CA GLY A 54 -7.44 12.50 -1.10
C GLY A 54 -7.39 11.01 -0.77
N LEU A 55 -6.19 10.52 -0.48
CA LEU A 55 -6.01 9.11 -0.15
C LEU A 55 -6.98 8.68 0.94
N PHE A 56 -7.53 7.49 0.78
CA PHE A 56 -8.50 6.95 1.73
C PHE A 56 -7.79 6.24 2.89
N ASP A 57 -8.25 6.53 4.11
CA ASP A 57 -7.69 5.93 5.31
C ASP A 57 -8.74 5.81 6.39
N THR A 58 -8.83 4.62 6.99
CA THR A 58 -9.80 4.38 8.04
C THR A 58 -9.15 3.75 9.27
N ALA A 59 -9.35 4.38 10.42
CA ALA A 59 -8.79 3.88 11.67
C ALA A 59 -9.76 4.14 12.83
N GLY A 60 -10.51 3.11 13.20
CA GLY A 60 -11.47 3.25 14.29
C GLY A 60 -10.79 3.45 15.64
N LEU A 61 -10.28 4.65 15.87
CA LEU A 61 -9.62 4.95 17.13
C LEU A 61 -10.29 6.12 17.85
N GLU A 62 -9.77 7.33 17.67
CA GLU A 62 -10.34 8.51 18.32
C GLU A 62 -11.24 9.29 17.37
N ASP A 63 -10.93 9.23 16.08
CA ASP A 63 -11.70 9.95 15.07
C ASP A 63 -12.97 9.19 14.69
N TYR A 64 -12.81 8.01 14.12
CA TYR A 64 -13.95 7.20 13.71
C TYR A 64 -14.42 6.30 14.85
N ASP A 65 -15.72 6.09 14.94
CA ASP A 65 -16.30 5.26 15.99
C ASP A 65 -16.30 3.78 15.60
N ARG A 66 -17.03 3.45 14.54
CA ARG A 66 -17.13 2.06 14.10
C ARG A 66 -16.16 1.75 12.95
N LEU A 67 -16.22 2.55 11.89
CA LEU A 67 -15.33 2.32 10.76
C LEU A 67 -15.67 0.98 10.10
N ARG A 68 -14.68 0.33 9.47
CA ARG A 68 -14.88 -0.96 8.81
C ARG A 68 -15.56 -0.82 7.45
N PRO A 69 -15.16 0.17 6.63
CA PRO A 69 -15.74 0.38 5.30
C PRO A 69 -15.09 -0.52 4.25
N LEU A 70 -13.87 -0.98 4.55
CA LEU A 70 -13.13 -1.84 3.63
C LEU A 70 -13.88 -3.15 3.36
N SER A 71 -14.88 -3.45 4.18
CA SER A 71 -15.66 -4.67 4.02
C SER A 71 -16.34 -4.72 2.66
N TYR A 72 -17.19 -3.73 2.40
CA TYR A 72 -17.90 -3.65 1.13
C TYR A 72 -17.78 -2.27 0.50
N PRO A 73 -16.55 -1.88 0.12
CA PRO A 73 -16.30 -0.57 -0.50
C PRO A 73 -16.59 -0.57 -1.99
N GLN A 74 -17.07 0.55 -2.51
CA GLN A 74 -17.39 0.68 -3.92
C GLN A 74 -16.23 1.32 -4.70
N THR A 75 -15.08 1.46 -4.06
CA THR A 75 -13.92 2.06 -4.69
C THR A 75 -13.61 1.37 -6.02
N ASP A 76 -12.53 1.78 -6.65
CA ASP A 76 -12.12 1.18 -7.93
C ASP A 76 -10.61 0.93 -7.97
N VAL A 77 -9.94 1.12 -6.84
CA VAL A 77 -8.49 0.91 -6.78
C VAL A 77 -8.09 0.21 -5.48
N PHE A 78 -8.13 -1.11 -5.48
CA PHE A 78 -7.76 -1.88 -4.30
C PHE A 78 -6.25 -2.01 -4.22
N LEU A 79 -5.75 -2.55 -3.11
CA LEU A 79 -4.30 -2.71 -2.94
C LEU A 79 -3.97 -3.80 -1.94
N VAL A 80 -3.22 -4.80 -2.39
CA VAL A 80 -2.81 -5.90 -1.54
C VAL A 80 -1.29 -5.88 -1.36
N CYS A 81 -0.82 -6.08 -0.14
CA CYS A 81 0.61 -6.07 0.13
C CYS A 81 1.08 -7.34 0.84
N PHE A 82 2.40 -7.53 0.82
CA PHE A 82 3.02 -8.68 1.46
C PHE A 82 4.54 -8.50 1.50
N SER A 83 5.14 -8.81 2.65
CA SER A 83 6.58 -8.67 2.81
C SER A 83 7.31 -9.94 2.37
N VAL A 84 8.49 -9.77 1.78
CA VAL A 84 9.29 -10.89 1.32
C VAL A 84 9.37 -12.01 2.36
N VAL A 85 9.96 -11.70 3.52
CA VAL A 85 10.08 -12.68 4.59
C VAL A 85 8.76 -13.43 4.80
N SER A 86 8.73 -14.70 4.45
CA SER A 86 7.52 -15.50 4.58
C SER A 86 7.84 -16.98 4.80
N PRO A 87 7.21 -17.61 5.80
CA PRO A 87 7.40 -19.02 6.11
C PRO A 87 6.37 -19.91 5.41
N SER A 88 6.26 -19.74 4.09
CA SER A 88 5.31 -20.50 3.28
C SER A 88 3.91 -19.91 3.39
N SER A 89 3.83 -18.60 3.58
CA SER A 89 2.55 -17.91 3.69
C SER A 89 2.13 -17.33 2.34
N PHE A 90 3.11 -17.10 1.47
CA PHE A 90 2.85 -16.55 0.15
C PHE A 90 1.78 -17.36 -0.58
N GLU A 91 2.05 -18.65 -0.76
CA GLU A 91 1.11 -19.53 -1.44
C GLU A 91 -0.24 -19.55 -0.73
N ASN A 92 -0.21 -19.56 0.59
CA ASN A 92 -1.43 -19.57 1.39
C ASN A 92 -2.22 -18.28 1.19
N VAL A 93 -1.60 -17.16 1.50
CA VAL A 93 -2.24 -15.85 1.35
C VAL A 93 -2.84 -15.68 -0.04
N LYS A 94 -2.01 -15.91 -1.06
CA LYS A 94 -2.44 -15.79 -2.44
C LYS A 94 -3.74 -16.58 -2.68
N GLU A 95 -3.73 -17.84 -2.27
CA GLU A 95 -4.89 -18.70 -2.43
C GLU A 95 -6.15 -18.07 -1.83
N LYS A 96 -6.00 -17.47 -0.65
CA LYS A 96 -7.13 -16.83 0.02
C LYS A 96 -7.15 -15.32 -0.22
N TRP A 97 -6.34 -14.86 -1.18
CA TRP A 97 -6.28 -13.44 -1.50
C TRP A 97 -7.22 -13.09 -2.66
N VAL A 98 -7.08 -13.82 -3.76
CA VAL A 98 -7.91 -13.59 -4.93
C VAL A 98 -9.40 -13.80 -4.63
N PRO A 99 -9.75 -14.88 -3.91
CA PRO A 99 -11.14 -15.18 -3.57
C PRO A 99 -11.75 -14.19 -2.58
N GLU A 100 -10.92 -13.68 -1.67
CA GLU A 100 -11.39 -12.73 -0.67
C GLU A 100 -11.37 -11.30 -1.20
N ILE A 101 -10.36 -10.99 -2.02
CA ILE A 101 -10.23 -9.65 -2.58
C ILE A 101 -11.34 -9.37 -3.59
N THR A 102 -11.88 -10.44 -4.19
CA THR A 102 -12.95 -10.30 -5.16
C THR A 102 -14.32 -10.52 -4.52
N HIS A 103 -14.34 -11.30 -3.45
CA HIS A 103 -15.58 -11.59 -2.74
C HIS A 103 -16.14 -10.34 -2.08
N HIS A 104 -15.27 -9.54 -1.48
CA HIS A 104 -15.68 -8.31 -0.82
C HIS A 104 -15.98 -7.21 -1.84
N CYS A 105 -15.39 -7.32 -3.01
CA CYS A 105 -15.59 -6.33 -4.06
C CYS A 105 -15.76 -7.01 -5.42
N PRO A 106 -16.88 -6.76 -6.12
CA PRO A 106 -17.15 -7.35 -7.44
C PRO A 106 -16.07 -7.02 -8.46
N LYS A 107 -14.95 -7.74 -8.38
CA LYS A 107 -13.84 -7.52 -9.30
C LYS A 107 -13.29 -6.11 -9.15
N THR A 108 -12.29 -5.96 -8.28
CA THR A 108 -11.67 -4.66 -8.06
C THR A 108 -10.17 -4.71 -8.33
N PRO A 109 -9.62 -3.68 -8.99
CA PRO A 109 -8.18 -3.62 -9.32
C PRO A 109 -7.30 -3.65 -8.08
N PHE A 110 -6.21 -4.41 -8.15
CA PHE A 110 -5.28 -4.52 -7.02
C PHE A 110 -3.85 -4.59 -7.53
N LEU A 111 -2.93 -4.04 -6.74
CA LEU A 111 -1.51 -4.04 -7.12
C LEU A 111 -0.63 -4.54 -5.98
N LEU A 112 0.56 -5.01 -6.31
CA LEU A 112 1.50 -5.51 -5.31
C LEU A 112 2.51 -4.43 -4.92
N VAL A 113 3.16 -4.61 -3.77
CA VAL A 113 4.14 -3.63 -3.30
C VAL A 113 5.41 -4.31 -2.79
N GLY A 114 6.55 -3.73 -3.13
CA GLY A 114 7.83 -4.27 -2.70
C GLY A 114 8.63 -3.23 -1.94
N THR A 115 8.73 -3.41 -0.62
CA THR A 115 9.47 -2.47 0.21
C THR A 115 10.44 -3.20 1.13
N GLN A 116 9.93 -4.18 1.87
CA GLN A 116 10.74 -4.98 2.77
C GLN A 116 11.49 -6.06 1.99
N ILE A 117 12.22 -5.64 0.95
CA ILE A 117 12.97 -6.56 0.13
C ILE A 117 14.45 -6.57 0.54
N ASP A 118 14.82 -5.69 1.46
CA ASP A 118 16.20 -5.60 1.94
C ASP A 118 16.49 -6.72 2.92
N LEU A 119 15.44 -7.19 3.60
CA LEU A 119 15.57 -8.26 4.58
C LEU A 119 15.71 -9.61 3.87
N ARG A 120 15.20 -9.69 2.64
CA ARG A 120 15.27 -10.90 1.86
C ARG A 120 16.67 -11.51 1.90
N ASP A 121 17.67 -10.64 2.05
CA ASP A 121 19.06 -11.08 2.12
C ASP A 121 19.41 -11.51 3.53
N ASP A 122 18.83 -10.83 4.52
CA ASP A 122 19.08 -11.15 5.91
C ASP A 122 18.84 -12.63 6.19
N PRO A 123 19.92 -13.43 6.33
CA PRO A 123 19.81 -14.87 6.58
C PRO A 123 19.27 -15.20 7.96
N SER A 124 19.02 -14.18 8.78
CA SER A 124 18.48 -14.39 10.12
C SER A 124 16.98 -14.63 10.03
N THR A 125 16.25 -13.61 9.62
CA THR A 125 14.81 -13.72 9.47
C THR A 125 14.50 -14.84 8.50
N ILE A 126 15.32 -14.95 7.47
CA ILE A 126 15.15 -15.98 6.47
C ILE A 126 15.11 -17.35 7.13
N GLU A 127 16.02 -17.54 8.09
CA GLU A 127 16.09 -18.79 8.83
C GLU A 127 14.79 -19.05 9.55
N LYS A 128 14.15 -17.97 10.02
CA LYS A 128 12.88 -18.10 10.71
C LYS A 128 11.82 -18.61 9.74
N LEU A 129 11.99 -18.25 8.47
CA LEU A 129 11.07 -18.70 7.44
C LEU A 129 11.34 -20.17 7.16
N ALA A 130 12.63 -20.52 7.23
CA ALA A 130 13.08 -21.88 7.00
C ALA A 130 12.21 -22.88 7.75
N LYS A 131 11.73 -22.48 8.92
CA LYS A 131 10.88 -23.34 9.73
C LYS A 131 9.76 -23.94 8.86
N ASN A 132 9.32 -23.17 7.88
CA ASN A 132 8.26 -23.62 6.98
C ASN A 132 8.71 -23.56 5.52
N LYS A 133 9.59 -22.62 5.19
CA LYS A 133 10.09 -22.48 3.83
C LYS A 133 11.55 -21.99 3.80
N GLN A 134 11.74 -20.66 3.61
CA GLN A 134 13.06 -20.00 3.55
C GLN A 134 13.18 -19.14 2.29
N LYS A 135 12.40 -19.50 1.27
CA LYS A 135 12.42 -18.77 0.00
C LYS A 135 11.81 -17.38 0.15
N PRO A 136 12.63 -16.32 0.04
CA PRO A 136 12.17 -14.95 0.14
C PRO A 136 11.54 -14.48 -1.18
N ILE A 137 10.41 -13.78 -1.09
CA ILE A 137 9.73 -13.30 -2.27
C ILE A 137 10.52 -12.20 -2.95
N THR A 138 11.30 -12.57 -3.96
CA THR A 138 12.13 -11.62 -4.70
C THR A 138 11.26 -10.70 -5.55
N PRO A 139 11.81 -9.54 -5.95
CA PRO A 139 11.09 -8.56 -6.79
C PRO A 139 10.41 -9.22 -7.97
N GLU A 140 11.12 -10.13 -8.64
CA GLU A 140 10.59 -10.82 -9.79
C GLU A 140 9.44 -11.74 -9.39
N THR A 141 9.55 -12.33 -8.20
CA THR A 141 8.52 -13.23 -7.68
C THR A 141 7.16 -12.53 -7.61
N ALA A 142 7.13 -11.40 -6.91
CA ALA A 142 5.90 -10.64 -6.77
C ALA A 142 5.26 -10.37 -8.12
N GLU A 143 6.10 -10.15 -9.13
CA GLU A 143 5.62 -9.89 -10.48
C GLU A 143 4.90 -11.11 -11.04
N LYS A 144 5.47 -12.29 -10.81
CA LYS A 144 4.88 -13.54 -11.30
C LYS A 144 3.43 -13.66 -10.83
N LEU A 145 3.24 -13.61 -9.52
CA LEU A 145 1.91 -13.72 -8.93
C LEU A 145 1.07 -12.50 -9.28
N ALA A 146 1.72 -11.35 -9.42
CA ALA A 146 1.04 -10.11 -9.76
C ALA A 146 0.24 -10.26 -11.05
N ARG A 147 0.95 -10.46 -12.15
CA ARG A 147 0.32 -10.62 -13.45
C ARG A 147 -0.56 -11.87 -13.48
N ASP A 148 -0.23 -12.83 -12.62
CA ASP A 148 -0.98 -14.08 -12.54
C ASP A 148 -2.47 -13.82 -12.35
N LEU A 149 -2.79 -12.85 -11.50
CA LEU A 149 -4.18 -12.51 -11.23
C LEU A 149 -4.49 -11.08 -11.66
N LYS A 150 -3.73 -10.57 -12.61
CA LYS A 150 -3.91 -9.22 -13.11
C LYS A 150 -3.79 -8.20 -11.97
N ALA A 151 -2.62 -8.19 -11.33
CA ALA A 151 -2.36 -7.27 -10.23
C ALA A 151 -1.67 -6.01 -10.72
N VAL A 152 -1.92 -5.66 -11.98
CA VAL A 152 -1.31 -4.48 -12.59
C VAL A 152 0.19 -4.68 -12.78
N LYS A 153 0.95 -4.60 -11.68
CA LYS A 153 2.39 -4.75 -11.75
C LYS A 153 3.04 -4.46 -10.40
N TYR A 154 4.03 -5.27 -10.06
CA TYR A 154 4.78 -5.09 -8.81
C TYR A 154 6.04 -4.27 -9.09
N VAL A 155 6.12 -3.10 -8.49
CA VAL A 155 7.26 -2.22 -8.68
C VAL A 155 8.23 -2.30 -7.51
N GLU A 156 9.48 -1.92 -7.77
CA GLU A 156 10.51 -1.95 -6.73
C GLU A 156 10.55 -0.64 -5.95
N CYS A 157 10.82 -0.76 -4.65
CA CYS A 157 10.91 0.40 -3.77
C CYS A 157 11.19 -0.06 -2.34
N SER A 158 11.31 0.89 -1.42
CA SER A 158 11.59 0.56 -0.02
C SER A 158 11.20 1.71 0.89
N ALA A 159 11.01 1.40 2.18
CA ALA A 159 10.64 2.40 3.17
C ALA A 159 11.76 2.60 4.18
N LEU A 160 12.56 1.55 4.39
CA LEU A 160 13.67 1.61 5.33
C LEU A 160 14.86 2.34 4.72
N THR A 161 15.08 2.13 3.43
CA THR A 161 16.18 2.78 2.72
C THR A 161 15.67 3.71 1.63
N GLN A 162 14.39 3.60 1.29
CA GLN A 162 13.78 4.44 0.26
C GLN A 162 14.28 4.05 -1.13
N LYS A 163 13.69 3.01 -1.71
CA LYS A 163 14.07 2.56 -3.04
C LYS A 163 13.08 3.03 -4.09
N GLY A 164 12.34 4.10 -3.77
CA GLY A 164 11.37 4.63 -4.70
C GLY A 164 9.94 4.29 -4.31
N LEU A 165 9.64 4.44 -3.03
CA LEU A 165 8.29 4.15 -2.52
C LEU A 165 7.22 4.76 -3.41
N LYS A 166 7.53 5.89 -4.03
CA LYS A 166 6.60 6.57 -4.92
C LYS A 166 6.32 5.73 -6.16
N ASN A 167 7.31 4.93 -6.55
CA ASN A 167 7.18 4.08 -7.73
C ASN A 167 5.98 3.14 -7.59
N VAL A 168 6.09 2.17 -6.69
CA VAL A 168 5.00 1.21 -6.47
C VAL A 168 3.69 1.96 -6.23
N PHE A 169 3.75 3.00 -5.41
CA PHE A 169 2.58 3.81 -5.10
C PHE A 169 2.07 4.49 -6.38
N ASP A 170 3.00 4.79 -7.28
CA ASP A 170 2.65 5.43 -8.54
C ASP A 170 1.91 4.47 -9.45
N GLU A 171 2.09 3.18 -9.21
CA GLU A 171 1.42 2.15 -10.00
C GLU A 171 0.02 1.89 -9.46
N ALA A 172 -0.11 1.97 -8.14
CA ALA A 172 -1.39 1.75 -7.48
C ALA A 172 -2.37 2.86 -7.85
N ILE A 173 -1.85 4.06 -8.04
CA ILE A 173 -2.67 5.21 -8.40
C ILE A 173 -2.97 5.23 -9.89
N LEU A 174 -2.00 4.79 -10.68
CA LEU A 174 -2.14 4.75 -12.12
C LEU A 174 -3.40 4.00 -12.53
N ALA A 175 -3.65 2.87 -11.87
CA ALA A 175 -4.82 2.05 -12.16
C ALA A 175 -6.10 2.87 -12.16
N ALA A 176 -6.07 4.01 -11.47
CA ALA A 176 -7.25 4.89 -11.40
C ALA A 176 -7.17 6.02 -12.42
N LEU A 177 -5.96 6.51 -12.68
CA LEU A 177 -5.78 7.60 -13.63
C LEU A 177 -6.06 7.12 -15.05
N GLU A 178 -5.93 5.81 -15.27
CA GLU A 178 -6.18 5.23 -16.58
C GLU A 178 -5.96 3.72 -16.56
N PRO A 179 -6.63 2.98 -17.47
CA PRO A 179 -6.50 1.52 -17.55
C PRO A 179 -5.11 1.08 -18.01
N PRO A 180 -4.30 0.51 -17.11
CA PRO A 180 -2.95 0.06 -17.44
C PRO A 180 -2.95 -1.16 -18.36
N GLU A 181 -1.76 -1.56 -18.80
CA GLU A 181 -1.62 -2.72 -19.68
C GLU A 181 -0.33 -3.48 -19.39
N PRO A 182 -0.35 -4.81 -19.51
CA PRO A 182 0.81 -5.65 -19.26
C PRO A 182 1.83 -5.58 -20.39
N LYS A 183 2.76 -6.53 -20.41
CA LYS A 183 3.80 -6.57 -21.43
C LYS A 183 3.84 -7.94 -22.10
N LYS A 184 4.62 -8.05 -23.17
CA LYS A 184 4.75 -9.31 -23.90
C LYS A 184 3.45 -9.64 -24.64
N GLY B 1 5.43 15.76 -15.21
CA GLY B 1 4.50 14.64 -15.54
C GLY B 1 5.19 13.29 -15.49
N SER B 2 4.59 12.35 -14.77
CA SER B 2 5.14 11.01 -14.64
C SER B 2 5.12 10.28 -15.98
N GLY B 3 3.93 9.83 -16.38
CA GLY B 3 3.80 9.12 -17.64
C GLY B 3 2.72 8.06 -17.58
N LEU B 4 3.13 6.81 -17.43
CA LEU B 4 2.20 5.70 -17.34
C LEU B 4 1.51 5.44 -18.68
N SER B 5 0.76 6.44 -19.17
CA SER B 5 0.05 6.30 -20.44
C SER B 5 -1.01 7.39 -20.60
N ALA B 6 -1.78 7.62 -19.53
CA ALA B 6 -2.83 8.65 -19.53
C ALA B 6 -2.41 9.88 -20.31
N GLN B 7 -1.41 10.55 -19.77
CA GLN B 7 -0.84 11.74 -20.36
C GLN B 7 0.54 11.94 -19.77
N ASP B 8 0.58 11.78 -18.45
CA ASP B 8 1.81 11.88 -17.65
C ASP B 8 1.49 12.45 -16.28
N ILE B 9 0.41 11.95 -15.69
CA ILE B 9 -0.01 12.40 -14.37
C ILE B 9 1.01 12.02 -13.30
N SER B 10 1.34 12.99 -12.46
CA SER B 10 2.31 12.77 -11.39
C SER B 10 1.64 12.74 -10.02
N GLN B 11 2.31 12.14 -9.05
CA GLN B 11 1.77 12.05 -7.69
C GLN B 11 2.42 13.10 -6.79
N PRO B 12 3.74 13.00 -6.54
CA PRO B 12 4.46 13.96 -5.70
C PRO B 12 4.89 15.20 -6.47
N LEU B 13 3.93 15.83 -7.15
CA LEU B 13 4.22 17.02 -7.94
C LEU B 13 4.76 18.16 -7.07
N GLN B 14 3.86 18.91 -6.46
CA GLN B 14 4.26 20.03 -5.61
C GLN B 14 4.71 19.54 -4.23
N ASN B 15 3.74 19.39 -3.32
CA ASN B 15 4.05 18.93 -1.97
C ASN B 15 3.36 17.61 -1.66
N SER B 16 2.18 17.41 -2.24
CA SER B 16 1.41 16.19 -2.04
C SER B 16 0.79 16.14 -0.63
N PHE B 17 0.88 17.25 0.11
CA PHE B 17 0.33 17.32 1.45
C PHE B 17 0.20 18.77 1.91
N ILE B 18 -1.01 19.17 2.31
CA ILE B 18 -1.25 20.52 2.78
C ILE B 18 -0.79 20.70 4.23
N HIS B 19 -0.94 19.64 5.03
CA HIS B 19 -0.55 19.68 6.43
C HIS B 19 -0.44 18.27 7.00
N THR B 20 -1.55 17.73 7.50
CA THR B 20 -1.58 16.39 8.08
C THR B 20 -2.90 16.12 8.78
N GLY B 21 -2.98 14.99 9.47
CA GLY B 21 -4.20 14.63 10.18
C GLY B 21 -4.19 15.09 11.62
N HIS B 22 -4.41 14.16 12.54
CA HIS B 22 -4.42 14.48 13.97
C HIS B 22 -4.16 13.23 14.81
N GLY B 23 -5.22 12.53 15.21
CA GLY B 23 -5.06 11.33 16.01
C GLY B 23 -4.12 11.52 17.19
N ASP B 24 -3.90 10.46 17.94
CA ASP B 24 -3.02 10.50 19.11
C ASP B 24 -3.15 9.23 19.94
N SER B 25 -2.85 8.10 19.34
CA SER B 25 -2.93 6.82 20.03
C SER B 25 -1.60 6.44 20.66
N ASP B 26 -1.46 6.73 21.96
CA ASP B 26 -0.23 6.43 22.67
C ASP B 26 0.15 4.96 22.51
N PRO B 27 -0.68 4.04 23.01
CA PRO B 27 -0.44 2.60 22.90
C PRO B 27 -0.19 2.16 21.47
N ARG B 28 1.07 1.90 21.14
CA ARG B 28 1.44 1.48 19.79
C ARG B 28 1.66 -0.02 19.74
N HIS B 29 2.14 -0.58 20.84
CA HIS B 29 2.40 -2.02 20.92
C HIS B 29 3.61 -2.42 20.05
N CYS B 30 4.30 -1.43 19.49
CA CYS B 30 5.46 -1.69 18.66
C CYS B 30 5.10 -2.56 17.46
N TRP B 31 6.08 -2.82 16.60
CA TRP B 31 5.87 -3.64 15.42
C TRP B 31 5.76 -5.11 15.79
N GLY B 32 4.64 -5.49 16.39
CA GLY B 32 4.43 -6.88 16.78
C GLY B 32 3.63 -7.66 15.76
N PHE B 33 2.92 -6.94 14.90
CA PHE B 33 2.10 -7.58 13.87
C PHE B 33 2.92 -7.81 12.60
N PRO B 34 2.51 -8.80 11.77
CA PRO B 34 3.21 -9.12 10.53
C PRO B 34 2.96 -8.09 9.44
N ASP B 35 3.89 -7.13 9.33
CA ASP B 35 3.79 -6.08 8.33
C ASP B 35 2.55 -5.22 8.57
N ARG B 36 2.35 -4.81 9.81
CA ARG B 36 1.21 -3.98 10.18
C ARG B 36 -0.08 -4.78 10.20
N ILE B 37 -1.18 -4.08 10.40
CA ILE B 37 -2.50 -4.69 10.45
C ILE B 37 -3.27 -4.34 9.18
N ASP B 38 -4.58 -4.34 9.24
CA ASP B 38 -5.40 -4.03 8.08
C ASP B 38 -5.97 -2.61 8.16
N GLU B 39 -6.40 -2.10 7.01
CA GLU B 39 -6.97 -0.76 6.95
C GLU B 39 -8.17 -0.64 7.88
N LEU B 40 -8.79 -1.78 8.18
CA LEU B 40 -9.94 -1.80 9.06
C LEU B 40 -9.57 -1.24 10.42
N TYR B 41 -8.34 -1.51 10.82
CA TYR B 41 -7.82 -1.05 12.09
C TYR B 41 -6.90 0.14 11.88
N LEU B 42 -5.87 -0.06 11.07
CA LEU B 42 -4.91 0.98 10.77
C LEU B 42 -4.13 1.40 12.01
N GLY B 43 -4.80 2.08 12.93
CA GLY B 43 -4.16 2.51 14.14
C GLY B 43 -3.70 1.33 14.99
N ASN B 44 -2.85 1.62 15.98
CA ASN B 44 -2.33 0.58 16.86
C ASN B 44 -2.50 0.97 18.32
MG MG C . 0.76 5.65 9.56
PG GNP D . 0.10 2.69 10.67
O1G GNP D . -1.08 2.52 9.79
O2G GNP D . 0.40 4.04 11.18
O3G GNP D . -0.16 1.76 11.96
N3B GNP D . 1.44 2.20 9.79
PB GNP D . 1.76 2.77 8.25
O1B GNP D . 0.54 2.56 7.44
O2B GNP D . 2.26 4.16 8.40
O3A GNP D . 2.94 1.95 7.52
PA GNP D . 4.31 1.36 8.13
O1A GNP D . 4.13 1.17 9.58
O2A GNP D . 5.43 2.19 7.61
O5' GNP D . 4.41 -0.09 7.44
C5' GNP D . 5.15 -0.28 6.22
C4' GNP D . 6.05 -1.51 6.30
O4' GNP D . 5.31 -2.70 5.98
C3' GNP D . 7.20 -1.41 5.32
O3' GNP D . 8.43 -1.09 5.98
C2' GNP D . 7.29 -2.74 4.63
O2' GNP D . 8.47 -3.43 5.02
C1' GNP D . 6.05 -3.49 5.04
N9 GNP D . 5.22 -3.82 3.86
C8 GNP D . 3.93 -3.51 3.60
N7 GNP D . 3.43 -3.88 2.47
C5 GNP D . 4.52 -4.51 1.86
C6 GNP D . 4.63 -5.14 0.58
O6 GNP D . 3.76 -5.27 -0.28
N1 GNP D . 5.91 -5.67 0.36
C2 GNP D . 6.97 -5.60 1.26
N2 GNP D . 8.12 -6.15 0.87
N3 GNP D . 6.88 -5.00 2.47
C4 GNP D . 5.63 -4.48 2.71
HNB3 GNP D . 2.06 1.57 10.20
H5'2 GNP D . 4.45 -0.40 5.40
H5'1 GNP D . 5.77 0.60 6.05
H4' GNP D . 6.44 -1.61 7.31
H3' GNP D . 6.96 -0.66 4.59
HO3' GNP D . 8.71 -0.23 5.67
H2' GNP D . 7.29 -2.57 3.55
HO2' GNP D . 8.24 -4.36 5.09
H1' GNP D . 6.36 -4.40 5.51
H8 GNP D . 3.33 -2.98 4.34
HN1 GNP D . 6.06 -6.11 -0.50
HN21 GNP D . 8.18 -6.59 -0.04
HN22 GNP D . 8.94 -6.12 1.47
N MET A 1 -8.88 16.38 -17.11
CA MET A 1 -8.27 16.20 -15.77
C MET A 1 -8.32 14.74 -15.33
N GLN A 2 -9.47 14.29 -14.83
CA GLN A 2 -9.64 12.91 -14.39
C GLN A 2 -8.63 12.55 -13.30
N THR A 3 -9.02 11.60 -12.44
CA THR A 3 -8.15 11.17 -11.35
C THR A 3 -8.50 9.75 -10.92
N ILE A 4 -8.10 9.40 -9.69
CA ILE A 4 -8.36 8.06 -9.17
C ILE A 4 -8.65 8.08 -7.68
N LYS A 5 -9.37 7.07 -7.21
CA LYS A 5 -9.71 6.93 -5.80
C LYS A 5 -9.47 5.50 -5.34
N CYS A 6 -8.54 5.32 -4.40
CA CYS A 6 -8.22 3.98 -3.93
C CYS A 6 -8.03 3.93 -2.42
N VAL A 7 -8.26 2.75 -1.85
CA VAL A 7 -8.10 2.52 -0.42
C VAL A 7 -7.23 1.30 -0.21
N VAL A 8 -6.49 1.26 0.89
CA VAL A 8 -5.61 0.15 1.17
C VAL A 8 -6.35 -1.01 1.83
N VAL A 9 -6.31 -2.17 1.18
CA VAL A 9 -6.95 -3.36 1.69
C VAL A 9 -5.97 -4.53 1.68
N GLY A 10 -5.86 -5.22 2.80
CA GLY A 10 -4.94 -6.34 2.88
C GLY A 10 -4.16 -6.37 4.18
N ASP A 11 -2.89 -6.75 4.10
CA ASP A 11 -2.03 -6.83 5.27
C ASP A 11 -0.80 -5.95 5.09
N GLY A 12 -0.93 -4.92 4.27
CA GLY A 12 0.19 -4.02 4.00
C GLY A 12 0.29 -2.92 5.04
N ALA A 13 1.25 -2.02 4.81
CA ALA A 13 1.47 -0.90 5.71
C ALA A 13 0.64 0.32 5.33
N VAL A 14 -0.22 0.17 4.33
CA VAL A 14 -1.07 1.26 3.86
C VAL A 14 -0.30 2.17 2.92
N GLY A 15 -0.62 2.10 1.64
CA GLY A 15 0.05 2.90 0.64
C GLY A 15 -0.19 4.39 0.80
N LYS A 16 -1.12 4.76 1.68
CA LYS A 16 -1.43 6.16 1.89
C LYS A 16 -0.36 6.83 2.77
N THR A 17 -0.05 6.22 3.90
CA THR A 17 0.94 6.77 4.82
C THR A 17 2.31 6.10 4.62
N CYS A 18 2.30 4.77 4.51
CA CYS A 18 3.53 3.98 4.35
C CYS A 18 4.58 4.71 3.50
N LEU A 19 4.34 4.75 2.19
CA LEU A 19 5.28 5.40 1.28
C LEU A 19 5.54 6.85 1.66
N LEU A 20 4.52 7.67 1.50
CA LEU A 20 4.62 9.09 1.80
C LEU A 20 5.29 9.36 3.15
N ILE A 21 4.69 8.86 4.23
CA ILE A 21 5.26 9.07 5.56
C ILE A 21 6.74 8.71 5.60
N SER A 22 7.04 7.42 5.53
CA SER A 22 8.42 6.95 5.55
C SER A 22 9.28 7.68 4.53
N TYR A 23 8.65 8.22 3.49
CA TYR A 23 9.36 8.94 2.45
C TYR A 23 9.81 10.33 2.92
N THR A 24 8.83 11.21 3.13
CA THR A 24 9.12 12.57 3.58
C THR A 24 9.48 12.60 5.07
N THR A 25 8.85 11.73 5.85
CA THR A 25 9.11 11.65 7.28
C THR A 25 10.27 10.71 7.58
N ASN A 26 10.30 10.17 8.79
CA ASN A 26 11.36 9.25 9.20
C ASN A 26 10.86 8.26 10.26
N LYS A 27 9.54 8.08 10.32
CA LYS A 27 8.95 7.17 11.28
C LYS A 27 8.41 5.92 10.59
N PHE A 28 8.88 4.76 11.02
CA PHE A 28 8.45 3.49 10.45
C PHE A 28 8.59 2.36 11.47
N PRO A 29 9.83 1.98 11.83
CA PRO A 29 10.08 0.90 12.79
C PRO A 29 9.82 1.32 14.23
N SER A 30 8.61 1.83 14.50
CA SER A 30 8.25 2.25 15.85
C SER A 30 6.77 1.99 16.11
N GLU A 31 5.92 2.89 15.63
CA GLU A 31 4.49 2.76 15.81
C GLU A 31 3.74 3.57 14.74
N TYR A 32 2.49 3.22 14.51
CA TYR A 32 1.68 3.90 13.52
C TYR A 32 0.35 4.36 14.11
N VAL A 33 0.33 5.60 14.60
CA VAL A 33 -0.87 6.15 15.21
C VAL A 33 -1.53 7.23 14.34
N PRO A 34 -0.76 8.22 13.84
CA PRO A 34 -1.32 9.29 13.00
C PRO A 34 -2.12 8.74 11.83
N THR A 35 -1.84 7.50 11.47
CA THR A 35 -2.54 6.85 10.37
C THR A 35 -4.05 6.94 10.56
N VAL A 36 -4.47 7.10 11.81
CA VAL A 36 -5.89 7.20 12.14
C VAL A 36 -6.54 8.37 11.40
N PHE A 37 -5.73 9.36 11.05
CA PHE A 37 -6.23 10.53 10.34
C PHE A 37 -5.44 10.77 9.05
N ASP A 38 -5.35 9.72 8.23
CA ASP A 38 -4.61 9.81 6.98
C ASP A 38 -5.50 10.29 5.84
N ASN A 39 -6.67 10.82 6.17
CA ASN A 39 -7.60 11.33 5.16
C ASN A 39 -7.38 12.81 4.91
N TYR A 40 -6.20 13.31 5.28
CA TYR A 40 -5.86 14.71 5.09
C TYR A 40 -5.87 15.07 3.61
N ALA A 41 -5.48 16.30 3.30
CA ALA A 41 -5.45 16.77 1.92
C ALA A 41 -4.03 17.10 1.48
N VAL A 42 -3.87 17.33 0.18
CA VAL A 42 -2.56 17.67 -0.38
C VAL A 42 -2.71 18.62 -1.56
N THR A 43 -1.97 19.72 -1.53
CA THR A 43 -2.02 20.72 -2.59
C THR A 43 -1.06 20.38 -3.73
N VAL A 44 -1.61 19.92 -4.85
CA VAL A 44 -0.82 19.56 -6.02
C VAL A 44 -1.69 19.56 -7.27
N MET A 45 -1.10 19.21 -8.40
CA MET A 45 -1.84 19.17 -9.65
C MET A 45 -1.76 17.81 -10.33
N ILE A 46 -2.87 17.06 -10.31
CA ILE A 46 -2.91 15.76 -10.96
C ILE A 46 -3.11 15.92 -12.47
N GLY A 47 -2.00 16.10 -13.19
CA GLY A 47 -2.04 16.27 -14.65
C GLY A 47 -3.34 16.84 -15.19
N GLY A 48 -3.42 18.16 -15.28
CA GLY A 48 -4.62 18.80 -15.79
C GLY A 48 -4.98 20.07 -15.04
N GLU A 49 -5.86 19.94 -14.05
CA GLU A 49 -6.27 21.07 -13.23
C GLU A 49 -6.18 20.73 -11.74
N PRO A 50 -5.81 21.72 -10.90
CA PRO A 50 -5.65 21.55 -9.46
C PRO A 50 -6.66 20.56 -8.86
N TYR A 51 -6.17 19.36 -8.60
CA TYR A 51 -6.99 18.30 -8.01
C TYR A 51 -6.13 17.10 -7.67
N THR A 52 -6.37 16.49 -6.51
CA THR A 52 -5.60 15.33 -6.09
C THR A 52 -6.51 14.23 -5.56
N LEU A 53 -6.05 13.00 -5.67
CA LEU A 53 -6.81 11.84 -5.21
C LEU A 53 -6.67 11.66 -3.70
N GLY A 54 -7.76 11.92 -2.98
CA GLY A 54 -7.74 11.77 -1.54
C GLY A 54 -7.49 10.34 -1.13
N LEU A 55 -6.29 10.08 -0.61
CA LEU A 55 -5.92 8.73 -0.18
C LEU A 55 -6.82 8.29 0.99
N PHE A 56 -7.59 7.24 0.75
CA PHE A 56 -8.51 6.73 1.76
C PHE A 56 -7.80 5.77 2.73
N ASP A 57 -7.92 6.09 4.01
CA ASP A 57 -7.33 5.28 5.07
C ASP A 57 -7.74 5.84 6.42
N THR A 58 -8.08 4.96 7.33
CA THR A 58 -8.52 5.39 8.65
C THR A 58 -8.29 4.31 9.71
N ALA A 59 -8.26 4.72 10.97
CA ALA A 59 -8.04 3.78 12.08
C ALA A 59 -9.06 4.02 13.18
N GLY A 60 -9.33 2.98 13.98
CA GLY A 60 -10.29 3.10 15.05
C GLY A 60 -9.66 3.17 16.43
N LEU A 61 -9.16 4.34 16.79
CA LEU A 61 -8.54 4.54 18.10
C LEU A 61 -9.27 5.63 18.89
N GLU A 62 -8.84 6.88 18.69
CA GLU A 62 -9.44 8.01 19.38
C GLU A 62 -10.45 8.71 18.48
N ASP A 63 -10.26 8.61 17.17
CA ASP A 63 -11.15 9.24 16.20
C ASP A 63 -12.30 8.32 15.82
N TYR A 64 -11.98 7.19 15.20
CA TYR A 64 -13.00 6.23 14.78
C TYR A 64 -13.16 5.12 15.81
N ASP A 65 -14.39 4.62 15.95
CA ASP A 65 -14.69 3.57 16.90
C ASP A 65 -14.47 2.16 16.31
N ARG A 66 -15.17 1.86 15.22
CA ARG A 66 -15.07 0.54 14.60
C ARG A 66 -14.12 0.51 13.40
N LEU A 67 -14.31 1.43 12.46
CA LEU A 67 -13.47 1.48 11.26
C LEU A 67 -13.90 0.38 10.28
N ARG A 68 -14.87 0.69 9.43
CA ARG A 68 -15.36 -0.29 8.46
C ARG A 68 -15.32 0.27 7.04
N PRO A 69 -14.19 0.85 6.63
CA PRO A 69 -14.03 1.41 5.28
C PRO A 69 -13.74 0.33 4.25
N LEU A 70 -12.93 -0.65 4.64
CA LEU A 70 -12.56 -1.74 3.75
C LEU A 70 -13.65 -2.83 3.75
N SER A 71 -14.64 -2.70 4.64
CA SER A 71 -15.72 -3.67 4.73
C SER A 71 -16.36 -3.89 3.37
N TYR A 72 -16.44 -2.83 2.56
CA TYR A 72 -17.03 -2.92 1.24
C TYR A 72 -16.76 -1.66 0.42
N PRO A 73 -15.49 -1.43 0.05
CA PRO A 73 -15.09 -0.25 -0.73
C PRO A 73 -15.48 -0.39 -2.21
N GLN A 74 -15.89 0.72 -2.80
CA GLN A 74 -16.30 0.72 -4.21
C GLN A 74 -15.19 1.29 -5.11
N THR A 75 -14.00 1.48 -4.55
CA THR A 75 -12.86 2.01 -5.29
C THR A 75 -12.72 1.31 -6.64
N ASP A 76 -11.89 1.87 -7.51
CA ASP A 76 -11.64 1.29 -8.82
C ASP A 76 -10.45 0.36 -8.78
N VAL A 77 -9.58 0.55 -7.79
CA VAL A 77 -8.39 -0.28 -7.64
C VAL A 77 -8.17 -0.64 -6.18
N PHE A 78 -7.68 -1.85 -5.93
CA PHE A 78 -7.41 -2.31 -4.57
C PHE A 78 -5.93 -2.58 -4.38
N LEU A 79 -5.32 -1.88 -3.43
CA LEU A 79 -3.89 -2.05 -3.17
C LEU A 79 -3.65 -3.26 -2.28
N VAL A 80 -3.09 -4.32 -2.86
CA VAL A 80 -2.80 -5.53 -2.12
C VAL A 80 -1.29 -5.67 -1.93
N CYS A 81 -0.81 -5.23 -0.77
CA CYS A 81 0.62 -5.28 -0.46
C CYS A 81 0.96 -6.52 0.34
N PHE A 82 2.22 -6.95 0.23
CA PHE A 82 2.71 -8.12 0.95
C PHE A 82 4.20 -8.01 1.20
N SER A 83 4.60 -8.20 2.46
CA SER A 83 6.01 -8.11 2.83
C SER A 83 6.72 -9.44 2.57
N VAL A 84 7.93 -9.36 2.01
CA VAL A 84 8.71 -10.56 1.71
C VAL A 84 8.71 -11.54 2.87
N VAL A 85 9.11 -11.06 4.05
CA VAL A 85 9.14 -11.92 5.24
C VAL A 85 7.82 -12.66 5.40
N SER A 86 7.86 -13.99 5.25
CA SER A 86 6.66 -14.80 5.35
C SER A 86 6.99 -16.21 5.84
N PRO A 87 6.39 -16.65 6.97
CA PRO A 87 6.59 -17.96 7.52
C PRO A 87 5.53 -18.95 7.05
N SER A 88 5.41 -19.08 5.73
CA SER A 88 4.42 -19.98 5.12
C SER A 88 3.04 -19.32 5.08
N SER A 89 3.01 -18.00 5.17
CA SER A 89 1.76 -17.26 5.14
C SER A 89 1.47 -16.73 3.73
N PHE A 90 2.54 -16.49 2.98
CA PHE A 90 2.41 -15.98 1.62
C PHE A 90 1.42 -16.82 0.81
N GLU A 91 1.63 -18.13 0.78
CA GLU A 91 0.76 -19.02 0.04
C GLU A 91 -0.70 -18.79 0.40
N ASN A 92 -0.97 -18.65 1.69
CA ASN A 92 -2.33 -18.41 2.17
C ASN A 92 -2.78 -16.99 1.84
N VAL A 93 -1.89 -16.03 2.09
CA VAL A 93 -2.20 -14.63 1.84
C VAL A 93 -2.71 -14.43 0.41
N LYS A 94 -2.14 -15.18 -0.52
CA LYS A 94 -2.55 -15.08 -1.93
C LYS A 94 -3.91 -15.73 -2.15
N GLU A 95 -4.07 -16.95 -1.66
CA GLU A 95 -5.33 -17.69 -1.80
C GLU A 95 -6.33 -17.29 -0.72
N LYS A 96 -6.00 -16.27 0.07
CA LYS A 96 -6.88 -15.81 1.13
C LYS A 96 -7.39 -14.39 0.84
N TRP A 97 -6.60 -13.62 0.11
CA TRP A 97 -6.97 -12.25 -0.23
C TRP A 97 -7.64 -12.19 -1.60
N VAL A 98 -7.01 -12.82 -2.60
CA VAL A 98 -7.55 -12.82 -3.95
C VAL A 98 -9.04 -13.20 -3.96
N PRO A 99 -9.42 -14.28 -3.25
CA PRO A 99 -10.81 -14.72 -3.20
C PRO A 99 -11.66 -13.88 -2.26
N GLU A 100 -11.00 -13.12 -1.39
CA GLU A 100 -11.70 -12.26 -0.44
C GLU A 100 -11.95 -10.88 -1.03
N ILE A 101 -10.91 -10.30 -1.63
CA ILE A 101 -11.01 -9.00 -2.25
C ILE A 101 -12.05 -8.99 -3.36
N THR A 102 -12.29 -10.15 -3.96
CA THR A 102 -13.26 -10.27 -5.03
C THR A 102 -14.67 -10.43 -4.47
N HIS A 103 -14.78 -11.20 -3.39
CA HIS A 103 -16.08 -11.43 -2.76
C HIS A 103 -16.76 -10.11 -2.42
N HIS A 104 -16.02 -9.20 -1.79
CA HIS A 104 -16.55 -7.90 -1.41
C HIS A 104 -16.78 -7.03 -2.65
N CYS A 105 -16.00 -7.31 -3.71
CA CYS A 105 -16.12 -6.56 -4.95
C CYS A 105 -15.91 -7.47 -6.16
N PRO A 106 -16.99 -7.92 -6.79
CA PRO A 106 -16.91 -8.81 -7.95
C PRO A 106 -15.83 -8.37 -8.94
N LYS A 107 -14.68 -9.02 -8.88
CA LYS A 107 -13.57 -8.69 -9.76
C LYS A 107 -13.17 -7.22 -9.63
N THR A 108 -12.08 -6.97 -8.91
CA THR A 108 -11.60 -5.61 -8.72
C THR A 108 -10.09 -5.52 -8.98
N PRO A 109 -9.65 -4.47 -9.68
CA PRO A 109 -8.22 -4.27 -9.99
C PRO A 109 -7.37 -4.15 -8.73
N PHE A 110 -6.10 -4.49 -8.85
CA PHE A 110 -5.17 -4.41 -7.72
C PHE A 110 -3.71 -4.51 -8.18
N LEU A 111 -2.86 -3.71 -7.55
CA LEU A 111 -1.44 -3.69 -7.90
C LEU A 111 -0.58 -4.16 -6.72
N LEU A 112 0.58 -4.70 -7.03
CA LEU A 112 1.50 -5.20 -6.00
C LEU A 112 2.57 -4.16 -5.68
N VAL A 113 3.23 -4.31 -4.53
CA VAL A 113 4.26 -3.37 -4.13
C VAL A 113 5.45 -4.08 -3.46
N GLY A 114 6.65 -3.57 -3.72
CA GLY A 114 7.86 -4.14 -3.14
C GLY A 114 8.60 -3.12 -2.30
N THR A 115 8.58 -3.30 -0.99
CA THR A 115 9.24 -2.37 -0.07
C THR A 115 10.01 -3.10 1.02
N GLN A 116 10.07 -4.42 0.93
CA GLN A 116 10.80 -5.22 1.90
C GLN A 116 11.94 -5.99 1.22
N ILE A 117 12.02 -5.87 -0.10
CA ILE A 117 13.06 -6.53 -0.88
C ILE A 117 14.42 -6.37 -0.22
N ASP A 118 14.58 -5.30 0.55
CA ASP A 118 15.84 -5.03 1.24
C ASP A 118 16.04 -5.97 2.43
N LEU A 119 14.93 -6.37 3.05
CA LEU A 119 14.99 -7.27 4.21
C LEU A 119 15.03 -8.73 3.77
N ARG A 120 14.53 -9.01 2.56
CA ARG A 120 14.52 -10.37 2.04
C ARG A 120 15.90 -11.02 2.19
N ASP A 121 16.93 -10.18 2.22
CA ASP A 121 18.31 -10.66 2.37
C ASP A 121 18.65 -10.84 3.84
N ASP A 122 18.07 -10.01 4.69
CA ASP A 122 18.31 -10.09 6.13
C ASP A 122 18.04 -11.50 6.65
N PRO A 123 19.11 -12.25 6.99
CA PRO A 123 18.98 -13.62 7.49
C PRO A 123 18.36 -13.69 8.88
N SER A 124 18.14 -12.54 9.50
CA SER A 124 17.54 -12.48 10.82
C SER A 124 16.05 -12.76 10.72
N THR A 125 15.33 -11.84 10.10
CA THR A 125 13.90 -12.01 9.93
C THR A 125 13.63 -13.29 9.17
N ILE A 126 14.48 -13.59 8.20
CA ILE A 126 14.35 -14.79 7.41
C ILE A 126 14.33 -16.02 8.33
N GLU A 127 15.25 -16.04 9.28
CA GLU A 127 15.33 -17.14 10.23
C GLU A 127 14.00 -17.30 10.95
N LYS A 128 13.34 -16.17 11.21
CA LYS A 128 12.04 -16.21 11.87
C LYS A 128 11.02 -16.90 10.98
N LEU A 129 11.21 -16.75 9.67
CA LEU A 129 10.33 -17.41 8.71
C LEU A 129 10.65 -18.89 8.68
N ALA A 130 11.95 -19.18 8.80
CA ALA A 130 12.43 -20.56 8.80
C ALA A 130 11.58 -21.45 9.69
N LYS A 131 11.14 -20.90 10.82
CA LYS A 131 10.32 -21.64 11.75
C LYS A 131 9.18 -22.37 11.02
N ASN A 132 8.69 -21.75 9.95
CA ASN A 132 7.61 -22.33 9.17
C ASN A 132 8.01 -22.52 7.70
N LYS A 133 8.87 -21.63 7.20
CA LYS A 133 9.33 -21.70 5.82
C LYS A 133 10.78 -21.21 5.69
N GLN A 134 10.96 -19.94 5.23
CA GLN A 134 12.29 -19.31 5.05
C GLN A 134 12.37 -18.61 3.69
N LYS A 135 11.49 -19.03 2.77
CA LYS A 135 11.48 -18.47 1.42
C LYS A 135 11.00 -17.01 1.43
N PRO A 136 11.91 -16.07 1.13
CA PRO A 136 11.58 -14.65 1.09
C PRO A 136 11.03 -14.24 -0.27
N ILE A 137 9.83 -13.69 -0.27
CA ILE A 137 9.21 -13.28 -1.53
C ILE A 137 10.13 -12.34 -2.30
N THR A 138 10.87 -12.91 -3.24
CA THR A 138 11.80 -12.14 -4.06
C THR A 138 11.06 -11.20 -5.00
N PRO A 139 11.72 -10.11 -5.43
CA PRO A 139 11.11 -9.13 -6.35
C PRO A 139 10.49 -9.81 -7.57
N GLU A 140 11.02 -10.98 -7.91
CA GLU A 140 10.52 -11.72 -9.07
C GLU A 140 9.27 -12.52 -8.68
N THR A 141 9.23 -12.97 -7.43
CA THR A 141 8.10 -13.74 -6.94
C THR A 141 6.80 -12.95 -7.08
N ALA A 142 6.83 -11.70 -6.62
CA ALA A 142 5.67 -10.83 -6.70
C ALA A 142 5.16 -10.73 -8.14
N GLU A 143 6.10 -10.79 -9.09
CA GLU A 143 5.74 -10.71 -10.50
C GLU A 143 4.97 -11.95 -10.94
N LYS A 144 5.40 -13.11 -10.44
CA LYS A 144 4.74 -14.37 -10.78
C LYS A 144 3.29 -14.36 -10.31
N LEU A 145 3.09 -14.00 -9.04
CA LEU A 145 1.76 -13.94 -8.47
C LEU A 145 0.95 -12.78 -9.06
N ALA A 146 1.64 -11.68 -9.33
CA ALA A 146 1.01 -10.50 -9.90
C ALA A 146 0.38 -10.82 -11.25
N ARG A 147 1.20 -11.30 -12.18
CA ARG A 147 0.72 -11.66 -13.52
C ARG A 147 -0.21 -12.87 -13.46
N ASP A 148 -0.05 -13.68 -12.42
CA ASP A 148 -0.88 -14.88 -12.25
C ASP A 148 -2.35 -14.53 -12.40
N LEU A 149 -2.73 -13.36 -11.91
CA LEU A 149 -4.12 -12.90 -11.99
C LEU A 149 -4.21 -11.54 -12.66
N LYS A 150 -3.20 -11.22 -13.47
CA LYS A 150 -3.16 -9.93 -14.18
C LYS A 150 -3.53 -8.78 -13.25
N ALA A 151 -2.74 -8.61 -12.19
CA ALA A 151 -2.99 -7.54 -11.23
C ALA A 151 -2.78 -6.17 -11.86
N VAL A 152 -1.53 -5.75 -11.92
CA VAL A 152 -1.19 -4.45 -12.51
C VAL A 152 0.30 -4.40 -12.87
N LYS A 153 1.13 -4.29 -11.85
CA LYS A 153 2.57 -4.21 -12.04
C LYS A 153 3.30 -4.11 -10.70
N TYR A 154 4.15 -5.09 -10.42
CA TYR A 154 4.92 -5.10 -9.19
C TYR A 154 6.25 -4.36 -9.38
N VAL A 155 6.38 -3.21 -8.75
CA VAL A 155 7.60 -2.42 -8.85
C VAL A 155 8.46 -2.59 -7.60
N GLU A 156 9.71 -2.14 -7.67
CA GLU A 156 10.62 -2.25 -6.56
C GLU A 156 10.85 -0.91 -5.86
N CYS A 157 10.49 -0.85 -4.59
CA CYS A 157 10.66 0.37 -3.80
C CYS A 157 11.12 -0.01 -2.39
N SER A 158 11.16 0.96 -1.49
CA SER A 158 11.59 0.69 -0.12
C SER A 158 11.10 1.74 0.86
N ALA A 159 10.46 1.29 1.93
CA ALA A 159 9.95 2.19 2.96
C ALA A 159 10.97 2.33 4.09
N LEU A 160 12.22 1.99 3.80
CA LEU A 160 13.29 2.07 4.78
C LEU A 160 14.49 2.82 4.21
N THR A 161 14.84 2.50 2.97
CA THR A 161 15.96 3.15 2.29
C THR A 161 15.47 4.00 1.11
N GLN A 162 14.24 3.74 0.66
CA GLN A 162 13.66 4.49 -0.45
C GLN A 162 14.21 4.01 -1.78
N LYS A 163 13.60 2.95 -2.34
CA LYS A 163 14.04 2.41 -3.61
C LYS A 163 13.04 2.74 -4.72
N GLY A 164 12.25 3.79 -4.52
CA GLY A 164 11.27 4.18 -5.51
C GLY A 164 9.84 4.04 -5.01
N LEU A 165 9.60 4.42 -3.76
CA LEU A 165 8.27 4.33 -3.17
C LEU A 165 7.24 4.98 -4.08
N LYS A 166 7.58 6.13 -4.64
CA LYS A 166 6.69 6.84 -5.54
C LYS A 166 6.50 6.05 -6.84
N ASN A 167 7.55 5.34 -7.23
CA ASN A 167 7.51 4.53 -8.45
C ASN A 167 6.42 3.48 -8.37
N VAL A 168 6.58 2.53 -7.45
CA VAL A 168 5.60 1.46 -7.28
C VAL A 168 4.19 2.05 -7.18
N PHE A 169 4.06 3.13 -6.42
CA PHE A 169 2.78 3.79 -6.27
C PHE A 169 2.38 4.46 -7.58
N ASP A 170 3.37 4.83 -8.38
CA ASP A 170 3.13 5.45 -9.67
C ASP A 170 2.34 4.49 -10.54
N GLU A 171 2.57 3.19 -10.33
CA GLU A 171 1.89 2.16 -11.08
C GLU A 171 0.46 1.98 -10.54
N ALA A 172 0.32 2.04 -9.22
CA ALA A 172 -0.98 1.91 -8.59
C ALA A 172 -1.97 2.92 -9.17
N ILE A 173 -1.53 4.18 -9.23
CA ILE A 173 -2.36 5.25 -9.77
C ILE A 173 -2.46 5.15 -11.28
N LEU A 174 -1.39 4.69 -11.91
CA LEU A 174 -1.33 4.53 -13.35
C LEU A 174 -2.54 3.76 -13.86
N ALA A 175 -2.59 2.47 -13.53
CA ALA A 175 -3.71 1.62 -13.95
C ALA A 175 -5.04 2.22 -13.53
N ALA A 176 -5.00 3.09 -12.51
CA ALA A 176 -6.21 3.72 -12.02
C ALA A 176 -6.60 4.92 -12.88
N LEU A 177 -5.62 5.76 -13.20
CA LEU A 177 -5.87 6.95 -14.03
C LEU A 177 -6.23 6.54 -15.45
N GLU A 178 -5.77 5.37 -15.86
CA GLU A 178 -6.04 4.87 -17.20
C GLU A 178 -5.87 3.35 -17.26
N PRO A 179 -6.59 2.68 -18.16
CA PRO A 179 -6.51 1.22 -18.31
C PRO A 179 -5.08 0.73 -18.50
N PRO A 180 -4.71 -0.40 -17.85
CA PRO A 180 -3.36 -0.96 -17.96
C PRO A 180 -3.13 -1.69 -19.27
N GLU A 181 -2.04 -2.42 -19.35
CA GLU A 181 -1.69 -3.16 -20.57
C GLU A 181 -1.05 -4.50 -20.23
N PRO A 182 -1.84 -5.59 -20.22
CA PRO A 182 -1.34 -6.93 -19.90
C PRO A 182 -0.54 -7.53 -21.06
N LYS A 183 -0.31 -8.83 -20.99
CA LYS A 183 0.43 -9.53 -22.03
C LYS A 183 -0.44 -10.56 -22.75
N LYS A 184 -0.60 -10.39 -24.06
CA LYS A 184 -1.40 -11.30 -24.85
C LYS A 184 -0.57 -11.96 -25.95
N GLY B 1 2.76 16.60 -15.62
CA GLY B 1 2.71 15.56 -14.56
C GLY B 1 3.77 14.49 -14.75
N SER B 2 3.39 13.23 -14.50
CA SER B 2 4.32 12.12 -14.65
C SER B 2 4.50 11.74 -16.11
N GLY B 3 3.50 11.09 -16.69
CA GLY B 3 3.57 10.69 -18.07
C GLY B 3 3.82 9.20 -18.23
N LEU B 4 2.82 8.47 -18.71
CA LEU B 4 2.94 7.03 -18.90
C LEU B 4 1.65 6.45 -19.46
N SER B 5 1.07 7.12 -20.45
CA SER B 5 -0.17 6.65 -21.07
C SER B 5 -1.31 6.73 -20.07
N ALA B 6 -1.33 7.79 -19.28
CA ALA B 6 -2.36 7.99 -18.28
C ALA B 6 -2.71 9.46 -18.14
N GLN B 7 -2.72 10.16 -19.28
CA GLN B 7 -3.02 11.59 -19.30
C GLN B 7 -1.88 12.39 -18.67
N ASP B 8 -0.79 11.71 -18.30
CA ASP B 8 0.37 12.36 -17.69
C ASP B 8 0.03 12.90 -16.30
N ILE B 9 -0.64 12.08 -15.50
CA ILE B 9 -1.00 12.46 -14.15
C ILE B 9 0.16 12.16 -13.20
N SER B 10 0.47 13.14 -12.34
CA SER B 10 1.57 13.00 -11.39
C SER B 10 1.07 12.85 -9.96
N GLN B 11 1.86 12.18 -9.12
CA GLN B 11 1.51 12.00 -7.72
C GLN B 11 2.27 12.98 -6.83
N PRO B 12 3.62 12.95 -6.90
CA PRO B 12 4.47 13.84 -6.11
C PRO B 12 4.85 15.09 -6.88
N LEU B 13 3.86 15.90 -7.23
CA LEU B 13 4.12 17.13 -7.98
C LEU B 13 4.82 18.19 -7.13
N GLN B 14 4.04 18.99 -6.41
CA GLN B 14 4.61 20.04 -5.56
C GLN B 14 5.14 19.46 -4.26
N ASN B 15 4.26 19.35 -3.26
CA ASN B 15 4.66 18.81 -1.96
C ASN B 15 3.89 17.54 -1.64
N SER B 16 2.63 17.50 -2.05
CA SER B 16 1.79 16.33 -1.80
C SER B 16 1.64 16.07 -0.30
N PHE B 17 1.76 17.12 0.50
CA PHE B 17 1.65 17.00 1.95
C PHE B 17 1.41 18.36 2.60
N ILE B 18 0.22 18.53 3.19
CA ILE B 18 -0.13 19.78 3.86
C ILE B 18 -0.85 19.51 5.18
N HIS B 19 -0.19 19.82 6.28
CA HIS B 19 -0.76 19.60 7.60
C HIS B 19 -1.07 18.13 7.83
N THR B 20 -1.51 17.81 9.06
CA THR B 20 -1.84 16.43 9.40
C THR B 20 -3.04 16.39 10.35
N GLY B 21 -3.96 15.46 10.09
CA GLY B 21 -5.14 15.34 10.92
C GLY B 21 -4.80 15.21 12.40
N HIS B 22 -5.82 14.98 13.22
CA HIS B 22 -5.62 14.85 14.65
C HIS B 22 -4.77 13.62 14.97
N GLY B 23 -5.42 12.47 15.09
CA GLY B 23 -4.70 11.24 15.39
C GLY B 23 -3.68 11.40 16.50
N ASP B 24 -4.10 12.05 17.58
CA ASP B 24 -3.22 12.28 18.73
C ASP B 24 -3.31 11.12 19.72
N SER B 25 -3.25 9.90 19.21
CA SER B 25 -3.31 8.72 20.06
C SER B 25 -1.92 8.33 20.55
N ASP B 26 -1.63 8.70 21.80
CA ASP B 26 -0.32 8.39 22.40
C ASP B 26 0.12 6.96 22.09
N PRO B 27 1.39 6.63 22.36
CA PRO B 27 1.94 5.28 22.12
C PRO B 27 1.03 4.19 22.67
N ARG B 28 0.28 3.56 21.78
CA ARG B 28 -0.64 2.50 22.19
C ARG B 28 -0.06 1.12 21.91
N HIS B 29 0.34 0.87 20.66
CA HIS B 29 0.89 -0.42 20.28
C HIS B 29 1.91 -0.27 19.16
N CYS B 30 3.18 -0.17 19.54
CA CYS B 30 4.26 -0.03 18.57
C CYS B 30 4.21 -1.16 17.54
N TRP B 31 5.21 -1.22 16.68
CA TRP B 31 5.28 -2.27 15.65
C TRP B 31 6.38 -3.28 15.98
N GLY B 32 6.31 -4.45 15.34
CA GLY B 32 7.29 -5.49 15.57
C GLY B 32 6.90 -6.80 14.94
N PHE B 33 5.59 -7.05 14.84
CA PHE B 33 5.10 -8.29 14.25
C PHE B 33 5.06 -8.17 12.72
N PRO B 34 5.86 -8.99 12.01
CA PRO B 34 5.90 -8.97 10.55
C PRO B 34 4.52 -8.92 9.92
N ASP B 35 4.42 -8.34 8.73
CA ASP B 35 3.15 -8.23 8.03
C ASP B 35 2.19 -7.32 8.78
N ARG B 36 1.52 -6.43 8.05
CA ARG B 36 0.57 -5.51 8.66
C ARG B 36 -0.86 -5.99 8.49
N ILE B 37 -1.78 -5.25 9.08
CA ILE B 37 -3.20 -5.59 9.00
C ILE B 37 -3.96 -4.45 8.31
N ASP B 38 -4.91 -4.81 7.45
CA ASP B 38 -5.70 -3.83 6.70
C ASP B 38 -6.06 -2.62 7.54
N GLU B 39 -6.43 -1.52 6.88
CA GLU B 39 -6.79 -0.29 7.56
C GLU B 39 -8.06 -0.49 8.39
N LEU B 40 -8.97 -1.33 7.91
CA LEU B 40 -10.21 -1.60 8.61
C LEU B 40 -9.95 -1.89 10.08
N TYR B 41 -8.77 -2.45 10.36
CA TYR B 41 -8.38 -2.78 11.72
C TYR B 41 -7.34 -1.79 12.26
N LEU B 42 -6.70 -1.04 11.37
CA LEU B 42 -5.68 -0.07 11.75
C LEU B 42 -6.08 0.68 13.02
N GLY B 43 -5.11 0.85 13.92
CA GLY B 43 -5.38 1.54 15.16
C GLY B 43 -4.39 1.18 16.26
N ASN B 44 -3.43 2.06 16.49
CA ASN B 44 -2.42 1.83 17.51
C ASN B 44 -1.45 3.01 17.59
MG MG C . 0.81 4.03 8.66
PG GNP D . 1.15 0.81 9.37
O1G GNP D . 1.04 -0.38 10.24
O2G GNP D . 0.72 2.11 9.92
O3G GNP D . 0.20 0.53 8.10
N3B GNP D . 2.75 0.96 8.96
PB GNP D . 3.33 2.21 8.01
O1B GNP D . 4.10 3.11 8.90
O2B GNP D . 2.18 2.77 7.28
O3A GNP D . 4.37 1.70 6.88
PA GNP D . 5.80 0.98 7.06
O1A GNP D . 6.85 2.02 6.99
O2A GNP D . 5.73 0.08 8.25
O5' GNP D . 5.91 0.06 5.74
C5' GNP D . 7.16 -0.52 5.36
C4' GNP D . 7.25 -1.98 5.80
O4' GNP D . 6.01 -2.66 5.58
C3' GNP D . 8.33 -2.70 5.01
O3' GNP D . 9.43 -3.06 5.85
C2' GNP D . 7.69 -3.91 4.41
O2' GNP D . 8.31 -5.11 4.89
C1' GNP D . 6.24 -3.86 4.82
N9 GNP D . 5.34 -3.91 3.65
C8 GNP D . 4.07 -3.45 3.50
N7 GNP D . 3.49 -3.61 2.36
C5 GNP D . 4.48 -4.27 1.63
C6 GNP D . 4.47 -4.73 0.27
O6 GNP D . 3.56 -4.65 -0.55
N1 GNP D . 5.69 -5.34 -0.09
C2 GNP D . 6.79 -5.49 0.76
N2 GNP D . 7.85 -6.09 0.24
N3 GNP D . 6.80 -5.05 2.04
C4 GNP D . 5.62 -4.45 2.41
HNB3 GNP D . 3.38 0.27 9.26
H5'2 GNP D . 7.25 -0.46 4.28
H5'1 GNP D . 7.96 0.04 5.83
H4' GNP D . 7.50 -2.02 6.86
H3' GNP D . 8.67 -2.06 4.21
HO3' GNP D . 9.90 -2.25 6.08
H2' GNP D . 7.77 -3.87 3.32
HO2' GNP D . 9.25 -4.92 5.01
H1' GNP D . 6.04 -4.70 5.45
H8 GNP D . 3.56 -2.96 4.33
HN1 GNP D . 5.74 -5.68 -1.01
HN21 GNP D . 7.84 -6.41 -0.72
HN22 GNP D . 8.70 -6.19 0.80
N MET A 1 -5.76 16.73 -17.05
CA MET A 1 -5.89 16.65 -15.57
C MET A 1 -6.86 15.55 -15.16
N GLN A 2 -6.38 14.60 -14.37
CA GLN A 2 -7.21 13.50 -13.90
C GLN A 2 -6.67 12.92 -12.59
N THR A 3 -7.40 13.13 -11.51
CA THR A 3 -7.00 12.64 -10.20
C THR A 3 -7.68 11.31 -9.89
N ILE A 4 -7.37 10.73 -8.74
CA ILE A 4 -7.97 9.45 -8.34
C ILE A 4 -7.77 9.15 -6.86
N LYS A 5 -8.60 8.26 -6.33
CA LYS A 5 -8.52 7.86 -4.94
C LYS A 5 -8.06 6.41 -4.82
N CYS A 6 -7.16 6.14 -3.89
CA CYS A 6 -6.64 4.79 -3.70
C CYS A 6 -6.89 4.28 -2.28
N VAL A 7 -7.19 2.99 -2.18
CA VAL A 7 -7.46 2.36 -0.89
C VAL A 7 -6.74 1.03 -0.80
N VAL A 8 -5.86 0.90 0.19
CA VAL A 8 -5.11 -0.33 0.38
C VAL A 8 -5.91 -1.34 1.19
N VAL A 9 -5.66 -2.62 0.92
CA VAL A 9 -6.33 -3.71 1.62
C VAL A 9 -5.37 -4.86 1.83
N GLY A 10 -5.29 -5.36 3.06
CA GLY A 10 -4.40 -6.44 3.34
C GLY A 10 -3.80 -6.36 4.74
N ASP A 11 -2.52 -6.69 4.85
CA ASP A 11 -1.83 -6.64 6.14
C ASP A 11 -0.61 -5.73 6.06
N GLY A 12 -0.66 -4.75 5.15
CA GLY A 12 0.44 -3.82 5.00
C GLY A 12 0.04 -2.39 5.25
N ALA A 13 1.04 -1.51 5.30
CA ALA A 13 0.80 -0.09 5.55
C ALA A 13 0.68 0.68 4.24
N VAL A 14 1.28 0.15 3.18
CA VAL A 14 1.24 0.80 1.87
C VAL A 14 -0.14 1.35 1.55
N GLY A 15 -0.34 2.63 1.85
CA GLY A 15 -1.62 3.26 1.61
C GLY A 15 -1.49 4.75 1.33
N LYS A 16 -1.83 5.56 2.32
CA LYS A 16 -1.75 7.02 2.18
C LYS A 16 -0.46 7.58 2.75
N THR A 17 -0.07 7.10 3.94
CA THR A 17 1.13 7.58 4.61
C THR A 17 2.34 6.70 4.31
N CYS A 18 2.20 5.39 4.55
CA CYS A 18 3.29 4.43 4.33
C CYS A 18 4.21 4.83 3.18
N LEU A 19 3.69 4.76 1.96
CA LEU A 19 4.47 5.10 0.77
C LEU A 19 4.99 6.54 0.81
N LEU A 20 4.07 7.50 0.72
CA LEU A 20 4.42 8.91 0.71
C LEU A 20 5.14 9.34 2.00
N ILE A 21 4.40 9.33 3.12
CA ILE A 21 4.95 9.73 4.40
C ILE A 21 6.41 9.30 4.60
N SER A 22 6.68 8.01 4.42
CA SER A 22 8.03 7.50 4.59
C SER A 22 8.94 8.01 3.48
N TYR A 23 8.37 8.25 2.31
CA TYR A 23 9.13 8.77 1.18
C TYR A 23 9.89 10.03 1.60
N THR A 24 9.22 10.85 2.41
CA THR A 24 9.82 12.09 2.90
C THR A 24 10.35 11.90 4.31
N THR A 25 9.69 11.05 5.09
CA THR A 25 10.09 10.78 6.47
C THR A 25 10.03 9.29 6.77
N ASN A 26 11.06 8.57 6.35
CA ASN A 26 11.13 7.12 6.57
C ASN A 26 11.27 6.81 8.05
N LYS A 27 10.16 6.86 8.78
CA LYS A 27 10.16 6.57 10.21
C LYS A 27 9.68 5.14 10.47
N PHE A 28 10.61 4.23 10.71
CA PHE A 28 10.28 2.84 10.96
C PHE A 28 10.28 2.52 12.46
N PRO A 29 11.39 2.82 13.16
CA PRO A 29 11.52 2.56 14.58
C PRO A 29 11.02 3.70 15.45
N SER A 30 9.70 3.90 15.46
CA SER A 30 9.10 4.96 16.26
C SER A 30 7.74 4.51 16.81
N GLU A 31 6.66 4.81 16.08
CA GLU A 31 5.33 4.43 16.50
C GLU A 31 4.37 4.43 15.32
N TYR A 32 3.26 3.70 15.46
CA TYR A 32 2.26 3.63 14.40
C TYR A 32 0.87 3.83 14.98
N VAL A 33 0.35 5.05 14.83
CA VAL A 33 -0.98 5.39 15.34
C VAL A 33 -1.49 6.67 14.69
N PRO A 34 -0.80 7.81 14.92
CA PRO A 34 -1.18 9.10 14.35
C PRO A 34 -1.76 8.99 12.94
N THR A 35 -1.33 7.98 12.19
CA THR A 35 -1.81 7.78 10.82
C THR A 35 -3.30 7.46 10.82
N VAL A 36 -4.13 8.46 11.11
CA VAL A 36 -5.57 8.28 11.15
C VAL A 36 -6.30 9.35 10.35
N PHE A 37 -5.56 10.32 9.81
CA PHE A 37 -6.16 11.40 9.03
C PHE A 37 -6.36 10.99 7.57
N ASP A 38 -6.98 9.83 7.38
CA ASP A 38 -7.23 9.32 6.03
C ASP A 38 -8.09 10.30 5.23
N ASN A 39 -8.82 11.17 5.93
CA ASN A 39 -9.68 12.15 5.28
C ASN A 39 -8.91 13.41 4.93
N TYR A 40 -7.65 13.51 5.37
CA TYR A 40 -6.84 14.68 5.08
C TYR A 40 -6.65 14.88 3.58
N ALA A 41 -6.35 16.10 3.18
CA ALA A 41 -6.16 16.43 1.77
C ALA A 41 -4.69 16.68 1.46
N VAL A 42 -4.40 16.90 0.17
CA VAL A 42 -3.03 17.15 -0.26
C VAL A 42 -3.00 18.22 -1.34
N THR A 43 -2.28 19.31 -1.09
CA THR A 43 -2.16 20.41 -2.03
C THR A 43 -1.03 20.15 -3.04
N VAL A 44 -1.42 19.79 -4.25
CA VAL A 44 -0.45 19.52 -5.31
C VAL A 44 -1.09 19.65 -6.68
N MET A 45 -0.32 19.37 -7.73
CA MET A 45 -0.81 19.48 -9.11
C MET A 45 -0.71 18.14 -9.83
N ILE A 46 -1.83 17.41 -9.91
CA ILE A 46 -1.84 16.13 -10.61
C ILE A 46 -1.85 16.36 -12.12
N GLY A 47 -0.66 16.52 -12.69
CA GLY A 47 -0.49 16.77 -14.12
C GLY A 47 -1.67 17.46 -14.78
N GLY A 48 -1.59 18.78 -14.93
CA GLY A 48 -2.68 19.52 -15.55
C GLY A 48 -2.99 20.82 -14.83
N GLU A 49 -3.94 20.76 -13.89
CA GLU A 49 -4.34 21.94 -13.13
C GLU A 49 -4.52 21.62 -11.65
N PRO A 50 -4.05 22.51 -10.76
CA PRO A 50 -4.16 22.32 -9.31
C PRO A 50 -5.45 21.65 -8.88
N TYR A 51 -5.36 20.34 -8.71
CA TYR A 51 -6.50 19.53 -8.29
C TYR A 51 -6.02 18.10 -8.02
N THR A 52 -5.93 17.76 -6.74
CA THR A 52 -5.47 16.44 -6.33
C THR A 52 -6.50 15.74 -5.44
N LEU A 53 -6.47 14.41 -5.45
CA LEU A 53 -7.38 13.62 -4.65
C LEU A 53 -6.67 13.06 -3.42
N GLY A 54 -7.42 12.94 -2.33
CA GLY A 54 -6.84 12.42 -1.09
C GLY A 54 -6.72 10.91 -1.11
N LEU A 55 -6.56 10.32 0.07
CA LEU A 55 -6.43 8.87 0.18
C LEU A 55 -7.52 8.31 1.09
N PHE A 56 -8.42 7.53 0.52
CA PHE A 56 -9.51 6.94 1.30
C PHE A 56 -9.04 5.66 1.97
N ASP A 57 -8.84 5.74 3.28
CA ASP A 57 -8.39 4.58 4.06
C ASP A 57 -9.12 4.49 5.39
N THR A 58 -8.73 3.52 6.20
CA THR A 58 -9.34 3.31 7.50
C THR A 58 -8.29 3.31 8.61
N ALA A 59 -8.65 3.87 9.75
CA ALA A 59 -7.74 3.92 10.89
C ALA A 59 -8.52 3.84 12.21
N GLY A 60 -8.53 2.66 12.81
CA GLY A 60 -9.25 2.47 14.05
C GLY A 60 -8.51 3.06 15.24
N LEU A 61 -8.63 4.37 15.43
CA LEU A 61 -7.97 5.05 16.52
C LEU A 61 -9.01 5.76 17.42
N GLU A 62 -8.92 7.09 17.56
CA GLU A 62 -9.87 7.82 18.39
C GLU A 62 -10.97 8.46 17.54
N ASP A 63 -10.63 8.81 16.30
CA ASP A 63 -11.58 9.42 15.39
C ASP A 63 -12.73 8.48 15.07
N TYR A 64 -12.41 7.35 14.44
CA TYR A 64 -13.42 6.36 14.08
C TYR A 64 -13.66 5.37 15.22
N ASP A 65 -14.89 4.91 15.36
CA ASP A 65 -15.24 3.96 16.40
C ASP A 65 -14.98 2.53 15.95
N ARG A 66 -15.78 2.05 15.00
CA ARG A 66 -15.63 0.68 14.49
C ARG A 66 -14.85 0.64 13.19
N LEU A 67 -15.24 1.48 12.22
CA LEU A 67 -14.56 1.52 10.93
C LEU A 67 -14.74 0.20 10.18
N ARG A 68 -15.44 0.25 9.05
CA ARG A 68 -15.66 -0.95 8.24
C ARG A 68 -15.77 -0.63 6.75
N PRO A 69 -14.88 0.23 6.22
CA PRO A 69 -14.89 0.60 4.80
C PRO A 69 -14.17 -0.43 3.94
N LEU A 70 -13.02 -0.89 4.42
CA LEU A 70 -12.22 -1.87 3.69
C LEU A 70 -12.98 -3.20 3.53
N SER A 71 -14.03 -3.38 4.32
CA SER A 71 -14.83 -4.60 4.26
C SER A 71 -15.17 -4.98 2.82
N TYR A 72 -15.79 -4.05 2.10
CA TYR A 72 -16.16 -4.29 0.71
C TYR A 72 -16.31 -2.97 -0.05
N PRO A 73 -15.21 -2.22 -0.21
CA PRO A 73 -15.24 -0.93 -0.92
C PRO A 73 -15.71 -1.07 -2.36
N GLN A 74 -16.26 0.00 -2.91
CA GLN A 74 -16.75 0.00 -4.28
C GLN A 74 -15.72 0.62 -5.25
N THR A 75 -14.51 0.85 -4.75
CA THR A 75 -13.44 1.43 -5.57
C THR A 75 -13.20 0.58 -6.81
N ASP A 76 -12.55 1.18 -7.80
CA ASP A 76 -12.26 0.49 -9.06
C ASP A 76 -10.77 0.14 -9.15
N VAL A 77 -10.02 0.38 -8.08
CA VAL A 77 -8.60 0.08 -8.07
C VAL A 77 -8.08 -0.10 -6.64
N PHE A 78 -8.09 -1.36 -6.18
CA PHE A 78 -7.62 -1.68 -4.84
C PHE A 78 -6.10 -1.79 -4.81
N LEU A 79 -5.55 -2.14 -3.65
CA LEU A 79 -4.11 -2.26 -3.51
C LEU A 79 -3.73 -3.31 -2.48
N VAL A 80 -3.11 -4.40 -2.94
CA VAL A 80 -2.68 -5.47 -2.05
C VAL A 80 -1.21 -5.32 -1.71
N CYS A 81 -0.79 -5.89 -0.60
CA CYS A 81 0.61 -5.81 -0.17
C CYS A 81 1.02 -7.01 0.67
N PHE A 82 2.31 -7.32 0.63
CA PHE A 82 2.86 -8.43 1.39
C PHE A 82 4.38 -8.35 1.42
N SER A 83 4.96 -8.55 2.60
CA SER A 83 6.41 -8.48 2.76
C SER A 83 7.05 -9.83 2.42
N VAL A 84 8.21 -9.79 1.77
CA VAL A 84 8.94 -11.00 1.41
C VAL A 84 8.98 -12.00 2.55
N VAL A 85 9.46 -11.56 3.70
CA VAL A 85 9.55 -12.42 4.88
C VAL A 85 8.23 -13.16 5.10
N SER A 86 8.27 -14.48 4.97
CA SER A 86 7.06 -15.29 5.15
C SER A 86 7.39 -16.69 5.67
N PRO A 87 6.70 -17.13 6.73
CA PRO A 87 6.90 -18.45 7.32
C PRO A 87 5.98 -19.50 6.71
N SER A 88 5.98 -19.55 5.38
CA SER A 88 5.14 -20.51 4.65
C SER A 88 3.67 -20.07 4.64
N SER A 89 3.42 -18.81 4.99
CA SER A 89 2.06 -18.28 5.00
C SER A 89 1.77 -17.52 3.71
N PHE A 90 2.83 -16.98 3.11
CA PHE A 90 2.70 -16.23 1.86
C PHE A 90 1.90 -17.01 0.83
N GLU A 91 2.06 -18.33 0.85
CA GLU A 91 1.35 -19.20 -0.09
C GLU A 91 -0.12 -19.32 0.26
N ASN A 92 -0.41 -19.59 1.53
CA ASN A 92 -1.78 -19.72 1.99
C ASN A 92 -2.51 -18.39 1.97
N VAL A 93 -1.84 -17.35 2.45
CA VAL A 93 -2.44 -16.02 2.49
C VAL A 93 -2.83 -15.54 1.10
N LYS A 94 -1.94 -15.73 0.13
CA LYS A 94 -2.20 -15.32 -1.25
C LYS A 94 -3.43 -16.03 -1.80
N GLU A 95 -3.41 -17.35 -1.78
CA GLU A 95 -4.53 -18.15 -2.29
C GLU A 95 -5.80 -17.88 -1.47
N LYS A 96 -5.63 -17.33 -0.27
CA LYS A 96 -6.76 -17.03 0.59
C LYS A 96 -7.13 -15.55 0.55
N TRP A 97 -6.25 -14.73 -0.02
CA TRP A 97 -6.49 -13.29 -0.11
C TRP A 97 -7.36 -12.95 -1.33
N VAL A 98 -6.89 -13.36 -2.50
CA VAL A 98 -7.62 -13.10 -3.74
C VAL A 98 -9.09 -13.50 -3.63
N PRO A 99 -9.38 -14.71 -3.10
CA PRO A 99 -10.74 -15.20 -2.94
C PRO A 99 -11.69 -14.13 -2.38
N GLU A 100 -11.21 -13.38 -1.40
CA GLU A 100 -12.03 -12.34 -0.78
C GLU A 100 -12.06 -11.08 -1.64
N ILE A 101 -10.98 -10.82 -2.37
CA ILE A 101 -10.89 -9.66 -3.24
C ILE A 101 -12.07 -9.62 -4.20
N THR A 102 -12.42 -10.77 -4.75
CA THR A 102 -13.53 -10.86 -5.69
C THR A 102 -14.83 -11.23 -4.98
N HIS A 103 -14.71 -11.81 -3.78
CA HIS A 103 -15.87 -12.20 -3.00
C HIS A 103 -16.73 -10.98 -2.68
N HIS A 104 -16.08 -9.83 -2.53
CA HIS A 104 -16.79 -8.59 -2.22
C HIS A 104 -17.22 -7.88 -3.49
N CYS A 105 -16.51 -8.14 -4.59
CA CYS A 105 -16.82 -7.53 -5.88
C CYS A 105 -16.54 -8.50 -7.02
N PRO A 106 -17.46 -8.59 -8.00
CA PRO A 106 -17.32 -9.48 -9.15
C PRO A 106 -16.06 -9.18 -9.96
N LYS A 107 -15.46 -8.01 -9.74
CA LYS A 107 -14.25 -7.62 -10.46
C LYS A 107 -13.64 -6.37 -9.84
N THR A 108 -12.84 -6.57 -8.80
CA THR A 108 -12.19 -5.45 -8.12
C THR A 108 -10.69 -5.46 -8.40
N PRO A 109 -10.23 -4.58 -9.31
CA PRO A 109 -8.80 -4.48 -9.67
C PRO A 109 -7.94 -4.12 -8.47
N PHE A 110 -6.66 -4.49 -8.54
CA PHE A 110 -5.74 -4.21 -7.44
C PHE A 110 -4.30 -4.18 -7.95
N LEU A 111 -3.39 -3.72 -7.09
CA LEU A 111 -1.98 -3.63 -7.43
C LEU A 111 -1.11 -4.21 -6.32
N LEU A 112 0.05 -4.76 -6.70
CA LEU A 112 0.97 -5.35 -5.72
C LEU A 112 2.09 -4.38 -5.37
N VAL A 113 2.76 -4.63 -4.24
CA VAL A 113 3.85 -3.77 -3.79
C VAL A 113 5.04 -4.58 -3.28
N GLY A 114 6.24 -4.07 -3.54
CA GLY A 114 7.45 -4.73 -3.10
C GLY A 114 8.42 -3.77 -2.46
N THR A 115 8.50 -3.80 -1.14
CA THR A 115 9.37 -2.90 -0.39
C THR A 115 10.34 -3.65 0.53
N GLN A 116 10.23 -4.98 0.55
CA GLN A 116 11.12 -5.80 1.37
C GLN A 116 12.25 -6.36 0.51
N ILE A 117 12.13 -6.18 -0.80
CA ILE A 117 13.14 -6.64 -1.74
C ILE A 117 14.53 -6.20 -1.28
N ASP A 118 14.58 -5.14 -0.49
CA ASP A 118 15.84 -4.61 0.02
C ASP A 118 16.27 -5.32 1.31
N LEU A 119 15.32 -5.95 1.99
CA LEU A 119 15.61 -6.66 3.23
C LEU A 119 15.47 -8.17 3.08
N ARG A 120 14.88 -8.62 1.98
CA ARG A 120 14.71 -10.04 1.73
C ARG A 120 16.04 -10.77 1.90
N ASP A 121 17.14 -10.05 1.71
CA ASP A 121 18.46 -10.63 1.84
C ASP A 121 18.79 -10.90 3.31
N ASP A 122 18.14 -10.16 4.21
CA ASP A 122 18.37 -10.31 5.64
C ASP A 122 18.33 -11.79 6.03
N PRO A 123 19.51 -12.42 6.23
CA PRO A 123 19.61 -13.83 6.61
C PRO A 123 19.06 -14.12 8.00
N SER A 124 18.70 -13.07 8.74
CA SER A 124 18.18 -13.24 10.09
C SER A 124 16.69 -13.52 10.02
N THR A 125 15.92 -12.51 9.60
CA THR A 125 14.49 -12.66 9.47
C THR A 125 14.18 -13.90 8.65
N ILE A 126 15.05 -14.16 7.68
CA ILE A 126 14.90 -15.32 6.82
C ILE A 126 14.93 -16.59 7.67
N GLU A 127 15.82 -16.60 8.66
CA GLU A 127 15.93 -17.73 9.56
C GLU A 127 14.59 -18.00 10.21
N LYS A 128 13.86 -16.92 10.49
CA LYS A 128 12.54 -17.05 11.08
C LYS A 128 11.60 -17.70 10.08
N LEU A 129 11.84 -17.42 8.80
CA LEU A 129 11.04 -18.02 7.75
C LEU A 129 11.45 -19.48 7.60
N ALA A 130 12.75 -19.71 7.68
CA ALA A 130 13.31 -21.05 7.58
C ALA A 130 12.57 -22.03 8.49
N LYS A 131 11.98 -21.50 9.55
CA LYS A 131 11.25 -22.32 10.51
C LYS A 131 10.00 -22.95 9.88
N ASN A 132 9.37 -22.23 8.96
CA ASN A 132 8.16 -22.74 8.32
C ASN A 132 8.27 -22.79 6.79
N LYS A 133 9.05 -21.88 6.20
CA LYS A 133 9.19 -21.83 4.76
C LYS A 133 10.65 -21.69 4.34
N GLN A 134 11.21 -20.49 4.55
CA GLN A 134 12.60 -20.16 4.21
C GLN A 134 12.67 -19.39 2.89
N LYS A 135 11.81 -19.79 1.95
CA LYS A 135 11.77 -19.18 0.63
C LYS A 135 11.24 -17.74 0.69
N PRO A 136 12.13 -16.74 0.50
CA PRO A 136 11.75 -15.34 0.51
C PRO A 136 11.16 -14.91 -0.82
N ILE A 137 10.05 -14.18 -0.78
CA ILE A 137 9.39 -13.73 -1.99
C ILE A 137 10.26 -12.71 -2.74
N THR A 138 11.00 -13.21 -3.72
CA THR A 138 11.88 -12.35 -4.52
C THR A 138 11.07 -11.38 -5.38
N PRO A 139 11.71 -10.27 -5.81
CA PRO A 139 11.04 -9.27 -6.65
C PRO A 139 10.34 -9.89 -7.84
N GLU A 140 10.86 -11.00 -8.32
CA GLU A 140 10.28 -11.70 -9.47
C GLU A 140 9.11 -12.57 -9.04
N THR A 141 9.15 -13.01 -7.78
CA THR A 141 8.09 -13.86 -7.23
C THR A 141 6.78 -13.09 -7.14
N ALA A 142 6.82 -11.90 -6.53
CA ALA A 142 5.64 -11.07 -6.38
C ALA A 142 4.99 -10.79 -7.73
N GLU A 143 5.83 -10.59 -8.74
CA GLU A 143 5.35 -10.32 -10.09
C GLU A 143 4.62 -11.53 -10.67
N LYS A 144 5.22 -12.70 -10.50
CA LYS A 144 4.63 -13.94 -11.00
C LYS A 144 3.20 -14.11 -10.50
N LEU A 145 3.07 -14.26 -9.18
CA LEU A 145 1.76 -14.44 -8.57
C LEU A 145 0.86 -13.24 -8.84
N ALA A 146 1.43 -12.04 -8.73
CA ALA A 146 0.67 -10.81 -8.96
C ALA A 146 -0.09 -10.89 -10.27
N ARG A 147 0.64 -11.02 -11.38
CA ARG A 147 0.03 -11.11 -12.70
C ARG A 147 -0.85 -12.36 -12.81
N ASP A 148 -0.55 -13.36 -11.97
CA ASP A 148 -1.31 -14.61 -11.98
C ASP A 148 -2.81 -14.33 -11.92
N LEU A 149 -3.21 -13.51 -10.95
CA LEU A 149 -4.62 -13.16 -10.78
C LEU A 149 -4.94 -11.86 -11.52
N LYS A 150 -4.46 -10.75 -10.98
CA LYS A 150 -4.69 -9.44 -11.58
C LYS A 150 -4.23 -8.32 -10.64
N ALA A 151 -2.94 -8.34 -10.31
CA ALA A 151 -2.37 -7.35 -9.42
C ALA A 151 -1.76 -6.19 -10.18
N VAL A 152 -2.28 -5.93 -11.38
CA VAL A 152 -1.78 -4.85 -12.22
C VAL A 152 -0.31 -5.05 -12.57
N LYS A 153 0.57 -4.81 -11.61
CA LYS A 153 1.99 -4.94 -11.84
C LYS A 153 2.77 -4.69 -10.54
N TYR A 154 3.55 -5.69 -10.12
CA TYR A 154 4.35 -5.57 -8.92
C TYR A 154 5.68 -4.88 -9.24
N VAL A 155 5.86 -3.67 -8.73
CA VAL A 155 7.08 -2.91 -8.98
C VAL A 155 8.03 -2.99 -7.79
N GLU A 156 9.32 -2.77 -8.06
CA GLU A 156 10.33 -2.83 -7.00
C GLU A 156 10.62 -1.45 -6.43
N CYS A 157 10.54 -1.35 -5.10
CA CYS A 157 10.80 -0.09 -4.40
C CYS A 157 10.60 -0.27 -2.90
N SER A 158 11.62 0.06 -2.12
CA SER A 158 11.55 -0.08 -0.68
C SER A 158 11.36 1.27 0.02
N ALA A 159 10.80 1.22 1.22
CA ALA A 159 10.56 2.43 2.00
C ALA A 159 11.74 2.72 2.92
N LEU A 160 12.13 1.72 3.70
CA LEU A 160 13.26 1.86 4.63
C LEU A 160 14.46 2.46 3.92
N THR A 161 14.57 2.19 2.62
CA THR A 161 15.67 2.71 1.83
C THR A 161 15.18 3.73 0.80
N GLN A 162 13.89 3.66 0.47
CA GLN A 162 13.30 4.57 -0.49
C GLN A 162 13.81 4.29 -1.90
N LYS A 163 13.54 3.09 -2.40
CA LYS A 163 13.99 2.70 -3.73
C LYS A 163 12.92 3.00 -4.78
N GLY A 164 12.18 4.09 -4.60
CA GLY A 164 11.15 4.46 -5.54
C GLY A 164 9.77 3.99 -5.14
N LEU A 165 9.41 4.19 -3.89
CA LEU A 165 8.10 3.77 -3.39
C LEU A 165 6.99 4.34 -4.28
N LYS A 166 7.26 5.51 -4.86
CA LYS A 166 6.29 6.16 -5.73
C LYS A 166 6.11 5.36 -7.03
N ASN A 167 7.12 4.59 -7.38
CA ASN A 167 7.07 3.77 -8.59
C ASN A 167 5.88 2.82 -8.55
N VAL A 168 5.95 1.84 -7.66
CA VAL A 168 4.87 0.86 -7.51
C VAL A 168 3.55 1.57 -7.27
N PHE A 169 3.56 2.55 -6.38
CA PHE A 169 2.36 3.31 -6.06
C PHE A 169 1.83 4.01 -7.30
N ASP A 170 2.74 4.57 -8.08
CA ASP A 170 2.37 5.26 -9.31
C ASP A 170 1.53 4.34 -10.19
N GLU A 171 1.87 3.06 -10.16
CA GLU A 171 1.14 2.06 -10.94
C GLU A 171 -0.20 1.75 -10.29
N ALA A 172 -0.27 1.95 -8.97
CA ALA A 172 -1.50 1.70 -8.23
C ALA A 172 -2.61 2.62 -8.67
N ILE A 173 -2.29 3.90 -8.86
CA ILE A 173 -3.28 4.89 -9.28
C ILE A 173 -3.35 4.96 -10.81
N LEU A 174 -2.26 4.56 -11.48
CA LEU A 174 -2.22 4.60 -12.93
C LEU A 174 -3.46 3.93 -13.52
N ALA A 175 -3.84 2.79 -12.94
CA ALA A 175 -5.02 2.06 -13.39
C ALA A 175 -6.26 2.92 -13.19
N ALA A 176 -6.19 3.83 -12.22
CA ALA A 176 -7.29 4.73 -11.92
C ALA A 176 -7.20 5.99 -12.76
N LEU A 177 -5.97 6.48 -12.93
CA LEU A 177 -5.74 7.68 -13.73
C LEU A 177 -6.01 7.41 -15.21
N GLU A 178 -5.88 6.15 -15.60
CA GLU A 178 -6.12 5.75 -16.99
C GLU A 178 -6.21 4.24 -17.10
N PRO A 179 -6.68 3.73 -18.25
CA PRO A 179 -6.81 2.29 -18.48
C PRO A 179 -5.48 1.54 -18.37
N PRO A 180 -5.35 0.61 -17.42
CA PRO A 180 -4.12 -0.16 -17.22
C PRO A 180 -3.86 -1.15 -18.35
N GLU A 181 -2.59 -1.48 -18.56
CA GLU A 181 -2.21 -2.42 -19.60
C GLU A 181 -0.95 -3.19 -19.22
N PRO A 182 -1.03 -4.53 -19.13
CA PRO A 182 0.11 -5.37 -18.76
C PRO A 182 1.12 -5.51 -19.90
N LYS A 183 2.01 -6.48 -19.77
CA LYS A 183 3.02 -6.71 -20.80
C LYS A 183 2.69 -7.95 -21.63
N LYS A 184 1.83 -7.78 -22.63
CA LYS A 184 1.43 -8.87 -23.49
C LYS A 184 1.47 -8.46 -24.96
N GLY B 1 5.78 13.69 -14.19
CA GLY B 1 6.50 13.19 -12.99
C GLY B 1 6.58 11.67 -12.96
N SER B 2 5.46 11.01 -13.23
CA SER B 2 5.41 9.55 -13.22
C SER B 2 5.20 9.01 -14.64
N GLY B 3 4.21 9.56 -15.34
CA GLY B 3 3.93 9.11 -16.69
C GLY B 3 2.50 8.67 -16.87
N LEU B 4 2.27 7.37 -16.71
CA LEU B 4 0.94 6.80 -16.85
C LEU B 4 0.49 6.72 -18.31
N SER B 5 1.35 7.16 -19.23
CA SER B 5 1.01 7.12 -20.65
C SER B 5 -0.33 7.82 -20.91
N ALA B 6 -0.70 8.72 -20.01
CA ALA B 6 -1.94 9.47 -20.14
C ALA B 6 -1.62 10.90 -20.48
N GLN B 7 -1.13 11.62 -19.49
CA GLN B 7 -0.75 13.01 -19.63
C GLN B 7 0.57 13.26 -18.89
N ASP B 8 1.18 12.19 -18.35
CA ASP B 8 2.42 12.30 -17.62
C ASP B 8 2.15 12.95 -16.27
N ILE B 9 1.03 12.56 -15.67
CA ILE B 9 0.60 13.07 -14.38
C ILE B 9 1.55 12.60 -13.27
N SER B 10 1.77 13.47 -12.30
CA SER B 10 2.66 13.17 -11.19
C SER B 10 1.89 12.97 -9.88
N GLN B 11 2.41 12.09 -9.02
CA GLN B 11 1.78 11.82 -7.73
C GLN B 11 2.45 12.61 -6.62
N PRO B 12 3.72 12.30 -6.29
CA PRO B 12 4.45 13.00 -5.24
C PRO B 12 5.01 14.34 -5.73
N LEU B 13 4.12 15.19 -6.21
CA LEU B 13 4.51 16.50 -6.72
C LEU B 13 5.10 17.37 -5.61
N GLN B 14 4.24 18.09 -4.90
CA GLN B 14 4.68 18.96 -3.83
C GLN B 14 4.65 18.23 -2.49
N ASN B 15 4.60 18.99 -1.39
CA ASN B 15 4.56 18.41 -0.06
C ASN B 15 3.47 17.34 0.04
N SER B 16 2.41 17.50 -0.76
CA SER B 16 1.29 16.56 -0.78
C SER B 16 0.95 16.08 0.63
N PHE B 17 0.69 17.02 1.54
CA PHE B 17 0.35 16.68 2.92
C PHE B 17 -0.27 17.85 3.65
N ILE B 18 -1.51 17.68 4.10
CA ILE B 18 -2.22 18.72 4.82
C ILE B 18 -2.76 18.21 6.16
N HIS B 19 -1.89 18.19 7.17
CA HIS B 19 -2.28 17.71 8.50
C HIS B 19 -3.51 18.45 9.00
N THR B 20 -4.67 17.81 8.89
CA THR B 20 -5.92 18.42 9.34
C THR B 20 -6.81 17.38 10.02
N GLY B 21 -6.19 16.42 10.68
CA GLY B 21 -6.95 15.38 11.36
C GLY B 21 -6.83 15.48 12.87
N HIS B 22 -7.46 14.55 13.58
CA HIS B 22 -7.42 14.54 15.04
C HIS B 22 -6.75 13.26 15.57
N GLY B 23 -7.53 12.20 15.70
CA GLY B 23 -7.00 10.95 16.19
C GLY B 23 -6.24 11.11 17.50
N ASP B 24 -5.18 10.33 17.66
CA ASP B 24 -4.36 10.38 18.87
C ASP B 24 -2.91 10.03 18.56
N SER B 25 -2.15 11.04 18.15
CA SER B 25 -0.74 10.83 17.83
C SER B 25 0.08 10.68 19.11
N ASP B 26 0.31 9.43 19.50
CA ASP B 26 1.09 9.15 20.70
C ASP B 26 1.75 7.77 20.61
N PRO B 27 2.92 7.59 21.26
CA PRO B 27 3.65 6.32 21.25
C PRO B 27 2.94 5.24 22.05
N ARG B 28 2.24 4.35 21.34
CA ARG B 28 1.52 3.26 21.99
C ARG B 28 2.30 1.95 21.93
N HIS B 29 2.66 1.55 20.72
CA HIS B 29 3.41 0.30 20.53
C HIS B 29 3.95 0.20 19.10
N CYS B 30 5.20 0.61 18.92
CA CYS B 30 5.84 0.56 17.60
C CYS B 30 5.67 -0.80 16.96
N TRP B 31 5.23 -0.81 15.71
CA TRP B 31 5.02 -2.05 14.98
C TRP B 31 3.99 -2.93 15.67
N GLY B 32 4.42 -3.67 16.69
CA GLY B 32 3.51 -4.53 17.43
C GLY B 32 3.48 -5.95 16.87
N PHE B 33 3.61 -6.07 15.55
CA PHE B 33 3.58 -7.37 14.90
C PHE B 33 4.33 -7.31 13.56
N PRO B 34 4.81 -8.48 13.07
CA PRO B 34 5.53 -8.56 11.81
C PRO B 34 4.75 -7.93 10.66
N ASP B 35 3.55 -8.46 10.41
CA ASP B 35 2.69 -7.94 9.35
C ASP B 35 1.85 -6.78 9.85
N ARG B 36 1.66 -5.77 9.00
CA ARG B 36 0.86 -4.60 9.36
C ARG B 36 -0.59 -4.98 9.57
N ILE B 37 -1.17 -4.45 10.63
CA ILE B 37 -2.56 -4.70 10.94
C ILE B 37 -3.45 -4.23 9.79
N ASP B 38 -4.51 -4.97 9.52
CA ASP B 38 -5.42 -4.62 8.43
C ASP B 38 -5.74 -3.13 8.44
N GLU B 39 -5.88 -2.55 7.25
CA GLU B 39 -6.17 -1.14 7.12
C GLU B 39 -7.35 -0.74 7.99
N LEU B 40 -8.22 -1.71 8.30
CA LEU B 40 -9.37 -1.45 9.14
C LEU B 40 -8.93 -0.85 10.46
N TYR B 41 -7.71 -1.16 10.84
CA TYR B 41 -7.13 -0.68 12.07
C TYR B 41 -6.13 0.44 11.80
N LEU B 42 -5.05 0.10 11.08
CA LEU B 42 -4.01 1.07 10.74
C LEU B 42 -3.55 1.84 11.98
N GLY B 43 -2.37 1.48 12.48
CA GLY B 43 -1.83 2.15 13.65
C GLY B 43 -1.65 1.21 14.82
N ASN B 44 -2.58 1.26 15.77
CA ASN B 44 -2.52 0.40 16.95
C ASN B 44 -3.90 -0.17 17.28
MG MG C . 2.17 6.02 8.78
PG GNP D . 4.80 6.18 10.79
O1G GNP D . 5.11 7.49 10.18
O2G GNP D . 3.39 5.74 10.84
O3G GNP D . 5.29 6.27 12.33
N3B GNP D . 5.65 5.03 9.94
PB GNP D . 5.54 4.89 8.27
O1B GNP D . 6.62 5.74 7.70
O2B GNP D . 4.15 5.19 7.89
O3A GNP D . 5.84 3.38 7.76
PA GNP D . 5.39 2.67 6.39
O1A GNP D . 6.07 3.35 5.26
O2A GNP D . 3.92 2.54 6.38
O5' GNP D . 6.04 1.19 6.52
C5' GNP D . 5.85 0.23 5.49
C4' GNP D . 6.57 -1.08 5.80
O4' GNP D . 5.67 -2.19 5.68
C3' GNP D . 7.72 -1.31 4.83
O3' GNP D . 8.98 -1.17 5.48
C2' GNP D . 7.54 -2.67 4.26
O2' GNP D . 8.61 -3.54 4.67
C1' GNP D . 6.22 -3.18 4.78
N9 GNP D . 5.29 -3.44 3.66
C8 GNP D . 4.01 -3.02 3.49
N7 GNP D . 3.39 -3.37 2.42
C5 GNP D . 4.36 -4.15 1.78
C6 GNP D . 4.30 -4.85 0.54
O6 GNP D . 3.37 -4.93 -0.26
N1 GNP D . 5.51 -5.52 0.24
C2 GNP D . 6.64 -5.52 1.06
N2 GNP D . 7.70 -6.19 0.63
N3 GNP D . 6.69 -4.86 2.24
C4 GNP D . 5.53 -4.20 2.54
HNB3 GNP D . 6.22 4.40 10.42
H5'2 GNP D . 4.79 0.03 5.37
H5'1 GNP D . 6.24 0.64 4.55
H4' GNP D . 6.97 -1.04 6.81
H3' GNP D . 7.64 -0.60 4.02
HO3' GNP D . 9.33 -0.31 5.27
H2' GNP D . 7.50 -2.62 3.17
HO2' GNP D . 9.27 -3.52 3.96
H1' GNP D . 6.39 -4.09 5.32
H8 GNP D . 3.52 -2.38 4.23
HN1 GNP D . 5.55 -6.01 -0.61
HN21 GNP D . 7.65 -6.68 -0.25
HN22 GNP D . 8.56 -6.18 1.15
N MET A 1 -7.68 16.16 -16.29
CA MET A 1 -6.79 15.80 -15.16
C MET A 1 -7.18 14.46 -14.56
N GLN A 2 -8.48 14.14 -14.63
CA GLN A 2 -8.98 12.89 -14.09
C GLN A 2 -8.65 12.77 -12.61
N THR A 3 -9.36 11.88 -11.91
CA THR A 3 -9.14 11.69 -10.49
C THR A 3 -8.96 10.21 -10.15
N ILE A 4 -8.81 9.93 -8.87
CA ILE A 4 -8.62 8.55 -8.41
C ILE A 4 -9.09 8.36 -6.97
N LYS A 5 -9.57 7.16 -6.69
CA LYS A 5 -10.06 6.83 -5.35
C LYS A 5 -9.51 5.47 -4.92
N CYS A 6 -8.41 5.49 -4.17
CA CYS A 6 -7.78 4.26 -3.70
C CYS A 6 -7.89 4.12 -2.20
N VAL A 7 -7.83 2.88 -1.73
CA VAL A 7 -7.92 2.58 -0.30
C VAL A 7 -6.90 1.53 0.09
N VAL A 8 -6.56 1.47 1.37
CA VAL A 8 -5.59 0.49 1.85
C VAL A 8 -6.28 -0.80 2.25
N VAL A 9 -5.98 -1.86 1.51
CA VAL A 9 -6.53 -3.18 1.79
C VAL A 9 -5.42 -4.20 1.81
N GLY A 10 -5.37 -5.01 2.87
CA GLY A 10 -4.34 -6.02 2.96
C GLY A 10 -3.76 -6.14 4.37
N ASP A 11 -2.49 -5.77 4.51
CA ASP A 11 -1.83 -5.85 5.80
C ASP A 11 -1.54 -4.47 6.38
N GLY A 12 -0.87 -3.62 5.60
CA GLY A 12 -0.55 -2.29 6.09
C GLY A 12 -0.71 -1.21 5.04
N ALA A 13 0.13 -0.18 5.15
CA ALA A 13 0.10 0.95 4.22
C ALA A 13 -0.10 0.51 2.77
N VAL A 14 0.42 -0.67 2.45
CA VAL A 14 0.33 -1.20 1.09
C VAL A 14 0.73 -0.14 0.06
N GLY A 15 1.56 0.80 0.50
CA GLY A 15 2.02 1.86 -0.38
C GLY A 15 1.02 3.00 -0.49
N LYS A 16 0.22 3.18 0.56
CA LYS A 16 -0.77 4.25 0.57
C LYS A 16 -0.27 5.48 1.33
N THR A 17 -0.21 5.37 2.66
CA THR A 17 0.23 6.48 3.50
C THR A 17 1.71 6.36 3.85
N CYS A 18 2.08 5.26 4.49
CA CYS A 18 3.47 5.03 4.88
C CYS A 18 4.44 5.45 3.78
N LEU A 19 4.16 5.03 2.55
CA LEU A 19 5.02 5.37 1.41
C LEU A 19 5.37 6.85 1.42
N LEU A 20 4.36 7.69 1.56
CA LEU A 20 4.56 9.13 1.60
C LEU A 20 5.37 9.52 2.84
N ILE A 21 5.32 8.67 3.87
CA ILE A 21 6.04 8.93 5.10
C ILE A 21 7.53 8.68 4.92
N SER A 22 7.92 7.42 4.77
CA SER A 22 9.33 7.07 4.59
C SER A 22 9.97 7.95 3.52
N TYR A 23 9.16 8.43 2.58
CA TYR A 23 9.66 9.28 1.50
C TYR A 23 10.05 10.65 2.04
N THR A 24 9.06 11.41 2.48
CA THR A 24 9.29 12.75 3.02
C THR A 24 9.95 12.66 4.39
N THR A 25 9.39 11.84 5.26
CA THR A 25 9.91 11.64 6.60
C THR A 25 11.03 10.59 6.60
N ASN A 26 11.18 9.88 7.72
CA ASN A 26 12.22 8.86 7.83
C ASN A 26 11.92 7.89 8.96
N LYS A 27 10.63 7.70 9.25
CA LYS A 27 10.22 6.80 10.32
C LYS A 27 9.28 5.71 9.80
N PHE A 28 9.81 4.50 9.66
CA PHE A 28 9.04 3.37 9.17
C PHE A 28 8.78 2.36 10.29
N PRO A 29 9.84 1.75 10.85
CA PRO A 29 9.71 0.75 11.91
C PRO A 29 9.61 1.37 13.31
N SER A 30 8.40 1.67 13.74
CA SER A 30 8.18 2.25 15.06
C SER A 30 6.71 2.13 15.44
N GLU A 31 5.93 3.18 15.19
CA GLU A 31 4.51 3.17 15.52
C GLU A 31 3.76 4.23 14.72
N TYR A 32 2.76 3.80 13.95
CA TYR A 32 1.98 4.73 13.14
C TYR A 32 0.63 5.00 13.81
N VAL A 33 0.57 6.08 14.57
CA VAL A 33 -0.66 6.46 15.27
C VAL A 33 -1.42 7.55 14.51
N PRO A 34 -0.74 8.66 14.16
CA PRO A 34 -1.35 9.76 13.42
C PRO A 34 -1.60 9.44 11.95
N THR A 35 -2.34 8.35 11.71
CA THR A 35 -2.65 7.93 10.34
C THR A 35 -4.16 7.98 10.10
N VAL A 36 -4.94 7.70 11.14
CA VAL A 36 -6.39 7.72 11.04
C VAL A 36 -6.87 9.06 10.45
N PHE A 37 -6.08 10.10 10.67
CA PHE A 37 -6.41 11.42 10.17
C PHE A 37 -5.75 11.67 8.81
N ASP A 38 -5.75 10.64 7.98
CA ASP A 38 -5.15 10.73 6.65
C ASP A 38 -6.19 11.12 5.60
N ASN A 39 -7.14 11.96 6.00
CA ASN A 39 -8.19 12.40 5.09
C ASN A 39 -8.23 13.93 4.98
N TYR A 40 -7.12 14.58 5.38
CA TYR A 40 -7.04 16.03 5.32
C TYR A 40 -6.81 16.49 3.89
N ALA A 41 -6.42 17.76 3.74
CA ALA A 41 -6.17 18.32 2.41
C ALA A 41 -4.70 18.26 2.06
N VAL A 42 -4.41 18.39 0.76
CA VAL A 42 -3.04 18.35 0.28
C VAL A 42 -2.86 19.20 -0.96
N THR A 43 -1.85 20.07 -0.94
CA THR A 43 -1.57 20.95 -2.07
C THR A 43 -0.65 20.27 -3.07
N VAL A 44 -1.20 19.85 -4.19
CA VAL A 44 -0.44 19.18 -5.22
C VAL A 44 -1.17 19.22 -6.57
N MET A 45 -0.40 19.07 -7.65
CA MET A 45 -0.96 19.11 -9.00
C MET A 45 -1.13 17.70 -9.58
N ILE A 46 -2.33 17.14 -9.50
CA ILE A 46 -2.59 15.82 -10.06
C ILE A 46 -2.73 15.93 -11.59
N GLY A 47 -1.57 15.87 -12.27
CA GLY A 47 -1.52 15.96 -13.73
C GLY A 47 -2.69 16.71 -14.35
N GLY A 48 -2.48 17.98 -14.68
CA GLY A 48 -3.54 18.77 -15.29
C GLY A 48 -3.77 20.10 -14.58
N GLU A 49 -4.67 20.08 -13.59
CA GLU A 49 -4.99 21.28 -12.83
C GLU A 49 -4.79 21.06 -11.33
N PRO A 50 -4.23 22.07 -10.62
CA PRO A 50 -3.99 22.00 -9.19
C PRO A 50 -5.10 21.28 -8.44
N TYR A 51 -4.85 20.02 -8.11
CA TYR A 51 -5.81 19.21 -7.38
C TYR A 51 -5.19 17.88 -6.98
N THR A 52 -5.72 17.28 -5.92
CA THR A 52 -5.23 15.99 -5.44
C THR A 52 -6.40 15.07 -5.08
N LEU A 53 -6.15 13.77 -5.18
CA LEU A 53 -7.19 12.79 -4.87
C LEU A 53 -7.39 12.67 -3.35
N GLY A 54 -8.53 12.12 -2.95
CA GLY A 54 -8.83 11.96 -1.55
C GLY A 54 -8.32 10.65 -0.98
N LEU A 55 -7.06 10.66 -0.53
CA LEU A 55 -6.45 9.47 0.04
C LEU A 55 -7.26 8.96 1.23
N PHE A 56 -8.08 7.94 1.00
CA PHE A 56 -8.91 7.38 2.06
C PHE A 56 -8.13 6.33 2.86
N ASP A 57 -7.73 6.70 4.07
CA ASP A 57 -6.99 5.80 4.94
C ASP A 57 -7.89 5.23 6.04
N THR A 58 -7.87 3.91 6.19
CA THR A 58 -8.67 3.25 7.20
C THR A 58 -7.85 2.94 8.44
N ALA A 59 -8.34 3.40 9.60
CA ALA A 59 -7.64 3.16 10.86
C ALA A 59 -8.60 3.25 12.04
N GLY A 60 -8.74 2.15 12.77
CA GLY A 60 -9.62 2.13 13.93
C GLY A 60 -9.09 2.97 15.07
N LEU A 61 -9.18 4.30 14.92
CA LEU A 61 -8.70 5.21 15.95
C LEU A 61 -9.84 6.11 16.46
N GLU A 62 -9.73 7.43 16.28
CA GLU A 62 -10.76 8.34 16.75
C GLU A 62 -11.71 8.74 15.62
N ASP A 63 -11.18 8.79 14.40
CA ASP A 63 -11.98 9.17 13.24
C ASP A 63 -12.92 8.05 12.82
N TYR A 64 -12.34 6.93 12.41
CA TYR A 64 -13.13 5.78 11.98
C TYR A 64 -12.91 4.59 12.91
N ASP A 65 -13.99 3.94 13.31
CA ASP A 65 -13.91 2.79 14.21
C ASP A 65 -13.70 1.50 13.42
N ARG A 66 -14.73 1.09 12.69
CA ARG A 66 -14.67 -0.13 11.88
C ARG A 66 -14.37 0.17 10.42
N LEU A 67 -14.91 1.30 9.94
CA LEU A 67 -14.71 1.71 8.55
C LEU A 67 -15.48 0.79 7.60
N ARG A 68 -16.34 1.38 6.78
CA ARG A 68 -17.12 0.62 5.82
C ARG A 68 -16.33 0.35 4.55
N PRO A 69 -15.70 1.38 3.97
CA PRO A 69 -14.91 1.24 2.75
C PRO A 69 -13.99 0.02 2.78
N LEU A 70 -13.12 -0.03 3.78
CA LEU A 70 -12.18 -1.14 3.92
C LEU A 70 -12.93 -2.48 3.86
N SER A 71 -14.11 -2.51 4.46
CA SER A 71 -14.92 -3.72 4.48
C SER A 71 -15.61 -3.94 3.13
N TYR A 72 -16.33 -2.92 2.68
CA TYR A 72 -17.03 -3.00 1.40
C TYR A 72 -16.45 -2.00 0.40
N PRO A 73 -15.15 -2.16 0.06
CA PRO A 73 -14.46 -1.27 -0.88
C PRO A 73 -14.98 -1.42 -2.30
N GLN A 74 -15.64 -0.38 -2.80
CA GLN A 74 -16.19 -0.39 -4.15
C GLN A 74 -15.31 0.40 -5.12
N THR A 75 -14.12 0.79 -4.66
CA THR A 75 -13.19 1.54 -5.50
C THR A 75 -12.90 0.80 -6.80
N ASP A 76 -12.30 1.50 -7.75
CA ASP A 76 -11.97 0.90 -9.04
C ASP A 76 -10.79 -0.06 -8.90
N VAL A 77 -9.96 0.19 -7.89
CA VAL A 77 -8.80 -0.66 -7.64
C VAL A 77 -8.23 -0.42 -6.24
N PHE A 78 -8.28 -1.46 -5.40
CA PHE A 78 -7.75 -1.35 -4.05
C PHE A 78 -6.30 -1.80 -4.00
N LEU A 79 -5.46 -1.02 -3.32
CA LEU A 79 -4.04 -1.35 -3.23
C LEU A 79 -3.82 -2.56 -2.34
N VAL A 80 -3.46 -3.68 -2.95
CA VAL A 80 -3.20 -4.91 -2.23
C VAL A 80 -1.70 -5.15 -2.12
N CYS A 81 -1.19 -5.24 -0.91
CA CYS A 81 0.24 -5.44 -0.71
C CYS A 81 0.55 -6.60 0.23
N PHE A 82 1.83 -6.95 0.31
CA PHE A 82 2.30 -8.03 1.17
C PHE A 82 3.63 -7.64 1.81
N SER A 83 4.24 -8.58 2.52
CA SER A 83 5.51 -8.31 3.18
C SER A 83 6.49 -9.44 2.95
N VAL A 84 7.65 -9.12 2.38
CA VAL A 84 8.69 -10.12 2.12
C VAL A 84 9.08 -10.83 3.41
N VAL A 85 9.86 -11.90 3.30
CA VAL A 85 10.29 -12.66 4.48
C VAL A 85 9.07 -13.22 5.18
N SER A 86 8.85 -14.52 5.03
CA SER A 86 7.70 -15.16 5.65
C SER A 86 7.96 -16.64 5.95
N PRO A 87 7.43 -17.13 7.09
CA PRO A 87 7.57 -18.51 7.49
C PRO A 87 6.43 -19.38 6.97
N SER A 88 6.20 -19.32 5.66
CA SER A 88 5.14 -20.07 5.00
C SER A 88 3.81 -19.32 5.09
N SER A 89 3.89 -18.00 5.21
CA SER A 89 2.70 -17.16 5.30
C SER A 89 2.35 -16.57 3.94
N PHE A 90 3.35 -16.45 3.07
CA PHE A 90 3.14 -15.90 1.73
C PHE A 90 2.03 -16.64 1.00
N GLU A 91 2.05 -17.97 1.09
CA GLU A 91 1.04 -18.80 0.44
C GLU A 91 -0.36 -18.36 0.83
N ASN A 92 -0.67 -18.45 2.11
CA ASN A 92 -1.97 -18.06 2.62
C ASN A 92 -2.33 -16.64 2.21
N VAL A 93 -1.35 -15.74 2.29
CA VAL A 93 -1.54 -14.34 1.92
C VAL A 93 -2.25 -14.23 0.57
N LYS A 94 -1.60 -14.70 -0.48
CA LYS A 94 -2.16 -14.64 -1.82
C LYS A 94 -3.58 -15.22 -1.83
N GLU A 95 -3.75 -16.37 -1.19
CA GLU A 95 -5.05 -17.04 -1.14
C GLU A 95 -5.90 -16.50 0.02
N LYS A 96 -5.46 -15.40 0.62
CA LYS A 96 -6.20 -14.79 1.73
C LYS A 96 -6.80 -13.46 1.32
N TRP A 97 -6.07 -12.71 0.49
CA TRP A 97 -6.52 -11.41 0.03
C TRP A 97 -7.24 -11.51 -1.31
N VAL A 98 -6.68 -12.29 -2.22
CA VAL A 98 -7.28 -12.45 -3.54
C VAL A 98 -8.75 -12.86 -3.47
N PRO A 99 -9.08 -13.86 -2.64
CA PRO A 99 -10.47 -14.33 -2.49
C PRO A 99 -11.31 -13.42 -1.60
N GLU A 100 -10.63 -12.60 -0.81
CA GLU A 100 -11.33 -11.68 0.09
C GLU A 100 -11.75 -10.42 -0.67
N ILE A 101 -10.88 -9.95 -1.55
CA ILE A 101 -11.17 -8.75 -2.34
C ILE A 101 -12.26 -9.04 -3.36
N THR A 102 -12.34 -10.29 -3.82
CA THR A 102 -13.33 -10.68 -4.80
C THR A 102 -14.70 -10.88 -4.13
N HIS A 103 -14.67 -11.34 -2.87
CA HIS A 103 -15.90 -11.57 -2.12
C HIS A 103 -16.66 -10.26 -1.92
N HIS A 104 -15.97 -9.27 -1.35
CA HIS A 104 -16.58 -7.97 -1.11
C HIS A 104 -16.79 -7.21 -2.41
N CYS A 105 -16.00 -7.55 -3.42
CA CYS A 105 -16.09 -6.90 -4.72
C CYS A 105 -15.83 -7.91 -5.85
N PRO A 106 -16.90 -8.48 -6.43
CA PRO A 106 -16.78 -9.45 -7.52
C PRO A 106 -15.82 -9.00 -8.61
N LYS A 107 -14.69 -9.68 -8.73
CA LYS A 107 -13.69 -9.35 -9.74
C LYS A 107 -13.36 -7.86 -9.71
N THR A 108 -12.25 -7.52 -9.06
CA THR A 108 -11.82 -6.13 -8.97
C THR A 108 -10.31 -6.02 -9.14
N PRO A 109 -9.84 -4.93 -9.78
CA PRO A 109 -8.41 -4.70 -10.02
C PRO A 109 -7.60 -4.60 -8.72
N PHE A 110 -6.29 -4.82 -8.83
CA PHE A 110 -5.39 -4.75 -7.68
C PHE A 110 -3.95 -4.69 -8.14
N LEU A 111 -3.10 -4.00 -7.37
CA LEU A 111 -1.70 -3.85 -7.70
C LEU A 111 -0.80 -4.43 -6.61
N LEU A 112 0.41 -4.82 -6.97
CA LEU A 112 1.35 -5.40 -6.01
C LEU A 112 2.53 -4.46 -5.81
N VAL A 113 3.07 -4.45 -4.59
CA VAL A 113 4.20 -3.58 -4.26
C VAL A 113 5.31 -4.34 -3.54
N GLY A 114 6.54 -3.89 -3.75
CA GLY A 114 7.69 -4.51 -3.13
C GLY A 114 8.51 -3.50 -2.34
N THR A 115 8.52 -3.64 -1.02
CA THR A 115 9.25 -2.70 -0.18
C THR A 115 10.18 -3.46 0.79
N GLN A 116 9.62 -4.37 1.56
CA GLN A 116 10.39 -5.15 2.52
C GLN A 116 11.50 -5.93 1.82
N ILE A 117 11.40 -6.08 0.50
CA ILE A 117 12.41 -6.80 -0.27
C ILE A 117 13.82 -6.39 0.14
N ASP A 118 13.97 -5.17 0.63
CA ASP A 118 15.27 -4.66 1.05
C ASP A 118 15.81 -5.40 2.26
N LEU A 119 14.92 -5.80 3.16
CA LEU A 119 15.32 -6.51 4.37
C LEU A 119 15.13 -8.02 4.25
N ARG A 120 14.55 -8.47 3.14
CA ARG A 120 14.34 -9.89 2.92
C ARG A 120 15.63 -10.67 3.14
N ASP A 121 16.74 -10.06 2.74
CA ASP A 121 18.04 -10.69 2.88
C ASP A 121 18.37 -10.94 4.35
N ASP A 122 17.75 -10.15 5.23
CA ASP A 122 17.97 -10.28 6.67
C ASP A 122 18.01 -11.75 7.09
N PRO A 123 19.22 -12.31 7.29
CA PRO A 123 19.38 -13.70 7.69
C PRO A 123 18.85 -13.99 9.09
N SER A 124 18.49 -12.94 9.82
CA SER A 124 17.97 -13.10 11.17
C SER A 124 16.55 -13.63 11.11
N THR A 125 15.64 -12.80 10.61
CA THR A 125 14.25 -13.21 10.49
C THR A 125 14.18 -14.48 9.67
N ILE A 126 14.88 -14.47 8.54
CA ILE A 126 14.92 -15.62 7.64
C ILE A 126 15.17 -16.90 8.45
N GLU A 127 16.06 -16.81 9.44
CA GLU A 127 16.35 -17.97 10.27
C GLU A 127 15.07 -18.40 10.96
N LYS A 128 14.28 -17.42 11.38
CA LYS A 128 13.01 -17.70 12.02
C LYS A 128 12.06 -18.30 10.99
N LEU A 129 12.21 -17.82 9.75
CA LEU A 129 11.40 -18.32 8.65
C LEU A 129 11.75 -19.78 8.42
N ALA A 130 13.05 -20.06 8.58
CA ALA A 130 13.59 -21.40 8.41
C ALA A 130 12.71 -22.44 9.08
N LYS A 131 12.18 -22.11 10.24
CA LYS A 131 11.32 -23.01 10.98
C LYS A 131 10.11 -23.43 10.16
N ASN A 132 9.70 -22.60 9.20
CA ASN A 132 8.54 -22.91 8.38
C ASN A 132 8.83 -22.92 6.88
N LYS A 133 9.77 -22.09 6.43
CA LYS A 133 10.09 -22.03 5.00
C LYS A 133 11.49 -21.52 4.70
N GLN A 134 11.74 -20.26 5.08
CA GLN A 134 13.03 -19.61 4.83
C GLN A 134 13.13 -19.10 3.39
N LYS A 135 11.99 -19.03 2.71
CA LYS A 135 11.97 -18.56 1.32
C LYS A 135 11.57 -17.09 1.25
N PRO A 136 12.55 -16.18 1.17
CA PRO A 136 12.28 -14.74 1.10
C PRO A 136 11.56 -14.38 -0.19
N ILE A 137 10.48 -13.60 -0.06
CA ILE A 137 9.70 -13.19 -1.22
C ILE A 137 10.51 -12.24 -2.10
N THR A 138 11.14 -12.80 -3.14
CA THR A 138 11.94 -12.01 -4.05
C THR A 138 11.06 -11.23 -5.02
N PRO A 139 11.51 -10.04 -5.44
CA PRO A 139 10.75 -9.19 -6.37
C PRO A 139 10.16 -10.00 -7.52
N GLU A 140 10.81 -11.10 -7.87
CA GLU A 140 10.35 -11.96 -8.95
C GLU A 140 9.11 -12.75 -8.53
N THR A 141 9.08 -13.15 -7.27
CA THR A 141 7.95 -13.91 -6.73
C THR A 141 6.63 -13.17 -6.96
N ALA A 142 6.52 -11.98 -6.37
CA ALA A 142 5.32 -11.16 -6.51
C ALA A 142 4.96 -10.98 -7.98
N GLU A 143 5.97 -10.77 -8.82
CA GLU A 143 5.75 -10.58 -10.25
C GLU A 143 4.89 -11.70 -10.82
N LYS A 144 5.22 -12.94 -10.44
CA LYS A 144 4.47 -14.09 -10.91
C LYS A 144 3.03 -14.06 -10.41
N LEU A 145 2.86 -13.82 -9.12
CA LEU A 145 1.54 -13.75 -8.52
C LEU A 145 0.72 -12.62 -9.13
N ALA A 146 1.35 -11.45 -9.25
CA ALA A 146 0.69 -10.29 -9.82
C ALA A 146 0.06 -10.62 -11.17
N ARG A 147 0.81 -11.32 -12.00
CA ARG A 147 0.33 -11.72 -13.32
C ARG A 147 -0.52 -12.98 -13.23
N ASP A 148 -0.25 -13.79 -12.21
CA ASP A 148 -0.99 -15.04 -12.01
C ASP A 148 -2.49 -14.77 -11.99
N LEU A 149 -2.89 -13.65 -11.38
CA LEU A 149 -4.28 -13.28 -11.29
C LEU A 149 -4.56 -12.01 -12.08
N LYS A 150 -3.69 -11.69 -13.03
CA LYS A 150 -3.84 -10.50 -13.86
C LYS A 150 -4.13 -9.28 -13.00
N ALA A 151 -3.29 -9.07 -11.98
CA ALA A 151 -3.46 -7.92 -11.08
C ALA A 151 -3.22 -6.62 -11.82
N VAL A 152 -1.95 -6.24 -11.94
CA VAL A 152 -1.56 -5.02 -12.63
C VAL A 152 -0.07 -5.04 -12.96
N LYS A 153 0.76 -4.94 -11.91
CA LYS A 153 2.21 -4.93 -12.09
C LYS A 153 2.92 -4.73 -10.75
N TYR A 154 3.97 -5.51 -10.53
CA TYR A 154 4.76 -5.41 -9.31
C TYR A 154 6.10 -4.77 -9.62
N VAL A 155 6.27 -3.53 -9.19
CA VAL A 155 7.51 -2.80 -9.44
C VAL A 155 8.41 -2.79 -8.21
N GLU A 156 9.49 -2.01 -8.28
CA GLU A 156 10.44 -1.92 -7.18
C GLU A 156 10.05 -0.80 -6.21
N CYS A 157 10.52 -0.92 -4.98
CA CYS A 157 10.23 0.06 -3.94
C CYS A 157 10.87 -0.35 -2.62
N SER A 158 11.03 0.60 -1.72
CA SER A 158 11.64 0.32 -0.42
C SER A 158 11.29 1.40 0.60
N ALA A 159 10.70 0.98 1.72
CA ALA A 159 10.32 1.91 2.77
C ALA A 159 11.42 2.04 3.81
N LEU A 160 12.65 1.67 3.42
CA LEU A 160 13.79 1.74 4.31
C LEU A 160 14.98 2.39 3.61
N THR A 161 15.22 1.98 2.37
CA THR A 161 16.32 2.52 1.58
C THR A 161 15.79 3.36 0.41
N GLN A 162 14.51 3.21 0.10
CA GLN A 162 13.88 3.95 -0.98
C GLN A 162 14.27 3.39 -2.35
N LYS A 163 13.55 2.37 -2.80
CA LYS A 163 13.81 1.75 -4.09
C LYS A 163 12.68 2.05 -5.08
N GLY A 164 12.27 3.31 -5.11
CA GLY A 164 11.20 3.72 -6.00
C GLY A 164 10.12 4.49 -5.27
N LEU A 165 9.45 3.82 -4.33
CA LEU A 165 8.40 4.45 -3.54
C LEU A 165 7.23 4.89 -4.44
N LYS A 166 7.42 5.96 -5.19
CA LYS A 166 6.39 6.48 -6.08
C LYS A 166 6.17 5.54 -7.26
N ASN A 167 7.19 4.74 -7.57
CA ASN A 167 7.10 3.80 -8.68
C ASN A 167 5.90 2.86 -8.51
N VAL A 168 5.85 2.17 -7.37
CA VAL A 168 4.77 1.25 -7.10
C VAL A 168 3.45 1.98 -6.82
N PHE A 169 3.56 3.12 -6.14
CA PHE A 169 2.38 3.90 -5.81
C PHE A 169 1.85 4.63 -7.06
N ASP A 170 2.71 4.79 -8.06
CA ASP A 170 2.33 5.46 -9.29
C ASP A 170 1.61 4.51 -10.25
N GLU A 171 2.02 3.25 -10.25
CA GLU A 171 1.40 2.25 -11.11
C GLU A 171 0.03 1.85 -10.56
N ALA A 172 -0.10 1.89 -9.23
CA ALA A 172 -1.36 1.54 -8.58
C ALA A 172 -2.39 2.65 -8.79
N ILE A 173 -1.98 3.89 -8.55
CA ILE A 173 -2.86 5.04 -8.71
C ILE A 173 -3.26 5.20 -10.17
N LEU A 174 -2.31 4.95 -11.06
CA LEU A 174 -2.56 5.07 -12.50
C LEU A 174 -3.79 4.26 -12.90
N ALA A 175 -3.99 3.12 -12.24
CA ALA A 175 -5.12 2.26 -12.54
C ALA A 175 -6.43 3.05 -12.51
N ALA A 176 -6.42 4.16 -11.77
CA ALA A 176 -7.60 5.01 -11.65
C ALA A 176 -7.55 6.16 -12.65
N LEU A 177 -6.36 6.69 -12.90
CA LEU A 177 -6.19 7.79 -13.84
C LEU A 177 -6.44 7.31 -15.27
N GLU A 178 -6.26 6.02 -15.50
CA GLU A 178 -6.46 5.43 -16.82
C GLU A 178 -6.36 3.91 -16.78
N PRO A 179 -7.37 3.19 -17.33
CA PRO A 179 -7.37 1.73 -17.34
C PRO A 179 -6.13 1.15 -18.02
N PRO A 180 -5.30 0.42 -17.28
CA PRO A 180 -4.07 -0.19 -17.82
C PRO A 180 -4.37 -1.45 -18.63
N GLU A 181 -3.32 -2.22 -18.92
CA GLU A 181 -3.48 -3.45 -19.68
C GLU A 181 -2.42 -4.48 -19.27
N PRO A 182 -2.84 -5.73 -19.00
CA PRO A 182 -1.92 -6.80 -18.59
C PRO A 182 -1.20 -7.43 -19.78
N LYS A 183 -0.58 -8.58 -19.55
CA LYS A 183 0.14 -9.28 -20.61
C LYS A 183 -0.21 -10.76 -20.61
N LYS A 184 0.25 -11.47 -21.65
CA LYS A 184 -0.02 -12.90 -21.77
C LYS A 184 -1.51 -13.16 -22.00
N GLY B 1 9.52 10.95 -16.10
CA GLY B 1 8.80 10.99 -14.80
C GLY B 1 7.49 10.23 -14.84
N SER B 2 6.38 10.96 -14.74
CA SER B 2 5.05 10.35 -14.76
C SER B 2 4.61 10.05 -16.19
N GLY B 3 3.32 9.84 -16.37
CA GLY B 3 2.79 9.55 -17.70
C GLY B 3 1.87 8.34 -17.70
N LEU B 4 2.40 7.21 -18.15
CA LEU B 4 1.63 5.97 -18.21
C LEU B 4 0.38 6.13 -19.07
N SER B 5 0.37 7.17 -19.91
CA SER B 5 -0.78 7.42 -20.78
C SER B 5 -2.01 7.78 -19.97
N ALA B 6 -2.30 9.07 -19.89
CA ALA B 6 -3.45 9.55 -19.12
C ALA B 6 -3.38 11.07 -18.98
N GLN B 7 -2.17 11.56 -18.83
CA GLN B 7 -1.89 12.99 -18.67
C GLN B 7 -0.54 13.17 -17.97
N ASP B 8 -0.16 12.14 -17.18
CA ASP B 8 1.09 12.12 -16.42
C ASP B 8 0.86 12.54 -14.97
N ILE B 9 -0.32 12.21 -14.47
CA ILE B 9 -0.67 12.52 -13.09
C ILE B 9 0.38 11.98 -12.13
N SER B 10 0.83 12.83 -11.22
CA SER B 10 1.84 12.45 -10.24
C SER B 10 1.25 12.33 -8.84
N GLN B 11 1.89 11.52 -8.00
CA GLN B 11 1.43 11.33 -6.63
C GLN B 11 2.22 12.21 -5.66
N PRO B 12 3.56 12.06 -5.63
CA PRO B 12 4.42 12.83 -4.76
C PRO B 12 4.92 14.11 -5.43
N LEU B 13 4.01 14.78 -6.14
CA LEU B 13 4.35 16.02 -6.85
C LEU B 13 5.16 16.97 -5.96
N GLN B 14 4.47 17.77 -5.16
CA GLN B 14 5.14 18.73 -4.29
C GLN B 14 5.39 18.13 -2.91
N ASN B 15 4.40 18.23 -2.02
CA ASN B 15 4.52 17.69 -0.67
C ASN B 15 3.39 16.73 -0.36
N SER B 16 2.19 17.05 -0.84
CA SER B 16 1.02 16.21 -0.60
C SER B 16 0.68 16.16 0.89
N PHE B 17 1.00 17.23 1.60
CA PHE B 17 0.72 17.32 3.03
C PHE B 17 0.80 18.75 3.53
N ILE B 18 -0.29 19.22 4.14
CA ILE B 18 -0.35 20.58 4.67
C ILE B 18 0.04 20.62 6.14
N HIS B 19 0.93 19.72 6.54
CA HIS B 19 1.39 19.66 7.93
C HIS B 19 0.20 19.57 8.88
N THR B 20 -0.82 18.83 8.47
CA THR B 20 -2.02 18.67 9.29
C THR B 20 -2.15 17.22 9.78
N GLY B 21 -3.29 16.92 10.40
CA GLY B 21 -3.53 15.58 10.89
C GLY B 21 -3.29 15.47 12.39
N HIS B 22 -4.30 14.97 13.11
CA HIS B 22 -4.20 14.82 14.55
C HIS B 22 -4.33 13.35 14.95
N GLY B 23 -5.56 12.86 15.03
CA GLY B 23 -5.79 11.49 15.41
C GLY B 23 -5.21 11.14 16.76
N ASP B 24 -4.10 10.40 16.76
CA ASP B 24 -3.44 10.01 18.01
C ASP B 24 -4.40 9.22 18.90
N SER B 25 -4.67 7.98 18.53
CA SER B 25 -5.57 7.13 19.29
C SER B 25 -4.80 6.02 20.01
N ASP B 26 -4.48 6.25 21.28
CA ASP B 26 -3.74 5.28 22.07
C ASP B 26 -2.29 5.17 21.60
N PRO B 27 -1.38 5.90 22.26
CA PRO B 27 0.05 5.89 21.92
C PRO B 27 0.75 4.61 22.36
N ARG B 28 0.26 3.47 21.88
CA ARG B 28 0.84 2.19 22.22
C ARG B 28 2.34 2.20 21.94
N HIS B 29 2.70 2.77 20.80
CA HIS B 29 4.09 2.85 20.39
C HIS B 29 4.67 1.47 20.14
N CYS B 30 3.98 0.67 19.35
CA CYS B 30 4.42 -0.68 19.04
C CYS B 30 3.83 -1.17 17.72
N TRP B 31 4.70 -1.73 16.87
CA TRP B 31 4.27 -2.24 15.57
C TRP B 31 3.92 -3.73 15.66
N GLY B 32 4.46 -4.40 16.67
CA GLY B 32 4.19 -5.81 16.85
C GLY B 32 5.23 -6.69 16.16
N PHE B 33 4.77 -7.73 15.49
CA PHE B 33 5.66 -8.65 14.78
C PHE B 33 6.05 -8.07 13.43
N PRO B 34 7.09 -8.63 12.79
CA PRO B 34 7.57 -8.17 11.48
C PRO B 34 6.47 -8.18 10.42
N ASP B 35 5.65 -7.15 10.43
CA ASP B 35 4.54 -7.04 9.47
C ASP B 35 3.62 -5.87 9.82
N ARG B 36 2.43 -5.86 9.22
CA ARG B 36 1.46 -4.81 9.47
C ARG B 36 0.14 -5.40 9.92
N ILE B 37 -0.63 -4.60 10.63
CA ILE B 37 -1.93 -5.03 11.14
C ILE B 37 -3.00 -4.88 10.06
N ASP B 38 -3.68 -5.97 9.74
CA ASP B 38 -4.73 -5.99 8.71
C ASP B 38 -5.49 -4.66 8.64
N GLU B 39 -5.61 -4.12 7.44
CA GLU B 39 -6.29 -2.85 7.21
C GLU B 39 -7.57 -2.74 8.02
N LEU B 40 -8.20 -3.87 8.33
CA LEU B 40 -9.44 -3.89 9.11
C LEU B 40 -9.39 -2.88 10.26
N TYR B 41 -8.32 -2.94 11.04
CA TYR B 41 -8.14 -2.03 12.16
C TYR B 41 -7.10 -0.95 11.85
N LEU B 42 -5.86 -1.38 11.63
CA LEU B 42 -4.77 -0.45 11.33
C LEU B 42 -4.38 0.32 12.59
N GLY B 43 -3.23 0.99 12.53
CA GLY B 43 -2.76 1.75 13.67
C GLY B 43 -1.46 1.22 14.23
N ASN B 44 -0.71 2.08 14.93
CA ASN B 44 0.56 1.70 15.52
C ASN B 44 0.45 0.37 16.27
MG MG C . -0.46 4.78 7.87
PG GNP D . -0.26 2.35 10.06
O1G GNP D . -1.13 1.41 9.32
O2G GNP D . -0.56 3.80 9.96
O3G GNP D . -0.40 1.97 11.62
N3B GNP D . 1.30 2.14 9.49
PB GNP D . 1.67 2.09 7.87
O1B GNP D . 1.01 0.88 7.31
O2B GNP D . 1.30 3.41 7.30
O3A GNP D . 3.25 1.90 7.60
PA GNP D . 4.07 0.59 7.16
O1A GNP D . 5.44 0.70 7.69
O2A GNP D . 3.25 -0.60 7.48
O5' GNP D . 4.13 0.74 5.56
C5' GNP D . 5.30 0.33 4.83
C4' GNP D . 5.84 -0.99 5.35
O4' GNP D . 4.86 -2.02 5.22
C3' GNP D . 7.06 -1.41 4.55
O3' GNP D . 8.27 -1.22 5.31
C2' GNP D . 6.86 -2.86 4.21
O2' GNP D . 7.69 -3.70 5.01
C1' GNP D . 5.40 -3.13 4.47
N9 GNP D . 4.68 -3.31 3.20
C8 GNP D . 3.50 -2.77 2.79
N7 GNP D . 3.09 -3.05 1.59
C5 GNP D . 4.12 -3.89 1.13
C6 GNP D . 4.27 -4.55 -0.13
O6 GNP D . 3.52 -4.52 -1.10
N1 GNP D . 5.46 -5.30 -0.18
C2 GNP D . 6.39 -5.41 0.85
N2 GNP D . 7.45 -6.17 0.61
N3 GNP D . 6.25 -4.79 2.04
C4 GNP D . 5.09 -4.05 2.11
HNB3 GNP D . 2.03 2.05 10.14
H5'2 GNP D . 5.04 0.23 3.78
H5'1 GNP D . 6.07 1.10 4.94
H4' GNP D . 6.12 -0.88 6.40
H3' GNP D . 7.10 -0.85 3.64
HO3' GNP D . 8.46 -0.28 5.29
H2' GNP D . 7.08 -3.01 3.15
HO2' GNP D . 8.54 -3.77 4.56
H1' GNP D . 5.32 -4.02 5.05
H8 GNP D . 2.93 -2.12 3.44
HN1 GNP D . 5.62 -5.79 -1.02
HN21 GNP D . 7.56 -6.63 -0.28
HN22 GNP D . 8.17 -6.28 1.32
N MET A 1 -9.32 15.43 -16.46
CA MET A 1 -8.99 15.53 -15.01
C MET A 1 -9.40 14.28 -14.25
N GLN A 2 -8.84 13.14 -14.64
CA GLN A 2 -9.16 11.87 -14.00
C GLN A 2 -8.71 11.88 -12.54
N THR A 3 -9.49 11.23 -11.69
CA THR A 3 -9.18 11.18 -10.27
C THR A 3 -8.76 9.79 -9.83
N ILE A 4 -8.58 9.61 -8.53
CA ILE A 4 -8.16 8.33 -8.00
C ILE A 4 -8.58 8.15 -6.53
N LYS A 5 -9.26 7.03 -6.25
CA LYS A 5 -9.70 6.73 -4.90
C LYS A 5 -8.75 5.71 -4.26
N CYS A 6 -7.84 6.21 -3.43
CA CYS A 6 -6.85 5.35 -2.78
C CYS A 6 -7.45 4.58 -1.61
N VAL A 7 -7.16 3.28 -1.57
CA VAL A 7 -7.64 2.40 -0.51
C VAL A 7 -6.58 1.36 -0.21
N VAL A 8 -6.67 0.75 0.98
CA VAL A 8 -5.70 -0.26 1.37
C VAL A 8 -6.36 -1.49 1.97
N VAL A 9 -5.99 -2.65 1.44
CA VAL A 9 -6.52 -3.92 1.91
C VAL A 9 -5.38 -4.92 2.08
N GLY A 10 -5.31 -5.54 3.25
CA GLY A 10 -4.25 -6.49 3.50
C GLY A 10 -3.62 -6.31 4.87
N ASP A 11 -2.42 -6.84 5.03
CA ASP A 11 -1.70 -6.75 6.30
C ASP A 11 -0.34 -6.07 6.11
N GLY A 12 -0.23 -5.23 5.10
CA GLY A 12 1.02 -4.54 4.84
C GLY A 12 1.00 -3.09 5.26
N ALA A 13 2.14 -2.44 5.15
CA ALA A 13 2.27 -1.03 5.52
C ALA A 13 2.09 -0.13 4.31
N VAL A 14 2.92 -0.35 3.29
CA VAL A 14 2.86 0.44 2.07
C VAL A 14 1.46 0.46 1.50
N GLY A 15 0.78 1.59 1.65
CA GLY A 15 -0.57 1.72 1.15
C GLY A 15 -1.38 2.73 1.94
N LYS A 16 -1.26 2.66 3.27
CA LYS A 16 -2.00 3.57 4.14
C LYS A 16 -1.17 4.83 4.43
N THR A 17 -0.45 4.84 5.55
CA THR A 17 0.36 6.00 5.92
C THR A 17 1.83 5.80 5.54
N CYS A 18 2.37 4.64 5.93
CA CYS A 18 3.76 4.30 5.66
C CYS A 18 4.23 4.80 4.30
N LEU A 19 3.39 4.67 3.29
CA LEU A 19 3.74 5.10 1.94
C LEU A 19 4.30 6.51 1.93
N LEU A 20 3.42 7.49 2.11
CA LEU A 20 3.84 8.89 2.11
C LEU A 20 4.56 9.24 3.41
N ILE A 21 4.17 8.58 4.49
CA ILE A 21 4.82 8.82 5.79
C ILE A 21 6.26 8.36 5.73
N SER A 22 6.45 7.04 5.66
CA SER A 22 7.79 6.47 5.60
C SER A 22 8.62 7.16 4.52
N TYR A 23 7.94 7.72 3.51
CA TYR A 23 8.63 8.42 2.44
C TYR A 23 9.33 9.67 2.97
N THR A 24 8.60 10.45 3.77
CA THR A 24 9.15 11.67 4.36
C THR A 24 9.70 11.39 5.76
N THR A 25 8.86 10.83 6.61
CA THR A 25 9.26 10.49 7.98
C THR A 25 9.85 9.09 8.00
N ASN A 26 11.08 8.97 7.53
CA ASN A 26 11.75 7.68 7.47
C ASN A 26 12.09 7.17 8.86
N LYS A 27 11.07 6.93 9.66
CA LYS A 27 11.25 6.43 11.01
C LYS A 27 10.51 5.11 11.20
N PHE A 28 11.20 4.01 10.93
CA PHE A 28 10.61 2.68 11.05
C PHE A 28 10.81 2.10 12.46
N PRO A 29 12.03 2.22 13.01
CA PRO A 29 12.34 1.69 14.35
C PRO A 29 11.99 2.67 15.47
N SER A 30 11.23 3.70 15.14
CA SER A 30 10.83 4.70 16.14
C SER A 30 9.48 4.36 16.74
N GLU A 31 8.40 4.92 16.18
CA GLU A 31 7.06 4.66 16.68
C GLU A 31 6.02 4.96 15.61
N TYR A 32 4.95 4.18 15.60
CA TYR A 32 3.88 4.37 14.64
C TYR A 32 2.53 4.51 15.33
N VAL A 33 1.75 5.50 14.93
CA VAL A 33 0.44 5.74 15.54
C VAL A 33 -0.43 6.63 14.65
N PRO A 34 0.06 7.84 14.30
CA PRO A 34 -0.70 8.77 13.46
C PRO A 34 -1.11 8.17 12.12
N THR A 35 -2.17 7.36 12.15
CA THR A 35 -2.68 6.72 10.94
C THR A 35 -4.13 7.09 10.68
N VAL A 36 -4.75 7.82 11.61
CA VAL A 36 -6.15 8.23 11.47
C VAL A 36 -6.27 9.56 10.75
N PHE A 37 -5.13 10.19 10.42
CA PHE A 37 -5.15 11.47 9.73
C PHE A 37 -5.37 11.30 8.21
N ASP A 38 -5.69 10.07 7.79
CA ASP A 38 -5.92 9.79 6.38
C ASP A 38 -6.93 10.77 5.78
N ASN A 39 -7.31 10.53 4.52
CA ASN A 39 -8.27 11.39 3.83
C ASN A 39 -7.88 12.85 3.97
N TYR A 40 -6.61 13.11 4.19
CA TYR A 40 -6.10 14.47 4.35
C TYR A 40 -6.27 15.25 3.05
N ALA A 41 -5.74 16.47 3.02
CA ALA A 41 -5.83 17.31 1.84
C ALA A 41 -4.45 17.74 1.35
N VAL A 42 -4.34 17.98 0.05
CA VAL A 42 -3.07 18.41 -0.54
C VAL A 42 -3.31 19.38 -1.70
N THR A 43 -2.31 20.20 -1.99
CA THR A 43 -2.41 21.18 -3.06
C THR A 43 -1.30 20.99 -4.09
N VAL A 44 -1.67 20.46 -5.26
CA VAL A 44 -0.70 20.23 -6.33
C VAL A 44 -1.40 20.17 -7.68
N MET A 45 -0.63 19.92 -8.74
CA MET A 45 -1.18 19.85 -10.09
C MET A 45 -1.24 18.40 -10.60
N ILE A 46 -2.40 17.77 -10.45
CA ILE A 46 -2.59 16.38 -10.91
C ILE A 46 -2.75 16.33 -12.42
N GLY A 47 -1.62 16.26 -13.12
CA GLY A 47 -1.63 16.19 -14.58
C GLY A 47 -2.67 17.09 -15.23
N GLY A 48 -3.86 16.53 -15.49
CA GLY A 48 -4.94 17.26 -16.11
C GLY A 48 -5.02 18.72 -15.71
N GLU A 49 -5.72 18.99 -14.61
CA GLU A 49 -5.88 20.36 -14.12
C GLU A 49 -5.63 20.43 -12.62
N PRO A 50 -5.31 21.62 -12.10
CA PRO A 50 -5.04 21.81 -10.68
C PRO A 50 -6.07 21.10 -9.81
N TYR A 51 -5.69 19.94 -9.31
CA TYR A 51 -6.56 19.15 -8.45
C TYR A 51 -5.78 18.03 -7.77
N THR A 52 -6.25 17.59 -6.62
CA THR A 52 -5.59 16.53 -5.88
C THR A 52 -6.60 15.52 -5.32
N LEU A 53 -6.14 14.29 -5.12
CA LEU A 53 -6.98 13.24 -4.60
C LEU A 53 -7.04 13.30 -3.08
N GLY A 54 -7.97 12.54 -2.50
CA GLY A 54 -8.12 12.52 -1.05
C GLY A 54 -7.57 11.27 -0.42
N LEU A 55 -7.55 10.18 -1.19
CA LEU A 55 -7.04 8.90 -0.69
C LEU A 55 -7.72 8.51 0.62
N PHE A 56 -8.80 7.75 0.51
CA PHE A 56 -9.53 7.31 1.69
C PHE A 56 -8.90 6.05 2.27
N ASP A 57 -8.20 6.20 3.39
CA ASP A 57 -7.55 5.07 4.03
C ASP A 57 -8.29 4.64 5.29
N THR A 58 -7.94 3.46 5.79
CA THR A 58 -8.57 2.93 6.99
C THR A 58 -7.82 3.36 8.24
N ALA A 59 -8.54 3.43 9.35
CA ALA A 59 -7.96 3.83 10.62
C ALA A 59 -8.95 3.63 11.76
N GLY A 60 -8.79 2.54 12.50
CA GLY A 60 -9.69 2.27 13.60
C GLY A 60 -9.13 2.67 14.94
N LEU A 61 -9.03 3.98 15.18
CA LEU A 61 -8.50 4.49 16.44
C LEU A 61 -9.56 5.36 17.15
N GLU A 62 -9.36 6.68 17.17
CA GLU A 62 -10.31 7.56 17.83
C GLU A 62 -11.25 8.22 16.82
N ASP A 63 -10.80 8.33 15.57
CA ASP A 63 -11.60 8.94 14.52
C ASP A 63 -12.78 8.07 14.12
N TYR A 64 -12.49 6.88 13.59
CA TYR A 64 -13.55 5.96 13.17
C TYR A 64 -13.08 4.51 13.26
N ASP A 65 -13.73 3.75 14.12
CA ASP A 65 -13.38 2.34 14.31
C ASP A 65 -14.08 1.44 13.29
N ARG A 66 -15.09 1.99 12.61
CA ARG A 66 -15.83 1.24 11.61
C ARG A 66 -15.34 1.51 10.19
N LEU A 67 -15.23 2.80 9.84
CA LEU A 67 -14.79 3.19 8.52
C LEU A 67 -15.86 2.84 7.47
N ARG A 68 -15.45 2.51 6.25
CA ARG A 68 -16.43 2.16 5.21
C ARG A 68 -15.74 1.64 3.95
N PRO A 69 -14.90 2.47 3.31
CA PRO A 69 -14.19 2.11 2.08
C PRO A 69 -13.76 0.63 2.06
N LEU A 70 -12.93 0.25 3.02
CA LEU A 70 -12.44 -1.12 3.11
C LEU A 70 -13.57 -2.13 2.93
N SER A 71 -14.79 -1.72 3.28
CA SER A 71 -15.95 -2.60 3.17
C SER A 71 -16.39 -2.76 1.71
N TYR A 72 -16.94 -1.68 1.14
CA TYR A 72 -17.40 -1.71 -0.24
C TYR A 72 -16.33 -1.16 -1.19
N PRO A 73 -16.32 -1.65 -2.44
CA PRO A 73 -15.35 -1.21 -3.45
C PRO A 73 -15.69 0.16 -4.04
N GLN A 74 -14.77 1.10 -3.88
CA GLN A 74 -14.97 2.46 -4.39
C GLN A 74 -14.19 2.66 -5.69
N THR A 75 -12.86 2.51 -5.61
CA THR A 75 -12.01 2.68 -6.78
C THR A 75 -11.98 1.42 -7.63
N ASP A 76 -11.20 1.46 -8.70
CA ASP A 76 -11.07 0.32 -9.60
C ASP A 76 -9.74 -0.41 -9.40
N VAL A 77 -8.99 -0.02 -8.37
CA VAL A 77 -7.71 -0.64 -8.08
C VAL A 77 -7.32 -0.46 -6.62
N PHE A 78 -7.41 -1.55 -5.86
CA PHE A 78 -7.06 -1.52 -4.44
C PHE A 78 -5.56 -1.68 -4.25
N LEU A 79 -5.13 -1.71 -3.00
CA LEU A 79 -3.70 -1.85 -2.69
C LEU A 79 -3.43 -3.12 -1.88
N VAL A 80 -2.65 -4.02 -2.45
CA VAL A 80 -2.29 -5.27 -1.79
C VAL A 80 -0.81 -5.28 -1.44
N CYS A 81 -0.51 -5.00 -0.17
CA CYS A 81 0.87 -4.97 0.29
C CYS A 81 1.18 -6.13 1.21
N PHE A 82 2.36 -6.73 1.01
CA PHE A 82 2.80 -7.85 1.82
C PHE A 82 4.32 -7.82 1.99
N SER A 83 4.80 -8.25 3.15
CA SER A 83 6.23 -8.26 3.42
C SER A 83 6.90 -9.51 2.85
N VAL A 84 7.98 -9.31 2.12
CA VAL A 84 8.73 -10.41 1.52
C VAL A 84 8.94 -11.55 2.51
N VAL A 85 9.85 -11.33 3.46
CA VAL A 85 10.16 -12.34 4.47
C VAL A 85 8.89 -12.99 5.01
N SER A 86 8.75 -14.30 4.81
CA SER A 86 7.59 -15.03 5.27
C SER A 86 7.92 -16.49 5.57
N PRO A 87 7.42 -17.03 6.69
CA PRO A 87 7.65 -18.41 7.09
C PRO A 87 6.55 -19.34 6.57
N SER A 88 6.29 -19.27 5.27
CA SER A 88 5.26 -20.10 4.64
C SER A 88 3.88 -19.48 4.84
N SER A 89 3.84 -18.17 5.02
CA SER A 89 2.58 -17.46 5.22
C SER A 89 2.08 -16.86 3.91
N PHE A 90 3.00 -16.59 3.00
CA PHE A 90 2.67 -16.02 1.70
C PHE A 90 1.62 -16.87 0.99
N GLU A 91 1.84 -18.18 0.96
CA GLU A 91 0.92 -19.10 0.31
C GLU A 91 -0.50 -18.90 0.81
N ASN A 92 -0.69 -19.03 2.12
CA ASN A 92 -2.01 -18.86 2.72
C ASN A 92 -2.61 -17.51 2.36
N VAL A 93 -1.79 -16.47 2.41
CA VAL A 93 -2.23 -15.12 2.08
C VAL A 93 -2.88 -15.07 0.70
N LYS A 94 -2.23 -15.70 -0.27
CA LYS A 94 -2.73 -15.73 -1.64
C LYS A 94 -4.12 -16.36 -1.70
N GLU A 95 -4.23 -17.59 -1.18
CA GLU A 95 -5.50 -18.31 -1.18
C GLU A 95 -6.43 -17.82 -0.08
N LYS A 96 -5.97 -16.82 0.70
CA LYS A 96 -6.78 -16.27 1.78
C LYS A 96 -7.20 -14.84 1.47
N TRP A 97 -6.45 -14.18 0.60
CA TRP A 97 -6.74 -12.80 0.23
C TRP A 97 -7.62 -12.74 -1.02
N VAL A 98 -7.15 -13.37 -2.09
CA VAL A 98 -7.90 -13.40 -3.35
C VAL A 98 -9.39 -13.65 -3.13
N PRO A 99 -9.75 -14.76 -2.46
CA PRO A 99 -11.17 -15.08 -2.21
C PRO A 99 -11.85 -14.04 -1.32
N GLU A 100 -11.05 -13.24 -0.63
CA GLU A 100 -11.58 -12.19 0.25
C GLU A 100 -11.77 -10.89 -0.52
N ILE A 101 -10.76 -10.52 -1.30
CA ILE A 101 -10.81 -9.29 -2.08
C ILE A 101 -12.08 -9.22 -2.92
N THR A 102 -12.28 -10.23 -3.77
CA THR A 102 -13.45 -10.29 -4.64
C THR A 102 -14.73 -10.43 -3.82
N HIS A 103 -14.61 -10.92 -2.60
CA HIS A 103 -15.76 -11.10 -1.73
C HIS A 103 -16.38 -9.76 -1.36
N HIS A 104 -15.66 -8.96 -0.57
CA HIS A 104 -16.15 -7.65 -0.16
C HIS A 104 -16.03 -6.64 -1.29
N CYS A 105 -15.09 -6.87 -2.19
CA CYS A 105 -14.87 -5.98 -3.33
C CYS A 105 -14.99 -6.73 -4.65
N PRO A 106 -16.23 -7.07 -5.06
CA PRO A 106 -16.48 -7.79 -6.31
C PRO A 106 -15.91 -7.06 -7.52
N LYS A 107 -15.19 -7.80 -8.36
CA LYS A 107 -14.59 -7.22 -9.56
C LYS A 107 -13.80 -5.95 -9.22
N THR A 108 -13.11 -5.99 -8.08
CA THR A 108 -12.31 -4.84 -7.65
C THR A 108 -10.82 -5.12 -7.78
N PRO A 109 -10.18 -4.59 -8.83
CA PRO A 109 -8.75 -4.80 -9.07
C PRO A 109 -7.89 -4.27 -7.94
N PHE A 110 -6.59 -4.57 -8.00
CA PHE A 110 -5.65 -4.14 -6.97
C PHE A 110 -4.22 -4.12 -7.51
N LEU A 111 -3.27 -3.79 -6.65
CA LEU A 111 -1.87 -3.75 -7.04
C LEU A 111 -0.96 -4.26 -5.93
N LEU A 112 0.21 -4.78 -6.32
CA LEU A 112 1.17 -5.30 -5.36
C LEU A 112 2.30 -4.29 -5.14
N VAL A 113 3.03 -4.45 -4.03
CA VAL A 113 4.13 -3.55 -3.72
C VAL A 113 5.33 -4.30 -3.17
N GLY A 114 6.52 -3.70 -3.32
CA GLY A 114 7.73 -4.32 -2.84
C GLY A 114 8.68 -3.32 -2.21
N THR A 115 8.89 -3.44 -0.91
CA THR A 115 9.78 -2.54 -0.18
C THR A 115 10.83 -3.32 0.59
N GLN A 116 10.38 -4.34 1.33
CA GLN A 116 11.28 -5.18 2.11
C GLN A 116 12.26 -5.91 1.19
N ILE A 117 11.95 -5.94 -0.10
CA ILE A 117 12.78 -6.60 -1.09
C ILE A 117 14.28 -6.35 -0.84
N ASP A 118 14.59 -5.21 -0.24
CA ASP A 118 15.96 -4.85 0.05
C ASP A 118 16.59 -5.78 1.09
N LEU A 119 15.77 -6.32 1.99
CA LEU A 119 16.28 -7.21 3.03
C LEU A 119 15.91 -8.66 2.76
N ARG A 120 15.47 -8.96 1.54
CA ARG A 120 15.10 -10.32 1.19
C ARG A 120 16.33 -11.22 1.17
N ASP A 121 17.51 -10.60 1.05
CA ASP A 121 18.76 -11.36 1.03
C ASP A 121 19.25 -11.62 2.46
N ASP A 122 18.85 -10.75 3.38
CA ASP A 122 19.24 -10.88 4.78
C ASP A 122 18.97 -12.30 5.28
N PRO A 123 20.03 -13.12 5.43
CA PRO A 123 19.89 -14.50 5.91
C PRO A 123 19.41 -14.61 7.35
N SER A 124 19.34 -13.47 8.03
CA SER A 124 18.89 -13.45 9.41
C SER A 124 17.38 -13.65 9.47
N THR A 125 16.65 -12.68 8.95
CA THR A 125 15.20 -12.77 8.93
C THR A 125 14.80 -14.01 8.15
N ILE A 126 15.52 -14.26 7.07
CA ILE A 126 15.26 -15.42 6.23
C ILE A 126 15.27 -16.69 7.08
N GLU A 127 16.28 -16.78 7.96
CA GLU A 127 16.41 -17.91 8.84
C GLU A 127 15.16 -18.07 9.68
N LYS A 128 14.58 -16.94 10.09
CA LYS A 128 13.36 -16.97 10.88
C LYS A 128 12.25 -17.60 10.07
N LEU A 129 12.32 -17.41 8.76
CA LEU A 129 11.35 -18.00 7.85
C LEU A 129 11.64 -19.48 7.73
N ALA A 130 12.92 -19.80 7.70
CA ALA A 130 13.38 -21.18 7.60
C ALA A 130 12.60 -22.08 8.54
N LYS A 131 12.20 -21.55 9.69
CA LYS A 131 11.44 -22.31 10.67
C LYS A 131 10.28 -23.03 10.00
N ASN A 132 9.70 -22.38 8.99
CA ASN A 132 8.56 -22.94 8.26
C ASN A 132 8.87 -23.03 6.75
N LYS A 133 9.67 -22.10 6.25
CA LYS A 133 10.03 -22.09 4.83
C LYS A 133 11.48 -21.64 4.62
N GLN A 134 11.67 -20.36 4.23
CA GLN A 134 13.01 -19.75 3.97
C GLN A 134 13.00 -19.02 2.63
N LYS A 135 12.07 -19.41 1.75
CA LYS A 135 11.97 -18.80 0.43
C LYS A 135 11.51 -17.35 0.50
N PRO A 136 12.40 -16.39 0.19
CA PRO A 136 12.07 -14.97 0.21
C PRO A 136 11.33 -14.54 -1.06
N ILE A 137 10.27 -13.78 -0.89
CA ILE A 137 9.47 -13.32 -2.02
C ILE A 137 10.31 -12.40 -2.90
N THR A 138 10.88 -12.95 -3.96
CA THR A 138 11.70 -12.19 -4.89
C THR A 138 10.86 -11.20 -5.67
N PRO A 139 11.42 -10.02 -6.00
CA PRO A 139 10.71 -8.99 -6.75
C PRO A 139 9.93 -9.58 -7.93
N GLU A 140 10.42 -10.69 -8.46
CA GLU A 140 9.77 -11.35 -9.58
C GLU A 140 8.56 -12.15 -9.11
N THR A 141 8.68 -12.76 -7.94
CA THR A 141 7.60 -13.55 -7.37
C THR A 141 6.31 -12.73 -7.29
N ALA A 142 6.38 -11.59 -6.62
CA ALA A 142 5.23 -10.72 -6.47
C ALA A 142 4.63 -10.39 -7.83
N GLU A 143 5.48 -10.24 -8.83
CA GLU A 143 5.05 -9.93 -10.19
C GLU A 143 4.24 -11.08 -10.76
N LYS A 144 4.67 -12.30 -10.47
CA LYS A 144 4.00 -13.49 -10.96
C LYS A 144 2.58 -13.59 -10.39
N LEU A 145 2.47 -13.45 -9.07
CA LEU A 145 1.17 -13.50 -8.42
C LEU A 145 0.34 -12.27 -8.75
N ALA A 146 1.02 -11.14 -8.91
CA ALA A 146 0.35 -9.88 -9.23
C ALA A 146 -0.24 -9.93 -10.63
N ARG A 147 0.55 -10.43 -11.58
CA ARG A 147 0.09 -10.53 -12.97
C ARG A 147 -0.90 -11.69 -13.12
N ASP A 148 -0.84 -12.65 -12.21
CA ASP A 148 -1.73 -13.81 -12.26
C ASP A 148 -3.18 -13.36 -12.26
N LEU A 149 -3.52 -12.44 -11.37
CA LEU A 149 -4.88 -11.93 -11.26
C LEU A 149 -5.04 -10.63 -12.06
N LYS A 150 -4.13 -10.40 -13.00
CA LYS A 150 -4.16 -9.19 -13.82
C LYS A 150 -4.44 -7.95 -12.99
N ALA A 151 -3.83 -7.88 -11.82
CA ALA A 151 -4.01 -6.74 -10.93
C ALA A 151 -3.57 -5.45 -11.61
N VAL A 152 -2.26 -5.20 -11.59
CA VAL A 152 -1.71 -4.00 -12.21
C VAL A 152 -0.21 -4.18 -12.48
N LYS A 153 0.59 -4.14 -11.43
CA LYS A 153 2.03 -4.27 -11.57
C LYS A 153 2.72 -4.13 -10.22
N TYR A 154 3.68 -5.02 -9.96
CA TYR A 154 4.43 -4.98 -8.71
C TYR A 154 5.78 -4.28 -8.92
N VAL A 155 5.93 -3.11 -8.31
CA VAL A 155 7.16 -2.33 -8.44
C VAL A 155 7.87 -2.23 -7.09
N GLU A 156 8.94 -1.43 -7.04
CA GLU A 156 9.69 -1.25 -5.80
C GLU A 156 9.14 -0.10 -4.96
N CYS A 157 9.51 -0.07 -3.69
CA CYS A 157 9.05 0.97 -2.78
C CYS A 157 10.20 1.55 -1.97
N SER A 158 9.88 2.40 -1.00
CA SER A 158 10.89 3.01 -0.15
C SER A 158 10.56 2.83 1.33
N ALA A 159 11.59 2.72 2.15
CA ALA A 159 11.41 2.54 3.59
C ALA A 159 12.74 2.18 4.25
N LEU A 160 13.35 1.09 3.80
CA LEU A 160 14.62 0.64 4.35
C LEU A 160 15.78 1.05 3.43
N THR A 161 15.73 0.57 2.19
CA THR A 161 16.76 0.89 1.21
C THR A 161 16.43 2.19 0.50
N GLN A 162 15.14 2.52 0.44
CA GLN A 162 14.69 3.75 -0.20
C GLN A 162 14.79 3.64 -1.72
N LYS A 163 13.85 2.94 -2.33
CA LYS A 163 13.83 2.76 -3.78
C LYS A 163 13.06 3.89 -4.46
N GLY A 164 12.20 4.56 -3.70
CA GLY A 164 11.42 5.65 -4.27
C GLY A 164 10.00 5.71 -3.74
N LEU A 165 9.41 4.55 -3.51
CA LEU A 165 8.04 4.46 -3.01
C LEU A 165 7.05 4.94 -4.05
N LYS A 166 7.14 6.22 -4.41
CA LYS A 166 6.25 6.80 -5.40
C LYS A 166 6.15 5.93 -6.64
N ASN A 167 7.23 5.23 -6.96
CA ASN A 167 7.26 4.36 -8.14
C ASN A 167 6.13 3.33 -8.10
N VAL A 168 6.25 2.35 -7.20
CA VAL A 168 5.23 1.32 -7.08
C VAL A 168 3.87 1.92 -6.77
N PHE A 169 3.84 2.83 -5.80
CA PHE A 169 2.59 3.48 -5.43
C PHE A 169 1.97 4.17 -6.63
N ASP A 170 2.82 4.75 -7.48
CA ASP A 170 2.34 5.42 -8.68
C ASP A 170 1.57 4.43 -9.54
N GLU A 171 2.05 3.20 -9.58
CA GLU A 171 1.41 2.16 -10.35
C GLU A 171 0.04 1.84 -9.76
N ALA A 172 -0.07 1.98 -8.44
CA ALA A 172 -1.31 1.73 -7.73
C ALA A 172 -2.36 2.75 -8.12
N ILE A 173 -1.91 3.96 -8.45
CA ILE A 173 -2.82 5.04 -8.85
C ILE A 173 -3.01 5.00 -10.37
N LEU A 174 -2.01 4.47 -11.07
CA LEU A 174 -2.07 4.38 -12.53
C LEU A 174 -3.39 3.75 -12.97
N ALA A 175 -3.76 2.65 -12.33
CA ALA A 175 -5.00 1.96 -12.64
C ALA A 175 -6.21 2.87 -12.43
N ALA A 176 -6.03 3.89 -11.59
CA ALA A 176 -7.12 4.83 -11.30
C ALA A 176 -7.00 6.08 -12.16
N LEU A 177 -5.77 6.54 -12.37
CA LEU A 177 -5.52 7.73 -13.18
C LEU A 177 -5.85 7.47 -14.65
N GLU A 178 -5.85 6.19 -15.04
CA GLU A 178 -6.16 5.82 -16.42
C GLU A 178 -6.23 4.30 -16.55
N PRO A 179 -6.92 3.81 -17.61
CA PRO A 179 -7.07 2.37 -17.85
C PRO A 179 -5.77 1.73 -18.35
N PRO A 180 -5.14 0.88 -17.52
CA PRO A 180 -3.89 0.21 -17.88
C PRO A 180 -4.12 -1.04 -18.70
N GLU A 181 -3.06 -1.54 -19.34
CA GLU A 181 -3.15 -2.75 -20.15
C GLU A 181 -2.35 -3.88 -19.52
N PRO A 182 -3.03 -4.91 -19.01
CA PRO A 182 -2.37 -6.07 -18.37
C PRO A 182 -1.66 -6.95 -19.38
N LYS A 183 -1.30 -8.15 -18.95
CA LYS A 183 -0.61 -9.10 -19.82
C LYS A 183 -1.57 -9.69 -20.84
N LYS A 184 -1.74 -9.00 -21.97
CA LYS A 184 -2.64 -9.44 -23.02
C LYS A 184 -2.02 -9.18 -24.39
N GLY B 1 4.60 16.17 -14.37
CA GLY B 1 4.93 15.43 -15.63
C GLY B 1 5.38 14.00 -15.35
N SER B 2 4.43 13.14 -15.02
CA SER B 2 4.73 11.74 -14.74
C SER B 2 4.99 10.96 -16.03
N GLY B 3 3.92 10.53 -16.69
CA GLY B 3 4.06 9.78 -17.92
C GLY B 3 4.07 8.28 -17.69
N LEU B 4 2.95 7.63 -18.01
CA LEU B 4 2.84 6.18 -17.82
C LEU B 4 1.56 5.65 -18.47
N SER B 5 1.23 6.19 -19.64
CA SER B 5 0.04 5.76 -20.36
C SER B 5 -1.22 6.19 -19.62
N ALA B 6 -1.13 7.34 -18.94
CA ALA B 6 -2.24 7.87 -18.18
C ALA B 6 -2.41 9.36 -18.44
N GLN B 7 -2.18 9.76 -19.68
CA GLN B 7 -2.28 11.18 -20.05
C GLN B 7 -1.08 11.96 -19.52
N ASP B 8 -0.13 11.25 -18.88
CA ASP B 8 1.05 11.88 -18.33
C ASP B 8 0.71 12.72 -17.10
N ILE B 9 -0.15 12.16 -16.24
CA ILE B 9 -0.56 12.84 -15.02
C ILE B 9 0.30 12.41 -13.85
N SER B 10 0.67 13.36 -13.01
CA SER B 10 1.52 13.08 -11.85
C SER B 10 0.74 13.16 -10.53
N GLN B 11 1.15 12.35 -9.56
CA GLN B 11 0.51 12.34 -8.25
C GLN B 11 1.35 13.14 -7.25
N PRO B 12 2.55 12.64 -6.87
CA PRO B 12 3.43 13.36 -5.95
C PRO B 12 4.17 14.48 -6.65
N LEU B 13 3.46 15.56 -6.96
CA LEU B 13 4.04 16.69 -7.67
C LEU B 13 4.84 17.61 -6.74
N GLN B 14 4.20 18.66 -6.24
CA GLN B 14 4.88 19.62 -5.37
C GLN B 14 5.23 19.01 -4.01
N ASN B 15 4.25 19.01 -3.10
CA ASN B 15 4.46 18.48 -1.76
C ASN B 15 3.50 17.35 -1.46
N SER B 16 2.26 17.47 -1.94
CA SER B 16 1.25 16.46 -1.70
C SER B 16 1.07 16.19 -0.21
N PHE B 17 1.38 17.20 0.61
CA PHE B 17 1.25 17.08 2.05
C PHE B 17 1.26 18.45 2.72
N ILE B 18 0.09 18.88 3.20
CA ILE B 18 -0.03 20.17 3.86
C ILE B 18 -0.23 20.00 5.36
N HIS B 19 -1.48 19.80 5.78
CA HIS B 19 -1.80 19.61 7.19
C HIS B 19 -3.27 19.28 7.37
N THR B 20 -3.56 18.00 7.61
CA THR B 20 -4.93 17.55 7.81
C THR B 20 -4.97 16.33 8.72
N GLY B 21 -6.17 15.84 9.00
CA GLY B 21 -6.32 14.69 9.86
C GLY B 21 -5.73 14.91 11.24
N HIS B 22 -6.15 14.08 12.20
CA HIS B 22 -5.64 14.21 13.56
C HIS B 22 -5.34 12.84 14.16
N GLY B 23 -6.37 12.19 14.72
CA GLY B 23 -6.18 10.88 15.31
C GLY B 23 -5.88 10.96 16.79
N ASP B 24 -4.58 10.89 17.14
CA ASP B 24 -4.16 10.96 18.54
C ASP B 24 -4.44 9.65 19.27
N SER B 25 -3.58 8.66 19.04
CA SER B 25 -3.72 7.36 19.68
C SER B 25 -2.52 7.07 20.57
N ASP B 26 -2.68 7.31 21.87
CA ASP B 26 -1.60 7.07 22.83
C ASP B 26 -0.92 5.73 22.57
N PRO B 27 -1.71 4.65 22.46
CA PRO B 27 -1.18 3.30 22.22
C PRO B 27 -0.58 3.16 20.84
N ARG B 28 0.71 2.85 20.81
CA ARG B 28 1.43 2.70 19.56
C ARG B 28 1.60 1.23 19.20
N HIS B 29 1.83 0.40 20.22
CA HIS B 29 2.01 -1.03 20.02
C HIS B 29 3.33 -1.32 19.27
N CYS B 30 4.16 -0.29 19.10
CA CYS B 30 5.43 -0.44 18.40
C CYS B 30 5.24 -1.17 17.07
N TRP B 31 6.35 -1.48 16.41
CA TRP B 31 6.31 -2.17 15.12
C TRP B 31 5.77 -3.59 15.28
N GLY B 32 6.49 -4.41 16.04
CA GLY B 32 6.06 -5.77 16.26
C GLY B 32 6.72 -6.75 15.30
N PHE B 33 5.90 -7.43 14.50
CA PHE B 33 6.41 -8.40 13.54
C PHE B 33 6.03 -7.99 12.12
N PRO B 34 6.85 -8.38 11.12
CA PRO B 34 6.60 -8.05 9.72
C PRO B 34 5.22 -8.52 9.25
N ASP B 35 4.20 -7.71 9.53
CA ASP B 35 2.83 -8.05 9.15
C ASP B 35 1.84 -7.06 9.75
N ARG B 36 1.71 -5.90 9.11
CA ARG B 36 0.79 -4.87 9.59
C ARG B 36 -0.60 -5.43 9.82
N ILE B 37 -1.16 -5.10 10.96
CA ILE B 37 -2.49 -5.57 11.31
C ILE B 37 -3.47 -5.28 10.18
N ASP B 38 -4.27 -6.27 9.82
CA ASP B 38 -5.25 -6.12 8.75
C ASP B 38 -5.92 -4.76 8.79
N GLU B 39 -5.73 -3.97 7.73
CA GLU B 39 -6.31 -2.64 7.64
C GLU B 39 -7.78 -2.65 8.03
N LEU B 40 -8.42 -3.82 7.87
CA LEU B 40 -9.84 -3.98 8.21
C LEU B 40 -10.19 -3.21 9.48
N TYR B 41 -9.31 -3.30 10.47
CA TYR B 41 -9.50 -2.62 11.74
C TYR B 41 -8.58 -1.40 11.84
N LEU B 42 -7.27 -1.65 11.75
CA LEU B 42 -6.28 -0.59 11.83
C LEU B 42 -6.37 0.15 13.16
N GLY B 43 -5.27 0.18 13.89
CA GLY B 43 -5.25 0.86 15.17
C GLY B 43 -4.06 0.46 16.02
N ASN B 44 -3.09 1.37 16.12
CA ASN B 44 -1.88 1.12 16.89
C ASN B 44 -2.23 0.96 18.38
MG MG C . 0.77 3.90 10.11
PG GNP D . 1.90 0.97 11.73
O1G GNP D . 1.16 -0.27 11.38
O2G GNP D . 1.16 2.25 11.67
O3G GNP D . 2.37 0.79 13.26
N3B GNP D . 3.18 1.08 10.68
PB GNP D . 3.01 1.50 9.07
O1B GNP D . 2.05 0.55 8.48
O2B GNP D . 2.66 2.95 9.04
O3A GNP D . 4.38 1.35 8.23
PA GNP D . 5.75 0.59 8.61
O1A GNP D . 6.84 1.57 8.65
O2A GNP D . 5.48 -0.28 9.78
O5' GNP D . 5.97 -0.36 7.32
C5' GNP D . 7.22 -0.36 6.62
C4' GNP D . 7.80 -1.76 6.49
O4' GNP D . 6.78 -2.70 6.10
C3' GNP D . 8.89 -1.81 5.46
O3' GNP D . 10.19 -1.96 6.06
C2' GNP D . 8.60 -2.97 4.56
O2' GNP D . 9.61 -3.98 4.66
C1' GNP D . 7.26 -3.52 5.02
N9 GNP D . 6.29 -3.53 3.90
C8 GNP D . 5.11 -2.88 3.78
N7 GNP D . 4.43 -3.04 2.71
C5 GNP D . 5.25 -3.90 1.97
C6 GNP D . 5.07 -4.47 0.67
O6 GNP D . 4.12 -4.31 -0.10
N1 GNP D . 6.14 -5.30 0.30
C2 GNP D . 7.26 -5.55 1.09
N2 GNP D . 8.18 -6.36 0.57
N3 GNP D . 7.43 -5.03 2.33
C4 GNP D . 6.40 -4.21 2.70
HNB3 GNP D . 4.09 0.92 11.02
H5'2 GNP D . 7.07 0.06 5.63
H5'1 GNP D . 7.93 0.26 7.16
H4' GNP D . 8.20 -2.08 7.46
H3' GNP D . 8.86 -0.92 4.86
HO3' GNP D . 10.49 -1.08 6.28
H2' GNP D . 8.52 -2.64 3.53
HO2' GNP D . 10.36 -3.58 5.12
H1' GNP D . 7.40 -4.52 5.37
H8 GNP D . 4.74 -2.25 4.59
HN1 GNP D . 6.07 -5.72 -0.59
HN21 GNP D . 8.05 -6.75 -0.34
HN22 GNP D . 9.02 -6.56 1.10
N MET A 1 -7.35 16.49 -16.40
CA MET A 1 -7.53 16.28 -14.94
C MET A 1 -7.51 14.79 -14.60
N GLN A 2 -8.69 14.15 -14.64
CA GLN A 2 -8.80 12.72 -14.33
C GLN A 2 -7.96 12.33 -13.12
N THR A 3 -8.62 12.22 -11.98
CA THR A 3 -7.94 11.86 -10.74
C THR A 3 -8.23 10.41 -10.35
N ILE A 4 -8.02 10.08 -9.08
CA ILE A 4 -8.23 8.72 -8.61
C ILE A 4 -8.52 8.67 -7.11
N LYS A 5 -9.05 7.52 -6.67
CA LYS A 5 -9.36 7.30 -5.27
C LYS A 5 -8.88 5.91 -4.84
N CYS A 6 -7.76 5.86 -4.13
CA CYS A 6 -7.18 4.59 -3.70
C CYS A 6 -7.44 4.33 -2.22
N VAL A 7 -7.40 3.06 -1.84
CA VAL A 7 -7.61 2.63 -0.47
C VAL A 7 -6.65 1.52 -0.10
N VAL A 8 -6.43 1.32 1.19
CA VAL A 8 -5.52 0.28 1.65
C VAL A 8 -6.26 -0.91 2.25
N VAL A 9 -5.74 -2.10 1.97
CA VAL A 9 -6.33 -3.34 2.48
C VAL A 9 -5.28 -4.44 2.51
N GLY A 10 -5.15 -5.11 3.64
CA GLY A 10 -4.17 -6.16 3.74
C GLY A 10 -3.71 -6.41 5.16
N ASP A 11 -2.68 -7.23 5.32
CA ASP A 11 -2.14 -7.56 6.62
C ASP A 11 -0.96 -6.65 6.97
N GLY A 12 -0.97 -5.44 6.41
CA GLY A 12 0.11 -4.49 6.67
C GLY A 12 -0.21 -3.11 6.15
N ALA A 13 0.79 -2.24 6.16
CA ALA A 13 0.62 -0.88 5.68
C ALA A 13 0.23 -0.87 4.20
N VAL A 14 0.69 -1.89 3.49
CA VAL A 14 0.38 -2.02 2.07
C VAL A 14 0.97 -0.87 1.26
N GLY A 15 0.39 0.33 1.40
CA GLY A 15 0.89 1.48 0.68
C GLY A 15 0.05 2.72 0.88
N LYS A 16 -0.08 3.16 2.13
CA LYS A 16 -0.84 4.37 2.43
C LYS A 16 0.10 5.57 2.56
N THR A 17 0.64 5.77 3.76
CA THR A 17 1.56 6.87 4.02
C THR A 17 3.01 6.39 3.99
N CYS A 18 3.24 5.18 4.48
CA CYS A 18 4.58 4.59 4.53
C CYS A 18 5.40 4.89 3.27
N LEU A 19 4.72 4.90 2.13
CA LEU A 19 5.42 5.17 0.86
C LEU A 19 5.84 6.63 0.76
N LEU A 20 4.86 7.51 0.64
CA LEU A 20 5.12 8.93 0.53
C LEU A 20 5.93 9.44 1.72
N ILE A 21 5.58 8.99 2.92
CA ILE A 21 6.29 9.41 4.12
C ILE A 21 7.74 8.94 4.07
N SER A 22 7.94 7.63 4.12
CA SER A 22 9.28 7.06 4.07
C SER A 22 10.12 7.69 2.97
N TYR A 23 9.46 8.19 1.92
CA TYR A 23 10.14 8.82 0.81
C TYR A 23 10.64 10.21 1.20
N THR A 24 9.70 11.14 1.42
CA THR A 24 10.05 12.49 1.80
C THR A 24 10.68 12.52 3.19
N THR A 25 10.06 11.82 4.12
CA THR A 25 10.55 11.74 5.49
C THR A 25 11.61 10.65 5.62
N ASN A 26 11.70 10.02 6.80
CA ASN A 26 12.67 8.97 7.02
C ASN A 26 12.30 8.12 8.23
N LYS A 27 10.99 8.00 8.48
CA LYS A 27 10.51 7.22 9.61
C LYS A 27 9.69 6.01 9.14
N PHE A 28 9.62 4.99 9.99
CA PHE A 28 8.87 3.78 9.66
C PHE A 28 8.60 2.95 10.93
N PRO A 29 9.66 2.47 11.61
CA PRO A 29 9.52 1.68 12.83
C PRO A 29 9.38 2.52 14.10
N SER A 30 9.73 3.80 14.00
CA SER A 30 9.65 4.71 15.13
C SER A 30 8.29 4.66 15.80
N GLU A 31 7.35 5.45 15.31
CA GLU A 31 6.01 5.50 15.87
C GLU A 31 5.01 6.05 14.86
N TYR A 32 4.06 5.24 14.45
CA TYR A 32 3.06 5.66 13.49
C TYR A 32 1.69 5.77 14.14
N VAL A 33 1.36 6.97 14.58
CA VAL A 33 0.08 7.22 15.23
C VAL A 33 -0.79 8.21 14.45
N PRO A 34 -0.27 9.40 14.09
CA PRO A 34 -1.02 10.39 13.35
C PRO A 34 -1.08 10.10 11.86
N THR A 35 -1.51 8.88 11.52
CA THR A 35 -1.60 8.47 10.12
C THR A 35 -3.04 8.59 9.63
N VAL A 36 -3.99 8.53 10.55
CA VAL A 36 -5.40 8.64 10.21
C VAL A 36 -5.67 9.87 9.34
N PHE A 37 -4.83 10.88 9.50
CA PHE A 37 -4.99 12.12 8.73
C PHE A 37 -5.01 11.82 7.23
N ASP A 38 -4.48 10.66 6.84
CA ASP A 38 -4.45 10.27 5.44
C ASP A 38 -5.79 10.53 4.75
N ASN A 39 -6.87 10.47 5.52
CA ASN A 39 -8.20 10.69 4.98
C ASN A 39 -8.40 12.16 4.61
N TYR A 40 -7.74 13.05 5.34
CA TYR A 40 -7.86 14.48 5.07
C TYR A 40 -7.40 14.81 3.67
N ALA A 41 -7.34 16.11 3.35
CA ALA A 41 -6.92 16.54 2.03
C ALA A 41 -5.48 17.04 2.04
N VAL A 42 -5.01 17.48 0.87
CA VAL A 42 -3.65 17.98 0.72
C VAL A 42 -3.63 19.19 -0.22
N THR A 43 -2.53 19.93 -0.21
CA THR A 43 -2.42 21.11 -1.07
C THR A 43 -1.41 20.90 -2.20
N VAL A 44 -1.93 20.62 -3.39
CA VAL A 44 -1.11 20.41 -4.58
C VAL A 44 -1.99 20.50 -5.82
N MET A 45 -1.40 20.28 -6.99
CA MET A 45 -2.15 20.33 -8.23
C MET A 45 -1.93 19.05 -9.07
N ILE A 46 -2.90 18.15 -9.02
CA ILE A 46 -2.83 16.89 -9.75
C ILE A 46 -2.60 17.11 -11.24
N GLY A 47 -1.34 16.92 -11.67
CA GLY A 47 -0.95 17.06 -13.06
C GLY A 47 -1.78 18.07 -13.85
N GLY A 48 -2.93 17.62 -14.37
CA GLY A 48 -3.80 18.49 -15.15
C GLY A 48 -3.93 19.88 -14.57
N GLU A 49 -4.74 20.01 -13.51
CA GLU A 49 -4.95 21.31 -12.88
C GLU A 49 -5.09 21.17 -11.36
N PRO A 50 -4.97 22.29 -10.63
CA PRO A 50 -5.09 22.29 -9.16
C PRO A 50 -6.31 21.51 -8.67
N TYR A 51 -6.05 20.29 -8.23
CA TYR A 51 -7.10 19.42 -7.72
C TYR A 51 -6.49 18.17 -7.11
N THR A 52 -7.00 17.75 -5.97
CA THR A 52 -6.48 16.56 -5.29
C THR A 52 -7.61 15.66 -4.81
N LEU A 53 -7.41 14.36 -5.00
CA LEU A 53 -8.40 13.37 -4.58
C LEU A 53 -8.40 13.22 -3.07
N GLY A 54 -9.30 12.37 -2.58
CA GLY A 54 -9.39 12.13 -1.14
C GLY A 54 -8.95 10.73 -0.77
N LEU A 55 -7.65 10.56 -0.56
CA LEU A 55 -7.11 9.25 -0.20
C LEU A 55 -7.93 8.62 0.92
N PHE A 56 -8.56 7.48 0.62
CA PHE A 56 -9.39 6.80 1.60
C PHE A 56 -8.55 5.91 2.50
N ASP A 57 -8.36 6.37 3.74
CA ASP A 57 -7.58 5.62 4.71
C ASP A 57 -8.35 5.50 6.02
N THR A 58 -8.77 4.29 6.34
CA THR A 58 -9.53 4.04 7.55
C THR A 58 -8.60 3.80 8.74
N ALA A 59 -8.83 4.50 9.83
CA ALA A 59 -8.02 4.36 11.03
C ALA A 59 -8.89 4.30 12.28
N GLY A 60 -8.87 3.15 12.95
CA GLY A 60 -9.66 2.97 14.16
C GLY A 60 -9.18 3.84 15.31
N LEU A 61 -9.27 5.16 15.13
CA LEU A 61 -8.83 6.09 16.16
C LEU A 61 -9.99 7.00 16.58
N GLU A 62 -9.67 8.01 17.40
CA GLU A 62 -10.68 8.96 17.87
C GLU A 62 -11.60 9.41 16.75
N ASP A 63 -11.02 9.74 15.60
CA ASP A 63 -11.79 10.19 14.45
C ASP A 63 -12.79 9.13 14.01
N TYR A 64 -12.28 7.98 13.59
CA TYR A 64 -13.14 6.89 13.12
C TYR A 64 -12.78 5.58 13.84
N ASP A 65 -13.80 4.89 14.34
CA ASP A 65 -13.59 3.63 15.04
C ASP A 65 -13.55 2.45 14.08
N ARG A 66 -14.69 2.13 13.48
CA ARG A 66 -14.78 1.02 12.54
C ARG A 66 -14.71 1.51 11.10
N LEU A 67 -15.27 2.68 10.84
CA LEU A 67 -15.26 3.26 9.50
C LEU A 67 -16.18 2.48 8.56
N ARG A 68 -15.68 1.33 8.04
CA ARG A 68 -16.45 0.44 7.12
C ARG A 68 -15.85 0.39 5.72
N PRO A 69 -15.44 1.53 5.14
CA PRO A 69 -14.87 1.58 3.79
C PRO A 69 -13.92 0.43 3.49
N LEU A 70 -12.97 0.20 4.40
CA LEU A 70 -12.00 -0.87 4.21
C LEU A 70 -12.71 -2.21 3.97
N SER A 71 -13.93 -2.32 4.47
CA SER A 71 -14.73 -3.54 4.30
C SER A 71 -14.77 -3.97 2.85
N TYR A 72 -15.43 -3.17 2.01
CA TYR A 72 -15.55 -3.48 0.59
C TYR A 72 -15.59 -2.21 -0.24
N PRO A 73 -14.44 -1.52 -0.39
CA PRO A 73 -14.35 -0.28 -1.16
C PRO A 73 -14.83 -0.47 -2.61
N GLN A 74 -15.07 0.64 -3.29
CA GLN A 74 -15.54 0.60 -4.67
C GLN A 74 -14.37 0.74 -5.65
N THR A 75 -13.23 1.22 -5.15
CA THR A 75 -12.04 1.40 -6.00
C THR A 75 -11.79 0.17 -6.85
N ASP A 76 -11.20 0.37 -8.02
CA ASP A 76 -10.89 -0.72 -8.94
C ASP A 76 -9.50 -1.28 -8.67
N VAL A 77 -8.63 -0.46 -8.08
CA VAL A 77 -7.27 -0.87 -7.78
C VAL A 77 -7.11 -1.17 -6.29
N PHE A 78 -7.32 -2.43 -5.92
CA PHE A 78 -7.19 -2.83 -4.52
C PHE A 78 -5.73 -3.06 -4.16
N LEU A 79 -5.26 -2.34 -3.14
CA LEU A 79 -3.88 -2.46 -2.69
C LEU A 79 -3.70 -3.71 -1.83
N VAL A 80 -2.99 -4.70 -2.36
CA VAL A 80 -2.73 -5.93 -1.64
C VAL A 80 -1.28 -6.00 -1.17
N CYS A 81 -1.08 -6.10 0.13
CA CYS A 81 0.27 -6.14 0.68
C CYS A 81 0.77 -7.57 0.90
N PHE A 82 2.08 -7.71 1.03
CA PHE A 82 2.72 -8.99 1.25
C PHE A 82 4.23 -8.81 1.35
N SER A 83 4.82 -9.25 2.46
CA SER A 83 6.26 -9.12 2.66
C SER A 83 6.99 -10.42 2.32
N VAL A 84 8.24 -10.29 1.89
CA VAL A 84 9.07 -11.43 1.52
C VAL A 84 9.09 -12.48 2.63
N VAL A 85 9.42 -12.05 3.85
CA VAL A 85 9.47 -12.97 4.98
C VAL A 85 8.17 -13.75 5.11
N SER A 86 8.25 -15.06 4.95
CA SER A 86 7.06 -15.90 5.04
C SER A 86 7.40 -17.30 5.53
N PRO A 87 6.69 -17.80 6.56
CA PRO A 87 6.91 -19.12 7.12
C PRO A 87 6.03 -20.17 6.44
N SER A 88 6.06 -20.20 5.11
CA SER A 88 5.27 -21.14 4.33
C SER A 88 3.80 -20.73 4.30
N SER A 89 3.53 -19.47 4.67
CA SER A 89 2.16 -18.96 4.67
C SER A 89 1.86 -18.17 3.39
N PHE A 90 2.91 -17.69 2.75
CA PHE A 90 2.77 -16.91 1.52
C PHE A 90 1.80 -17.60 0.54
N GLU A 91 2.13 -18.83 0.15
CA GLU A 91 1.30 -19.58 -0.78
C GLU A 91 -0.17 -19.56 -0.33
N ASN A 92 -0.39 -19.82 0.94
CA ASN A 92 -1.74 -19.82 1.50
C ASN A 92 -2.32 -18.41 1.54
N VAL A 93 -1.44 -17.43 1.75
CA VAL A 93 -1.86 -16.04 1.81
C VAL A 93 -2.58 -15.62 0.54
N LYS A 94 -1.83 -15.55 -0.56
CA LYS A 94 -2.39 -15.17 -1.86
C LYS A 94 -3.62 -16.02 -2.18
N GLU A 95 -3.46 -17.34 -2.11
CA GLU A 95 -4.55 -18.26 -2.39
C GLU A 95 -5.74 -17.98 -1.47
N LYS A 96 -5.46 -17.36 -0.32
CA LYS A 96 -6.49 -17.04 0.65
C LYS A 96 -6.92 -15.57 0.54
N TRP A 97 -6.15 -14.77 -0.19
CA TRP A 97 -6.46 -13.36 -0.35
C TRP A 97 -7.37 -13.13 -1.55
N VAL A 98 -6.94 -13.59 -2.73
CA VAL A 98 -7.73 -13.41 -3.95
C VAL A 98 -9.20 -13.79 -3.72
N PRO A 99 -9.47 -14.93 -3.06
CA PRO A 99 -10.84 -15.37 -2.80
C PRO A 99 -11.68 -14.31 -2.11
N GLU A 100 -11.06 -13.57 -1.19
CA GLU A 100 -11.77 -12.52 -0.45
C GLU A 100 -11.81 -11.22 -1.27
N ILE A 101 -10.79 -10.99 -2.06
CA ILE A 101 -10.72 -9.78 -2.89
C ILE A 101 -11.98 -9.65 -3.76
N THR A 102 -12.49 -10.80 -4.20
CA THR A 102 -13.69 -10.82 -5.04
C THR A 102 -14.94 -11.07 -4.20
N HIS A 103 -14.75 -11.67 -3.02
CA HIS A 103 -15.86 -11.96 -2.13
C HIS A 103 -16.49 -10.67 -1.60
N HIS A 104 -15.67 -9.62 -1.51
CA HIS A 104 -16.15 -8.33 -1.03
C HIS A 104 -16.62 -7.46 -2.19
N CYS A 105 -16.09 -7.73 -3.38
CA CYS A 105 -16.46 -6.98 -4.58
C CYS A 105 -16.47 -7.87 -5.81
N PRO A 106 -17.43 -7.67 -6.73
CA PRO A 106 -17.54 -8.47 -7.95
C PRO A 106 -16.35 -8.25 -8.88
N LYS A 107 -15.31 -9.08 -8.72
CA LYS A 107 -14.11 -8.97 -9.54
C LYS A 107 -13.48 -7.60 -9.40
N THR A 108 -12.56 -7.46 -8.44
CA THR A 108 -11.89 -6.19 -8.21
C THR A 108 -10.37 -6.34 -8.35
N PRO A 109 -9.76 -5.67 -9.34
CA PRO A 109 -8.31 -5.74 -9.56
C PRO A 109 -7.51 -5.25 -8.36
N PHE A 110 -6.28 -5.71 -8.25
CA PHE A 110 -5.40 -5.34 -7.15
C PHE A 110 -3.95 -5.24 -7.61
N LEU A 111 -3.20 -4.34 -6.98
CA LEU A 111 -1.81 -4.14 -7.32
C LEU A 111 -0.90 -4.66 -6.21
N LEU A 112 0.22 -5.27 -6.61
CA LEU A 112 1.17 -5.81 -5.64
C LEU A 112 2.33 -4.84 -5.42
N VAL A 113 2.81 -4.77 -4.19
CA VAL A 113 3.91 -3.87 -3.86
C VAL A 113 5.09 -4.63 -3.27
N GLY A 114 6.30 -4.19 -3.62
CA GLY A 114 7.51 -4.82 -3.10
C GLY A 114 8.33 -3.85 -2.28
N THR A 115 8.58 -4.21 -1.02
CA THR A 115 9.35 -3.34 -0.13
C THR A 115 10.35 -4.15 0.68
N GLN A 116 9.86 -5.15 1.41
CA GLN A 116 10.72 -5.99 2.21
C GLN A 116 11.77 -6.69 1.34
N ILE A 117 11.54 -6.72 0.03
CA ILE A 117 12.46 -7.36 -0.91
C ILE A 117 13.88 -6.80 -0.77
N ASP A 118 14.02 -5.64 -0.12
CA ASP A 118 15.32 -5.04 0.06
C ASP A 118 16.07 -5.66 1.24
N LEU A 119 15.32 -6.30 2.14
CA LEU A 119 15.92 -6.93 3.31
C LEU A 119 15.62 -8.43 3.36
N ARG A 120 14.92 -8.95 2.35
CA ARG A 120 14.58 -10.37 2.32
C ARG A 120 15.82 -11.22 2.55
N ASP A 121 16.98 -10.70 2.13
CA ASP A 121 18.24 -11.40 2.30
C ASP A 121 18.53 -11.66 3.77
N ASP A 122 17.90 -10.89 4.65
CA ASP A 122 18.09 -11.04 6.09
C ASP A 122 18.05 -12.51 6.49
N PRO A 123 19.21 -13.15 6.69
CA PRO A 123 19.30 -14.56 7.06
C PRO A 123 18.80 -14.84 8.48
N SER A 124 18.45 -13.78 9.21
CA SER A 124 17.95 -13.93 10.57
C SER A 124 16.47 -14.24 10.54
N THR A 125 15.69 -13.28 10.06
CA THR A 125 14.26 -13.47 9.94
C THR A 125 13.97 -14.71 9.12
N ILE A 126 14.81 -14.92 8.11
CA ILE A 126 14.68 -16.08 7.25
C ILE A 126 14.77 -17.36 8.07
N GLU A 127 15.66 -17.36 9.06
CA GLU A 127 15.84 -18.51 9.93
C GLU A 127 14.57 -18.75 10.72
N LYS A 128 13.83 -17.68 10.98
CA LYS A 128 12.58 -17.79 11.71
C LYS A 128 11.50 -18.39 10.82
N LEU A 129 11.24 -17.74 9.69
CA LEU A 129 10.27 -18.25 8.75
C LEU A 129 10.73 -19.59 8.21
N ALA A 130 12.05 -19.78 8.23
CA ALA A 130 12.66 -21.02 7.76
C ALA A 130 12.02 -22.21 8.43
N LYS A 131 11.78 -22.07 9.72
CA LYS A 131 11.17 -23.13 10.50
C LYS A 131 9.96 -23.74 9.79
N ASN A 132 9.34 -22.97 8.89
CA ASN A 132 8.17 -23.45 8.17
C ASN A 132 8.35 -23.41 6.65
N LYS A 133 9.14 -22.45 6.14
CA LYS A 133 9.34 -22.33 4.71
C LYS A 133 10.82 -22.19 4.35
N GLN A 134 11.39 -21.01 4.64
CA GLN A 134 12.79 -20.68 4.36
C GLN A 134 12.91 -19.86 3.08
N LYS A 135 12.22 -20.30 2.04
CA LYS A 135 12.26 -19.60 0.75
C LYS A 135 11.46 -18.30 0.81
N PRO A 136 12.14 -17.14 0.79
CA PRO A 136 11.46 -15.84 0.80
C PRO A 136 10.74 -15.59 -0.51
N ILE A 137 10.24 -14.38 -0.70
CA ILE A 137 9.54 -14.05 -1.93
C ILE A 137 10.33 -13.04 -2.76
N THR A 138 11.10 -13.56 -3.71
CA THR A 138 11.91 -12.73 -4.59
C THR A 138 11.04 -11.96 -5.56
N PRO A 139 11.48 -10.77 -5.99
CA PRO A 139 10.74 -9.93 -6.91
C PRO A 139 10.17 -10.72 -8.08
N GLU A 140 10.84 -11.81 -8.44
CA GLU A 140 10.39 -12.66 -9.53
C GLU A 140 9.14 -13.44 -9.15
N THR A 141 9.02 -13.76 -7.86
CA THR A 141 7.87 -14.50 -7.36
C THR A 141 6.63 -13.62 -7.34
N ALA A 142 6.76 -12.43 -6.74
CA ALA A 142 5.63 -11.50 -6.66
C ALA A 142 4.99 -11.30 -8.03
N GLU A 143 5.77 -10.79 -8.97
CA GLU A 143 5.28 -10.55 -10.32
C GLU A 143 4.68 -11.83 -10.91
N LYS A 144 5.34 -12.96 -10.65
CA LYS A 144 4.87 -14.25 -11.15
C LYS A 144 3.38 -14.44 -10.82
N LEU A 145 3.07 -14.47 -9.53
CA LEU A 145 1.69 -14.64 -9.09
C LEU A 145 0.84 -13.44 -9.47
N ALA A 146 1.46 -12.26 -9.47
CA ALA A 146 0.76 -11.04 -9.82
C ALA A 146 0.17 -11.13 -11.23
N ARG A 147 0.97 -11.64 -12.16
CA ARG A 147 0.52 -11.80 -13.54
C ARG A 147 -0.34 -13.04 -13.69
N ASP A 148 -0.14 -14.01 -12.81
CA ASP A 148 -0.90 -15.25 -12.85
C ASP A 148 -2.40 -14.97 -12.73
N LEU A 149 -2.76 -14.11 -11.78
CA LEU A 149 -4.16 -13.75 -11.57
C LEU A 149 -4.47 -12.38 -12.17
N LYS A 150 -3.66 -11.98 -13.16
CA LYS A 150 -3.83 -10.70 -13.84
C LYS A 150 -4.22 -9.59 -12.86
N ALA A 151 -3.39 -9.42 -11.83
CA ALA A 151 -3.65 -8.39 -10.83
C ALA A 151 -3.51 -6.99 -11.42
N VAL A 152 -2.27 -6.53 -11.52
CA VAL A 152 -1.98 -5.21 -12.07
C VAL A 152 -0.52 -5.10 -12.51
N LYS A 153 0.37 -4.99 -11.54
CA LYS A 153 1.79 -4.87 -11.82
C LYS A 153 2.60 -4.70 -10.53
N TYR A 154 3.45 -5.69 -10.24
CA TYR A 154 4.29 -5.66 -9.06
C TYR A 154 5.62 -5.00 -9.38
N VAL A 155 5.84 -3.80 -8.86
CA VAL A 155 7.07 -3.07 -9.11
C VAL A 155 8.02 -3.16 -7.92
N GLU A 156 9.30 -2.86 -8.17
CA GLU A 156 10.32 -2.92 -7.13
C GLU A 156 10.45 -1.58 -6.42
N CYS A 157 10.62 -1.63 -5.10
CA CYS A 157 10.76 -0.43 -4.29
C CYS A 157 10.91 -0.81 -2.82
N SER A 158 10.95 0.19 -1.94
CA SER A 158 11.10 -0.06 -0.51
C SER A 158 10.65 1.13 0.32
N ALA A 159 10.43 0.89 1.60
CA ALA A 159 10.00 1.94 2.52
C ALA A 159 11.09 2.17 3.57
N LEU A 160 11.66 1.09 4.07
CA LEU A 160 12.72 1.17 5.06
C LEU A 160 14.02 1.62 4.41
N THR A 161 14.17 1.30 3.13
CA THR A 161 15.36 1.68 2.38
C THR A 161 15.02 2.71 1.31
N GLN A 162 13.77 2.69 0.86
CA GLN A 162 13.31 3.63 -0.16
C GLN A 162 13.86 3.26 -1.54
N LYS A 163 13.37 2.17 -2.10
CA LYS A 163 13.82 1.73 -3.41
C LYS A 163 12.89 2.23 -4.51
N GLY A 164 12.16 3.31 -4.22
CA GLY A 164 11.26 3.88 -5.20
C GLY A 164 9.81 3.51 -4.94
N LEU A 165 9.40 3.58 -3.68
CA LEU A 165 8.03 3.26 -3.31
C LEU A 165 7.03 4.05 -4.15
N LYS A 166 7.46 5.19 -4.65
CA LYS A 166 6.60 6.03 -5.49
C LYS A 166 6.33 5.35 -6.83
N ASN A 167 7.21 4.45 -7.23
CA ASN A 167 7.06 3.73 -8.49
C ASN A 167 5.82 2.83 -8.44
N VAL A 168 5.89 1.76 -7.65
CA VAL A 168 4.78 0.84 -7.52
C VAL A 168 3.50 1.60 -7.17
N PHE A 169 3.61 2.49 -6.19
CA PHE A 169 2.47 3.29 -5.78
C PHE A 169 1.90 4.07 -6.95
N ASP A 170 2.78 4.46 -7.87
CA ASP A 170 2.38 5.19 -9.06
C ASP A 170 1.62 4.27 -10.01
N GLU A 171 1.90 2.98 -9.91
CA GLU A 171 1.24 1.98 -10.75
C GLU A 171 -0.19 1.76 -10.26
N ALA A 172 -0.41 1.98 -8.97
CA ALA A 172 -1.73 1.82 -8.37
C ALA A 172 -2.63 2.99 -8.74
N ILE A 173 -2.07 4.19 -8.73
CA ILE A 173 -2.81 5.39 -9.07
C ILE A 173 -2.91 5.56 -10.59
N LEU A 174 -1.87 5.15 -11.29
CA LEU A 174 -1.84 5.23 -12.74
C LEU A 174 -3.04 4.53 -13.35
N ALA A 175 -3.18 3.24 -13.05
CA ALA A 175 -4.30 2.45 -13.56
C ALA A 175 -5.62 3.17 -13.32
N ALA A 176 -5.64 4.02 -12.29
CA ALA A 176 -6.85 4.77 -11.96
C ALA A 176 -6.91 6.08 -12.73
N LEU A 177 -5.77 6.76 -12.85
CA LEU A 177 -5.71 8.02 -13.58
C LEU A 177 -5.92 7.78 -15.08
N GLU A 178 -5.64 6.57 -15.53
CA GLU A 178 -5.80 6.21 -16.94
C GLU A 178 -5.69 4.70 -17.13
N PRO A 179 -6.50 4.13 -18.05
CA PRO A 179 -6.49 2.70 -18.33
C PRO A 179 -5.07 2.13 -18.43
N PRO A 180 -4.69 1.23 -17.51
CA PRO A 180 -3.36 0.63 -17.51
C PRO A 180 -3.18 -0.39 -18.63
N GLU A 181 -2.07 -1.12 -18.60
CA GLU A 181 -1.78 -2.13 -19.61
C GLU A 181 -0.96 -3.27 -19.02
N PRO A 182 -1.11 -4.48 -19.58
CA PRO A 182 -0.37 -5.66 -19.10
C PRO A 182 1.14 -5.49 -19.19
N LYS A 183 1.84 -6.60 -19.33
CA LYS A 183 3.29 -6.59 -19.43
C LYS A 183 3.74 -6.01 -20.76
N LYS A 184 4.90 -5.36 -20.76
CA LYS A 184 5.44 -4.76 -21.98
C LYS A 184 6.97 -4.82 -21.98
N GLY B 1 7.68 12.34 -9.38
CA GLY B 1 7.81 10.92 -8.97
C GLY B 1 6.93 9.99 -9.79
N SER B 2 5.73 10.47 -10.13
CA SER B 2 4.79 9.68 -10.92
C SER B 2 5.36 9.38 -12.30
N GLY B 3 4.53 8.84 -13.17
CA GLY B 3 4.97 8.51 -14.52
C GLY B 3 3.81 8.43 -15.50
N LEU B 4 3.47 7.19 -15.90
CA LEU B 4 2.38 6.97 -16.84
C LEU B 4 2.42 7.95 -18.00
N SER B 5 1.36 7.91 -18.82
CA SER B 5 1.25 8.79 -19.97
C SER B 5 0.05 9.72 -19.85
N ALA B 6 -0.86 9.41 -18.93
CA ALA B 6 -2.06 10.21 -18.69
C ALA B 6 -1.69 11.56 -18.09
N GLN B 7 -0.88 12.34 -18.80
CA GLN B 7 -0.46 13.64 -18.30
C GLN B 7 0.50 13.46 -17.12
N ASP B 8 0.85 12.21 -16.79
CA ASP B 8 1.75 11.91 -15.70
C ASP B 8 1.37 12.71 -14.45
N ILE B 9 0.11 12.58 -14.06
CA ILE B 9 -0.41 13.26 -12.89
C ILE B 9 0.50 13.01 -11.67
N SER B 10 1.24 14.05 -11.28
CA SER B 10 2.15 13.94 -10.14
C SER B 10 1.38 13.62 -8.86
N GLN B 11 1.16 12.33 -8.63
CA GLN B 11 0.44 11.89 -7.43
C GLN B 11 1.05 12.52 -6.17
N PRO B 12 2.29 12.14 -5.82
CA PRO B 12 2.98 12.68 -4.64
C PRO B 12 3.52 14.08 -4.90
N LEU B 13 2.62 15.04 -5.10
CA LEU B 13 3.03 16.42 -5.35
C LEU B 13 3.54 17.08 -4.07
N GLN B 14 4.62 17.84 -4.21
CA GLN B 14 5.21 18.53 -3.07
C GLN B 14 4.16 19.35 -2.32
N ASN B 15 4.28 19.40 -1.00
CA ASN B 15 3.34 20.15 -0.16
C ASN B 15 1.99 19.44 -0.11
N SER B 16 2.00 18.14 -0.35
CA SER B 16 0.76 17.35 -0.32
C SER B 16 0.39 16.95 1.10
N PHE B 17 0.31 17.94 2.00
CA PHE B 17 -0.04 17.69 3.38
C PHE B 17 -0.45 18.99 4.07
N ILE B 18 -1.76 19.25 4.11
CA ILE B 18 -2.28 20.46 4.73
C ILE B 18 -1.81 20.59 6.18
N HIS B 19 -2.67 20.23 7.15
CA HIS B 19 -2.31 20.31 8.56
C HIS B 19 -3.47 19.88 9.45
N THR B 20 -4.16 18.81 9.03
CA THR B 20 -5.29 18.30 9.78
C THR B 20 -5.00 16.92 10.36
N GLY B 21 -5.99 16.33 11.02
CA GLY B 21 -5.81 15.02 11.61
C GLY B 21 -4.91 15.05 12.82
N HIS B 22 -5.51 15.10 14.01
CA HIS B 22 -4.74 15.14 15.25
C HIS B 22 -5.44 14.37 16.36
N GLY B 23 -6.74 14.59 16.50
CA GLY B 23 -7.50 13.91 17.53
C GLY B 23 -7.62 12.42 17.27
N ASP B 24 -6.50 11.71 17.38
CA ASP B 24 -6.48 10.27 17.14
C ASP B 24 -5.06 9.73 17.24
N SER B 25 -4.30 10.27 18.17
CA SER B 25 -2.92 9.85 18.37
C SER B 25 -2.76 9.16 19.72
N ASP B 26 -2.82 7.84 19.71
CA ASP B 26 -2.67 7.06 20.93
C ASP B 26 -1.72 5.88 20.72
N PRO B 27 -2.14 4.86 19.94
CA PRO B 27 -1.32 3.69 19.66
C PRO B 27 0.04 4.06 19.07
N ARG B 28 1.02 4.26 19.94
CA ARG B 28 2.37 4.61 19.51
C ARG B 28 3.27 3.37 19.42
N HIS B 29 2.67 2.20 19.64
CA HIS B 29 3.41 0.94 19.59
C HIS B 29 4.26 0.84 18.32
N CYS B 30 3.62 1.02 17.17
CA CYS B 30 4.33 0.93 15.89
C CYS B 30 4.71 -0.52 15.59
N TRP B 31 5.76 -0.71 14.78
CA TRP B 31 6.22 -2.06 14.42
C TRP B 31 6.20 -3.00 15.62
N GLY B 32 5.82 -4.25 15.37
CA GLY B 32 5.77 -5.24 16.42
C GLY B 32 5.71 -6.65 15.89
N PHE B 33 4.95 -6.85 14.83
CA PHE B 33 4.80 -8.17 14.21
C PHE B 33 4.95 -8.07 12.70
N PRO B 34 5.23 -9.19 12.02
CA PRO B 34 5.40 -9.22 10.56
C PRO B 34 4.35 -8.39 9.84
N ASP B 35 4.74 -7.21 9.38
CA ASP B 35 3.83 -6.32 8.67
C ASP B 35 2.79 -5.73 9.61
N ARG B 36 2.20 -4.62 9.20
CA ARG B 36 1.18 -3.95 10.01
C ARG B 36 -0.04 -4.84 10.19
N ILE B 37 -1.13 -4.24 10.63
CA ILE B 37 -2.37 -4.94 10.83
C ILE B 37 -3.34 -4.57 9.70
N ASP B 38 -4.62 -4.79 9.91
CA ASP B 38 -5.60 -4.46 8.88
C ASP B 38 -5.92 -2.97 8.88
N GLU B 39 -6.31 -2.46 7.73
CA GLU B 39 -6.64 -1.04 7.58
C GLU B 39 -7.64 -0.58 8.63
N LEU B 40 -8.41 -1.51 9.17
CA LEU B 40 -9.41 -1.19 10.18
C LEU B 40 -8.79 -0.43 11.34
N TYR B 41 -7.48 -0.59 11.49
CA TYR B 41 -6.75 0.04 12.56
C TYR B 41 -5.93 1.24 12.06
N LEU B 42 -4.96 0.94 11.20
CA LEU B 42 -4.09 1.98 10.65
C LEU B 42 -3.28 2.65 11.76
N GLY B 43 -2.70 1.84 12.64
CA GLY B 43 -1.90 2.38 13.73
C GLY B 43 -1.42 1.29 14.67
N ASN B 44 -2.34 0.72 15.43
CA ASN B 44 -2.01 -0.34 16.39
C ASN B 44 -3.24 -0.78 17.17
MG MG C . 0.65 5.39 8.33
PG GNP D . -0.19 2.99 10.09
O1G GNP D . -0.17 2.01 11.19
O2G GNP D . 0.33 4.35 10.35
O3G GNP D . -1.73 3.18 9.67
N3B GNP D . 0.73 2.35 8.85
PB GNP D . 2.35 2.71 8.65
O1B GNP D . 2.97 2.66 9.99
O2B GNP D . 2.42 3.98 7.89
O3A GNP D . 3.13 1.61 7.75
PA GNP D . 4.65 1.15 7.82
O1A GNP D . 5.46 2.07 6.99
O2A GNP D . 5.02 0.92 9.24
O5' GNP D . 4.62 -0.28 7.09
C5' GNP D . 5.55 -0.58 6.04
C4' GNP D . 6.06 -2.02 6.14
O4' GNP D . 5.08 -2.94 5.64
C3' GNP D . 7.33 -2.19 5.33
O3' GNP D . 8.46 -2.44 6.17
C2' GNP D . 7.09 -3.35 4.40
O2' GNP D . 8.06 -4.37 4.61
C1' GNP D . 5.70 -3.85 4.71
N9 GNP D . 4.90 -3.97 3.47
C8 GNP D . 3.68 -3.44 3.19
N7 GNP D . 3.17 -3.69 2.04
C5 GNP D . 4.15 -4.50 1.45
C6 GNP D . 4.20 -5.12 0.17
O6 GNP D . 3.35 -5.08 -0.72
N1 GNP D . 5.37 -5.87 -0.03
C2 GNP D . 6.39 -5.99 0.92
N2 GNP D . 7.44 -6.73 0.55
N3 GNP D . 6.35 -5.40 2.13
C4 GNP D . 5.22 -4.68 2.34
HNB3 GNP D . 0.30 1.75 8.20
H5'2 GNP D . 5.05 -0.46 5.08
H5'1 GNP D . 6.39 0.10 6.11
H4' GNP D . 6.26 -2.25 7.19
H3' GNP D . 7.49 -1.31 4.74
HO3' GNP D . 8.79 -3.31 5.96
H2' GNP D . 7.14 -2.99 3.37
HO2' GNP D . 8.66 -4.36 3.85
H1' GNP D . 5.79 -4.80 5.17
H8 GNP D . 3.16 -2.81 3.91
HN1 GNP D . 5.45 -6.32 -0.89
HN21 GNP D . 7.47 -7.17 -0.36
HN22 GNP D . 8.22 -6.85 1.19
N MET A 1 -8.14 17.61 -15.80
CA MET A 1 -7.26 16.86 -14.87
C MET A 1 -7.89 15.52 -14.47
N GLN A 2 -7.15 14.73 -13.72
CA GLN A 2 -7.63 13.44 -13.26
C GLN A 2 -6.83 12.92 -12.08
N THR A 3 -7.53 12.60 -10.99
CA THR A 3 -6.89 12.08 -9.79
C THR A 3 -7.50 10.73 -9.41
N ILE A 4 -7.09 10.20 -8.25
CA ILE A 4 -7.60 8.90 -7.81
C ILE A 4 -7.59 8.73 -6.29
N LYS A 5 -8.46 7.84 -5.81
CA LYS A 5 -8.55 7.55 -4.39
C LYS A 5 -8.37 6.06 -4.15
N CYS A 6 -7.15 5.66 -3.82
CA CYS A 6 -6.84 4.25 -3.58
C CYS A 6 -6.89 3.92 -2.09
N VAL A 7 -7.11 2.64 -1.79
CA VAL A 7 -7.18 2.18 -0.41
C VAL A 7 -6.10 1.12 -0.14
N VAL A 8 -5.78 0.93 1.13
CA VAL A 8 -4.76 -0.04 1.51
C VAL A 8 -5.39 -1.24 2.23
N VAL A 9 -5.31 -2.40 1.60
CA VAL A 9 -5.84 -3.62 2.18
C VAL A 9 -4.85 -4.75 2.03
N GLY A 10 -4.56 -5.45 3.12
CA GLY A 10 -3.61 -6.55 3.07
C GLY A 10 -2.87 -6.74 4.38
N ASP A 11 -1.64 -7.23 4.28
CA ASP A 11 -0.82 -7.48 5.46
C ASP A 11 0.47 -6.63 5.43
N GLY A 12 0.78 -6.06 4.27
CA GLY A 12 1.98 -5.24 4.14
C GLY A 12 2.08 -4.20 5.25
N ALA A 13 1.74 -2.97 4.91
CA ALA A 13 1.78 -1.87 5.86
C ALA A 13 0.39 -1.53 6.38
N VAL A 14 -0.63 -1.95 5.63
CA VAL A 14 -2.01 -1.68 6.01
C VAL A 14 -2.29 -0.19 5.99
N GLY A 15 -1.49 0.55 5.21
CA GLY A 15 -1.69 1.98 5.11
C GLY A 15 -1.18 2.54 3.80
N LYS A 16 -1.99 3.41 3.18
CA LYS A 16 -1.62 4.03 1.93
C LYS A 16 -0.81 5.30 2.17
N THR A 17 -0.43 5.53 3.43
CA THR A 17 0.34 6.71 3.80
C THR A 17 1.83 6.37 3.89
N CYS A 18 2.14 5.26 4.53
CA CYS A 18 3.51 4.80 4.71
C CYS A 18 4.38 5.06 3.48
N LEU A 19 3.86 4.72 2.31
CA LEU A 19 4.60 4.92 1.06
C LEU A 19 5.12 6.35 0.97
N LEU A 20 4.23 7.31 1.20
CA LEU A 20 4.60 8.71 1.13
C LEU A 20 5.44 9.11 2.35
N ILE A 21 5.36 8.30 3.41
CA ILE A 21 6.12 8.59 4.63
C ILE A 21 7.62 8.44 4.38
N SER A 22 8.07 7.21 4.19
CA SER A 22 9.48 6.95 3.94
C SER A 22 9.93 7.64 2.65
N TYR A 23 9.00 7.84 1.73
CA TYR A 23 9.32 8.51 0.46
C TYR A 23 9.88 9.90 0.72
N THR A 24 9.07 10.76 1.31
CA THR A 24 9.48 12.12 1.62
C THR A 24 10.27 12.15 2.92
N THR A 25 9.74 11.48 3.94
CA THR A 25 10.38 11.41 5.24
C THR A 25 11.10 10.08 5.41
N ASN A 26 11.34 9.69 6.66
CA ASN A 26 12.02 8.43 6.94
C ASN A 26 11.62 7.89 8.31
N LYS A 27 10.42 8.22 8.74
CA LYS A 27 9.91 7.76 10.03
C LYS A 27 9.05 6.52 9.85
N PHE A 28 9.70 5.40 9.55
CA PHE A 28 9.00 4.14 9.35
C PHE A 28 8.79 3.41 10.67
N PRO A 29 9.87 3.20 11.45
CA PRO A 29 9.80 2.51 12.74
C PRO A 29 9.42 3.44 13.89
N SER A 30 8.13 3.76 14.00
CA SER A 30 7.66 4.64 15.06
C SER A 30 6.30 4.16 15.60
N GLU A 31 5.21 4.75 15.09
CA GLU A 31 3.88 4.35 15.52
C GLU A 31 2.82 4.76 14.49
N TYR A 32 1.92 3.83 14.19
CA TYR A 32 0.86 4.10 13.22
C TYR A 32 -0.43 4.49 13.94
N VAL A 33 -0.64 5.79 14.10
CA VAL A 33 -1.82 6.30 14.78
C VAL A 33 -2.48 7.45 14.01
N PRO A 34 -1.75 8.55 13.76
CA PRO A 34 -2.30 9.71 13.03
C PRO A 34 -2.92 9.30 11.70
N THR A 35 -2.51 8.15 11.19
CA THR A 35 -3.04 7.65 9.93
C THR A 35 -4.48 7.18 10.10
N VAL A 36 -5.37 8.10 10.45
CA VAL A 36 -6.77 7.79 10.65
C VAL A 36 -7.69 8.78 9.94
N PHE A 37 -7.32 10.06 9.98
CA PHE A 37 -8.10 11.11 9.34
C PHE A 37 -8.63 10.67 7.97
N ASP A 38 -7.87 9.81 7.30
CA ASP A 38 -8.26 9.31 5.99
C ASP A 38 -8.24 10.43 4.95
N ASN A 39 -9.17 11.37 5.09
CA ASN A 39 -9.26 12.50 4.15
C ASN A 39 -8.20 13.55 4.46
N TYR A 40 -6.93 13.12 4.48
CA TYR A 40 -5.83 14.04 4.75
C TYR A 40 -5.78 15.14 3.70
N ALA A 41 -5.51 16.36 4.14
CA ALA A 41 -5.43 17.50 3.23
C ALA A 41 -4.03 17.69 2.71
N VAL A 42 -3.87 17.60 1.39
CA VAL A 42 -2.57 17.78 0.77
C VAL A 42 -2.68 18.64 -0.49
N THR A 43 -1.94 19.74 -0.52
CA THR A 43 -1.96 20.63 -1.67
C THR A 43 -1.00 20.11 -2.73
N VAL A 44 -1.57 19.52 -3.77
CA VAL A 44 -0.77 18.96 -4.84
C VAL A 44 -1.47 19.12 -6.19
N MET A 45 -0.66 19.28 -7.24
CA MET A 45 -1.17 19.44 -8.59
C MET A 45 -1.19 18.09 -9.31
N ILE A 46 -2.33 17.41 -9.31
CA ILE A 46 -2.47 16.11 -9.96
C ILE A 46 -2.73 16.27 -11.46
N GLY A 47 -1.65 16.41 -12.23
CA GLY A 47 -1.73 16.57 -13.67
C GLY A 47 -2.99 17.30 -14.14
N GLY A 48 -2.90 18.61 -14.33
CA GLY A 48 -4.06 19.38 -14.78
C GLY A 48 -4.24 20.67 -13.99
N GLU A 49 -5.12 20.63 -13.00
CA GLU A 49 -5.40 21.80 -12.18
C GLU A 49 -5.08 21.51 -10.71
N PRO A 50 -4.28 22.39 -10.05
CA PRO A 50 -3.90 22.22 -8.65
C PRO A 50 -5.01 21.63 -7.80
N TYR A 51 -4.95 20.32 -7.60
CA TYR A 51 -5.93 19.59 -6.82
C TYR A 51 -5.48 18.14 -6.63
N THR A 52 -5.75 17.58 -5.46
CA THR A 52 -5.35 16.21 -5.14
C THR A 52 -6.48 15.46 -4.46
N LEU A 53 -6.48 14.14 -4.61
CA LEU A 53 -7.51 13.30 -4.00
C LEU A 53 -7.02 12.74 -2.66
N GLY A 54 -7.89 12.77 -1.67
CA GLY A 54 -7.53 12.27 -0.35
C GLY A 54 -7.27 10.77 -0.35
N LEU A 55 -6.29 10.35 0.42
CA LEU A 55 -5.94 8.93 0.50
C LEU A 55 -6.94 8.18 1.36
N PHE A 56 -7.37 7.02 0.89
CA PHE A 56 -8.35 6.21 1.62
C PHE A 56 -7.64 5.34 2.65
N ASP A 57 -7.82 5.68 3.92
CA ASP A 57 -7.20 4.93 5.01
C ASP A 57 -8.16 4.79 6.19
N THR A 58 -8.12 3.62 6.83
CA THR A 58 -8.99 3.35 7.97
C THR A 58 -8.21 3.48 9.27
N ALA A 59 -8.89 3.19 10.39
CA ALA A 59 -8.27 3.27 11.70
C ALA A 59 -9.21 2.69 12.77
N GLY A 60 -8.94 3.03 14.02
CA GLY A 60 -9.76 2.55 15.11
C GLY A 60 -9.83 3.52 16.27
N LEU A 61 -9.98 4.81 15.94
CA LEU A 61 -10.05 5.85 16.97
C LEU A 61 -11.36 6.63 16.89
N GLU A 62 -11.36 7.83 17.46
CA GLU A 62 -12.55 8.67 17.47
C GLU A 62 -13.15 8.78 16.06
N ASP A 63 -12.30 8.99 15.07
CA ASP A 63 -12.75 9.13 13.68
C ASP A 63 -13.75 8.04 13.31
N TYR A 64 -13.33 6.79 13.40
CA TYR A 64 -14.19 5.66 13.06
C TYR A 64 -13.62 4.35 13.59
N ASP A 65 -14.49 3.50 14.13
CA ASP A 65 -14.07 2.21 14.67
C ASP A 65 -14.03 1.13 13.58
N ARG A 66 -15.20 0.76 13.08
CA ARG A 66 -15.29 -0.27 12.04
C ARG A 66 -15.14 0.32 10.64
N LEU A 67 -15.60 1.56 10.46
CA LEU A 67 -15.52 2.22 9.17
C LEU A 67 -16.51 1.58 8.18
N ARG A 68 -16.16 1.58 6.89
CA ARG A 68 -17.04 1.00 5.87
C ARG A 68 -16.27 0.65 4.60
N PRO A 69 -15.73 1.66 3.89
CA PRO A 69 -14.98 1.46 2.65
C PRO A 69 -14.15 0.18 2.64
N LEU A 70 -13.21 0.08 3.58
CA LEU A 70 -12.34 -1.10 3.67
C LEU A 70 -13.15 -2.40 3.56
N SER A 71 -14.42 -2.34 3.96
CA SER A 71 -15.29 -3.52 3.91
C SER A 71 -16.12 -3.58 2.63
N TYR A 72 -16.06 -2.53 1.81
CA TYR A 72 -16.84 -2.51 0.58
C TYR A 72 -15.99 -2.02 -0.60
N PRO A 73 -16.31 -2.47 -1.83
CA PRO A 73 -15.57 -2.07 -3.03
C PRO A 73 -16.00 -0.68 -3.54
N GLN A 74 -16.00 0.30 -2.65
CA GLN A 74 -16.38 1.66 -3.02
C GLN A 74 -15.29 2.33 -3.85
N THR A 75 -14.05 1.95 -3.60
CA THR A 75 -12.92 2.50 -4.33
C THR A 75 -12.90 2.03 -5.77
N ASP A 76 -11.88 2.43 -6.52
CA ASP A 76 -11.75 2.05 -7.92
C ASP A 76 -10.54 1.13 -8.12
N VAL A 77 -9.60 1.20 -7.19
CA VAL A 77 -8.40 0.37 -7.26
C VAL A 77 -7.86 0.06 -5.87
N PHE A 78 -7.93 -1.21 -5.49
CA PHE A 78 -7.45 -1.64 -4.19
C PHE A 78 -5.93 -1.83 -4.20
N LEU A 79 -5.36 -2.15 -3.05
CA LEU A 79 -3.92 -2.35 -2.94
C LEU A 79 -3.59 -3.50 -1.98
N VAL A 80 -3.12 -4.60 -2.55
CA VAL A 80 -2.76 -5.77 -1.76
C VAL A 80 -1.27 -5.75 -1.41
N CYS A 81 -0.96 -5.24 -0.22
CA CYS A 81 0.42 -5.16 0.23
C CYS A 81 0.91 -6.49 0.80
N PHE A 82 2.18 -6.52 1.19
CA PHE A 82 2.79 -7.72 1.75
C PHE A 82 4.25 -7.45 2.10
N SER A 83 4.97 -8.48 2.50
CA SER A 83 6.37 -8.33 2.86
C SER A 83 7.15 -9.60 2.54
N VAL A 84 8.32 -9.44 1.93
CA VAL A 84 9.17 -10.58 1.56
C VAL A 84 9.27 -11.58 2.71
N VAL A 85 9.72 -11.12 3.88
CA VAL A 85 9.86 -11.99 5.03
C VAL A 85 8.53 -12.68 5.32
N SER A 86 8.49 -14.00 5.14
CA SER A 86 7.26 -14.75 5.37
C SER A 86 7.55 -16.19 5.80
N PRO A 87 6.99 -16.62 6.95
CA PRO A 87 7.16 -17.97 7.47
C PRO A 87 6.05 -18.90 6.99
N SER A 88 5.86 -18.96 5.68
CA SER A 88 4.83 -19.80 5.08
C SER A 88 3.47 -19.11 5.11
N SER A 89 3.50 -17.78 5.19
CA SER A 89 2.26 -16.99 5.23
C SER A 89 1.91 -16.47 3.84
N PHE A 90 2.93 -16.30 3.01
CA PHE A 90 2.74 -15.81 1.65
C PHE A 90 1.74 -16.67 0.90
N GLU A 91 1.84 -17.98 1.08
CA GLU A 91 0.95 -18.94 0.41
C GLU A 91 -0.45 -18.84 0.99
N ASN A 92 -0.55 -18.67 2.30
CA ASN A 92 -1.84 -18.57 2.98
C ASN A 92 -2.57 -17.30 2.58
N VAL A 93 -1.84 -16.18 2.57
CA VAL A 93 -2.43 -14.89 2.21
C VAL A 93 -2.88 -14.86 0.75
N LYS A 94 -1.99 -15.29 -0.14
CA LYS A 94 -2.30 -15.31 -1.57
C LYS A 94 -3.63 -16.03 -1.82
N GLU A 95 -3.66 -17.32 -1.49
CA GLU A 95 -4.85 -18.12 -1.67
C GLU A 95 -6.05 -17.44 -1.03
N LYS A 96 -5.85 -16.85 0.14
CA LYS A 96 -6.90 -16.17 0.86
C LYS A 96 -7.00 -14.70 0.45
N TRP A 97 -6.27 -14.33 -0.61
CA TRP A 97 -6.28 -12.95 -1.10
C TRP A 97 -7.31 -12.78 -2.20
N VAL A 98 -7.17 -13.57 -3.26
CA VAL A 98 -8.08 -13.49 -4.40
C VAL A 98 -9.54 -13.70 -3.99
N PRO A 99 -9.82 -14.69 -3.13
CA PRO A 99 -11.20 -14.99 -2.69
C PRO A 99 -11.73 -13.96 -1.69
N GLU A 100 -10.83 -13.23 -1.05
CA GLU A 100 -11.23 -12.22 -0.08
C GLU A 100 -11.44 -10.86 -0.74
N ILE A 101 -10.39 -10.35 -1.37
CA ILE A 101 -10.45 -9.07 -2.03
C ILE A 101 -11.64 -8.98 -3.00
N THR A 102 -12.06 -10.13 -3.50
CA THR A 102 -13.19 -10.18 -4.44
C THR A 102 -14.50 -10.45 -3.71
N HIS A 103 -14.60 -11.60 -3.06
CA HIS A 103 -15.80 -11.98 -2.33
C HIS A 103 -16.28 -10.84 -1.43
N HIS A 104 -15.34 -10.20 -0.73
CA HIS A 104 -15.67 -9.10 0.16
C HIS A 104 -15.75 -7.78 -0.59
N CYS A 105 -15.07 -7.71 -1.74
CA CYS A 105 -15.07 -6.51 -2.55
C CYS A 105 -14.99 -6.84 -4.03
N PRO A 106 -16.11 -7.30 -4.63
CA PRO A 106 -16.17 -7.65 -6.05
C PRO A 106 -15.88 -6.46 -6.95
N LYS A 107 -15.18 -6.71 -8.06
CA LYS A 107 -14.84 -5.66 -9.00
C LYS A 107 -13.95 -4.61 -8.35
N THR A 108 -12.83 -5.04 -7.80
CA THR A 108 -11.88 -4.13 -7.16
C THR A 108 -10.44 -4.49 -7.52
N PRO A 109 -9.79 -3.66 -8.36
CA PRO A 109 -8.40 -3.91 -8.78
C PRO A 109 -7.43 -3.95 -7.61
N PHE A 110 -6.24 -4.48 -7.85
CA PHE A 110 -5.22 -4.57 -6.81
C PHE A 110 -3.83 -4.61 -7.41
N LEU A 111 -2.89 -3.90 -6.77
CA LEU A 111 -1.52 -3.83 -7.23
C LEU A 111 -0.56 -4.34 -6.16
N LEU A 112 0.52 -4.97 -6.60
CA LEU A 112 1.53 -5.50 -5.67
C LEU A 112 2.65 -4.49 -5.47
N VAL A 113 3.31 -4.56 -4.31
CA VAL A 113 4.41 -3.65 -4.02
C VAL A 113 5.59 -4.38 -3.37
N GLY A 114 6.79 -3.90 -3.68
CA GLY A 114 7.99 -4.49 -3.13
C GLY A 114 8.87 -3.46 -2.44
N THR A 115 8.84 -3.45 -1.12
CA THR A 115 9.62 -2.49 -0.34
C THR A 115 10.61 -3.20 0.58
N GLN A 116 10.09 -4.16 1.34
CA GLN A 116 10.92 -4.93 2.26
C GLN A 116 11.91 -5.83 1.51
N ILE A 117 11.77 -5.92 0.18
CA ILE A 117 12.67 -6.75 -0.62
C ILE A 117 14.13 -6.55 -0.22
N ASP A 118 14.44 -5.38 0.32
CA ASP A 118 15.80 -5.08 0.74
C ASP A 118 16.24 -6.00 1.87
N LEU A 119 15.28 -6.51 2.63
CA LEU A 119 15.56 -7.40 3.74
C LEU A 119 15.45 -8.86 3.34
N ARG A 120 14.75 -9.13 2.25
CA ARG A 120 14.58 -10.50 1.77
C ARG A 120 15.93 -11.21 1.70
N ASP A 121 16.98 -10.44 1.53
CA ASP A 121 18.34 -10.99 1.45
C ASP A 121 18.90 -11.22 2.85
N ASP A 122 18.42 -10.43 3.81
CA ASP A 122 18.88 -10.54 5.18
C ASP A 122 18.68 -11.97 5.70
N PRO A 123 19.78 -12.72 5.87
CA PRO A 123 19.74 -14.11 6.34
C PRO A 123 19.30 -14.23 7.81
N SER A 124 19.10 -13.08 8.47
CA SER A 124 18.67 -13.08 9.87
C SER A 124 17.16 -13.31 9.94
N THR A 125 16.41 -12.33 9.47
CA THR A 125 14.96 -12.43 9.47
C THR A 125 14.55 -13.67 8.71
N ILE A 126 15.30 -13.99 7.67
CA ILE A 126 15.04 -15.17 6.86
C ILE A 126 15.03 -16.41 7.73
N GLU A 127 15.99 -16.47 8.66
CA GLU A 127 16.08 -17.59 9.57
C GLU A 127 14.82 -17.68 10.41
N LYS A 128 14.25 -16.52 10.74
CA LYS A 128 13.03 -16.50 11.53
C LYS A 128 11.89 -17.13 10.73
N LEU A 129 11.96 -16.97 9.41
CA LEU A 129 10.96 -17.57 8.54
C LEU A 129 11.19 -19.07 8.48
N ALA A 130 12.46 -19.45 8.53
CA ALA A 130 12.86 -20.85 8.51
C ALA A 130 12.01 -21.67 9.46
N LYS A 131 11.64 -21.07 10.59
CA LYS A 131 10.82 -21.75 11.57
C LYS A 131 9.63 -22.43 10.91
N ASN A 132 9.13 -21.81 9.84
CA ASN A 132 7.99 -22.35 9.11
C ASN A 132 8.33 -22.57 7.62
N LYS A 133 9.22 -21.73 7.09
CA LYS A 133 9.61 -21.84 5.69
C LYS A 133 11.07 -21.42 5.49
N GLN A 134 11.29 -20.15 5.05
CA GLN A 134 12.63 -19.57 4.79
C GLN A 134 12.68 -18.92 3.42
N LYS A 135 11.80 -19.37 2.52
CA LYS A 135 11.75 -18.84 1.16
C LYS A 135 11.21 -17.42 1.13
N PRO A 136 12.08 -16.44 0.81
CA PRO A 136 11.68 -15.04 0.74
C PRO A 136 10.99 -14.73 -0.58
N ILE A 137 10.09 -13.76 -0.57
CA ILE A 137 9.36 -13.38 -1.78
C ILE A 137 10.21 -12.45 -2.65
N THR A 138 10.88 -13.03 -3.63
CA THR A 138 11.74 -12.27 -4.54
C THR A 138 10.89 -11.43 -5.49
N PRO A 139 11.43 -10.29 -5.95
CA PRO A 139 10.73 -9.40 -6.88
C PRO A 139 10.05 -10.17 -8.01
N GLU A 140 10.71 -11.22 -8.48
CA GLU A 140 10.17 -12.04 -9.56
C GLU A 140 8.96 -12.83 -9.08
N THR A 141 8.98 -13.23 -7.81
CA THR A 141 7.88 -13.98 -7.24
C THR A 141 6.60 -13.15 -7.22
N ALA A 142 6.64 -12.02 -6.52
CA ALA A 142 5.49 -11.13 -6.43
C ALA A 142 4.98 -10.78 -7.82
N GLU A 143 5.90 -10.58 -8.76
CA GLU A 143 5.53 -10.24 -10.13
C GLU A 143 4.65 -11.32 -10.75
N LYS A 144 5.08 -12.58 -10.58
CA LYS A 144 4.32 -13.71 -11.12
C LYS A 144 2.93 -13.78 -10.52
N LEU A 145 2.85 -13.66 -9.19
CA LEU A 145 1.59 -13.71 -8.50
C LEU A 145 0.74 -12.48 -8.83
N ALA A 146 1.39 -11.35 -9.00
CA ALA A 146 0.71 -10.10 -9.32
C ALA A 146 -0.04 -10.22 -10.65
N ARG A 147 0.68 -10.61 -11.70
CA ARG A 147 0.07 -10.78 -13.02
C ARG A 147 -0.81 -12.02 -13.07
N ASP A 148 -0.48 -12.99 -12.23
CA ASP A 148 -1.24 -14.23 -12.16
C ASP A 148 -2.74 -13.96 -12.00
N LEU A 149 -3.07 -13.06 -11.09
CA LEU A 149 -4.46 -12.71 -10.83
C LEU A 149 -4.88 -11.48 -11.66
N LYS A 150 -4.11 -11.20 -12.71
CA LYS A 150 -4.41 -10.06 -13.58
C LYS A 150 -4.66 -8.79 -12.76
N ALA A 151 -3.81 -8.58 -11.76
CA ALA A 151 -3.94 -7.41 -10.89
C ALA A 151 -3.54 -6.14 -11.62
N VAL A 152 -2.23 -5.88 -11.67
CA VAL A 152 -1.70 -4.70 -12.34
C VAL A 152 -0.23 -4.89 -12.67
N LYS A 153 0.62 -4.80 -11.66
CA LYS A 153 2.06 -4.94 -11.86
C LYS A 153 2.80 -4.70 -10.54
N TYR A 154 3.83 -5.50 -10.30
CA TYR A 154 4.65 -5.37 -9.10
C TYR A 154 5.94 -4.63 -9.44
N VAL A 155 6.07 -3.41 -8.91
CA VAL A 155 7.25 -2.60 -9.17
C VAL A 155 8.22 -2.64 -7.99
N GLU A 156 9.44 -2.17 -8.23
CA GLU A 156 10.48 -2.17 -7.19
C GLU A 156 10.45 -0.88 -6.37
N CYS A 157 10.85 -0.99 -5.11
CA CYS A 157 10.87 0.16 -4.21
C CYS A 157 11.34 -0.28 -2.83
N SER A 158 11.41 0.67 -1.89
CA SER A 158 11.84 0.35 -0.53
C SER A 158 11.37 1.42 0.45
N ALA A 159 11.18 1.01 1.70
CA ALA A 159 10.75 1.94 2.74
C ALA A 159 11.87 2.21 3.74
N LEU A 160 12.76 1.23 3.90
CA LEU A 160 13.88 1.35 4.82
C LEU A 160 15.04 2.09 4.15
N THR A 161 15.34 1.71 2.91
CA THR A 161 16.42 2.33 2.16
C THR A 161 15.87 3.38 1.19
N GLN A 162 14.60 3.22 0.82
CA GLN A 162 13.94 4.15 -0.09
C GLN A 162 14.41 3.92 -1.52
N LYS A 163 13.90 2.87 -2.15
CA LYS A 163 14.26 2.56 -3.53
C LYS A 163 13.24 3.16 -4.50
N GLY A 164 12.70 4.32 -4.15
CA GLY A 164 11.73 4.98 -5.00
C GLY A 164 10.38 5.11 -4.34
N LEU A 165 9.76 3.97 -4.03
CA LEU A 165 8.44 3.94 -3.40
C LEU A 165 7.37 4.47 -4.35
N LYS A 166 7.49 5.74 -4.72
CA LYS A 166 6.53 6.36 -5.63
C LYS A 166 6.40 5.56 -6.92
N ASN A 167 7.47 4.86 -7.31
CA ASN A 167 7.46 4.06 -8.52
C ASN A 167 6.26 3.12 -8.54
N VAL A 168 6.30 2.09 -7.72
CA VAL A 168 5.21 1.13 -7.64
C VAL A 168 3.89 1.85 -7.40
N PHE A 169 3.90 2.78 -6.46
CA PHE A 169 2.72 3.56 -6.14
C PHE A 169 2.22 4.27 -7.40
N ASP A 170 3.16 4.58 -8.30
CA ASP A 170 2.81 5.24 -9.56
C ASP A 170 2.03 4.27 -10.44
N GLU A 171 2.32 2.98 -10.27
CA GLU A 171 1.64 1.94 -11.04
C GLU A 171 0.23 1.74 -10.48
N ALA A 172 0.04 2.08 -9.21
CA ALA A 172 -1.25 1.94 -8.55
C ALA A 172 -2.26 2.96 -9.08
N ILE A 173 -1.90 4.24 -9.03
CA ILE A 173 -2.80 5.29 -9.50
C ILE A 173 -2.97 5.20 -11.03
N LEU A 174 -1.91 4.76 -11.70
CA LEU A 174 -1.94 4.62 -13.16
C LEU A 174 -3.21 3.89 -13.61
N ALA A 175 -3.65 2.95 -12.78
CA ALA A 175 -4.84 2.17 -13.09
C ALA A 175 -6.11 3.00 -12.88
N ALA A 176 -6.02 4.00 -12.03
CA ALA A 176 -7.15 4.88 -11.74
C ALA A 176 -7.10 6.16 -12.57
N LEU A 177 -5.88 6.63 -12.85
CA LEU A 177 -5.71 7.85 -13.62
C LEU A 177 -6.13 7.65 -15.08
N GLU A 178 -6.36 6.40 -15.48
CA GLU A 178 -6.77 6.09 -16.83
C GLU A 178 -6.81 4.59 -17.07
N PRO A 179 -7.71 4.11 -17.94
CA PRO A 179 -7.84 2.68 -18.24
C PRO A 179 -6.49 2.02 -18.53
N PRO A 180 -5.98 1.23 -17.58
CA PRO A 180 -4.69 0.55 -17.73
C PRO A 180 -4.76 -0.59 -18.75
N GLU A 181 -3.61 -1.15 -19.07
CA GLU A 181 -3.53 -2.25 -20.04
C GLU A 181 -2.48 -3.27 -19.61
N PRO A 182 -2.84 -4.57 -19.60
CA PRO A 182 -1.92 -5.64 -19.20
C PRO A 182 -0.87 -5.91 -20.27
N LYS A 183 -0.19 -7.06 -20.15
CA LYS A 183 0.83 -7.44 -21.11
C LYS A 183 0.22 -7.98 -22.40
N LYS A 184 -0.25 -7.07 -23.25
CA LYS A 184 -0.87 -7.45 -24.51
C LYS A 184 -0.03 -6.99 -25.69
N GLY B 1 5.40 15.30 -16.17
CA GLY B 1 4.90 14.59 -14.95
C GLY B 1 5.31 13.13 -14.94
N SER B 2 4.44 12.29 -14.39
CA SER B 2 4.71 10.86 -14.31
C SER B 2 4.94 10.26 -15.70
N GLY B 3 3.86 10.13 -16.46
CA GLY B 3 3.97 9.58 -17.80
C GLY B 3 3.72 8.08 -17.84
N LEU B 4 2.54 7.70 -18.30
CA LEU B 4 2.17 6.29 -18.37
C LEU B 4 0.82 6.12 -19.07
N SER B 5 0.73 6.61 -20.30
CA SER B 5 -0.51 6.52 -21.07
C SER B 5 -1.71 6.92 -20.22
N ALA B 6 -1.66 8.15 -19.71
CA ALA B 6 -2.74 8.66 -18.86
C ALA B 6 -2.57 10.15 -18.63
N GLN B 7 -2.21 10.89 -19.67
CA GLN B 7 -2.01 12.33 -19.55
C GLN B 7 -0.69 12.62 -18.82
N ASP B 8 0.06 11.58 -18.49
CA ASP B 8 1.33 11.72 -17.78
C ASP B 8 1.14 12.55 -16.53
N ILE B 9 0.12 12.18 -15.75
CA ILE B 9 -0.20 12.86 -14.51
C ILE B 9 0.82 12.52 -13.43
N SER B 10 1.34 13.56 -12.77
CA SER B 10 2.33 13.38 -11.72
C SER B 10 1.68 12.93 -10.42
N GLN B 11 2.30 11.93 -9.76
CA GLN B 11 1.78 11.41 -8.51
C GLN B 11 2.50 12.03 -7.31
N PRO B 12 3.84 11.97 -7.29
CA PRO B 12 4.64 12.53 -6.21
C PRO B 12 5.04 13.98 -6.47
N LEU B 13 4.03 14.83 -6.63
CA LEU B 13 4.29 16.25 -6.90
C LEU B 13 4.72 16.97 -5.63
N GLN B 14 4.87 18.28 -5.72
CA GLN B 14 5.30 19.09 -4.57
C GLN B 14 4.17 19.19 -3.54
N ASN B 15 4.54 19.50 -2.30
CA ASN B 15 3.56 19.63 -1.23
C ASN B 15 2.78 18.32 -1.04
N SER B 16 3.40 17.21 -1.45
CA SER B 16 2.76 15.90 -1.33
C SER B 16 2.04 15.73 0.00
N PHE B 17 2.52 16.42 1.04
CA PHE B 17 1.90 16.32 2.36
C PHE B 17 2.10 17.61 3.15
N ILE B 18 1.03 18.07 3.80
CA ILE B 18 1.09 19.29 4.60
C ILE B 18 0.70 19.01 6.05
N HIS B 19 -0.27 18.11 6.23
CA HIS B 19 -0.73 17.73 7.57
C HIS B 19 -0.52 16.24 7.81
N THR B 20 -1.15 15.73 8.86
CA THR B 20 -1.04 14.32 9.20
C THR B 20 -2.28 13.83 9.93
N GLY B 21 -3.45 14.03 9.32
CA GLY B 21 -4.70 13.61 9.92
C GLY B 21 -4.78 13.97 11.40
N HIS B 22 -5.47 13.14 12.18
CA HIS B 22 -5.61 13.40 13.61
C HIS B 22 -6.30 12.21 14.31
N GLY B 23 -7.59 12.33 14.61
CA GLY B 23 -8.30 11.25 15.27
C GLY B 23 -7.84 11.05 16.70
N ASP B 24 -6.58 10.70 16.88
CA ASP B 24 -6.01 10.48 18.20
C ASP B 24 -4.56 10.03 18.11
N SER B 25 -3.65 10.98 17.95
CA SER B 25 -2.23 10.67 17.84
C SER B 25 -1.63 10.41 19.21
N ASP B 26 -1.55 9.14 19.58
CA ASP B 26 -0.99 8.76 20.88
C ASP B 26 -0.25 7.42 20.77
N PRO B 27 0.67 7.15 21.72
CA PRO B 27 1.45 5.91 21.73
C PRO B 27 0.59 4.68 22.04
N ARG B 28 0.17 3.98 20.99
CA ARG B 28 -0.66 2.79 21.16
C ARG B 28 0.18 1.52 21.04
N HIS B 29 0.91 1.42 19.94
CA HIS B 29 1.74 0.25 19.68
C HIS B 29 2.71 0.53 18.53
N CYS B 30 3.92 0.95 18.87
CA CYS B 30 4.94 1.24 17.87
C CYS B 30 5.18 0.05 16.96
N TRP B 31 5.75 0.30 15.79
CA TRP B 31 6.03 -0.75 14.82
C TRP B 31 6.87 -1.87 15.46
N GLY B 32 6.52 -3.11 15.13
CA GLY B 32 7.25 -4.25 15.67
C GLY B 32 7.60 -5.28 14.61
N PHE B 33 7.16 -6.51 14.84
CA PHE B 33 7.43 -7.60 13.91
C PHE B 33 6.79 -7.31 12.55
N PRO B 34 7.44 -7.77 11.46
CA PRO B 34 6.93 -7.57 10.09
C PRO B 34 5.48 -8.01 9.94
N ASP B 35 4.96 -7.91 8.73
CA ASP B 35 3.58 -8.29 8.44
C ASP B 35 2.61 -7.57 9.38
N ARG B 36 2.01 -6.49 8.88
CA ARG B 36 1.07 -5.71 9.67
C ARG B 36 -0.27 -6.44 9.78
N ILE B 37 -1.19 -5.81 10.50
CA ILE B 37 -2.51 -6.37 10.69
C ILE B 37 -3.33 -6.20 9.41
N ASP B 38 -4.65 -6.16 9.55
CA ASP B 38 -5.51 -5.98 8.39
C ASP B 38 -6.13 -4.59 8.39
N GLU B 39 -6.36 -4.06 7.19
CA GLU B 39 -6.94 -2.72 7.05
C GLU B 39 -8.16 -2.56 7.95
N LEU B 40 -8.81 -3.67 8.27
CA LEU B 40 -10.00 -3.68 9.14
C LEU B 40 -9.87 -2.65 10.26
N TYR B 41 -8.71 -2.63 10.90
CA TYR B 41 -8.45 -1.70 11.98
C TYR B 41 -7.55 -0.56 11.51
N LEU B 42 -6.32 -0.90 11.13
CA LEU B 42 -5.35 0.09 10.65
C LEU B 42 -4.74 0.84 11.83
N GLY B 43 -3.41 0.82 11.91
CA GLY B 43 -2.73 1.51 12.98
C GLY B 43 -3.19 1.06 14.35
N ASN B 44 -2.96 1.90 15.36
CA ASN B 44 -3.35 1.58 16.73
C ASN B 44 -2.62 0.35 17.23
MG MG C . 1.14 6.00 8.37
PG GNP D . 3.58 5.90 10.40
O1G GNP D . 4.05 7.16 9.77
O2G GNP D . 2.12 5.63 10.42
O3G GNP D . 4.06 5.95 11.93
N3B GNP D . 4.28 4.64 9.55
PB GNP D . 3.49 3.80 8.35
O1B GNP D . 2.53 2.90 9.01
O2B GNP D . 2.96 4.81 7.39
O3A GNP D . 4.48 2.85 7.50
PA GNP D . 4.55 1.25 7.42
O1A GNP D . 3.30 0.70 8.00
O2A GNP D . 5.86 0.81 7.95
O5' GNP D . 4.53 0.97 5.83
C5' GNP D . 5.75 0.69 5.12
C4' GNP D . 6.36 -0.64 5.54
O4' GNP D . 5.45 -1.72 5.27
C3' GNP D . 7.63 -0.92 4.76
O3' GNP D . 8.78 -0.81 5.61
C2' GNP D . 7.51 -2.29 4.19
O2' GNP D . 8.46 -3.18 4.77
C1' GNP D . 6.11 -2.74 4.48
N9 GNP D . 5.34 -3.00 3.24
C8 GNP D . 4.15 -2.50 2.85
N7 GNP D . 3.68 -2.88 1.71
C5 GNP D . 4.67 -3.75 1.27
C6 GNP D . 4.75 -4.52 0.06
O6 GNP D . 3.92 -4.58 -0.86
N1 GNP D . 5.92 -5.28 -0.01
C2 GNP D . 6.92 -5.30 0.97
N2 GNP D . 7.96 -6.10 0.73
N3 GNP D . 6.85 -4.59 2.11
C4 GNP D . 5.71 -3.83 2.20
HNB3 GNP D . 5.20 4.39 9.77
H5'2 GNP D . 5.54 0.68 4.06
H5'1 GNP D . 6.46 1.49 5.34
H4' GNP D . 6.58 -0.62 6.60
H3' GNP D . 7.70 -0.21 3.95
HO3' GNP D . 8.81 -1.59 6.15
H2' GNP D . 7.66 -2.24 3.10
HO2' GNP D . 8.14 -4.07 4.64
H1' GNP D . 6.15 -3.64 5.06
H8 GNP D . 3.61 -1.79 3.48
HN1 GNP D . 6.03 -5.82 -0.83
HN21 GNP D . 8.00 -6.63 -0.13
HN22 GNP D . 8.71 -6.17 1.41
N MET A 1 -7.36 15.74 -16.65
CA MET A 1 -7.51 15.89 -15.18
C MET A 1 -8.38 14.77 -14.61
N GLN A 2 -7.93 13.53 -14.79
CA GLN A 2 -8.66 12.38 -14.28
C GLN A 2 -8.35 12.15 -12.81
N THR A 3 -9.35 11.72 -12.07
CA THR A 3 -9.20 11.47 -10.64
C THR A 3 -8.85 10.01 -10.37
N ILE A 4 -8.77 9.66 -9.09
CA ILE A 4 -8.42 8.30 -8.70
C ILE A 4 -8.96 7.95 -7.32
N LYS A 5 -9.39 6.69 -7.16
CA LYS A 5 -9.91 6.21 -5.89
C LYS A 5 -9.31 4.86 -5.55
N CYS A 6 -8.24 4.87 -4.75
CA CYS A 6 -7.57 3.62 -4.38
C CYS A 6 -7.61 3.42 -2.87
N VAL A 7 -7.54 2.16 -2.45
CA VAL A 7 -7.56 1.81 -1.04
C VAL A 7 -6.64 0.62 -0.77
N VAL A 8 -5.75 0.78 0.20
CA VAL A 8 -4.82 -0.28 0.54
C VAL A 8 -5.45 -1.29 1.50
N VAL A 9 -5.63 -2.50 1.02
CA VAL A 9 -6.19 -3.57 1.83
C VAL A 9 -5.14 -4.65 2.04
N GLY A 10 -4.94 -5.05 3.29
CA GLY A 10 -3.94 -6.07 3.57
C GLY A 10 -3.31 -5.91 4.93
N ASP A 11 -2.25 -6.67 5.18
CA ASP A 11 -1.55 -6.62 6.45
C ASP A 11 -0.31 -5.74 6.34
N GLY A 12 -0.35 -4.77 5.43
CA GLY A 12 0.78 -3.88 5.24
C GLY A 12 0.40 -2.42 5.33
N ALA A 13 1.41 -1.56 5.36
CA ALA A 13 1.18 -0.13 5.45
C ALA A 13 1.27 0.54 4.09
N VAL A 14 2.20 0.07 3.27
CA VAL A 14 2.40 0.62 1.93
C VAL A 14 1.07 0.84 1.22
N GLY A 15 0.53 2.04 1.36
CA GLY A 15 -0.73 2.36 0.73
C GLY A 15 -1.15 3.80 0.91
N LYS A 16 -1.54 4.15 2.14
CA LYS A 16 -1.97 5.51 2.43
C LYS A 16 -0.85 6.35 3.04
N THR A 17 -0.64 6.16 4.34
CA THR A 17 0.38 6.91 5.07
C THR A 17 1.79 6.42 4.78
N CYS A 18 2.12 5.21 5.26
CA CYS A 18 3.44 4.61 5.08
C CYS A 18 4.08 5.02 3.75
N LEU A 19 3.29 5.00 2.69
CA LEU A 19 3.79 5.37 1.38
C LEU A 19 4.30 6.81 1.37
N LEU A 20 3.45 7.73 1.82
CA LEU A 20 3.82 9.14 1.87
C LEU A 20 4.86 9.38 2.95
N ILE A 21 4.89 8.50 3.96
CA ILE A 21 5.86 8.63 5.05
C ILE A 21 7.28 8.63 4.51
N SER A 22 7.73 7.47 4.04
CA SER A 22 9.08 7.35 3.50
C SER A 22 9.28 8.27 2.30
N TYR A 23 8.18 8.63 1.63
CA TYR A 23 8.27 9.51 0.48
C TYR A 23 8.78 10.89 0.90
N THR A 24 7.95 11.61 1.65
CA THR A 24 8.31 12.95 2.13
C THR A 24 9.31 12.86 3.27
N THR A 25 9.13 11.86 4.13
CA THR A 25 10.01 11.66 5.28
C THR A 25 10.80 10.37 5.12
N ASN A 26 11.44 9.94 6.20
CA ASN A 26 12.22 8.71 6.19
C ASN A 26 12.06 7.94 7.49
N LYS A 27 11.00 8.24 8.24
CA LYS A 27 10.75 7.56 9.49
C LYS A 27 9.82 6.37 9.28
N PHE A 28 10.41 5.19 9.14
CA PHE A 28 9.64 3.99 8.93
C PHE A 28 9.23 3.37 10.28
N PRO A 29 10.19 3.19 11.20
CA PRO A 29 9.94 2.63 12.52
C PRO A 29 9.54 3.69 13.54
N SER A 30 8.64 4.59 13.16
CA SER A 30 8.21 5.66 14.06
C SER A 30 7.10 5.16 14.99
N GLU A 31 5.84 5.39 14.61
CA GLU A 31 4.71 4.97 15.43
C GLU A 31 3.44 4.84 14.60
N TYR A 32 2.82 3.67 14.64
CA TYR A 32 1.58 3.44 13.90
C TYR A 32 0.37 3.83 14.74
N VAL A 33 -0.10 5.05 14.54
CA VAL A 33 -1.26 5.57 15.27
C VAL A 33 -1.80 6.83 14.60
N PRO A 34 -0.99 7.91 14.57
CA PRO A 34 -1.39 9.19 13.95
C PRO A 34 -1.88 9.01 12.52
N THR A 35 -1.55 7.87 11.91
CA THR A 35 -1.94 7.55 10.53
C THR A 35 -3.33 8.10 10.19
N VAL A 36 -4.21 8.16 11.18
CA VAL A 36 -5.57 8.66 10.99
C VAL A 36 -5.57 9.95 10.15
N PHE A 37 -4.49 10.69 10.24
CA PHE A 37 -4.36 11.95 9.49
C PHE A 37 -4.00 11.67 8.02
N ASP A 38 -4.85 10.90 7.34
CA ASP A 38 -4.63 10.57 5.94
C ASP A 38 -5.91 10.72 5.14
N ASN A 39 -6.99 10.15 5.66
CA ASN A 39 -8.29 10.22 5.00
C ASN A 39 -8.79 11.65 4.89
N TYR A 40 -8.20 12.55 5.68
CA TYR A 40 -8.60 13.95 5.66
C TYR A 40 -8.38 14.57 4.27
N ALA A 41 -8.26 15.89 4.22
CA ALA A 41 -8.06 16.59 2.95
C ALA A 41 -6.58 16.75 2.61
N VAL A 42 -6.31 17.04 1.34
CA VAL A 42 -4.94 17.23 0.85
C VAL A 42 -4.88 18.46 -0.04
N THR A 43 -3.67 18.93 -0.33
CA THR A 43 -3.52 20.11 -1.18
C THR A 43 -2.30 20.01 -2.09
N VAL A 44 -2.56 19.73 -3.37
CA VAL A 44 -1.51 19.63 -4.38
C VAL A 44 -2.12 19.74 -5.78
N MET A 45 -1.29 19.61 -6.80
CA MET A 45 -1.76 19.72 -8.18
C MET A 45 -1.82 18.35 -8.86
N ILE A 46 -3.01 17.77 -8.93
CA ILE A 46 -3.17 16.49 -9.60
C ILE A 46 -3.10 16.68 -11.10
N GLY A 47 -1.89 16.66 -11.64
CA GLY A 47 -1.69 16.85 -13.07
C GLY A 47 -2.49 17.99 -13.65
N GLY A 48 -3.66 17.66 -14.20
CA GLY A 48 -4.53 18.65 -14.80
C GLY A 48 -4.56 19.99 -14.07
N GLU A 49 -5.50 20.11 -13.13
CA GLU A 49 -5.64 21.36 -12.36
C GLU A 49 -5.52 21.09 -10.87
N PRO A 50 -5.21 22.12 -10.08
CA PRO A 50 -5.08 22.00 -8.62
C PRO A 50 -6.22 21.22 -8.00
N TYR A 51 -5.93 19.98 -7.62
CA TYR A 51 -6.91 19.11 -7.00
C TYR A 51 -6.26 17.83 -6.50
N THR A 52 -6.91 17.16 -5.56
CA THR A 52 -6.39 15.92 -5.00
C THR A 52 -7.49 14.88 -4.87
N LEU A 53 -7.10 13.61 -4.91
CA LEU A 53 -8.06 12.51 -4.79
C LEU A 53 -8.44 12.30 -3.32
N GLY A 54 -9.22 11.26 -3.06
CA GLY A 54 -9.63 10.97 -1.71
C GLY A 54 -9.06 9.66 -1.19
N LEU A 55 -7.77 9.67 -0.84
CA LEU A 55 -7.11 8.48 -0.33
C LEU A 55 -7.91 7.88 0.82
N PHE A 56 -8.44 6.68 0.61
CA PHE A 56 -9.23 6.01 1.64
C PHE A 56 -8.34 5.25 2.61
N ASP A 57 -8.26 5.76 3.84
CA ASP A 57 -7.45 5.14 4.87
C ASP A 57 -8.33 4.48 5.92
N THR A 58 -7.70 3.95 6.96
CA THR A 58 -8.44 3.29 8.03
C THR A 58 -7.92 3.71 9.40
N ALA A 59 -8.63 3.32 10.45
CA ALA A 59 -8.25 3.65 11.81
C ALA A 59 -9.12 2.92 12.82
N GLY A 60 -8.70 2.93 14.08
CA GLY A 60 -9.46 2.27 15.13
C GLY A 60 -9.35 3.00 16.45
N LEU A 61 -9.26 4.32 16.40
CA LEU A 61 -9.17 5.13 17.60
C LEU A 61 -10.32 6.13 17.67
N GLU A 62 -10.27 7.02 18.66
CA GLU A 62 -11.31 8.03 18.84
C GLU A 62 -11.71 8.69 17.52
N ASP A 63 -10.77 8.73 16.57
CA ASP A 63 -11.03 9.33 15.27
C ASP A 63 -12.36 8.85 14.69
N TYR A 64 -12.44 7.54 14.42
CA TYR A 64 -13.66 6.96 13.87
C TYR A 64 -13.43 5.51 13.44
N ASP A 65 -13.33 4.62 14.42
CA ASP A 65 -13.10 3.19 14.14
C ASP A 65 -14.23 2.62 13.27
N ARG A 66 -15.37 3.31 13.25
CA ARG A 66 -16.51 2.87 12.46
C ARG A 66 -16.22 2.92 10.97
N LEU A 67 -15.15 3.62 10.59
CA LEU A 67 -14.79 3.74 9.18
C LEU A 67 -14.83 2.38 8.48
N ARG A 68 -15.40 2.35 7.29
CA ARG A 68 -15.49 1.11 6.52
C ARG A 68 -15.23 1.36 5.04
N PRO A 69 -14.15 2.09 4.72
CA PRO A 69 -13.79 2.39 3.33
C PRO A 69 -13.21 1.18 2.60
N LEU A 70 -12.94 0.10 3.35
CA LEU A 70 -12.38 -1.11 2.76
C LEU A 70 -13.46 -1.95 2.08
N SER A 71 -14.70 -1.46 2.09
CA SER A 71 -15.81 -2.18 1.46
C SER A 71 -15.52 -2.50 0.00
N TYR A 72 -14.58 -1.77 -0.60
CA TYR A 72 -14.21 -1.97 -1.99
C TYR A 72 -15.29 -1.44 -2.92
N PRO A 73 -15.52 -0.12 -2.91
CA PRO A 73 -16.53 0.52 -3.76
C PRO A 73 -16.29 0.25 -5.24
N GLN A 74 -16.70 1.18 -6.09
CA GLN A 74 -16.51 1.02 -7.53
C GLN A 74 -15.03 0.90 -7.90
N THR A 75 -14.15 1.27 -6.96
CA THR A 75 -12.71 1.18 -7.19
C THR A 75 -12.34 -0.11 -7.90
N ASP A 76 -11.50 0.01 -8.94
CA ASP A 76 -11.07 -1.15 -9.70
C ASP A 76 -9.57 -1.39 -9.56
N VAL A 77 -8.92 -0.63 -8.68
CA VAL A 77 -7.48 -0.78 -8.49
C VAL A 77 -7.08 -0.55 -7.04
N PHE A 78 -7.27 -1.57 -6.20
CA PHE A 78 -6.89 -1.48 -4.80
C PHE A 78 -5.48 -2.00 -4.60
N LEU A 79 -4.62 -1.18 -4.02
CA LEU A 79 -3.22 -1.56 -3.81
C LEU A 79 -3.09 -2.63 -2.73
N VAL A 80 -2.76 -3.84 -3.16
CA VAL A 80 -2.57 -4.95 -2.23
C VAL A 80 -1.19 -4.87 -1.60
N CYS A 81 -1.03 -5.46 -0.42
CA CYS A 81 0.26 -5.41 0.27
C CYS A 81 0.55 -6.69 1.04
N PHE A 82 1.75 -7.22 0.82
CA PHE A 82 2.21 -8.43 1.49
C PHE A 82 3.73 -8.41 1.58
N SER A 83 4.25 -8.62 2.78
CA SER A 83 5.70 -8.60 2.99
C SER A 83 6.35 -9.94 2.63
N VAL A 84 7.50 -9.86 1.96
CA VAL A 84 8.23 -11.05 1.56
C VAL A 84 8.39 -12.04 2.71
N VAL A 85 9.33 -11.76 3.62
CA VAL A 85 9.57 -12.62 4.77
C VAL A 85 8.25 -13.08 5.40
N SER A 86 7.98 -14.38 5.32
CA SER A 86 6.75 -14.93 5.88
C SER A 86 6.90 -16.39 6.30
N PRO A 87 6.22 -16.78 7.39
CA PRO A 87 6.26 -18.14 7.91
C PRO A 87 5.16 -19.01 7.31
N SER A 88 5.10 -19.04 5.98
CA SER A 88 4.09 -19.81 5.26
C SER A 88 2.78 -19.03 5.17
N SER A 89 2.88 -17.71 5.07
CA SER A 89 1.70 -16.87 4.99
C SER A 89 1.27 -16.68 3.54
N PHE A 90 2.22 -16.84 2.62
CA PHE A 90 1.94 -16.68 1.19
C PHE A 90 0.74 -17.53 0.79
N GLU A 91 0.82 -18.83 1.04
CA GLU A 91 -0.27 -19.74 0.69
C GLU A 91 -1.59 -19.27 1.26
N ASN A 92 -1.56 -18.80 2.50
CA ASN A 92 -2.78 -18.31 3.16
C ASN A 92 -3.21 -16.98 2.58
N VAL A 93 -2.29 -16.01 2.55
CA VAL A 93 -2.58 -14.69 2.01
C VAL A 93 -3.24 -14.78 0.65
N LYS A 94 -2.71 -15.64 -0.21
CA LYS A 94 -3.25 -15.83 -1.55
C LYS A 94 -4.68 -16.34 -1.50
N GLU A 95 -4.89 -17.42 -0.76
CA GLU A 95 -6.21 -18.01 -0.63
C GLU A 95 -7.03 -17.33 0.47
N LYS A 96 -6.52 -16.22 0.99
CA LYS A 96 -7.21 -15.49 2.05
C LYS A 96 -7.60 -14.09 1.56
N TRP A 97 -6.74 -13.48 0.77
CA TRP A 97 -7.01 -12.14 0.25
C TRP A 97 -7.65 -12.21 -1.14
N VAL A 98 -7.08 -13.03 -2.01
CA VAL A 98 -7.61 -13.17 -3.36
C VAL A 98 -9.10 -13.47 -3.37
N PRO A 99 -9.56 -14.41 -2.53
CA PRO A 99 -10.98 -14.77 -2.45
C PRO A 99 -11.79 -13.80 -1.60
N GLU A 100 -11.10 -12.94 -0.85
CA GLU A 100 -11.76 -11.96 0.00
C GLU A 100 -12.08 -10.69 -0.79
N ILE A 101 -11.09 -10.18 -1.50
CA ILE A 101 -11.26 -8.97 -2.30
C ILE A 101 -12.22 -9.23 -3.46
N THR A 102 -12.28 -10.47 -3.91
CA THR A 102 -13.15 -10.85 -5.01
C THR A 102 -14.60 -10.99 -4.52
N HIS A 103 -14.74 -11.44 -3.27
CA HIS A 103 -16.06 -11.61 -2.69
C HIS A 103 -16.79 -10.28 -2.55
N HIS A 104 -16.06 -9.26 -2.05
CA HIS A 104 -16.63 -7.93 -1.88
C HIS A 104 -16.57 -7.16 -3.19
N CYS A 105 -15.64 -7.53 -4.06
CA CYS A 105 -15.48 -6.87 -5.35
C CYS A 105 -15.12 -7.88 -6.44
N PRO A 106 -16.11 -8.36 -7.19
CA PRO A 106 -15.90 -9.35 -8.26
C PRO A 106 -15.14 -8.75 -9.44
N LYS A 107 -14.14 -9.48 -9.91
CA LYS A 107 -13.34 -9.04 -11.05
C LYS A 107 -12.87 -7.60 -10.87
N THR A 108 -11.86 -7.41 -10.03
CA THR A 108 -11.32 -6.07 -9.77
C THR A 108 -9.78 -6.11 -9.70
N PRO A 109 -9.10 -5.44 -10.64
CA PRO A 109 -7.62 -5.41 -10.68
C PRO A 109 -7.02 -4.82 -9.42
N PHE A 110 -5.72 -5.08 -9.22
CA PHE A 110 -5.00 -4.58 -8.05
C PHE A 110 -3.49 -4.62 -8.29
N LEU A 111 -2.74 -3.92 -7.46
CA LEU A 111 -1.28 -3.88 -7.60
C LEU A 111 -0.59 -4.54 -6.40
N LEU A 112 0.67 -4.93 -6.61
CA LEU A 112 1.46 -5.57 -5.56
C LEU A 112 2.71 -4.75 -5.26
N VAL A 113 3.31 -4.98 -4.09
CA VAL A 113 4.50 -4.25 -3.69
C VAL A 113 5.58 -5.18 -3.12
N GLY A 114 6.83 -4.87 -3.43
CA GLY A 114 7.94 -5.67 -2.94
C GLY A 114 8.92 -4.85 -2.12
N THR A 115 8.48 -4.40 -0.96
CA THR A 115 9.29 -3.59 -0.07
C THR A 115 10.05 -4.42 0.95
N GLN A 116 10.32 -5.67 0.60
CA GLN A 116 11.05 -6.57 1.47
C GLN A 116 12.16 -7.25 0.69
N ILE A 117 12.57 -6.62 -0.40
CA ILE A 117 13.64 -7.14 -1.23
C ILE A 117 14.96 -7.12 -0.49
N ASP A 118 14.99 -6.47 0.66
CA ASP A 118 16.21 -6.38 1.47
C ASP A 118 16.19 -7.38 2.62
N LEU A 119 15.04 -7.54 3.25
CA LEU A 119 14.88 -8.46 4.37
C LEU A 119 14.97 -9.91 3.90
N ARG A 120 14.47 -10.17 2.70
CA ARG A 120 14.49 -11.53 2.14
C ARG A 120 15.87 -12.17 2.32
N ASP A 121 16.91 -11.35 2.24
CA ASP A 121 18.28 -11.82 2.39
C ASP A 121 18.62 -11.99 3.87
N ASP A 122 17.96 -11.22 4.71
CA ASP A 122 18.20 -11.29 6.15
C ASP A 122 17.94 -12.70 6.68
N PRO A 123 19.01 -13.44 7.01
CA PRO A 123 18.89 -14.81 7.53
C PRO A 123 18.30 -14.87 8.93
N SER A 124 18.04 -13.71 9.53
CA SER A 124 17.47 -13.66 10.87
C SER A 124 15.97 -13.91 10.80
N THR A 125 15.25 -12.98 10.20
CA THR A 125 13.81 -13.11 10.05
C THR A 125 13.51 -14.41 9.33
N ILE A 126 14.28 -14.68 8.29
CA ILE A 126 14.12 -15.91 7.51
C ILE A 126 14.05 -17.10 8.46
N GLU A 127 14.91 -17.08 9.47
CA GLU A 127 14.95 -18.13 10.47
C GLU A 127 13.58 -18.28 11.09
N LYS A 128 13.03 -17.14 11.50
CA LYS A 128 11.69 -17.12 12.10
C LYS A 128 10.71 -17.78 11.16
N LEU A 129 10.96 -17.64 9.86
CA LEU A 129 10.12 -18.26 8.86
C LEU A 129 10.39 -19.75 8.86
N ALA A 130 11.67 -20.09 8.96
CA ALA A 130 12.12 -21.48 9.00
C ALA A 130 11.22 -22.32 9.88
N LYS A 131 10.65 -21.68 10.90
CA LYS A 131 9.77 -22.37 11.82
C LYS A 131 8.57 -22.95 11.09
N ASN A 132 8.03 -22.22 10.12
CA ASN A 132 6.87 -22.70 9.38
C ASN A 132 7.08 -22.73 7.86
N LYS A 133 7.90 -21.83 7.32
CA LYS A 133 8.10 -21.77 5.89
C LYS A 133 9.59 -21.73 5.50
N GLN A 134 10.27 -20.61 5.81
CA GLN A 134 11.68 -20.43 5.49
C GLN A 134 11.90 -19.87 4.08
N LYS A 135 11.08 -20.29 3.13
CA LYS A 135 11.22 -19.83 1.76
C LYS A 135 10.84 -18.36 1.62
N PRO A 136 11.84 -17.49 1.35
CA PRO A 136 11.61 -16.05 1.19
C PRO A 136 11.00 -15.72 -0.16
N ILE A 137 9.92 -14.95 -0.15
CA ILE A 137 9.25 -14.55 -1.37
C ILE A 137 10.21 -13.77 -2.27
N THR A 138 10.82 -14.47 -3.23
CA THR A 138 11.76 -13.84 -4.14
C THR A 138 11.05 -12.84 -5.05
N PRO A 139 11.74 -11.75 -5.44
CA PRO A 139 11.18 -10.72 -6.31
C PRO A 139 10.35 -11.32 -7.44
N GLU A 140 10.84 -12.41 -8.02
CA GLU A 140 10.14 -13.08 -9.10
C GLU A 140 8.86 -13.73 -8.60
N THR A 141 8.92 -14.27 -7.39
CA THR A 141 7.77 -14.93 -6.78
C THR A 141 6.57 -13.98 -6.75
N ALA A 142 6.75 -12.82 -6.13
CA ALA A 142 5.68 -11.84 -6.03
C ALA A 142 5.09 -11.54 -7.41
N GLU A 143 5.96 -11.46 -8.41
CA GLU A 143 5.54 -11.18 -9.77
C GLU A 143 4.69 -12.33 -10.32
N LYS A 144 5.03 -13.54 -9.92
CA LYS A 144 4.30 -14.72 -10.37
C LYS A 144 2.84 -14.65 -9.95
N LEU A 145 2.61 -14.54 -8.66
CA LEU A 145 1.25 -14.45 -8.12
C LEU A 145 0.57 -13.15 -8.57
N ALA A 146 1.36 -12.08 -8.66
CA ALA A 146 0.85 -10.78 -9.07
C ALA A 146 0.21 -10.86 -10.45
N ARG A 147 1.01 -11.23 -11.45
CA ARG A 147 0.53 -11.33 -12.83
C ARG A 147 -0.38 -12.56 -12.99
N ASP A 148 -0.17 -13.56 -12.13
CA ASP A 148 -0.96 -14.78 -12.19
C ASP A 148 -2.45 -14.47 -12.25
N LEU A 149 -2.87 -13.49 -11.46
CA LEU A 149 -4.27 -13.10 -11.41
C LEU A 149 -4.50 -11.80 -12.20
N LYS A 150 -3.60 -11.52 -13.14
CA LYS A 150 -3.70 -10.32 -13.96
C LYS A 150 -3.95 -9.09 -13.09
N ALA A 151 -3.38 -9.10 -11.89
CA ALA A 151 -3.54 -7.99 -10.96
C ALA A 151 -3.20 -6.65 -11.62
N VAL A 152 -1.91 -6.35 -11.67
CA VAL A 152 -1.44 -5.10 -12.29
C VAL A 152 0.05 -5.17 -12.56
N LYS A 153 0.84 -5.17 -11.49
CA LYS A 153 2.28 -5.21 -11.62
C LYS A 153 2.97 -5.13 -10.25
N TYR A 154 3.97 -5.98 -10.05
CA TYR A 154 4.72 -6.00 -8.80
C TYR A 154 6.10 -5.40 -9.03
N VAL A 155 6.36 -4.26 -8.39
CA VAL A 155 7.64 -3.58 -8.53
C VAL A 155 8.53 -3.87 -7.32
N GLU A 156 9.84 -3.83 -7.54
CA GLU A 156 10.80 -4.08 -6.46
C GLU A 156 11.35 -2.78 -5.88
N CYS A 157 11.10 -2.57 -4.60
CA CYS A 157 11.57 -1.38 -3.91
C CYS A 157 11.10 -1.39 -2.45
N SER A 158 12.05 -1.24 -1.53
CA SER A 158 11.74 -1.23 -0.11
C SER A 158 12.13 0.10 0.53
N ALA A 159 11.43 0.47 1.59
CA ALA A 159 11.71 1.72 2.29
C ALA A 159 13.01 1.62 3.08
N LEU A 160 13.24 0.46 3.68
CA LEU A 160 14.44 0.23 4.46
C LEU A 160 15.69 0.57 3.65
N THR A 161 15.78 0.01 2.45
CA THR A 161 16.91 0.26 1.57
C THR A 161 16.77 1.62 0.89
N GLN A 162 15.56 1.93 0.45
CA GLN A 162 15.29 3.19 -0.22
C GLN A 162 13.85 3.27 -0.71
N LYS A 163 13.60 2.74 -1.90
CA LYS A 163 12.26 2.75 -2.48
C LYS A 163 11.75 4.19 -2.62
N GLY A 164 11.48 4.59 -3.86
CA GLY A 164 10.98 5.93 -4.10
C GLY A 164 9.56 6.11 -3.62
N LEU A 165 8.90 5.00 -3.25
CA LEU A 165 7.52 5.04 -2.78
C LEU A 165 6.58 5.45 -3.92
N LYS A 166 6.75 6.68 -4.40
CA LYS A 166 5.93 7.18 -5.49
C LYS A 166 6.02 6.26 -6.71
N ASN A 167 7.19 5.64 -6.90
CA ASN A 167 7.40 4.74 -8.02
C ASN A 167 6.33 3.67 -8.06
N VAL A 168 6.40 2.73 -7.13
CA VAL A 168 5.42 1.65 -7.05
C VAL A 168 4.05 2.22 -6.75
N PHE A 169 4.00 3.18 -5.83
CA PHE A 169 2.75 3.82 -5.45
C PHE A 169 2.11 4.49 -6.66
N ASP A 170 2.92 4.81 -7.66
CA ASP A 170 2.41 5.44 -8.88
C ASP A 170 1.74 4.40 -9.77
N GLU A 171 2.36 3.22 -9.86
CA GLU A 171 1.82 2.14 -10.67
C GLU A 171 0.39 1.81 -10.22
N ALA A 172 0.16 1.94 -8.91
CA ALA A 172 -1.15 1.66 -8.34
C ALA A 172 -2.16 2.76 -8.70
N ILE A 173 -1.84 3.99 -8.31
CA ILE A 173 -2.71 5.12 -8.59
C ILE A 173 -2.88 5.34 -10.09
N LEU A 174 -1.78 5.18 -10.82
CA LEU A 174 -1.78 5.36 -12.26
C LEU A 174 -2.95 4.62 -12.91
N ALA A 175 -3.18 3.39 -12.46
CA ALA A 175 -4.28 2.58 -13.00
C ALA A 175 -5.60 3.34 -12.94
N ALA A 176 -5.68 4.32 -12.06
CA ALA A 176 -6.89 5.11 -11.91
C ALA A 176 -6.85 6.36 -12.81
N LEU A 177 -5.68 6.95 -12.96
CA LEU A 177 -5.52 8.14 -13.80
C LEU A 177 -5.72 7.78 -15.27
N GLU A 178 -5.52 6.51 -15.60
CA GLU A 178 -5.68 6.05 -16.98
C GLU A 178 -5.64 4.52 -17.04
N PRO A 179 -6.03 3.94 -18.19
CA PRO A 179 -6.03 2.48 -18.39
C PRO A 179 -4.63 1.90 -18.32
N PRO A 180 -4.40 0.91 -17.43
CA PRO A 180 -3.08 0.27 -17.28
C PRO A 180 -2.77 -0.67 -18.45
N GLU A 181 -1.49 -1.05 -18.56
CA GLU A 181 -1.05 -1.95 -19.61
C GLU A 181 -0.50 -3.25 -19.03
N PRO A 182 -1.18 -4.38 -19.29
CA PRO A 182 -0.74 -5.69 -18.77
C PRO A 182 0.47 -6.24 -19.53
N LYS A 183 0.74 -7.53 -19.35
CA LYS A 183 1.87 -8.17 -20.01
C LYS A 183 1.52 -8.52 -21.45
N LYS A 184 1.55 -7.52 -22.33
CA LYS A 184 1.24 -7.73 -23.73
C LYS A 184 2.43 -8.35 -24.47
N GLY B 1 4.52 17.66 -13.09
CA GLY B 1 3.80 16.45 -13.57
C GLY B 1 4.58 15.18 -13.32
N SER B 2 3.94 14.04 -13.56
CA SER B 2 4.58 12.74 -13.36
C SER B 2 4.96 12.10 -14.69
N GLY B 3 3.96 11.65 -15.43
CA GLY B 3 4.21 11.02 -16.72
C GLY B 3 3.89 9.53 -16.69
N LEU B 4 3.01 9.11 -17.58
CA LEU B 4 2.62 7.70 -17.64
C LEU B 4 1.71 7.42 -18.83
N SER B 5 0.82 8.35 -19.14
CA SER B 5 -0.11 8.20 -20.25
C SER B 5 -1.15 9.31 -20.25
N ALA B 6 -1.88 9.44 -19.14
CA ALA B 6 -2.90 10.47 -19.00
C ALA B 6 -2.45 11.79 -19.62
N GLN B 7 -1.21 12.12 -19.34
CA GLN B 7 -0.58 13.33 -19.82
C GLN B 7 0.68 13.57 -19.02
N ASP B 8 0.56 13.27 -17.72
CA ASP B 8 1.65 13.40 -16.75
C ASP B 8 1.09 13.78 -15.39
N ILE B 9 -0.03 13.17 -15.02
CA ILE B 9 -0.67 13.46 -13.74
C ILE B 9 0.13 12.87 -12.58
N SER B 10 0.46 13.72 -11.62
CA SER B 10 1.22 13.31 -10.46
C SER B 10 0.37 13.30 -9.19
N GLN B 11 0.59 12.31 -8.34
CA GLN B 11 -0.15 12.21 -7.09
C GLN B 11 0.61 12.90 -5.96
N PRO B 12 1.78 12.36 -5.56
CA PRO B 12 2.60 12.96 -4.51
C PRO B 12 3.43 14.11 -5.05
N LEU B 13 2.79 15.24 -5.30
CA LEU B 13 3.49 16.41 -5.83
C LEU B 13 4.36 17.07 -4.77
N GLN B 14 3.77 17.98 -3.99
CA GLN B 14 4.50 18.68 -2.95
C GLN B 14 4.66 17.81 -1.71
N ASN B 15 3.68 17.86 -0.82
CA ASN B 15 3.74 17.08 0.42
C ASN B 15 2.58 16.08 0.47
N SER B 16 1.46 16.43 -0.15
CA SER B 16 0.30 15.56 -0.17
C SER B 16 -0.38 15.53 1.20
N PHE B 17 -0.13 16.55 2.00
CA PHE B 17 -0.72 16.64 3.35
C PHE B 17 -0.92 18.09 3.76
N ILE B 18 -2.14 18.40 4.23
CA ILE B 18 -2.45 19.76 4.67
C ILE B 18 -1.59 20.16 5.87
N HIS B 19 -1.83 19.52 7.01
CA HIS B 19 -1.08 19.82 8.23
C HIS B 19 -1.08 18.62 9.17
N THR B 20 -2.25 18.30 9.72
CA THR B 20 -2.38 17.17 10.64
C THR B 20 -3.84 16.77 10.81
N GLY B 21 -4.05 15.52 11.22
CA GLY B 21 -5.40 15.03 11.41
C GLY B 21 -5.90 15.24 12.83
N HIS B 22 -5.69 14.24 13.69
CA HIS B 22 -6.11 14.32 15.08
C HIS B 22 -5.88 12.99 15.81
N GLY B 23 -6.93 12.16 15.94
CA GLY B 23 -6.79 10.89 16.62
C GLY B 23 -5.95 10.96 17.88
N ASP B 24 -4.66 10.66 17.74
CA ASP B 24 -3.74 10.69 18.87
C ASP B 24 -2.34 10.24 18.46
N SER B 25 -1.51 11.19 18.07
CA SER B 25 -0.16 10.90 17.65
C SER B 25 0.75 10.70 18.85
N ASP B 26 0.93 9.44 19.25
CA ASP B 26 1.78 9.11 20.39
C ASP B 26 2.52 7.80 20.16
N PRO B 27 3.74 7.67 20.71
CA PRO B 27 4.55 6.45 20.56
C PRO B 27 3.95 5.26 21.31
N ARG B 28 3.26 4.40 20.57
CA ARG B 28 2.64 3.22 21.17
C ARG B 28 3.48 1.98 20.93
N HIS B 29 3.79 1.71 19.66
CA HIS B 29 4.59 0.55 19.29
C HIS B 29 5.23 0.74 17.93
N CYS B 30 6.48 1.18 17.92
CA CYS B 30 7.21 1.41 16.67
C CYS B 30 7.51 0.09 15.97
N TRP B 31 6.87 -0.11 14.82
CA TRP B 31 7.07 -1.33 14.04
C TRP B 31 6.52 -2.55 14.79
N GLY B 32 7.18 -2.91 15.89
CA GLY B 32 6.76 -4.05 16.67
C GLY B 32 6.78 -5.35 15.88
N PHE B 33 5.75 -5.58 15.07
CA PHE B 33 5.68 -6.78 14.26
C PHE B 33 5.96 -6.47 12.79
N PRO B 34 6.53 -7.43 12.05
CA PRO B 34 6.86 -7.26 10.63
C PRO B 34 5.62 -7.22 9.75
N ASP B 35 4.47 -7.59 10.31
CA ASP B 35 3.21 -7.59 9.56
C ASP B 35 2.25 -6.54 10.10
N ARG B 36 1.86 -5.60 9.25
CA ARG B 36 0.94 -4.55 9.64
C ARG B 36 -0.46 -5.08 9.84
N ILE B 37 -1.11 -4.60 10.88
CA ILE B 37 -2.46 -5.02 11.18
C ILE B 37 -3.36 -4.76 9.98
N ASP B 38 -4.25 -5.70 9.68
CA ASP B 38 -5.16 -5.56 8.55
C ASP B 38 -5.73 -4.14 8.47
N GLU B 39 -5.58 -3.52 7.32
CA GLU B 39 -6.08 -2.16 7.12
C GLU B 39 -7.52 -2.03 7.58
N LEU B 40 -8.24 -3.16 7.62
CA LEU B 40 -9.64 -3.20 8.05
C LEU B 40 -9.92 -2.18 9.15
N TYR B 41 -9.12 -2.25 10.22
CA TYR B 41 -9.27 -1.33 11.34
C TYR B 41 -8.17 -0.28 11.30
N LEU B 42 -6.92 -0.74 11.43
CA LEU B 42 -5.77 0.16 11.43
C LEU B 42 -5.84 1.12 12.60
N GLY B 43 -4.68 1.60 13.04
CA GLY B 43 -4.64 2.52 14.15
C GLY B 43 -4.22 1.86 15.45
N ASN B 44 -2.92 1.73 15.64
CA ASN B 44 -2.38 1.11 16.84
C ASN B 44 -2.29 2.11 17.98
MG MG C . 1.26 5.06 9.05
PG GNP D . 3.87 5.39 10.82
O1G GNP D . 4.09 6.80 10.41
O2G GNP D . 2.48 4.93 11.01
O3G GNP D . 4.61 5.21 12.24
N3B GNP D . 4.54 4.43 9.62
PB GNP D . 3.62 3.44 8.65
O1B GNP D . 2.79 2.60 9.54
O2B GNP D . 2.95 4.32 7.66
O3A GNP D . 4.53 2.41 7.79
PA GNP D . 5.23 1.04 8.26
O1A GNP D . 6.34 1.38 9.18
O2A GNP D . 4.18 0.11 8.70
O5' GNP D . 5.86 0.47 6.89
C5' GNP D . 5.24 -0.63 6.21
C4' GNP D . 6.04 -1.92 6.37
O4' GNP D . 5.24 -3.06 6.05
C3' GNP D . 7.24 -1.92 5.44
O3' GNP D . 8.47 -1.87 6.17
C2' GNP D . 7.16 -3.18 4.62
O2' GNP D . 8.32 -3.99 4.81
C1' GNP D . 5.91 -3.89 5.09
N9 GNP D . 5.03 -4.22 3.95
C8 GNP D . 3.71 -3.97 3.79
N7 GNP D . 3.15 -4.32 2.67
C5 GNP D . 4.24 -4.87 1.98
C6 GNP D . 4.31 -5.45 0.67
O6 GNP D . 3.40 -5.58 -0.15
N1 GNP D . 5.60 -5.90 0.36
C2 GNP D . 6.70 -5.81 1.20
N2 GNP D . 7.85 -6.29 0.74
N3 GNP D . 6.64 -5.26 2.43
C4 GNP D . 5.39 -4.81 2.77
HNB3 GNP D . 5.51 4.43 9.50
H5'2 GNP D . 5.16 -0.39 5.15
H5'1 GNP D . 4.25 -0.78 6.62
H4' GNP D . 6.39 -2.01 7.40
H3' GNP D . 7.17 -1.09 4.78
HO3' GNP D . 8.91 -2.71 6.05
H2' GNP D . 7.05 -2.92 3.56
HO2' GNP D . 8.70 -4.14 3.94
H1' GNP D . 6.21 -4.80 5.57
H8 GNP D . 3.12 -3.49 4.57
HN1 GNP D . 5.71 -6.30 -0.53
HN21 GNP D . 7.89 -6.70 -0.19
HN22 GNP D . 8.68 -6.25 1.31
N MET A 1 -8.53 15.82 -17.00
CA MET A 1 -7.97 15.87 -15.62
C MET A 1 -8.55 14.76 -14.75
N GLN A 2 -7.68 14.09 -14.00
CA GLN A 2 -8.10 13.01 -13.12
C GLN A 2 -6.99 12.64 -12.15
N THR A 3 -7.36 12.41 -10.89
CA THR A 3 -6.39 12.03 -9.88
C THR A 3 -6.57 10.56 -9.47
N ILE A 4 -6.46 10.23 -8.18
CA ILE A 4 -6.60 8.83 -7.76
C ILE A 4 -7.16 8.69 -6.34
N LYS A 5 -7.82 7.56 -6.10
CA LYS A 5 -8.39 7.25 -4.81
C LYS A 5 -8.05 5.81 -4.43
N CYS A 6 -6.98 5.63 -3.66
CA CYS A 6 -6.55 4.30 -3.26
C CYS A 6 -6.95 3.97 -1.83
N VAL A 7 -7.09 2.69 -1.55
CA VAL A 7 -7.46 2.21 -0.22
C VAL A 7 -6.54 1.06 0.20
N VAL A 8 -6.31 0.94 1.50
CA VAL A 8 -5.46 -0.13 2.00
C VAL A 8 -6.28 -1.31 2.48
N VAL A 9 -5.74 -2.50 2.25
CA VAL A 9 -6.39 -3.74 2.64
C VAL A 9 -5.38 -4.87 2.67
N GLY A 10 -5.36 -5.61 3.77
CA GLY A 10 -4.41 -6.70 3.88
C GLY A 10 -3.96 -6.96 5.31
N ASP A 11 -3.07 -7.93 5.47
CA ASP A 11 -2.54 -8.26 6.79
C ASP A 11 -1.14 -7.69 6.97
N GLY A 12 -0.44 -7.52 5.86
CA GLY A 12 0.91 -6.97 5.91
C GLY A 12 0.92 -5.53 6.36
N ALA A 13 1.61 -4.68 5.60
CA ALA A 13 1.70 -3.26 5.93
C ALA A 13 0.77 -2.43 5.05
N VAL A 14 0.95 -2.55 3.74
CA VAL A 14 0.13 -1.81 2.79
C VAL A 14 -0.06 -0.36 3.22
N GLY A 15 0.91 0.18 3.95
CA GLY A 15 0.82 1.54 4.42
C GLY A 15 0.81 2.55 3.29
N LYS A 16 -0.38 2.88 2.80
CA LYS A 16 -0.51 3.84 1.71
C LYS A 16 0.22 5.14 2.06
N THR A 17 0.22 5.47 3.35
CA THR A 17 0.87 6.68 3.83
C THR A 17 2.37 6.44 3.99
N CYS A 18 2.73 5.39 4.73
CA CYS A 18 4.13 5.06 4.97
C CYS A 18 4.96 5.19 3.68
N LEU A 19 4.36 4.80 2.57
CA LEU A 19 5.04 4.87 1.28
C LEU A 19 5.65 6.26 1.07
N LEU A 20 4.79 7.28 1.12
CA LEU A 20 5.24 8.65 0.94
C LEU A 20 6.05 9.12 2.15
N ILE A 21 5.76 8.54 3.32
CA ILE A 21 6.48 8.91 4.53
C ILE A 21 7.96 8.54 4.40
N SER A 22 8.26 7.25 4.43
CA SER A 22 9.63 6.79 4.32
C SER A 22 10.31 7.43 3.11
N TYR A 23 9.53 7.71 2.08
CA TYR A 23 10.05 8.34 0.87
C TYR A 23 10.60 9.72 1.17
N THR A 24 9.70 10.64 1.54
CA THR A 24 10.10 12.01 1.86
C THR A 24 10.76 12.07 3.23
N THR A 25 10.06 11.56 4.25
CA THR A 25 10.58 11.55 5.60
C THR A 25 11.59 10.41 5.78
N ASN A 26 11.74 9.92 7.00
CA ASN A 26 12.68 8.84 7.29
C ASN A 26 12.29 8.11 8.57
N LYS A 27 10.99 7.98 8.81
CA LYS A 27 10.52 7.30 10.01
C LYS A 27 9.60 6.14 9.66
N PHE A 28 10.14 4.93 9.72
CA PHE A 28 9.35 3.72 9.44
C PHE A 28 8.96 3.04 10.75
N PRO A 29 9.92 2.45 11.48
CA PRO A 29 9.64 1.78 12.75
C PRO A 29 9.51 2.80 13.88
N SER A 30 8.62 3.78 13.71
CA SER A 30 8.42 4.82 14.71
C SER A 30 7.10 4.64 15.42
N GLU A 31 6.02 5.17 14.85
CA GLU A 31 4.71 5.06 15.46
C GLU A 31 3.60 4.98 14.43
N TYR A 32 2.87 3.88 14.47
CA TYR A 32 1.76 3.67 13.55
C TYR A 32 0.46 3.98 14.26
N VAL A 33 0.00 5.22 14.11
CA VAL A 33 -1.24 5.66 14.76
C VAL A 33 -1.74 6.95 14.11
N PRO A 34 -0.98 8.05 14.22
CA PRO A 34 -1.35 9.34 13.64
C PRO A 34 -1.75 9.22 12.17
N THR A 35 -1.31 8.15 11.53
CA THR A 35 -1.62 7.91 10.12
C THR A 35 -3.06 8.28 9.79
N VAL A 36 -3.96 8.16 10.78
CA VAL A 36 -5.37 8.49 10.61
C VAL A 36 -5.53 9.79 9.84
N PHE A 37 -4.56 10.69 10.00
CA PHE A 37 -4.58 11.98 9.31
C PHE A 37 -4.72 11.78 7.80
N ASP A 38 -4.32 10.60 7.32
CA ASP A 38 -4.39 10.27 5.90
C ASP A 38 -5.69 10.76 5.26
N ASN A 39 -6.75 10.83 6.05
CA ASN A 39 -8.06 11.27 5.55
C ASN A 39 -8.09 12.77 5.26
N TYR A 40 -7.00 13.47 5.53
CA TYR A 40 -6.94 14.91 5.28
C TYR A 40 -7.17 15.21 3.80
N ALA A 41 -7.08 16.48 3.43
CA ALA A 41 -7.29 16.89 2.05
C ALA A 41 -6.00 17.41 1.41
N VAL A 42 -5.84 17.13 0.13
CA VAL A 42 -4.65 17.57 -0.60
C VAL A 42 -5.02 18.54 -1.71
N THR A 43 -4.46 19.74 -1.66
CA THR A 43 -4.72 20.76 -2.66
C THR A 43 -3.49 21.01 -3.52
N VAL A 44 -3.54 20.54 -4.76
CA VAL A 44 -2.41 20.70 -5.68
C VAL A 44 -2.83 20.43 -7.13
N MET A 45 -2.20 21.12 -8.07
CA MET A 45 -2.51 20.92 -9.48
C MET A 45 -1.90 19.60 -9.94
N ILE A 46 -2.76 18.60 -10.09
CA ILE A 46 -2.32 17.28 -10.51
C ILE A 46 -2.56 17.06 -11.99
N GLY A 47 -1.58 17.45 -12.80
CA GLY A 47 -1.67 17.29 -14.23
C GLY A 47 -2.59 18.29 -14.89
N GLY A 48 -3.74 17.82 -15.34
CA GLY A 48 -4.71 18.69 -16.00
C GLY A 48 -4.98 19.98 -15.25
N GLU A 49 -5.95 19.95 -14.35
CA GLU A 49 -6.31 21.12 -13.56
C GLU A 49 -6.28 20.80 -12.06
N PRO A 50 -6.40 21.83 -11.20
CA PRO A 50 -6.39 21.65 -9.74
C PRO A 50 -7.51 20.75 -9.25
N TYR A 51 -7.14 19.55 -8.83
CA TYR A 51 -8.10 18.57 -8.32
C TYR A 51 -7.38 17.35 -7.76
N THR A 52 -7.32 17.24 -6.44
CA THR A 52 -6.65 16.12 -5.80
C THR A 52 -7.61 15.38 -4.87
N LEU A 53 -7.69 14.06 -5.03
CA LEU A 53 -8.58 13.24 -4.21
C LEU A 53 -8.05 13.13 -2.78
N GLY A 54 -8.85 12.55 -1.91
CA GLY A 54 -8.47 12.39 -0.53
C GLY A 54 -8.32 10.93 -0.15
N LEU A 55 -7.08 10.49 0.03
CA LEU A 55 -6.81 9.09 0.39
C LEU A 55 -7.70 8.65 1.55
N PHE A 56 -8.60 7.71 1.28
CA PHE A 56 -9.51 7.20 2.29
C PHE A 56 -8.84 6.13 3.13
N ASP A 57 -8.46 6.49 4.34
CA ASP A 57 -7.82 5.57 5.26
C ASP A 57 -8.80 5.00 6.25
N THR A 58 -8.30 4.21 7.19
CA THR A 58 -9.14 3.59 8.21
C THR A 58 -8.49 3.70 9.58
N ALA A 59 -9.27 3.40 10.62
CA ALA A 59 -8.77 3.47 11.98
C ALA A 59 -9.77 2.88 12.97
N GLY A 60 -9.41 2.89 14.24
CA GLY A 60 -10.29 2.36 15.27
C GLY A 60 -10.09 3.03 16.61
N LEU A 61 -9.71 4.31 16.57
CA LEU A 61 -9.48 5.07 17.80
C LEU A 61 -10.44 6.25 17.88
N GLU A 62 -10.08 7.23 18.72
CA GLU A 62 -10.90 8.42 18.90
C GLU A 62 -11.23 9.07 17.55
N ASP A 63 -10.35 8.88 16.58
CA ASP A 63 -10.55 9.45 15.25
C ASP A 63 -11.95 9.14 14.71
N TYR A 64 -12.22 7.87 14.51
CA TYR A 64 -13.52 7.43 14.00
C TYR A 64 -13.50 5.97 13.59
N ASP A 65 -13.68 5.09 14.57
CA ASP A 65 -13.68 3.65 14.32
C ASP A 65 -14.90 3.24 13.50
N ARG A 66 -15.94 4.06 13.54
CA ARG A 66 -17.17 3.77 12.80
C ARG A 66 -16.88 3.49 11.34
N LEU A 67 -15.81 4.09 10.81
CA LEU A 67 -15.42 3.88 9.43
C LEU A 67 -15.40 2.40 9.06
N ARG A 68 -15.88 2.08 7.86
CA ARG A 68 -15.92 0.70 7.40
C ARG A 68 -15.78 0.62 5.88
N PRO A 69 -14.78 1.30 5.32
CA PRO A 69 -14.54 1.30 3.87
C PRO A 69 -13.89 0.02 3.37
N LEU A 70 -13.07 -0.61 4.22
CA LEU A 70 -12.40 -1.84 3.86
C LEU A 70 -13.42 -2.98 3.68
N SER A 71 -14.56 -2.85 4.35
CA SER A 71 -15.60 -3.87 4.27
C SER A 71 -16.09 -4.04 2.84
N TYR A 72 -16.80 -3.04 2.34
CA TYR A 72 -17.31 -3.08 0.97
C TYR A 72 -16.84 -1.87 0.17
N PRO A 73 -15.53 -1.80 -0.12
CA PRO A 73 -14.95 -0.69 -0.87
C PRO A 73 -15.29 -0.76 -2.36
N GLN A 74 -15.57 0.40 -2.95
CA GLN A 74 -15.93 0.46 -4.36
C GLN A 74 -14.74 0.93 -5.21
N THR A 75 -13.55 0.99 -4.61
CA THR A 75 -12.36 1.43 -5.31
C THR A 75 -11.84 0.33 -6.24
N ASP A 76 -11.70 0.66 -7.52
CA ASP A 76 -11.21 -0.31 -8.50
C ASP A 76 -9.68 -0.45 -8.43
N VAL A 77 -9.03 0.54 -7.81
CA VAL A 77 -7.58 0.52 -7.68
C VAL A 77 -7.16 0.13 -6.26
N PHE A 78 -7.20 -1.18 -5.98
CA PHE A 78 -6.83 -1.67 -4.66
C PHE A 78 -5.32 -1.85 -4.56
N LEU A 79 -4.85 -2.21 -3.38
CA LEU A 79 -3.42 -2.41 -3.15
C LEU A 79 -3.17 -3.50 -2.11
N VAL A 80 -2.67 -4.65 -2.56
CA VAL A 80 -2.39 -5.77 -1.68
C VAL A 80 -0.90 -6.03 -1.60
N CYS A 81 -0.28 -5.56 -0.53
CA CYS A 81 1.16 -5.73 -0.34
C CYS A 81 1.46 -6.96 0.52
N PHE A 82 2.74 -7.28 0.64
CA PHE A 82 3.18 -8.42 1.43
C PHE A 82 4.70 -8.49 1.48
N SER A 83 5.25 -8.86 2.63
CA SER A 83 6.70 -8.93 2.80
C SER A 83 7.26 -10.26 2.27
N VAL A 84 8.54 -10.24 1.92
CA VAL A 84 9.22 -11.42 1.40
C VAL A 84 9.10 -12.60 2.36
N VAL A 85 9.44 -12.38 3.62
CA VAL A 85 9.38 -13.43 4.62
C VAL A 85 8.04 -14.16 4.57
N SER A 86 8.08 -15.45 4.26
CA SER A 86 6.88 -16.26 4.16
C SER A 86 7.16 -17.72 4.49
N PRO A 87 6.52 -18.25 5.56
CA PRO A 87 6.70 -19.64 5.98
C PRO A 87 5.68 -20.56 5.32
N SER A 88 5.57 -20.46 4.00
CA SER A 88 4.63 -21.27 3.23
C SER A 88 3.22 -20.68 3.29
N SER A 89 3.14 -19.37 3.46
CA SER A 89 1.87 -18.68 3.54
C SER A 89 1.39 -18.23 2.15
N PHE A 90 2.31 -18.22 1.18
CA PHE A 90 1.98 -17.81 -0.18
C PHE A 90 0.68 -18.48 -0.66
N GLU A 91 0.61 -19.79 -0.51
CA GLU A 91 -0.57 -20.54 -0.93
C GLU A 91 -1.79 -20.10 -0.13
N ASN A 92 -1.59 -19.80 1.15
CA ASN A 92 -2.67 -19.37 2.02
C ASN A 92 -3.12 -17.95 1.68
N VAL A 93 -2.18 -17.01 1.74
CA VAL A 93 -2.47 -15.62 1.43
C VAL A 93 -3.15 -15.49 0.07
N LYS A 94 -2.63 -16.19 -0.92
CA LYS A 94 -3.19 -16.15 -2.27
C LYS A 94 -4.64 -16.63 -2.26
N GLU A 95 -4.87 -17.79 -1.65
CA GLU A 95 -6.21 -18.36 -1.57
C GLU A 95 -7.02 -17.76 -0.41
N LYS A 96 -6.46 -16.75 0.24
CA LYS A 96 -7.14 -16.09 1.35
C LYS A 96 -7.43 -14.63 1.04
N TRP A 97 -6.58 -14.02 0.22
CA TRP A 97 -6.74 -12.62 -0.15
C TRP A 97 -7.50 -12.49 -1.47
N VAL A 98 -7.04 -13.20 -2.49
CA VAL A 98 -7.66 -13.16 -3.81
C VAL A 98 -9.17 -13.40 -3.71
N PRO A 99 -9.61 -14.55 -3.14
CA PRO A 99 -11.04 -14.86 -3.01
C PRO A 99 -11.77 -13.86 -2.11
N GLU A 100 -11.01 -13.08 -1.34
CA GLU A 100 -11.59 -12.09 -0.46
C GLU A 100 -11.76 -10.75 -1.17
N ILE A 101 -10.66 -10.25 -1.73
CA ILE A 101 -10.69 -8.98 -2.45
C ILE A 101 -11.74 -9.00 -3.55
N THR A 102 -11.99 -10.19 -4.10
CA THR A 102 -12.98 -10.34 -5.16
C THR A 102 -14.38 -10.55 -4.58
N HIS A 103 -14.42 -11.06 -3.34
CA HIS A 103 -15.70 -11.30 -2.67
C HIS A 103 -16.47 -9.99 -2.50
N HIS A 104 -15.80 -8.99 -1.95
CA HIS A 104 -16.42 -7.69 -1.73
C HIS A 104 -16.87 -7.07 -3.06
N CYS A 105 -16.05 -7.26 -4.10
CA CYS A 105 -16.36 -6.73 -5.42
C CYS A 105 -16.05 -7.76 -6.50
N PRO A 106 -17.01 -8.08 -7.38
CA PRO A 106 -16.81 -9.05 -8.45
C PRO A 106 -15.54 -8.78 -9.25
N LYS A 107 -14.43 -9.36 -8.82
CA LYS A 107 -13.16 -9.17 -9.48
C LYS A 107 -12.75 -7.70 -9.47
N THR A 108 -11.75 -7.37 -8.65
CA THR A 108 -11.28 -6.00 -8.55
C THR A 108 -9.75 -5.95 -8.71
N PRO A 109 -9.25 -4.96 -9.48
CA PRO A 109 -7.81 -4.82 -9.72
C PRO A 109 -7.03 -4.60 -8.43
N PHE A 110 -5.74 -4.93 -8.47
CA PHE A 110 -4.87 -4.76 -7.31
C PHE A 110 -3.41 -4.72 -7.73
N LEU A 111 -2.61 -3.98 -6.98
CA LEU A 111 -1.19 -3.84 -7.28
C LEU A 111 -0.32 -4.53 -6.24
N LEU A 112 0.83 -5.03 -6.69
CA LEU A 112 1.76 -5.71 -5.79
C LEU A 112 2.94 -4.79 -5.48
N VAL A 113 3.63 -5.04 -4.37
CA VAL A 113 4.76 -4.20 -4.00
C VAL A 113 5.86 -5.00 -3.30
N GLY A 114 7.09 -4.52 -3.46
CA GLY A 114 8.24 -5.15 -2.84
C GLY A 114 9.10 -4.13 -2.14
N THR A 115 9.36 -4.34 -0.85
CA THR A 115 10.15 -3.40 -0.08
C THR A 115 11.09 -4.11 0.88
N GLN A 116 10.54 -4.92 1.77
CA GLN A 116 11.33 -5.65 2.75
C GLN A 116 12.42 -6.46 2.05
N ILE A 117 12.22 -6.75 0.76
CA ILE A 117 13.17 -7.52 -0.03
C ILE A 117 14.62 -7.11 0.26
N ASP A 118 14.81 -5.86 0.63
CA ASP A 118 16.15 -5.33 0.90
C ASP A 118 16.82 -6.02 2.09
N LEU A 119 16.08 -6.24 3.17
CA LEU A 119 16.65 -6.85 4.36
C LEU A 119 15.97 -8.18 4.71
N ARG A 120 15.22 -8.73 3.78
CA ARG A 120 14.55 -10.01 4.02
C ARG A 120 15.46 -11.19 3.68
N ASP A 121 16.48 -10.93 2.86
CA ASP A 121 17.42 -11.97 2.47
C ASP A 121 18.11 -12.56 3.69
N ASP A 122 18.06 -11.84 4.81
CA ASP A 122 18.68 -12.30 6.06
C ASP A 122 18.33 -13.76 6.34
N PRO A 123 19.35 -14.64 6.47
CA PRO A 123 19.13 -16.07 6.74
C PRO A 123 18.57 -16.33 8.13
N SER A 124 18.42 -15.29 8.94
CA SER A 124 17.90 -15.43 10.29
C SER A 124 16.39 -15.62 10.25
N THR A 125 15.67 -14.55 9.92
CA THR A 125 14.23 -14.63 9.83
C THR A 125 13.85 -15.74 8.86
N ILE A 126 14.66 -15.89 7.83
CA ILE A 126 14.44 -16.91 6.83
C ILE A 126 14.38 -18.28 7.50
N GLU A 127 15.25 -18.48 8.49
CA GLU A 127 15.29 -19.72 9.22
C GLU A 127 13.98 -19.90 9.97
N LYS A 128 13.38 -18.79 10.38
CA LYS A 128 12.11 -18.84 11.09
C LYS A 128 11.00 -19.26 10.13
N LEU A 129 11.22 -19.02 8.85
CA LEU A 129 10.26 -19.42 7.83
C LEU A 129 10.53 -20.87 7.45
N ALA A 130 11.80 -21.25 7.58
CA ALA A 130 12.25 -22.60 7.27
C ALA A 130 11.34 -23.64 7.90
N LYS A 131 10.91 -23.39 9.14
CA LYS A 131 10.02 -24.32 9.83
C LYS A 131 8.91 -24.81 8.90
N ASN A 132 8.54 -23.96 7.94
CA ASN A 132 7.50 -24.31 6.98
C ASN A 132 8.01 -24.22 5.54
N LYS A 133 8.94 -23.29 5.29
CA LYS A 133 9.49 -23.12 3.95
C LYS A 133 10.92 -22.58 3.98
N GLN A 134 11.06 -21.23 3.91
CA GLN A 134 12.36 -20.52 3.91
C GLN A 134 12.54 -19.69 2.64
N LYS A 135 11.75 -20.02 1.62
CA LYS A 135 11.83 -19.35 0.33
C LYS A 135 11.34 -17.90 0.42
N PRO A 136 12.25 -16.92 0.27
CA PRO A 136 11.91 -15.50 0.31
C PRO A 136 11.33 -15.04 -1.02
N ILE A 137 10.19 -14.36 -0.95
CA ILE A 137 9.53 -13.87 -2.16
C ILE A 137 10.43 -12.94 -2.96
N THR A 138 11.10 -13.49 -3.96
CA THR A 138 12.00 -12.69 -4.80
C THR A 138 11.19 -11.73 -5.67
N PRO A 139 11.79 -10.58 -6.04
CA PRO A 139 11.13 -9.57 -6.86
C PRO A 139 10.44 -10.19 -8.08
N GLU A 140 10.93 -11.34 -8.51
CA GLU A 140 10.36 -12.03 -9.66
C GLU A 140 9.11 -12.81 -9.27
N THR A 141 9.14 -13.44 -8.09
CA THR A 141 8.01 -14.22 -7.62
C THR A 141 6.74 -13.38 -7.55
N ALA A 142 6.82 -12.25 -6.84
CA ALA A 142 5.66 -11.36 -6.71
C ALA A 142 5.01 -11.10 -8.07
N GLU A 143 5.83 -10.87 -9.08
CA GLU A 143 5.34 -10.62 -10.43
C GLU A 143 4.52 -11.80 -10.93
N LYS A 144 5.01 -13.01 -10.63
CA LYS A 144 4.32 -14.23 -11.04
C LYS A 144 2.87 -14.21 -10.56
N LEU A 145 2.68 -14.06 -9.25
CA LEU A 145 1.35 -14.03 -8.67
C LEU A 145 0.60 -12.76 -9.11
N ALA A 146 1.36 -11.70 -9.38
CA ALA A 146 0.77 -10.45 -9.82
C ALA A 146 0.11 -10.60 -11.19
N ARG A 147 0.77 -11.33 -12.07
CA ARG A 147 0.25 -11.56 -13.42
C ARG A 147 -0.69 -12.76 -13.43
N ASP A 148 -0.50 -13.67 -12.48
CA ASP A 148 -1.34 -14.86 -12.37
C ASP A 148 -2.82 -14.49 -12.34
N LEU A 149 -3.11 -13.33 -11.76
CA LEU A 149 -4.48 -12.85 -11.67
C LEU A 149 -4.64 -11.50 -12.37
N LYS A 150 -3.71 -11.20 -13.27
CA LYS A 150 -3.76 -9.94 -14.03
C LYS A 150 -4.00 -8.76 -13.10
N ALA A 151 -3.24 -8.70 -12.01
CA ALA A 151 -3.39 -7.60 -11.05
C ALA A 151 -3.00 -6.28 -11.68
N VAL A 152 -1.70 -6.02 -11.73
CA VAL A 152 -1.19 -4.78 -12.32
C VAL A 152 0.29 -4.92 -12.68
N LYS A 153 1.15 -4.88 -11.67
CA LYS A 153 2.59 -5.00 -11.89
C LYS A 153 3.37 -4.76 -10.60
N TYR A 154 4.09 -5.79 -10.15
CA TYR A 154 4.90 -5.68 -8.95
C TYR A 154 6.22 -5.01 -9.29
N VAL A 155 6.45 -3.83 -8.72
CA VAL A 155 7.69 -3.09 -8.97
C VAL A 155 8.68 -3.24 -7.83
N GLU A 156 9.95 -2.99 -8.13
CA GLU A 156 11.01 -3.10 -7.13
C GLU A 156 11.21 -1.78 -6.39
N CYS A 157 11.43 -1.88 -5.08
CA CYS A 157 11.63 -0.70 -4.25
C CYS A 157 11.83 -1.10 -2.80
N SER A 158 11.93 -0.11 -1.91
CA SER A 158 12.10 -0.38 -0.48
C SER A 158 11.69 0.83 0.36
N ALA A 159 11.58 0.62 1.66
CA ALA A 159 11.19 1.67 2.58
C ALA A 159 12.32 1.97 3.57
N LEU A 160 12.90 0.90 4.12
CA LEU A 160 13.99 1.04 5.07
C LEU A 160 15.21 1.66 4.40
N THR A 161 15.37 1.36 3.11
CA THR A 161 16.50 1.89 2.34
C THR A 161 15.99 2.84 1.26
N GLN A 162 14.74 2.69 0.87
CA GLN A 162 14.15 3.54 -0.15
C GLN A 162 14.64 3.15 -1.54
N LYS A 163 14.19 2.01 -2.04
CA LYS A 163 14.61 1.54 -3.35
C LYS A 163 13.62 1.97 -4.44
N GLY A 164 12.73 2.90 -4.11
CA GLY A 164 11.77 3.37 -5.09
C GLY A 164 10.33 3.16 -4.65
N LEU A 165 10.07 3.27 -3.36
CA LEU A 165 8.72 3.10 -2.83
C LEU A 165 7.72 3.94 -3.63
N LYS A 166 8.21 5.03 -4.20
CA LYS A 166 7.37 5.92 -5.00
C LYS A 166 7.06 5.27 -6.36
N ASN A 167 8.02 4.53 -6.89
CA ASN A 167 7.84 3.86 -8.18
C ASN A 167 6.61 2.95 -8.13
N VAL A 168 6.70 1.89 -7.34
CA VAL A 168 5.59 0.96 -7.21
C VAL A 168 4.29 1.71 -6.91
N PHE A 169 4.37 2.64 -5.97
CA PHE A 169 3.21 3.44 -5.60
C PHE A 169 2.75 4.25 -6.80
N ASP A 170 3.70 4.63 -7.67
CA ASP A 170 3.39 5.37 -8.86
C ASP A 170 2.39 4.60 -9.70
N GLU A 171 2.57 3.29 -9.76
CA GLU A 171 1.67 2.42 -10.52
C GLU A 171 0.31 2.41 -9.85
N ALA A 172 0.30 2.48 -8.52
CA ALA A 172 -0.93 2.49 -7.76
C ALA A 172 -1.80 3.68 -8.14
N ILE A 173 -1.15 4.77 -8.55
CA ILE A 173 -1.87 5.98 -8.97
C ILE A 173 -2.08 5.99 -10.48
N LEU A 174 -1.04 5.62 -11.23
CA LEU A 174 -1.14 5.59 -12.68
C LEU A 174 -2.34 4.76 -13.11
N ALA A 175 -2.71 3.79 -12.27
CA ALA A 175 -3.84 2.93 -12.56
C ALA A 175 -5.15 3.68 -12.41
N ALA A 176 -5.16 4.68 -11.53
CA ALA A 176 -6.35 5.49 -11.31
C ALA A 176 -6.49 6.56 -12.38
N LEU A 177 -5.35 7.11 -12.80
CA LEU A 177 -5.35 8.15 -13.84
C LEU A 177 -5.70 7.55 -15.19
N GLU A 178 -5.45 6.25 -15.34
CA GLU A 178 -5.75 5.55 -16.59
C GLU A 178 -5.72 4.04 -16.37
N PRO A 179 -6.69 3.31 -16.95
CA PRO A 179 -6.78 1.86 -16.81
C PRO A 179 -5.45 1.17 -17.12
N PRO A 180 -5.10 0.11 -16.36
CA PRO A 180 -3.85 -0.62 -16.57
C PRO A 180 -3.90 -1.52 -17.80
N GLU A 181 -2.76 -2.10 -18.15
CA GLU A 181 -2.68 -2.98 -19.31
C GLU A 181 -1.53 -3.97 -19.16
N PRO A 182 -1.66 -5.16 -19.78
CA PRO A 182 -0.62 -6.19 -19.72
C PRO A 182 0.57 -5.86 -20.61
N LYS A 183 1.41 -6.87 -20.87
CA LYS A 183 2.59 -6.68 -21.70
C LYS A 183 2.25 -6.89 -23.17
N LYS A 184 3.00 -6.22 -24.04
CA LYS A 184 2.79 -6.34 -25.49
C LYS A 184 4.03 -5.92 -26.26
N GLY B 1 7.70 16.07 -11.79
CA GLY B 1 6.51 15.50 -12.48
C GLY B 1 6.73 14.09 -12.97
N SER B 2 5.64 13.34 -13.13
CA SER B 2 5.72 11.96 -13.58
C SER B 2 5.48 11.88 -15.09
N GLY B 3 4.21 11.95 -15.49
CA GLY B 3 3.88 11.88 -16.90
C GLY B 3 3.84 10.46 -17.41
N LEU B 4 2.63 9.95 -17.65
CA LEU B 4 2.46 8.59 -18.15
C LEU B 4 1.04 8.36 -18.65
N SER B 5 0.85 8.45 -19.96
CA SER B 5 -0.46 8.24 -20.56
C SER B 5 -1.47 9.26 -20.02
N ALA B 6 -2.74 9.05 -20.36
CA ALA B 6 -3.80 9.94 -19.92
C ALA B 6 -3.54 11.38 -20.40
N GLN B 7 -2.87 12.17 -19.57
CA GLN B 7 -2.56 13.55 -19.90
C GLN B 7 -1.17 13.93 -19.39
N ASP B 8 -0.44 12.96 -18.84
CA ASP B 8 0.90 13.20 -18.30
C ASP B 8 0.79 13.77 -16.90
N ILE B 9 -0.22 13.31 -16.18
CA ILE B 9 -0.48 13.75 -14.81
C ILE B 9 0.65 13.37 -13.87
N SER B 10 0.77 14.11 -12.78
CA SER B 10 1.81 13.85 -11.78
C SER B 10 1.21 13.30 -10.49
N GLN B 11 2.07 12.79 -9.62
CA GLN B 11 1.62 12.24 -8.33
C GLN B 11 2.16 13.09 -7.17
N PRO B 12 3.47 13.04 -6.89
CA PRO B 12 4.07 13.83 -5.81
C PRO B 12 4.29 15.27 -6.26
N LEU B 13 3.22 15.95 -6.62
CA LEU B 13 3.30 17.34 -7.09
C LEU B 13 4.03 18.22 -6.09
N GLN B 14 3.30 18.80 -5.15
CA GLN B 14 3.91 19.68 -4.15
C GLN B 14 4.29 18.91 -2.89
N ASN B 15 3.35 18.76 -1.97
CA ASN B 15 3.60 18.05 -0.72
C ASN B 15 2.55 16.97 -0.48
N SER B 16 1.30 17.26 -0.85
CA SER B 16 0.20 16.32 -0.67
C SER B 16 -0.17 16.18 0.80
N PHE B 17 0.16 17.21 1.58
CA PHE B 17 -0.15 17.20 3.01
C PHE B 17 -0.60 18.59 3.48
N ILE B 18 -1.90 18.84 3.44
CA ILE B 18 -2.43 20.12 3.86
C ILE B 18 -2.74 20.15 5.36
N HIS B 19 -2.70 18.98 6.01
CA HIS B 19 -2.97 18.89 7.43
C HIS B 19 -4.46 19.08 7.72
N THR B 20 -5.15 17.98 8.02
CA THR B 20 -6.58 18.03 8.31
C THR B 20 -7.02 16.77 9.06
N GLY B 21 -7.28 16.92 10.35
CA GLY B 21 -7.70 15.79 11.16
C GLY B 21 -7.13 15.84 12.57
N HIS B 22 -7.50 14.85 13.38
CA HIS B 22 -7.01 14.79 14.75
C HIS B 22 -5.93 13.72 14.91
N GLY B 23 -6.35 12.47 15.09
CA GLY B 23 -5.41 11.38 15.23
C GLY B 23 -4.34 11.68 16.25
N ASP B 24 -3.09 11.69 15.81
CA ASP B 24 -1.96 11.96 16.70
C ASP B 24 -1.97 11.02 17.89
N SER B 25 -2.54 9.84 17.67
CA SER B 25 -2.63 8.84 18.72
C SER B 25 -1.24 8.51 19.24
N ASP B 26 -0.89 9.10 20.38
CA ASP B 26 0.41 8.89 21.02
C ASP B 26 0.92 7.45 20.87
N PRO B 27 2.22 7.23 21.07
CA PRO B 27 2.84 5.90 20.97
C PRO B 27 2.15 4.88 21.84
N ARG B 28 1.37 4.01 21.21
CA ARG B 28 0.64 2.97 21.93
C ARG B 28 1.35 1.63 21.83
N HIS B 29 1.83 1.31 20.64
CA HIS B 29 2.53 0.05 20.41
C HIS B 29 3.53 0.18 19.25
N CYS B 30 3.08 0.82 18.17
CA CYS B 30 3.93 1.01 17.00
C CYS B 30 4.17 -0.31 16.28
N TRP B 31 5.21 -0.36 15.45
CA TRP B 31 5.55 -1.55 14.70
C TRP B 31 5.50 -2.80 15.58
N GLY B 32 6.39 -2.85 16.57
CA GLY B 32 6.43 -3.99 17.47
C GLY B 32 6.69 -5.30 16.75
N PHE B 33 5.61 -5.93 16.28
CA PHE B 33 5.72 -7.19 15.56
C PHE B 33 5.25 -7.06 14.12
N PRO B 34 5.79 -7.90 13.21
CA PRO B 34 5.42 -7.87 11.79
C PRO B 34 3.92 -8.02 11.57
N ASP B 35 3.49 -7.93 10.31
CA ASP B 35 2.08 -8.06 9.97
C ASP B 35 1.25 -6.99 10.67
N ARG B 36 1.03 -5.88 9.97
CA ARG B 36 0.25 -4.78 10.54
C ARG B 36 -1.23 -5.12 10.54
N ILE B 37 -1.94 -4.55 11.49
CA ILE B 37 -3.37 -4.79 11.61
C ILE B 37 -4.09 -4.33 10.34
N ASP B 38 -5.26 -4.87 10.09
CA ASP B 38 -6.03 -4.50 8.91
C ASP B 38 -6.38 -3.02 8.93
N GLU B 39 -6.75 -2.49 7.76
CA GLU B 39 -7.11 -1.09 7.61
C GLU B 39 -8.10 -0.64 8.68
N LEU B 40 -9.18 -1.42 8.84
CA LEU B 40 -10.22 -1.13 9.83
C LEU B 40 -9.63 -0.61 11.13
N TYR B 41 -8.45 -1.11 11.44
CA TYR B 41 -7.75 -0.74 12.64
C TYR B 41 -6.59 0.21 12.34
N LEU B 42 -5.66 -0.24 11.51
CA LEU B 42 -4.51 0.58 11.14
C LEU B 42 -3.60 0.82 12.33
N GLY B 43 -4.09 1.60 13.29
CA GLY B 43 -3.31 1.90 14.47
C GLY B 43 -3.50 0.87 15.57
N ASN B 44 -2.41 0.52 16.24
CA ASN B 44 -2.46 -0.45 17.32
C ASN B 44 -3.52 -0.07 18.35
MG MG C . -0.14 4.57 7.80
PG GNP D . -0.79 1.70 8.93
O1G GNP D . -1.25 0.63 9.85
O2G GNP D . -0.67 3.08 9.46
O3G GNP D . -1.88 1.77 7.74
N3B GNP D . 0.72 1.26 8.37
PB GNP D . 1.87 2.37 7.89
O1B GNP D . 2.26 3.14 9.09
O2B GNP D . 1.31 3.12 6.75
O3A GNP D . 3.21 1.66 7.35
PA GNP D . 3.42 0.23 6.65
O1A GNP D . 3.37 0.43 5.17
O2A GNP D . 2.48 -0.72 7.29
O5' GNP D . 4.92 -0.16 7.05
C5' GNP D . 5.95 -0.24 6.06
C4' GNP D . 6.66 -1.59 6.10
O4' GNP D . 5.82 -2.63 5.58
C3' GNP D . 7.93 -1.55 5.27
O3' GNP D . 9.10 -1.53 6.09
C2' GNP D . 7.90 -2.77 4.39
O2' GNP D . 8.98 -3.65 4.70
C1' GNP D . 6.57 -3.43 4.65
N9 GNP D . 5.82 -3.63 3.39
C8 GNP D . 4.65 -3.06 3.00
N7 GNP D . 4.18 -3.41 1.84
C5 GNP D . 5.14 -4.32 1.40
C6 GNP D . 5.21 -5.08 0.18
O6 GNP D . 4.40 -5.09 -0.75
N1 GNP D . 6.35 -5.89 0.12
C2 GNP D . 7.32 -5.97 1.12
N2 GNP D . 8.34 -6.79 0.90
N3 GNP D . 7.26 -5.26 2.27
C4 GNP D . 6.16 -4.46 2.34
HNB3 GNP D . 0.94 0.31 8.33
H5'2 GNP D . 5.51 -0.10 5.08
H5'1 GNP D . 6.68 0.56 6.24
H4' GNP D . 6.92 -1.82 7.14
H3' GNP D . 7.91 -0.68 4.64
HO3' GNP D . 9.78 -1.05 5.62
H2' GNP D . 7.96 -2.46 3.34
HO2' GNP D . 8.63 -4.54 4.70
H1' GNP D . 6.75 -4.38 5.09
H8 GNP D . 4.14 -2.34 3.62
HN1 GNP D . 6.46 -6.42 -0.70
HN21 GNP D . 8.39 -7.31 0.04
HN22 GNP D . 9.08 -6.88 1.58
N MET A 1 -6.72 15.79 -16.97
CA MET A 1 -6.10 15.44 -15.67
C MET A 1 -6.68 14.13 -15.12
N GLN A 2 -7.93 14.18 -14.69
CA GLN A 2 -8.60 13.00 -14.13
C GLN A 2 -8.08 12.68 -12.75
N THR A 3 -8.98 12.68 -11.77
CA THR A 3 -8.62 12.39 -10.40
C THR A 3 -8.78 10.92 -10.06
N ILE A 4 -8.28 10.51 -8.89
CA ILE A 4 -8.36 9.12 -8.47
C ILE A 4 -8.37 8.97 -6.95
N LYS A 5 -8.80 7.79 -6.50
CA LYS A 5 -8.85 7.48 -5.08
C LYS A 5 -8.19 6.13 -4.81
N CYS A 6 -7.25 6.10 -3.87
CA CYS A 6 -6.54 4.86 -3.56
C CYS A 6 -6.80 4.40 -2.12
N VAL A 7 -6.68 3.10 -1.91
CA VAL A 7 -6.89 2.50 -0.59
C VAL A 7 -6.05 1.24 -0.44
N VAL A 8 -5.81 0.84 0.80
CA VAL A 8 -5.02 -0.36 1.07
C VAL A 8 -5.89 -1.48 1.65
N VAL A 9 -5.41 -2.70 1.46
CA VAL A 9 -6.11 -3.89 1.96
C VAL A 9 -5.14 -5.05 2.07
N GLY A 10 -5.11 -5.71 3.22
CA GLY A 10 -4.22 -6.83 3.40
C GLY A 10 -3.56 -6.84 4.77
N ASP A 11 -2.34 -7.37 4.83
CA ASP A 11 -1.59 -7.43 6.08
C ASP A 11 -0.40 -6.49 6.05
N GLY A 12 -0.52 -5.42 5.27
CA GLY A 12 0.54 -4.44 5.16
C GLY A 12 0.04 -3.02 5.24
N ALA A 13 0.96 -2.07 5.27
CA ALA A 13 0.61 -0.66 5.36
C ALA A 13 0.22 -0.11 4.00
N VAL A 14 1.15 -0.21 3.03
CA VAL A 14 0.95 0.26 1.65
C VAL A 14 -0.11 1.37 1.55
N GLY A 15 -0.04 2.34 2.45
CA GLY A 15 -0.99 3.42 2.45
C GLY A 15 -0.32 4.78 2.41
N LYS A 16 -1.13 5.84 2.44
CA LYS A 16 -0.61 7.20 2.41
C LYS A 16 0.31 7.47 3.59
N THR A 17 0.21 6.63 4.62
CA THR A 17 1.03 6.80 5.81
C THR A 17 2.45 6.27 5.60
N CYS A 18 2.58 4.95 5.51
CA CYS A 18 3.88 4.32 5.33
C CYS A 18 4.52 4.72 4.00
N LEU A 19 3.82 4.46 2.90
CA LEU A 19 4.33 4.75 1.57
C LEU A 19 4.90 6.16 1.47
N LEU A 20 4.02 7.15 1.48
CA LEU A 20 4.44 8.55 1.35
C LEU A 20 5.44 8.96 2.42
N ILE A 21 5.06 8.87 3.69
CA ILE A 21 5.96 9.26 4.77
C ILE A 21 7.34 8.64 4.59
N SER A 22 7.45 7.33 4.77
CA SER A 22 8.72 6.63 4.61
C SER A 22 9.50 7.14 3.40
N TYR A 23 8.78 7.60 2.37
CA TYR A 23 9.41 8.11 1.17
C TYR A 23 9.87 9.56 1.37
N THR A 24 8.90 10.46 1.48
CA THR A 24 9.19 11.88 1.68
C THR A 24 10.02 12.08 2.95
N THR A 25 9.58 11.44 4.02
CA THR A 25 10.26 11.53 5.30
C THR A 25 11.37 10.49 5.39
N ASN A 26 11.71 10.08 6.62
CA ASN A 26 12.75 9.08 6.82
C ASN A 26 12.48 8.24 8.06
N LYS A 27 11.30 7.63 8.12
CA LYS A 27 10.94 6.81 9.27
C LYS A 27 10.11 5.59 8.83
N PHE A 28 10.11 4.56 9.67
CA PHE A 28 9.36 3.34 9.39
C PHE A 28 9.19 2.52 10.66
N PRO A 29 10.30 2.01 11.23
CA PRO A 29 10.26 1.19 12.45
C PRO A 29 10.17 2.04 13.73
N SER A 30 9.13 2.86 13.82
CA SER A 30 8.94 3.71 15.00
C SER A 30 7.51 3.60 15.52
N GLU A 31 6.63 4.46 15.01
CA GLU A 31 5.23 4.47 15.43
C GLU A 31 4.36 5.13 14.37
N TYR A 32 3.45 4.36 13.77
CA TYR A 32 2.58 4.89 12.73
C TYR A 32 1.13 4.96 13.22
N VAL A 33 0.77 6.12 13.77
CA VAL A 33 -0.58 6.33 14.30
C VAL A 33 -1.46 7.22 13.42
N PRO A 34 -0.91 8.24 12.71
CA PRO A 34 -1.71 9.14 11.87
C PRO A 34 -2.81 8.44 11.08
N THR A 35 -2.62 7.15 10.79
CA THR A 35 -3.62 6.40 10.03
C THR A 35 -4.99 6.49 10.69
N VAL A 36 -5.75 7.52 10.31
CA VAL A 36 -7.09 7.75 10.86
C VAL A 36 -7.63 9.11 10.42
N PHE A 37 -6.73 10.07 10.26
CA PHE A 37 -7.11 11.41 9.85
C PHE A 37 -6.67 11.68 8.41
N ASP A 38 -6.49 10.62 7.64
CA ASP A 38 -6.05 10.74 6.25
C ASP A 38 -7.08 11.53 5.43
N ASN A 39 -8.30 11.66 5.95
CA ASN A 39 -9.36 12.37 5.26
C ASN A 39 -8.86 13.70 4.68
N TYR A 40 -7.84 14.27 5.31
CA TYR A 40 -7.29 15.54 4.85
C TYR A 40 -6.76 15.41 3.43
N ALA A 41 -6.95 16.47 2.65
CA ALA A 41 -6.52 16.50 1.26
C ALA A 41 -5.12 17.04 1.10
N VAL A 42 -4.66 17.11 -0.15
CA VAL A 42 -3.34 17.64 -0.46
C VAL A 42 -3.43 18.67 -1.59
N THR A 43 -2.97 19.88 -1.30
CA THR A 43 -3.02 20.97 -2.28
C THR A 43 -1.78 20.95 -3.19
N VAL A 44 -1.97 20.49 -4.41
CA VAL A 44 -0.87 20.41 -5.38
C VAL A 44 -1.40 20.29 -6.80
N MET A 45 -0.71 20.92 -7.75
CA MET A 45 -1.12 20.83 -9.14
C MET A 45 -0.69 19.48 -9.70
N ILE A 46 -1.62 18.54 -9.70
CA ILE A 46 -1.34 17.20 -10.18
C ILE A 46 -1.81 17.03 -11.62
N GLY A 47 -0.87 17.21 -12.55
CA GLY A 47 -1.17 17.07 -13.95
C GLY A 47 -1.33 18.41 -14.66
N GLY A 48 -2.57 18.74 -15.03
CA GLY A 48 -2.83 19.99 -15.71
C GLY A 48 -3.74 20.93 -14.94
N GLU A 49 -4.55 20.37 -14.03
CA GLU A 49 -5.47 21.19 -13.24
C GLU A 49 -5.14 21.11 -11.74
N PRO A 50 -5.08 22.26 -11.05
CA PRO A 50 -4.75 22.32 -9.62
C PRO A 50 -5.83 21.73 -8.72
N TYR A 51 -5.70 20.44 -8.46
CA TYR A 51 -6.63 19.72 -7.59
C TYR A 51 -6.12 18.31 -7.36
N THR A 52 -6.10 17.87 -6.10
CA THR A 52 -5.61 16.54 -5.77
C THR A 52 -6.60 15.80 -4.87
N LEU A 53 -6.73 14.50 -5.12
CA LEU A 53 -7.65 13.66 -4.36
C LEU A 53 -6.94 13.07 -3.14
N GLY A 54 -7.69 12.86 -2.06
CA GLY A 54 -7.11 12.31 -0.85
C GLY A 54 -7.12 10.79 -0.87
N LEU A 55 -6.60 10.19 0.20
CA LEU A 55 -6.55 8.74 0.31
C LEU A 55 -7.47 8.25 1.42
N PHE A 56 -8.22 7.18 1.14
CA PHE A 56 -9.15 6.63 2.12
C PHE A 56 -8.43 5.68 3.08
N ASP A 57 -8.41 6.04 4.35
CA ASP A 57 -7.75 5.22 5.36
C ASP A 57 -8.74 4.77 6.43
N THR A 58 -8.31 3.82 7.25
CA THR A 58 -9.17 3.30 8.31
C THR A 58 -8.33 2.74 9.46
N ALA A 59 -8.78 2.99 10.69
CA ALA A 59 -8.08 2.53 11.87
C ALA A 59 -8.92 2.77 13.12
N GLY A 60 -8.97 1.76 14.00
CA GLY A 60 -9.73 1.89 15.23
C GLY A 60 -9.19 2.95 16.15
N LEU A 61 -9.41 4.21 15.79
CA LEU A 61 -8.93 5.33 16.59
C LEU A 61 -10.10 6.22 17.02
N GLU A 62 -9.77 7.34 17.69
CA GLU A 62 -10.79 8.27 18.15
C GLU A 62 -11.75 8.64 17.02
N ASP A 63 -11.22 8.80 15.81
CA ASP A 63 -12.03 9.15 14.66
C ASP A 63 -13.02 8.04 14.33
N TYR A 64 -12.50 6.87 13.98
CA TYR A 64 -13.33 5.72 13.64
C TYR A 64 -13.08 4.55 14.58
N ASP A 65 -14.13 3.85 14.97
CA ASP A 65 -14.01 2.72 15.87
C ASP A 65 -13.72 1.41 15.13
N ARG A 66 -14.70 0.93 14.39
CA ARG A 66 -14.55 -0.33 13.63
C ARG A 66 -14.20 -0.08 12.16
N LEU A 67 -14.92 0.84 11.54
CA LEU A 67 -14.71 1.16 10.12
C LEU A 67 -15.14 0.00 9.23
N ARG A 68 -15.92 0.32 8.19
CA ARG A 68 -16.38 -0.69 7.26
C ARG A 68 -16.13 -0.28 5.81
N PRO A 69 -15.00 0.40 5.50
CA PRO A 69 -14.70 0.83 4.13
C PRO A 69 -14.02 -0.28 3.33
N LEU A 70 -13.12 -0.99 3.99
CA LEU A 70 -12.38 -2.08 3.36
C LEU A 70 -13.19 -3.39 3.38
N SER A 71 -14.33 -3.38 4.09
CA SER A 71 -15.18 -4.56 4.18
C SER A 71 -15.44 -5.16 2.80
N TYR A 72 -16.13 -4.39 1.95
CA TYR A 72 -16.45 -4.85 0.61
C TYR A 72 -16.76 -3.67 -0.31
N PRO A 73 -15.82 -2.71 -0.42
CA PRO A 73 -16.00 -1.52 -1.27
C PRO A 73 -15.91 -1.87 -2.76
N GLN A 74 -16.43 -0.98 -3.60
CA GLN A 74 -16.41 -1.19 -5.04
C GLN A 74 -15.20 -0.52 -5.68
N THR A 75 -14.27 -0.04 -4.86
CA THR A 75 -13.07 0.62 -5.36
C THR A 75 -12.39 -0.22 -6.43
N ASP A 76 -12.31 0.31 -7.65
CA ASP A 76 -11.68 -0.39 -8.75
C ASP A 76 -10.16 -0.36 -8.63
N VAL A 77 -9.64 0.59 -7.85
CA VAL A 77 -8.21 0.73 -7.66
C VAL A 77 -7.78 0.19 -6.30
N PHE A 78 -7.80 -1.12 -6.15
CA PHE A 78 -7.42 -1.76 -4.90
C PHE A 78 -5.90 -1.86 -4.78
N LEU A 79 -5.41 -2.28 -3.63
CA LEU A 79 -3.98 -2.41 -3.40
C LEU A 79 -3.68 -3.48 -2.35
N VAL A 80 -3.13 -4.60 -2.81
CA VAL A 80 -2.79 -5.70 -1.91
C VAL A 80 -1.34 -5.58 -1.45
N CYS A 81 -1.12 -5.74 -0.16
CA CYS A 81 0.23 -5.64 0.40
C CYS A 81 0.63 -6.94 1.08
N PHE A 82 1.88 -7.35 0.85
CA PHE A 82 2.43 -8.57 1.44
C PHE A 82 3.82 -8.30 2.00
N SER A 83 4.49 -9.36 2.45
CA SER A 83 5.83 -9.22 3.01
C SER A 83 6.67 -10.46 2.68
N VAL A 84 7.93 -10.23 2.33
CA VAL A 84 8.85 -11.32 2.00
C VAL A 84 8.90 -12.36 3.11
N VAL A 85 9.44 -11.99 4.26
CA VAL A 85 9.54 -12.90 5.39
C VAL A 85 8.20 -13.58 5.66
N SER A 86 8.12 -14.88 5.35
CA SER A 86 6.89 -15.63 5.55
C SER A 86 7.17 -17.11 5.80
N PRO A 87 6.58 -17.67 6.89
CA PRO A 87 6.75 -19.06 7.24
C PRO A 87 5.65 -19.94 6.65
N SER A 88 5.47 -19.84 5.33
CA SER A 88 4.46 -20.59 4.61
C SER A 88 3.09 -19.92 4.72
N SER A 89 3.09 -18.60 4.65
CA SER A 89 1.86 -17.82 4.74
C SER A 89 1.35 -17.47 3.34
N PHE A 90 2.27 -17.21 2.42
CA PHE A 90 1.91 -16.85 1.06
C PHE A 90 0.94 -17.87 0.47
N GLU A 91 1.14 -19.14 0.80
CA GLU A 91 0.27 -20.21 0.31
C GLU A 91 -1.19 -19.87 0.57
N ASN A 92 -1.53 -19.64 1.83
CA ASN A 92 -2.88 -19.30 2.22
C ASN A 92 -3.21 -17.86 1.84
N VAL A 93 -2.27 -16.96 2.10
CA VAL A 93 -2.47 -15.55 1.78
C VAL A 93 -2.87 -15.37 0.32
N LYS A 94 -2.39 -16.26 -0.54
CA LYS A 94 -2.71 -16.20 -1.96
C LYS A 94 -4.10 -16.76 -2.23
N GLU A 95 -4.36 -17.96 -1.72
CA GLU A 95 -5.65 -18.62 -1.91
C GLU A 95 -6.69 -18.12 -0.89
N LYS A 96 -6.32 -17.11 -0.10
CA LYS A 96 -7.23 -16.56 0.90
C LYS A 96 -7.59 -15.11 0.58
N TRP A 97 -6.69 -14.42 -0.12
CA TRP A 97 -6.91 -13.03 -0.49
C TRP A 97 -7.57 -12.94 -1.86
N VAL A 98 -7.05 -13.71 -2.81
CA VAL A 98 -7.59 -13.70 -4.17
C VAL A 98 -9.10 -13.95 -4.19
N PRO A 99 -9.60 -14.95 -3.43
CA PRO A 99 -11.03 -15.26 -3.38
C PRO A 99 -11.80 -14.33 -2.45
N GLU A 100 -11.08 -13.60 -1.60
CA GLU A 100 -11.71 -12.69 -0.66
C GLU A 100 -11.95 -11.32 -1.30
N ILE A 101 -11.02 -10.90 -2.16
CA ILE A 101 -11.13 -9.63 -2.84
C ILE A 101 -12.09 -9.72 -4.03
N THR A 102 -12.25 -10.92 -4.56
CA THR A 102 -13.15 -11.13 -5.70
C THR A 102 -14.56 -11.46 -5.23
N HIS A 103 -14.65 -12.13 -4.08
CA HIS A 103 -15.95 -12.51 -3.52
C HIS A 103 -16.68 -11.29 -2.97
N HIS A 104 -16.03 -10.57 -2.07
CA HIS A 104 -16.62 -9.38 -1.46
C HIS A 104 -16.72 -8.24 -2.47
N CYS A 105 -15.84 -8.26 -3.46
CA CYS A 105 -15.83 -7.23 -4.49
C CYS A 105 -15.75 -7.85 -5.89
N PRO A 106 -16.91 -8.03 -6.54
CA PRO A 106 -16.98 -8.63 -7.88
C PRO A 106 -16.01 -7.95 -8.86
N LYS A 107 -14.98 -8.68 -9.26
CA LYS A 107 -13.98 -8.15 -10.18
C LYS A 107 -13.47 -6.80 -9.71
N THR A 108 -12.36 -6.82 -8.96
CA THR A 108 -11.76 -5.59 -8.45
C THR A 108 -10.25 -5.59 -8.68
N PRO A 109 -9.75 -4.69 -9.54
CA PRO A 109 -8.31 -4.60 -9.84
C PRO A 109 -7.47 -4.29 -8.60
N PHE A 110 -6.38 -5.04 -8.42
CA PHE A 110 -5.50 -4.83 -7.28
C PHE A 110 -4.04 -4.83 -7.71
N LEU A 111 -3.24 -3.99 -7.08
CA LEU A 111 -1.82 -3.88 -7.40
C LEU A 111 -0.96 -4.41 -6.25
N LEU A 112 0.12 -5.09 -6.61
CA LEU A 112 1.04 -5.65 -5.62
C LEU A 112 2.13 -4.64 -5.26
N VAL A 113 2.74 -4.81 -4.09
CA VAL A 113 3.79 -3.90 -3.64
C VAL A 113 4.96 -4.66 -3.01
N GLY A 114 6.15 -4.06 -3.14
CA GLY A 114 7.35 -4.67 -2.57
C GLY A 114 8.12 -3.68 -1.74
N THR A 115 8.56 -4.10 -0.55
CA THR A 115 9.31 -3.22 0.33
C THR A 115 10.21 -4.01 1.28
N GLN A 116 9.67 -5.11 1.81
CA GLN A 116 10.43 -5.96 2.70
C GLN A 116 11.50 -6.73 1.94
N ILE A 117 11.46 -6.65 0.60
CA ILE A 117 12.42 -7.33 -0.25
C ILE A 117 13.85 -6.97 0.11
N ASP A 118 14.03 -5.85 0.79
CA ASP A 118 15.35 -5.40 1.20
C ASP A 118 15.89 -6.21 2.38
N LEU A 119 14.98 -6.60 3.28
CA LEU A 119 15.37 -7.38 4.47
C LEU A 119 15.14 -8.87 4.25
N ARG A 120 14.93 -9.27 3.00
CA ARG A 120 14.72 -10.68 2.68
C ARG A 120 16.00 -11.47 2.91
N ASP A 121 17.13 -10.79 2.78
CA ASP A 121 18.43 -11.42 2.98
C ASP A 121 18.68 -11.72 4.45
N ASP A 122 18.03 -10.94 5.32
CA ASP A 122 18.18 -11.11 6.77
C ASP A 122 18.03 -12.59 7.15
N PRO A 123 19.16 -13.28 7.39
CA PRO A 123 19.15 -14.71 7.76
C PRO A 123 18.54 -14.96 9.13
N SER A 124 18.20 -13.90 9.86
CA SER A 124 17.60 -14.04 11.18
C SER A 124 16.12 -14.30 11.04
N THR A 125 15.41 -13.30 10.51
CA THR A 125 13.98 -13.44 10.30
C THR A 125 13.71 -14.66 9.45
N ILE A 126 14.59 -14.87 8.47
CA ILE A 126 14.47 -16.01 7.58
C ILE A 126 14.44 -17.30 8.39
N GLU A 127 15.37 -17.40 9.33
CA GLU A 127 15.46 -18.57 10.18
C GLU A 127 14.12 -18.83 10.84
N LYS A 128 13.40 -17.76 11.19
CA LYS A 128 12.09 -17.90 11.80
C LYS A 128 11.13 -18.51 10.80
N LEU A 129 11.34 -18.19 9.52
CA LEU A 129 10.51 -18.74 8.47
C LEU A 129 10.91 -20.19 8.26
N ALA A 130 12.20 -20.45 8.40
CA ALA A 130 12.76 -21.79 8.24
C ALA A 130 11.90 -22.82 8.95
N LYS A 131 11.46 -22.48 10.16
CA LYS A 131 10.64 -23.38 10.94
C LYS A 131 9.45 -23.90 10.14
N ASN A 132 9.01 -23.11 9.15
CA ASN A 132 7.86 -23.51 8.34
C ASN A 132 8.16 -23.53 6.84
N LYS A 133 9.05 -22.67 6.37
CA LYS A 133 9.35 -22.63 4.94
C LYS A 133 10.77 -22.14 4.61
N GLN A 134 11.07 -20.88 4.95
CA GLN A 134 12.37 -20.28 4.67
C GLN A 134 12.44 -19.79 3.22
N LYS A 135 11.28 -19.68 2.58
CA LYS A 135 11.22 -19.23 1.20
C LYS A 135 10.80 -17.75 1.12
N PRO A 136 11.79 -16.83 1.16
CA PRO A 136 11.52 -15.39 1.09
C PRO A 136 10.92 -15.00 -0.24
N ILE A 137 9.76 -14.35 -0.19
CA ILE A 137 9.07 -13.90 -1.40
C ILE A 137 9.95 -12.96 -2.21
N THR A 138 10.63 -13.50 -3.22
CA THR A 138 11.50 -12.70 -4.07
C THR A 138 10.67 -11.85 -5.03
N PRO A 139 11.23 -10.72 -5.49
CA PRO A 139 10.54 -9.82 -6.42
C PRO A 139 9.92 -10.56 -7.59
N GLU A 140 10.60 -11.61 -8.05
CA GLU A 140 10.12 -12.41 -9.17
C GLU A 140 8.86 -13.18 -8.78
N THR A 141 8.75 -13.50 -7.48
CA THR A 141 7.60 -14.24 -6.98
C THR A 141 6.32 -13.40 -7.09
N ALA A 142 6.36 -12.19 -6.56
CA ALA A 142 5.21 -11.30 -6.60
C ALA A 142 4.79 -11.03 -8.04
N GLU A 143 5.77 -10.93 -8.93
CA GLU A 143 5.51 -10.69 -10.34
C GLU A 143 4.72 -11.84 -10.96
N LYS A 144 5.08 -13.06 -10.56
CA LYS A 144 4.42 -14.26 -11.08
C LYS A 144 2.96 -14.30 -10.62
N LEU A 145 2.74 -14.15 -9.32
CA LEU A 145 1.40 -14.17 -8.76
C LEU A 145 0.59 -12.95 -9.22
N ALA A 146 1.26 -11.80 -9.28
CA ALA A 146 0.61 -10.57 -9.71
C ALA A 146 -0.01 -10.72 -11.09
N ARG A 147 0.74 -11.34 -12.00
CA ARG A 147 0.27 -11.56 -13.36
C ARG A 147 -0.56 -12.84 -13.45
N ASP A 148 -0.30 -13.76 -12.53
CA ASP A 148 -1.02 -15.03 -12.50
C ASP A 148 -2.53 -14.80 -12.49
N LEU A 149 -2.95 -13.70 -11.88
CA LEU A 149 -4.37 -13.36 -11.79
C LEU A 149 -4.65 -12.02 -12.47
N LYS A 150 -3.75 -11.60 -13.35
CA LYS A 150 -3.92 -10.34 -14.07
C LYS A 150 -4.29 -9.21 -13.12
N ALA A 151 -3.64 -9.17 -11.96
CA ALA A 151 -3.92 -8.14 -10.96
C ALA A 151 -3.69 -6.75 -11.56
N VAL A 152 -2.43 -6.32 -11.58
CA VAL A 152 -2.07 -5.02 -12.12
C VAL A 152 -0.59 -4.97 -12.48
N LYS A 153 0.26 -4.89 -11.46
CA LYS A 153 1.69 -4.81 -11.68
C LYS A 153 2.44 -4.70 -10.35
N TYR A 154 3.42 -5.58 -10.16
CA TYR A 154 4.24 -5.58 -8.95
C TYR A 154 5.57 -4.88 -9.23
N VAL A 155 5.77 -3.72 -8.62
CA VAL A 155 7.00 -2.96 -8.81
C VAL A 155 7.96 -3.14 -7.64
N GLU A 156 9.25 -2.95 -7.91
CA GLU A 156 10.27 -3.09 -6.88
C GLU A 156 10.53 -1.77 -6.19
N CYS A 157 10.31 -1.74 -4.88
CA CYS A 157 10.52 -0.53 -4.09
C CYS A 157 10.77 -0.88 -2.63
N SER A 158 11.06 0.12 -1.81
CA SER A 158 11.31 -0.10 -0.39
C SER A 158 11.09 1.16 0.44
N ALA A 159 10.61 0.97 1.65
CA ALA A 159 10.36 2.08 2.56
C ALA A 159 11.42 2.13 3.65
N LEU A 160 11.74 0.96 4.20
CA LEU A 160 12.76 0.86 5.24
C LEU A 160 14.12 1.29 4.70
N THR A 161 14.34 1.03 3.42
CA THR A 161 15.59 1.39 2.77
C THR A 161 15.38 2.58 1.83
N GLN A 162 14.12 2.78 1.41
CA GLN A 162 13.77 3.88 0.51
C GLN A 162 14.16 3.57 -0.93
N LYS A 163 13.59 2.49 -1.47
CA LYS A 163 13.87 2.10 -2.85
C LYS A 163 12.86 2.73 -3.80
N GLY A 164 12.54 4.00 -3.57
CA GLY A 164 11.60 4.70 -4.42
C GLY A 164 10.24 4.86 -3.77
N LEU A 165 9.56 3.74 -3.55
CA LEU A 165 8.23 3.76 -2.94
C LEU A 165 7.21 4.44 -3.83
N LYS A 166 7.37 5.75 -4.03
CA LYS A 166 6.45 6.50 -4.87
C LYS A 166 6.25 5.82 -6.22
N ASN A 167 7.25 5.04 -6.64
CA ASN A 167 7.19 4.34 -7.91
C ASN A 167 6.04 3.32 -7.94
N VAL A 168 6.17 2.26 -7.14
CA VAL A 168 5.14 1.23 -7.09
C VAL A 168 3.78 1.83 -6.77
N PHE A 169 3.73 2.70 -5.77
CA PHE A 169 2.49 3.34 -5.38
C PHE A 169 1.92 4.16 -6.53
N ASP A 170 2.82 4.70 -7.36
CA ASP A 170 2.41 5.48 -8.52
C ASP A 170 1.62 4.60 -9.48
N GLU A 171 2.04 3.34 -9.57
CA GLU A 171 1.35 2.38 -10.43
C GLU A 171 -0.02 2.06 -9.85
N ALA A 172 -0.13 2.17 -8.53
CA ALA A 172 -1.37 1.90 -7.84
C ALA A 172 -2.48 2.85 -8.30
N ILE A 173 -2.18 4.15 -8.27
CA ILE A 173 -3.16 5.15 -8.68
C ILE A 173 -3.16 5.33 -10.20
N LEU A 174 -2.05 4.98 -10.83
CA LEU A 174 -1.93 5.10 -12.29
C LEU A 174 -3.10 4.45 -13.00
N ALA A 175 -3.41 3.22 -12.59
CA ALA A 175 -4.52 2.49 -13.20
C ALA A 175 -5.79 3.34 -13.20
N ALA A 176 -5.88 4.28 -12.27
CA ALA A 176 -7.03 5.16 -12.17
C ALA A 176 -6.92 6.33 -13.14
N LEU A 177 -5.72 6.91 -13.21
CA LEU A 177 -5.47 8.04 -14.11
C LEU A 177 -5.54 7.60 -15.58
N GLU A 178 -5.44 6.29 -15.81
CA GLU A 178 -5.47 5.75 -17.16
C GLU A 178 -5.54 4.23 -17.13
N PRO A 179 -6.26 3.62 -18.09
CA PRO A 179 -6.40 2.16 -18.17
C PRO A 179 -5.05 1.46 -18.22
N PRO A 180 -4.82 0.46 -17.34
CA PRO A 180 -3.56 -0.28 -17.30
C PRO A 180 -3.46 -1.30 -18.43
N GLU A 181 -2.25 -1.44 -18.98
CA GLU A 181 -2.03 -2.38 -20.08
C GLU A 181 -1.10 -3.51 -19.64
N PRO A 182 -1.38 -4.75 -20.10
CA PRO A 182 -0.57 -5.92 -19.75
C PRO A 182 0.74 -5.97 -20.52
N LYS A 183 1.39 -7.12 -20.50
CA LYS A 183 2.67 -7.29 -21.20
C LYS A 183 2.45 -7.97 -22.55
N LYS A 184 2.41 -7.17 -23.62
CA LYS A 184 2.21 -7.68 -24.96
C LYS A 184 3.05 -6.90 -25.97
N GLY B 1 7.98 14.90 -9.39
CA GLY B 1 6.77 14.45 -10.14
C GLY B 1 6.93 13.06 -10.71
N SER B 2 5.81 12.35 -10.87
CA SER B 2 5.83 11.00 -11.41
C SER B 2 5.73 11.02 -12.93
N GLY B 3 4.51 11.15 -13.43
CA GLY B 3 4.30 11.18 -14.87
C GLY B 3 4.22 9.79 -15.46
N LEU B 4 3.00 9.39 -15.78
CA LEU B 4 2.77 8.06 -16.35
C LEU B 4 1.58 8.07 -17.31
N SER B 5 1.86 8.32 -18.59
CA SER B 5 0.81 8.36 -19.60
C SER B 5 -0.29 9.35 -19.22
N ALA B 6 -1.35 9.36 -20.01
CA ALA B 6 -2.48 10.26 -19.76
C ALA B 6 -2.04 11.72 -19.92
N GLN B 7 -1.65 12.34 -18.80
CA GLN B 7 -1.20 13.72 -18.81
C GLN B 7 0.07 13.89 -18.00
N ASP B 8 0.62 12.78 -17.49
CA ASP B 8 1.84 12.81 -16.69
C ASP B 8 1.50 13.22 -15.26
N ILE B 9 0.35 12.75 -14.79
CA ILE B 9 -0.10 13.04 -13.44
C ILE B 9 0.97 12.67 -12.42
N SER B 10 1.29 13.61 -11.55
CA SER B 10 2.31 13.40 -10.54
C SER B 10 1.69 13.30 -9.14
N GLN B 11 2.42 12.69 -8.21
CA GLN B 11 1.92 12.55 -6.84
C GLN B 11 2.61 13.55 -5.91
N PRO B 12 3.94 13.43 -5.72
CA PRO B 12 4.69 14.34 -4.86
C PRO B 12 5.12 15.61 -5.59
N LEU B 13 4.16 16.29 -6.20
CA LEU B 13 4.45 17.51 -6.94
C LEU B 13 5.00 18.59 -6.02
N GLN B 14 4.11 19.29 -5.31
CA GLN B 14 4.53 20.34 -4.39
C GLN B 14 4.88 19.77 -3.03
N ASN B 15 3.88 19.59 -2.18
CA ASN B 15 4.08 19.06 -0.84
C ASN B 15 3.28 17.77 -0.65
N SER B 16 2.07 17.74 -1.21
CA SER B 16 1.21 16.58 -1.11
C SER B 16 0.69 16.39 0.31
N PHE B 17 0.59 17.49 1.06
CA PHE B 17 0.10 17.44 2.44
C PHE B 17 -0.33 18.83 2.92
N ILE B 18 -1.62 19.00 3.15
CA ILE B 18 -2.14 20.28 3.64
C ILE B 18 -1.89 20.44 5.13
N HIS B 19 -1.87 19.32 5.85
CA HIS B 19 -1.64 19.33 7.29
C HIS B 19 -2.77 20.08 8.01
N THR B 20 -3.76 19.32 8.47
CA THR B 20 -4.90 19.91 9.17
C THR B 20 -5.74 18.82 9.85
N GLY B 21 -5.06 17.91 10.55
CA GLY B 21 -5.76 16.85 11.23
C GLY B 21 -4.97 16.29 12.41
N HIS B 22 -5.64 15.52 13.26
CA HIS B 22 -5.00 14.94 14.43
C HIS B 22 -4.77 13.44 14.23
N GLY B 23 -5.79 12.64 14.53
CA GLY B 23 -5.68 11.20 14.37
C GLY B 23 -4.86 10.57 15.48
N ASP B 24 -4.75 11.25 16.61
CA ASP B 24 -3.99 10.74 17.75
C ASP B 24 -2.60 10.29 17.32
N SER B 25 -1.85 11.21 16.71
CA SER B 25 -0.50 10.92 16.25
C SER B 25 0.50 11.00 17.39
N ASP B 26 0.82 9.85 17.98
CA ASP B 26 1.77 9.80 19.09
C ASP B 26 2.25 8.36 19.33
N PRO B 27 3.36 8.21 20.07
CA PRO B 27 3.93 6.89 20.39
C PRO B 27 3.05 6.11 21.34
N ARG B 28 2.10 5.38 20.78
CA ARG B 28 1.17 4.58 21.59
C ARG B 28 1.56 3.11 21.61
N HIS B 29 1.89 2.57 20.44
CA HIS B 29 2.28 1.17 20.33
C HIS B 29 3.67 1.04 19.71
N CYS B 30 3.92 1.81 18.67
CA CYS B 30 5.21 1.78 17.98
C CYS B 30 5.36 0.50 17.16
N TRP B 31 5.91 0.63 15.96
CA TRP B 31 6.11 -0.51 15.08
C TRP B 31 7.47 -1.15 15.31
N GLY B 32 7.46 -2.40 15.79
CA GLY B 32 8.70 -3.11 16.05
C GLY B 32 8.93 -4.25 15.07
N PHE B 33 7.94 -5.13 14.96
CA PHE B 33 8.05 -6.27 14.06
C PHE B 33 7.15 -6.07 12.83
N PRO B 34 7.57 -6.61 11.67
CA PRO B 34 6.80 -6.49 10.43
C PRO B 34 5.49 -7.27 10.48
N ASP B 35 4.86 -7.44 9.32
CA ASP B 35 3.60 -8.18 9.24
C ASP B 35 2.47 -7.38 9.88
N ARG B 36 1.64 -6.75 9.05
CA ARG B 36 0.52 -5.96 9.54
C ARG B 36 -0.80 -6.65 9.26
N ILE B 37 -1.88 -5.97 9.62
CA ILE B 37 -3.21 -6.48 9.43
C ILE B 37 -3.95 -5.61 8.42
N ASP B 38 -5.27 -5.61 8.48
CA ASP B 38 -6.06 -4.80 7.57
C ASP B 38 -6.38 -3.45 8.21
N GLU B 39 -6.22 -2.38 7.44
CA GLU B 39 -6.49 -1.02 7.93
C GLU B 39 -7.76 -0.97 8.78
N LEU B 40 -8.74 -1.79 8.44
CA LEU B 40 -9.99 -1.84 9.17
C LEU B 40 -9.72 -2.09 10.64
N TYR B 41 -8.70 -2.87 10.93
CA TYR B 41 -8.34 -3.19 12.29
C TYR B 41 -7.19 -2.33 12.80
N LEU B 42 -6.60 -1.53 11.92
CA LEU B 42 -5.49 -0.67 12.30
C LEU B 42 -5.83 0.14 13.55
N GLY B 43 -4.82 0.75 14.15
CA GLY B 43 -5.04 1.53 15.35
C GLY B 43 -3.87 1.48 16.30
N ASN B 44 -2.76 2.11 15.93
CA ASN B 44 -1.57 2.13 16.77
C ASN B 44 -1.77 3.03 17.98
MG MG C . 0.13 3.76 8.96
PG GNP D . 0.45 1.11 10.90
O1G GNP D . 1.23 0.51 12.00
O2G GNP D . 0.19 2.57 10.94
O3G GNP D . -0.99 0.39 10.90
N3B GNP D . 1.30 0.82 9.49
PB GNP D . 2.68 1.65 9.07
O1B GNP D . 3.57 1.65 10.26
O2B GNP D . 2.25 2.96 8.53
O3A GNP D . 3.52 0.93 7.90
PA GNP D . 5.07 0.48 7.87
O1A GNP D . 5.32 -0.38 9.04
O2A GNP D . 5.88 1.69 7.63
O5' GNP D . 5.14 -0.44 6.54
C5' GNP D . 6.41 -0.80 5.99
C4' GNP D . 6.72 -2.28 6.20
O4' GNP D . 5.58 -3.09 5.87
C3' GNP D . 7.87 -2.73 5.31
O3' GNP D . 9.06 -2.95 6.08
C2' GNP D . 7.43 -4.00 4.64
O2' GNP D . 8.19 -5.12 5.10
C1' GNP D . 5.97 -4.16 4.98
N9 GNP D . 5.14 -4.17 3.75
C8 GNP D . 3.96 -3.55 3.51
N7 GNP D . 3.43 -3.69 2.35
C5 GNP D . 4.36 -4.51 1.71
C6 GNP D . 4.36 -5.05 0.38
O6 GNP D . 3.51 -4.89 -0.50
N1 GNP D . 5.50 -5.84 0.13
C2 GNP D . 6.51 -6.09 1.04
N2 GNP D . 7.51 -6.86 0.62
N3 GNP D . 6.52 -5.59 2.30
C4 GNP D . 5.42 -4.82 2.57
HNB3 GNP D . 0.98 0.12 8.88
H5'2 GNP D . 7.19 -0.21 6.47
H5'1 GNP D . 6.40 -0.59 4.92
H4' GNP D . 6.98 -2.46 7.24
H3' GNP D . 8.04 -1.99 4.56
HO3' GNP D . 9.47 -3.74 5.74
H2' GNP D . 7.55 -3.89 3.56
HO2' GNP D . 9.12 -4.92 4.94
H1' GNP D . 5.86 -5.09 5.50
H8 GNP D . 3.47 -2.95 4.28
HN1 GNP D . 5.56 -6.23 -0.78
HN21 GNP D . 7.50 -7.24 -0.32
HN22 GNP D . 8.27 -7.09 1.25
N MET A 1 -7.46 15.94 -16.79
CA MET A 1 -7.59 16.01 -15.30
C MET A 1 -8.50 14.89 -14.79
N GLN A 2 -7.95 13.69 -14.69
CA GLN A 2 -8.71 12.54 -14.19
C GLN A 2 -8.40 12.26 -12.73
N THR A 3 -9.37 11.72 -12.03
CA THR A 3 -9.21 11.41 -10.62
C THR A 3 -8.73 9.97 -10.42
N ILE A 4 -8.58 9.58 -9.15
CA ILE A 4 -8.12 8.24 -8.83
C ILE A 4 -8.71 7.74 -7.52
N LYS A 5 -9.57 6.73 -7.60
CA LYS A 5 -10.19 6.16 -6.41
C LYS A 5 -9.40 4.93 -5.94
N CYS A 6 -8.51 5.15 -4.98
CA CYS A 6 -7.68 4.08 -4.46
C CYS A 6 -7.87 3.89 -2.96
N VAL A 7 -7.97 2.63 -2.54
CA VAL A 7 -8.15 2.30 -1.13
C VAL A 7 -7.27 1.12 -0.75
N VAL A 8 -6.77 1.12 0.49
CA VAL A 8 -5.91 0.04 0.95
C VAL A 8 -6.70 -1.14 1.47
N VAL A 9 -6.23 -2.33 1.15
CA VAL A 9 -6.87 -3.56 1.58
C VAL A 9 -5.82 -4.65 1.73
N GLY A 10 -5.82 -5.33 2.86
CA GLY A 10 -4.85 -6.37 3.09
C GLY A 10 -4.23 -6.30 4.47
N ASP A 11 -2.97 -6.73 4.57
CA ASP A 11 -2.26 -6.72 5.84
C ASP A 11 -0.98 -5.89 5.72
N GLY A 12 -0.96 -4.97 4.75
CA GLY A 12 0.21 -4.13 4.56
C GLY A 12 -0.15 -2.71 4.18
N ALA A 13 0.69 -1.78 4.58
CA ALA A 13 0.46 -0.37 4.30
C ALA A 13 1.27 0.11 3.09
N VAL A 14 1.97 -0.81 2.43
CA VAL A 14 2.77 -0.48 1.27
C VAL A 14 2.03 0.47 0.33
N GLY A 15 0.71 0.35 0.29
CA GLY A 15 -0.08 1.21 -0.57
C GLY A 15 -0.97 2.16 0.22
N LYS A 16 -0.63 2.35 1.49
CA LYS A 16 -1.41 3.23 2.37
C LYS A 16 -0.76 4.63 2.44
N THR A 17 -0.48 5.12 3.66
CA THR A 17 0.12 6.44 3.83
C THR A 17 1.63 6.34 4.02
N CYS A 18 2.07 5.25 4.63
CA CYS A 18 3.49 5.03 4.89
C CYS A 18 4.35 5.44 3.70
N LEU A 19 3.87 5.20 2.50
CA LEU A 19 4.61 5.53 1.29
C LEU A 19 5.16 6.96 1.36
N LEU A 20 4.26 7.94 1.22
CA LEU A 20 4.66 9.34 1.26
C LEU A 20 4.88 9.78 2.70
N ILE A 21 4.01 9.34 3.59
CA ILE A 21 4.11 9.69 5.00
C ILE A 21 5.40 9.16 5.61
N SER A 22 5.50 7.85 5.75
CA SER A 22 6.69 7.23 6.34
C SER A 22 7.97 7.69 5.63
N TYR A 23 7.95 7.69 4.30
CA TYR A 23 9.11 8.10 3.53
C TYR A 23 9.66 9.43 4.02
N THR A 24 8.78 10.39 4.32
CA THR A 24 9.19 11.70 4.80
C THR A 24 9.06 11.83 6.31
N THR A 25 7.83 11.76 6.79
CA THR A 25 7.55 11.88 8.23
C THR A 25 7.33 10.51 8.87
N ASN A 26 7.40 10.48 10.20
CA ASN A 26 7.20 9.24 10.94
C ASN A 26 8.40 8.32 10.81
N LYS A 27 8.71 7.92 9.57
CA LYS A 27 9.84 7.04 9.31
C LYS A 27 9.53 5.61 9.74
N PHE A 28 10.44 4.70 9.44
CA PHE A 28 10.25 3.29 9.78
C PHE A 28 10.75 2.99 11.19
N PRO A 29 11.95 3.48 11.55
CA PRO A 29 12.53 3.24 12.88
C PRO A 29 12.01 4.21 13.93
N SER A 30 10.69 4.35 14.02
CA SER A 30 10.08 5.25 14.99
C SER A 30 8.78 4.64 15.55
N GLU A 31 7.63 5.09 15.04
CA GLU A 31 6.35 4.58 15.52
C GLU A 31 5.25 4.83 14.49
N TYR A 32 4.14 4.12 14.64
CA TYR A 32 3.00 4.27 13.75
C TYR A 32 1.70 4.33 14.55
N VAL A 33 1.02 5.48 14.47
CA VAL A 33 -0.25 5.65 15.19
C VAL A 33 -1.04 6.83 14.65
N PRO A 34 -0.50 8.06 14.72
CA PRO A 34 -1.20 9.27 14.25
C PRO A 34 -1.47 9.27 12.75
N THR A 35 -2.18 8.25 12.28
CA THR A 35 -2.54 8.14 10.87
C THR A 35 -4.05 8.05 10.70
N VAL A 36 -4.77 8.54 11.71
CA VAL A 36 -6.23 8.50 11.69
C VAL A 36 -6.82 9.51 10.71
N PHE A 37 -6.30 10.73 10.75
CA PHE A 37 -6.77 11.79 9.86
C PHE A 37 -6.08 11.73 8.51
N ASP A 38 -6.03 10.54 7.91
CA ASP A 38 -5.39 10.37 6.61
C ASP A 38 -6.21 11.03 5.51
N ASN A 39 -7.47 11.34 5.81
CA ASN A 39 -8.35 11.96 4.82
C ASN A 39 -8.19 13.49 4.84
N TYR A 40 -7.17 14.00 5.53
CA TYR A 40 -6.94 15.43 5.60
C TYR A 40 -6.72 16.01 4.21
N ALA A 41 -6.62 17.33 4.13
CA ALA A 41 -6.41 18.01 2.86
C ALA A 41 -4.93 18.22 2.59
N VAL A 42 -4.55 18.18 1.31
CA VAL A 42 -3.15 18.39 0.94
C VAL A 42 -3.04 19.33 -0.26
N THR A 43 -1.97 20.10 -0.29
CA THR A 43 -1.76 21.05 -1.38
C THR A 43 -1.07 20.34 -2.54
N VAL A 44 -1.85 20.02 -3.56
CA VAL A 44 -1.33 19.34 -4.73
C VAL A 44 -2.33 19.39 -5.88
N MET A 45 -1.81 19.47 -7.11
CA MET A 45 -2.65 19.52 -8.30
C MET A 45 -2.42 18.28 -9.17
N ILE A 46 -3.50 17.75 -9.74
CA ILE A 46 -3.40 16.55 -10.58
C ILE A 46 -3.30 16.92 -12.06
N GLY A 47 -2.16 16.58 -12.67
CA GLY A 47 -1.92 16.85 -14.07
C GLY A 47 -2.59 18.11 -14.60
N GLY A 48 -3.82 17.97 -15.09
CA GLY A 48 -4.56 19.11 -15.63
C GLY A 48 -4.39 20.37 -14.80
N GLU A 49 -5.25 20.53 -13.80
CA GLU A 49 -5.19 21.69 -12.93
C GLU A 49 -5.53 21.34 -11.49
N PRO A 50 -5.23 22.24 -10.53
CA PRO A 50 -5.48 22.03 -9.11
C PRO A 50 -6.71 21.17 -8.85
N TYR A 51 -6.46 19.91 -8.51
CA TYR A 51 -7.52 18.96 -8.23
C TYR A 51 -6.92 17.66 -7.69
N THR A 52 -7.33 17.29 -6.48
CA THR A 52 -6.82 16.08 -5.83
C THR A 52 -7.95 15.28 -5.20
N LEU A 53 -7.71 13.99 -5.02
CA LEU A 53 -8.72 13.11 -4.42
C LEU A 53 -8.24 12.55 -3.09
N GLY A 54 -9.18 12.16 -2.24
CA GLY A 54 -8.83 11.60 -0.95
C GLY A 54 -8.04 10.31 -1.10
N LEU A 55 -6.75 10.38 -0.75
CA LEU A 55 -5.88 9.21 -0.83
C LEU A 55 -6.41 8.06 0.02
N PHE A 56 -5.52 7.19 0.47
CA PHE A 56 -5.91 6.06 1.30
C PHE A 56 -6.01 6.46 2.77
N ASP A 57 -7.24 6.57 3.25
CA ASP A 57 -7.48 6.94 4.65
C ASP A 57 -8.28 5.86 5.37
N THR A 58 -7.64 5.21 6.33
CA THR A 58 -8.28 4.15 7.11
C THR A 58 -7.63 4.02 8.48
N ALA A 59 -8.45 4.09 9.52
CA ALA A 59 -7.97 3.98 10.89
C ALA A 59 -9.12 3.92 11.89
N GLY A 60 -9.18 2.82 12.63
CA GLY A 60 -10.25 2.66 13.61
C GLY A 60 -9.83 3.09 14.99
N LEU A 61 -9.77 4.40 15.21
CA LEU A 61 -9.38 4.94 16.51
C LEU A 61 -10.52 5.76 17.13
N GLU A 62 -10.33 7.07 17.30
CA GLU A 62 -11.37 7.91 17.89
C GLU A 62 -12.16 8.65 16.82
N ASP A 63 -11.51 8.93 15.70
CA ASP A 63 -12.16 9.64 14.60
C ASP A 63 -13.25 8.77 13.95
N TYR A 64 -12.83 7.65 13.37
CA TYR A 64 -13.77 6.73 12.73
C TYR A 64 -13.65 5.33 13.32
N ASP A 65 -14.80 4.70 13.56
CA ASP A 65 -14.82 3.35 14.13
C ASP A 65 -14.72 2.30 13.02
N ARG A 66 -15.72 2.27 12.14
CA ARG A 66 -15.76 1.32 11.06
C ARG A 66 -15.26 1.95 9.75
N LEU A 67 -15.29 3.27 9.69
CA LEU A 67 -14.86 3.99 8.49
C LEU A 67 -15.80 3.70 7.32
N ARG A 68 -15.27 3.43 6.12
CA ARG A 68 -16.12 3.15 4.97
C ARG A 68 -15.32 2.54 3.82
N PRO A 69 -14.37 3.30 3.25
CA PRO A 69 -13.55 2.84 2.13
C PRO A 69 -13.18 1.35 2.23
N LEU A 70 -12.49 0.98 3.29
CA LEU A 70 -12.08 -0.40 3.50
C LEU A 70 -13.26 -1.37 3.33
N SER A 71 -14.45 -0.89 3.63
CA SER A 71 -15.66 -1.73 3.52
C SER A 71 -15.69 -2.46 2.17
N TYR A 72 -15.79 -1.70 1.09
CA TYR A 72 -15.84 -2.27 -0.25
C TYR A 72 -15.95 -1.17 -1.31
N PRO A 73 -14.80 -0.71 -1.84
CA PRO A 73 -14.78 0.33 -2.87
C PRO A 73 -15.26 -0.17 -4.23
N GLN A 74 -16.10 0.62 -4.88
CA GLN A 74 -16.63 0.26 -6.18
C GLN A 74 -15.71 0.69 -7.32
N THR A 75 -14.48 1.10 -6.97
CA THR A 75 -13.52 1.55 -7.97
C THR A 75 -13.02 0.36 -8.80
N ASP A 76 -12.03 0.62 -9.64
CA ASP A 76 -11.45 -0.41 -10.49
C ASP A 76 -9.93 -0.54 -10.29
N VAL A 77 -9.41 0.18 -9.30
CA VAL A 77 -7.98 0.14 -9.02
C VAL A 77 -7.71 -0.14 -7.55
N PHE A 78 -7.82 -1.41 -7.16
CA PHE A 78 -7.57 -1.81 -5.78
C PHE A 78 -6.08 -1.95 -5.53
N LEU A 79 -5.70 -2.16 -4.28
CA LEU A 79 -4.29 -2.30 -3.92
C LEU A 79 -4.10 -3.32 -2.81
N VAL A 80 -3.53 -4.48 -3.16
CA VAL A 80 -3.28 -5.52 -2.19
C VAL A 80 -1.86 -5.42 -1.67
N CYS A 81 -1.62 -5.94 -0.47
CA CYS A 81 -0.28 -5.87 0.12
C CYS A 81 0.13 -7.21 0.74
N PHE A 82 1.43 -7.49 0.66
CA PHE A 82 1.98 -8.72 1.21
C PHE A 82 3.51 -8.61 1.28
N SER A 83 4.06 -8.82 2.47
CA SER A 83 5.50 -8.74 2.66
C SER A 83 6.18 -10.09 2.45
N VAL A 84 7.33 -10.06 1.79
CA VAL A 84 8.09 -11.28 1.53
C VAL A 84 8.54 -11.92 2.84
N VAL A 85 9.41 -12.92 2.75
CA VAL A 85 9.90 -13.62 3.94
C VAL A 85 8.72 -14.16 4.72
N SER A 86 8.46 -15.45 4.61
CA SER A 86 7.34 -16.05 5.31
C SER A 86 7.60 -17.52 5.63
N PRO A 87 7.08 -17.98 6.78
CA PRO A 87 7.22 -19.37 7.22
C PRO A 87 6.14 -20.26 6.63
N SER A 88 5.97 -20.17 5.31
CA SER A 88 4.96 -20.95 4.58
C SER A 88 3.59 -20.29 4.67
N SER A 89 3.59 -18.96 4.81
CA SER A 89 2.35 -18.20 4.90
C SER A 89 1.98 -17.61 3.54
N PHE A 90 2.98 -17.43 2.68
CA PHE A 90 2.77 -16.87 1.36
C PHE A 90 1.62 -17.59 0.64
N GLU A 91 1.80 -18.89 0.40
CA GLU A 91 0.78 -19.68 -0.28
C GLU A 91 -0.58 -19.48 0.36
N ASN A 92 -0.58 -19.23 1.67
CA ASN A 92 -1.83 -19.01 2.41
C ASN A 92 -2.43 -17.66 2.07
N VAL A 93 -1.71 -16.59 2.38
CA VAL A 93 -2.19 -15.23 2.11
C VAL A 93 -2.59 -15.09 0.65
N LYS A 94 -1.79 -15.65 -0.24
CA LYS A 94 -2.06 -15.59 -1.68
C LYS A 94 -3.44 -16.14 -1.99
N GLU A 95 -3.65 -17.42 -1.69
CA GLU A 95 -4.93 -18.07 -1.94
C GLU A 95 -5.96 -17.71 -0.87
N LYS A 96 -5.59 -16.85 0.07
CA LYS A 96 -6.49 -16.44 1.14
C LYS A 96 -7.01 -15.02 0.90
N TRP A 97 -6.12 -14.16 0.40
CA TRP A 97 -6.48 -12.78 0.11
C TRP A 97 -7.33 -12.67 -1.15
N VAL A 98 -6.88 -13.32 -2.22
CA VAL A 98 -7.61 -13.28 -3.49
C VAL A 98 -9.10 -13.56 -3.30
N PRO A 99 -9.46 -14.67 -2.62
CA PRO A 99 -10.87 -15.01 -2.38
C PRO A 99 -11.54 -14.09 -1.37
N GLU A 100 -10.72 -13.43 -0.54
CA GLU A 100 -11.23 -12.52 0.48
C GLU A 100 -11.47 -11.14 -0.11
N ILE A 101 -10.48 -10.65 -0.88
CA ILE A 101 -10.59 -9.34 -1.50
C ILE A 101 -11.69 -9.33 -2.55
N THR A 102 -11.99 -10.50 -3.10
CA THR A 102 -13.03 -10.62 -4.13
C THR A 102 -14.37 -10.95 -3.48
N HIS A 103 -14.33 -11.58 -2.32
CA HIS A 103 -15.55 -11.95 -1.59
C HIS A 103 -16.28 -10.70 -1.10
N HIS A 104 -15.69 -10.03 -0.12
CA HIS A 104 -16.29 -8.82 0.44
C HIS A 104 -16.37 -7.72 -0.62
N CYS A 105 -15.29 -7.57 -1.39
CA CYS A 105 -15.23 -6.56 -2.44
C CYS A 105 -15.21 -7.22 -3.81
N PRO A 106 -15.76 -6.55 -4.83
CA PRO A 106 -15.80 -7.08 -6.20
C PRO A 106 -14.43 -7.57 -6.66
N LYS A 107 -14.42 -8.38 -7.71
CA LYS A 107 -13.17 -8.92 -8.25
C LYS A 107 -12.50 -7.90 -9.16
N THR A 108 -12.24 -6.71 -8.63
CA THR A 108 -11.60 -5.65 -9.38
C THR A 108 -10.08 -5.84 -9.43
N PRO A 109 -9.40 -5.11 -10.34
CA PRO A 109 -7.95 -5.19 -10.49
C PRO A 109 -7.21 -4.80 -9.22
N PHE A 110 -5.93 -5.17 -9.15
CA PHE A 110 -5.10 -4.85 -7.98
C PHE A 110 -3.62 -4.84 -8.35
N LEU A 111 -2.84 -4.08 -7.61
CA LEU A 111 -1.40 -3.98 -7.86
C LEU A 111 -0.59 -4.57 -6.72
N LEU A 112 0.51 -5.24 -7.07
CA LEU A 112 1.39 -5.84 -6.08
C LEU A 112 2.58 -4.94 -5.80
N VAL A 113 3.23 -5.13 -4.65
CA VAL A 113 4.38 -4.31 -4.28
C VAL A 113 5.46 -5.11 -3.57
N GLY A 114 6.71 -4.72 -3.79
CA GLY A 114 7.83 -5.39 -3.18
C GLY A 114 8.68 -4.44 -2.36
N THR A 115 8.36 -4.33 -1.08
CA THR A 115 9.08 -3.43 -0.17
C THR A 115 9.85 -4.21 0.90
N GLN A 116 9.87 -5.54 0.79
CA GLN A 116 10.58 -6.37 1.75
C GLN A 116 11.80 -6.98 1.08
N ILE A 117 12.29 -6.30 0.05
CA ILE A 117 13.45 -6.74 -0.69
C ILE A 117 14.69 -6.70 0.22
N ASP A 118 14.55 -6.09 1.39
CA ASP A 118 15.67 -5.98 2.33
C ASP A 118 15.60 -7.08 3.39
N LEU A 119 14.41 -7.65 3.57
CA LEU A 119 14.22 -8.72 4.57
C LEU A 119 14.49 -10.09 3.95
N ARG A 120 14.10 -10.28 2.70
CA ARG A 120 14.29 -11.55 2.02
C ARG A 120 15.73 -12.03 2.19
N ASP A 121 16.66 -11.10 2.30
CA ASP A 121 18.06 -11.43 2.47
C ASP A 121 18.35 -11.82 3.93
N ASP A 122 17.68 -11.12 4.85
CA ASP A 122 17.85 -11.39 6.27
C ASP A 122 17.76 -12.89 6.56
N PRO A 123 18.90 -13.55 6.81
CA PRO A 123 18.93 -14.98 7.11
C PRO A 123 18.36 -15.33 8.48
N SER A 124 18.04 -14.30 9.26
CA SER A 124 17.46 -14.51 10.58
C SER A 124 16.00 -14.91 10.47
N THR A 125 15.19 -13.98 9.98
CA THR A 125 13.77 -14.27 9.80
C THR A 125 13.61 -15.46 8.88
N ILE A 126 14.44 -15.51 7.84
CA ILE A 126 14.42 -16.61 6.89
C ILE A 126 14.53 -17.94 7.63
N GLU A 127 15.47 -18.00 8.57
CA GLU A 127 15.68 -19.20 9.36
C GLU A 127 14.40 -19.56 10.09
N LYS A 128 13.65 -18.54 10.50
CA LYS A 128 12.40 -18.77 11.20
C LYS A 128 11.38 -19.38 10.25
N LEU A 129 11.56 -19.13 8.96
CA LEU A 129 10.68 -19.71 7.97
C LEU A 129 11.10 -21.14 7.73
N ALA A 130 12.41 -21.36 7.80
CA ALA A 130 12.99 -22.68 7.61
C ALA A 130 12.18 -23.78 8.26
N LYS A 131 11.62 -23.51 9.44
CA LYS A 131 10.83 -24.52 10.15
C LYS A 131 9.50 -24.81 9.46
N ASN A 132 9.01 -23.88 8.63
CA ASN A 132 7.72 -24.09 7.96
C ASN A 132 7.83 -23.98 6.43
N LYS A 133 8.74 -23.13 5.95
CA LYS A 133 8.90 -22.94 4.52
C LYS A 133 10.39 -22.83 4.17
N GLN A 134 10.99 -21.67 4.49
CA GLN A 134 12.41 -21.38 4.24
C GLN A 134 12.57 -20.52 2.98
N LYS A 135 11.79 -20.85 1.95
CA LYS A 135 11.85 -20.12 0.68
C LYS A 135 11.18 -18.76 0.79
N PRO A 136 11.96 -17.68 0.77
CA PRO A 136 11.42 -16.32 0.85
C PRO A 136 10.65 -15.96 -0.41
N ILE A 137 10.29 -14.69 -0.55
CA ILE A 137 9.54 -14.25 -1.71
C ILE A 137 10.37 -13.27 -2.54
N THR A 138 11.03 -13.81 -3.57
CA THR A 138 11.87 -12.99 -4.44
C THR A 138 11.02 -12.04 -5.28
N PRO A 139 11.52 -10.83 -5.55
CA PRO A 139 10.81 -9.84 -6.35
C PRO A 139 10.15 -10.45 -7.58
N GLU A 140 10.92 -11.29 -8.29
CA GLU A 140 10.40 -11.95 -9.48
C GLU A 140 9.20 -12.81 -9.14
N THR A 141 9.20 -13.36 -7.94
CA THR A 141 8.10 -14.20 -7.47
C THR A 141 6.79 -13.41 -7.43
N ALA A 142 6.82 -12.28 -6.75
CA ALA A 142 5.64 -11.43 -6.63
C ALA A 142 5.05 -11.14 -8.01
N GLU A 143 5.94 -10.97 -9.00
CA GLU A 143 5.51 -10.69 -10.36
C GLU A 143 4.71 -11.86 -10.91
N LYS A 144 5.15 -13.08 -10.61
CA LYS A 144 4.47 -14.28 -11.07
C LYS A 144 3.03 -14.31 -10.55
N LEU A 145 2.89 -14.22 -9.23
CA LEU A 145 1.58 -14.22 -8.61
C LEU A 145 0.76 -13.02 -9.08
N ALA A 146 1.43 -11.87 -9.16
CA ALA A 146 0.79 -10.64 -9.60
C ALA A 146 0.19 -10.81 -11.00
N ARG A 147 1.03 -11.25 -11.93
CA ARG A 147 0.59 -11.46 -13.30
C ARG A 147 -0.29 -12.70 -13.41
N ASP A 148 -0.08 -13.64 -12.49
CA ASP A 148 -0.84 -14.88 -12.47
C ASP A 148 -2.34 -14.58 -12.53
N LEU A 149 -2.78 -13.62 -11.73
CA LEU A 149 -4.18 -13.23 -11.70
C LEU A 149 -4.41 -11.91 -12.43
N LYS A 150 -3.48 -11.55 -13.30
CA LYS A 150 -3.57 -10.31 -14.06
C LYS A 150 -3.89 -9.13 -13.14
N ALA A 151 -2.99 -8.83 -12.23
CA ALA A 151 -3.19 -7.72 -11.30
C ALA A 151 -2.85 -6.39 -11.96
N VAL A 152 -1.56 -6.05 -11.98
CA VAL A 152 -1.10 -4.81 -12.60
C VAL A 152 0.40 -4.88 -12.88
N LYS A 153 1.20 -4.76 -11.83
CA LYS A 153 2.65 -4.77 -11.97
C LYS A 153 3.32 -4.68 -10.61
N TYR A 154 4.12 -5.69 -10.26
CA TYR A 154 4.83 -5.70 -8.99
C TYR A 154 6.20 -5.05 -9.14
N VAL A 155 6.38 -3.92 -8.46
CA VAL A 155 7.64 -3.19 -8.50
C VAL A 155 8.36 -3.26 -7.17
N GLU A 156 9.68 -3.11 -7.21
CA GLU A 156 10.49 -3.16 -5.99
C GLU A 156 10.71 -1.76 -5.43
N CYS A 157 10.27 -1.53 -4.20
CA CYS A 157 10.42 -0.24 -3.55
C CYS A 157 9.98 -0.32 -2.08
N SER A 158 10.77 0.27 -1.20
CA SER A 158 10.46 0.27 0.22
C SER A 158 11.00 1.53 0.91
N ALA A 159 10.61 1.71 2.17
CA ALA A 159 11.05 2.87 2.94
C ALA A 159 12.39 2.59 3.62
N LEU A 160 12.62 1.32 3.97
CA LEU A 160 13.86 0.92 4.63
C LEU A 160 15.07 1.43 3.84
N THR A 161 15.33 0.81 2.70
CA THR A 161 16.45 1.20 1.85
C THR A 161 16.16 2.52 1.13
N GLN A 162 14.88 2.91 1.09
CA GLN A 162 14.49 4.16 0.44
C GLN A 162 14.61 4.03 -1.08
N LYS A 163 14.04 2.98 -1.64
CA LYS A 163 14.08 2.76 -3.08
C LYS A 163 13.24 3.79 -3.82
N GLY A 164 12.29 4.40 -3.10
CA GLY A 164 11.44 5.41 -3.70
C GLY A 164 10.00 5.30 -3.24
N LEU A 165 9.51 4.06 -3.18
CA LEU A 165 8.13 3.81 -2.75
C LEU A 165 7.13 4.33 -3.78
N LYS A 166 7.15 5.64 -4.01
CA LYS A 166 6.24 6.26 -4.97
C LYS A 166 6.23 5.50 -6.29
N ASN A 167 7.32 4.80 -6.59
CA ASN A 167 7.41 4.04 -7.84
C ASN A 167 6.20 3.12 -7.99
N VAL A 168 6.16 2.07 -7.17
CA VAL A 168 5.05 1.13 -7.22
C VAL A 168 3.74 1.85 -6.92
N PHE A 169 3.83 2.91 -6.14
CA PHE A 169 2.68 3.71 -5.77
C PHE A 169 2.14 4.44 -6.99
N ASP A 170 3.03 4.76 -7.92
CA ASP A 170 2.65 5.46 -9.15
C ASP A 170 2.00 4.48 -10.12
N GLU A 171 2.38 3.21 -10.01
CA GLU A 171 1.82 2.17 -10.88
C GLU A 171 0.41 1.82 -10.43
N ALA A 172 0.14 2.00 -9.15
CA ALA A 172 -1.18 1.70 -8.58
C ALA A 172 -2.18 2.79 -8.97
N ILE A 173 -1.78 4.04 -8.78
CA ILE A 173 -2.66 5.16 -9.10
C ILE A 173 -2.91 5.24 -10.61
N LEU A 174 -1.89 4.86 -11.38
CA LEU A 174 -1.97 4.87 -12.82
C LEU A 174 -3.25 4.18 -13.30
N ALA A 175 -3.40 2.92 -12.92
CA ALA A 175 -4.58 2.14 -13.30
C ALA A 175 -5.86 2.94 -13.05
N ALA A 176 -5.80 3.85 -12.09
CA ALA A 176 -6.96 4.68 -11.76
C ALA A 176 -7.17 5.79 -12.78
N LEU A 177 -6.09 6.50 -13.11
CA LEU A 177 -6.16 7.58 -14.07
C LEU A 177 -6.44 7.05 -15.48
N GLU A 178 -6.09 5.79 -15.71
CA GLU A 178 -6.31 5.16 -17.01
C GLU A 178 -6.29 3.63 -16.88
N PRO A 179 -6.94 2.93 -17.82
CA PRO A 179 -6.99 1.47 -17.81
C PRO A 179 -5.66 0.83 -18.21
N PRO A 180 -5.08 -0.01 -17.33
CA PRO A 180 -3.80 -0.67 -17.62
C PRO A 180 -3.90 -1.68 -18.75
N GLU A 181 -2.77 -2.26 -19.13
CA GLU A 181 -2.74 -3.26 -20.20
C GLU A 181 -1.70 -4.34 -19.91
N PRO A 182 -2.14 -5.47 -19.35
CA PRO A 182 -1.25 -6.59 -19.03
C PRO A 182 -0.82 -7.37 -20.26
N LYS A 183 -0.27 -8.56 -20.06
CA LYS A 183 0.18 -9.40 -21.16
C LYS A 183 -0.99 -10.14 -21.79
N LYS A 184 -0.96 -10.27 -23.12
CA LYS A 184 -2.02 -10.95 -23.85
C LYS A 184 -1.44 -11.92 -24.87
N GLY B 1 7.61 11.85 -9.33
CA GLY B 1 7.85 11.54 -10.76
C GLY B 1 6.89 10.51 -11.29
N SER B 2 5.91 10.95 -12.07
CA SER B 2 4.91 10.06 -12.65
C SER B 2 5.26 9.74 -14.10
N GLY B 3 4.26 9.28 -14.86
CA GLY B 3 4.48 8.94 -16.25
C GLY B 3 3.58 7.81 -16.72
N LEU B 4 2.45 8.18 -17.33
CA LEU B 4 1.50 7.19 -17.82
C LEU B 4 0.62 7.76 -18.92
N SER B 5 0.26 6.90 -19.87
CA SER B 5 -0.60 7.30 -20.98
C SER B 5 -1.94 7.81 -20.49
N ALA B 6 -1.95 9.08 -20.09
CA ALA B 6 -3.15 9.72 -19.56
C ALA B 6 -2.80 11.08 -18.99
N GLN B 7 -1.96 11.82 -19.72
CA GLN B 7 -1.49 13.12 -19.25
C GLN B 7 -0.43 12.92 -18.16
N ASP B 8 -0.08 11.65 -17.89
CA ASP B 8 0.90 11.30 -16.89
C ASP B 8 0.67 12.07 -15.59
N ILE B 9 -0.56 11.98 -15.09
CA ILE B 9 -0.94 12.64 -13.85
C ILE B 9 0.05 12.26 -12.74
N SER B 10 0.33 13.22 -11.87
CA SER B 10 1.25 12.99 -10.76
C SER B 10 0.50 12.95 -9.43
N GLN B 11 1.07 12.24 -8.46
CA GLN B 11 0.46 12.13 -7.15
C GLN B 11 1.17 13.06 -6.16
N PRO B 12 2.42 12.74 -5.76
CA PRO B 12 3.18 13.56 -4.83
C PRO B 12 3.76 14.80 -5.52
N LEU B 13 2.88 15.59 -6.13
CA LEU B 13 3.30 16.80 -6.84
C LEU B 13 4.00 17.78 -5.91
N GLN B 14 3.22 18.68 -5.30
CA GLN B 14 3.78 19.68 -4.39
C GLN B 14 3.95 19.10 -3.00
N ASN B 15 4.04 19.98 -2.00
CA ASN B 15 4.20 19.55 -0.61
C ASN B 15 3.19 18.47 -0.26
N SER B 16 2.05 18.48 -0.96
CA SER B 16 0.99 17.51 -0.74
C SER B 16 0.81 17.18 0.75
N PHE B 17 1.02 18.18 1.59
CA PHE B 17 0.88 18.00 3.03
C PHE B 17 0.78 19.34 3.76
N ILE B 18 -0.42 19.67 4.23
CA ILE B 18 -0.64 20.92 4.94
C ILE B 18 -0.36 20.74 6.43
N HIS B 19 -0.71 19.59 6.96
CA HIS B 19 -0.50 19.29 8.38
C HIS B 19 -0.71 17.80 8.65
N THR B 20 -0.74 17.44 9.93
CA THR B 20 -0.93 16.05 10.32
C THR B 20 -2.30 15.87 10.98
N GLY B 21 -2.79 14.63 10.97
CA GLY B 21 -4.08 14.34 11.57
C GLY B 21 -4.10 14.64 13.05
N HIS B 22 -4.49 13.65 13.84
CA HIS B 22 -4.55 13.80 15.29
C HIS B 22 -4.68 12.45 16.00
N GLY B 23 -5.92 11.99 16.17
CA GLY B 23 -6.15 10.71 16.82
C GLY B 23 -5.26 10.50 18.05
N ASP B 24 -4.99 9.23 18.37
CA ASP B 24 -4.15 8.92 19.51
C ASP B 24 -2.68 8.99 19.14
N SER B 25 -2.21 10.19 18.82
CA SER B 25 -0.83 10.40 18.44
C SER B 25 0.09 10.29 19.66
N ASP B 26 0.66 9.11 19.86
CA ASP B 26 1.56 8.88 20.99
C ASP B 26 2.30 7.55 20.83
N PRO B 27 3.50 7.44 21.43
CA PRO B 27 4.31 6.21 21.36
C PRO B 27 3.58 5.00 21.91
N ARG B 28 3.03 4.18 21.02
CA ARG B 28 2.28 3.00 21.42
C ARG B 28 3.14 1.74 21.29
N HIS B 29 3.68 1.52 20.09
CA HIS B 29 4.51 0.34 19.85
C HIS B 29 5.33 0.51 18.57
N CYS B 30 6.58 0.91 18.73
CA CYS B 30 7.48 1.10 17.60
C CYS B 30 7.41 -0.07 16.64
N TRP B 31 6.58 0.07 15.60
CA TRP B 31 6.42 -0.98 14.61
C TRP B 31 5.71 -2.20 15.20
N GLY B 32 6.39 -2.87 16.13
CA GLY B 32 5.82 -4.03 16.76
C GLY B 32 6.08 -5.32 15.99
N PHE B 33 5.00 -6.00 15.62
CA PHE B 33 5.12 -7.26 14.87
C PHE B 33 4.99 -7.00 13.37
N PRO B 34 5.56 -7.90 12.54
CA PRO B 34 5.50 -7.78 11.08
C PRO B 34 4.08 -7.87 10.54
N ASP B 35 3.91 -7.49 9.29
CA ASP B 35 2.60 -7.54 8.64
C ASP B 35 1.63 -6.57 9.32
N ARG B 36 1.49 -5.39 8.74
CA ARG B 36 0.59 -4.37 9.27
C ARG B 36 -0.79 -4.94 9.55
N ILE B 37 -1.40 -4.48 10.63
CA ILE B 37 -2.73 -4.94 10.98
C ILE B 37 -3.69 -4.70 9.83
N ASP B 38 -4.60 -5.64 9.61
CA ASP B 38 -5.57 -5.53 8.53
C ASP B 38 -6.13 -4.11 8.43
N GLU B 39 -6.36 -3.65 7.20
CA GLU B 39 -6.89 -2.31 6.97
C GLU B 39 -8.19 -2.09 7.74
N LEU B 40 -8.85 -3.17 8.13
CA LEU B 40 -10.11 -3.09 8.88
C LEU B 40 -10.05 -1.99 9.95
N TYR B 41 -9.08 -2.10 10.85
CA TYR B 41 -8.91 -1.12 11.91
C TYR B 41 -7.73 -0.19 11.61
N LEU B 42 -6.53 -0.76 11.56
CA LEU B 42 -5.33 0.01 11.29
C LEU B 42 -5.03 0.97 12.44
N GLY B 43 -3.76 1.30 12.61
CA GLY B 43 -3.37 2.21 13.67
C GLY B 43 -2.39 1.57 14.64
N ASN B 44 -2.75 1.56 15.92
CA ASN B 44 -1.89 0.99 16.96
C ASN B 44 -2.45 1.27 18.34
MG MG C . 0.07 5.60 8.27
PG GNP D . -0.15 3.16 10.49
O1G GNP D . -1.44 2.67 9.96
O2G GNP D . 0.10 4.62 10.45
O3G GNP D . -0.10 2.74 12.04
N3B GNP D . 1.05 2.43 9.59
PB GNP D . 1.22 2.66 7.94
O1B GNP D . -0.07 2.28 7.33
O2B GNP D . 1.70 4.04 7.75
O3A GNP D . 2.33 1.69 7.29
PA GNP D . 3.74 1.19 7.88
O1A GNP D . 3.62 1.06 9.35
O2A GNP D . 4.81 2.04 7.30
O5' GNP D . 3.89 -0.28 7.25
C5' GNP D . 4.62 -0.50 6.04
C4' GNP D . 5.47 -1.75 6.11
O4' GNP D . 4.72 -2.92 5.74
C3' GNP D . 6.66 -1.65 5.16
O3' GNP D . 7.89 -1.48 5.88
C2' GNP D . 6.68 -2.91 4.35
O2' GNP D . 7.87 -3.67 4.61
C1' GNP D . 5.45 -3.69 4.77
N9 GNP D . 4.61 -4.01 3.60
C8 GNP D . 3.31 -3.69 3.37
N7 GNP D . 2.79 -4.07 2.25
C5 GNP D . 3.86 -4.72 1.64
C6 GNP D . 3.93 -5.39 0.37
O6 GNP D . 3.06 -5.51 -0.48
N1 GNP D . 5.21 -5.94 0.14
C2 GNP D . 6.28 -5.86 1.03
N2 GNP D . 7.41 -6.47 0.65
N3 GNP D . 6.21 -5.24 2.23
C4 GNP D . 4.98 -4.70 2.47
HNB3 GNP D . 1.68 1.83 10.05
H5'2 GNP D . 3.92 -0.60 5.22
H5'1 GNP D . 5.26 0.37 5.86
H4' GNP D . 5.85 -1.88 7.13
H3' GNP D . 6.50 -0.82 4.49
HO3' GNP D . 7.78 -1.91 6.73
H2' GNP D . 6.61 -2.66 3.29
HO2' GNP D . 7.80 -4.48 4.10
H1' GNP D . 5.77 -4.60 5.23
H8 GNP D . 2.73 -3.13 4.11
HN1 GNP D . 5.33 -6.39 -0.72
HN21 GNP D . 7.46 -6.93 -0.24
HN22 GNP D . 8.22 -6.44 1.26
N MET A 1 -9.13 14.98 -16.10
CA MET A 1 -8.63 15.06 -14.71
C MET A 1 -8.77 13.71 -14.00
N GLN A 2 -10.00 13.20 -13.92
CA GLN A 2 -10.26 11.93 -13.26
C GLN A 2 -9.71 11.92 -11.85
N THR A 3 -10.06 10.89 -11.09
CA THR A 3 -9.60 10.77 -9.72
C THR A 3 -9.05 9.38 -9.43
N ILE A 4 -8.74 9.12 -8.16
CA ILE A 4 -8.21 7.83 -7.77
C ILE A 4 -8.54 7.51 -6.31
N LYS A 5 -9.02 6.30 -6.07
CA LYS A 5 -9.39 5.86 -4.72
C LYS A 5 -8.20 5.17 -4.06
N CYS A 6 -7.45 5.94 -3.27
CA CYS A 6 -6.29 5.40 -2.58
C CYS A 6 -6.69 4.65 -1.32
N VAL A 7 -6.76 3.33 -1.42
CA VAL A 7 -7.13 2.48 -0.29
C VAL A 7 -6.07 1.40 -0.06
N VAL A 8 -6.05 0.85 1.15
CA VAL A 8 -5.09 -0.19 1.47
C VAL A 8 -5.75 -1.40 2.08
N VAL A 9 -5.64 -2.53 1.40
CA VAL A 9 -6.22 -3.78 1.87
C VAL A 9 -5.14 -4.84 1.96
N GLY A 10 -5.06 -5.52 3.11
CA GLY A 10 -4.06 -6.54 3.29
C GLY A 10 -3.35 -6.43 4.63
N ASP A 11 -2.22 -7.13 4.75
CA ASP A 11 -1.45 -7.10 5.98
C ASP A 11 -0.28 -6.13 5.86
N GLY A 12 -0.45 -5.12 5.00
CA GLY A 12 0.60 -4.14 4.80
C GLY A 12 0.04 -2.72 4.70
N ALA A 13 0.85 -1.76 5.12
CA ALA A 13 0.46 -0.37 5.10
C ALA A 13 0.85 0.30 3.78
N VAL A 14 1.72 -0.34 3.01
CA VAL A 14 2.17 0.21 1.74
C VAL A 14 1.01 0.79 0.93
N GLY A 15 0.89 2.12 0.95
CA GLY A 15 -0.19 2.78 0.24
C GLY A 15 -0.73 3.98 1.00
N LYS A 16 -0.38 4.09 2.26
CA LYS A 16 -0.85 5.20 3.09
C LYS A 16 0.20 6.33 3.17
N THR A 17 0.89 6.46 4.31
CA THR A 17 1.89 7.51 4.47
C THR A 17 3.31 6.99 4.24
N CYS A 18 3.56 5.77 4.72
CA CYS A 18 4.88 5.14 4.61
C CYS A 18 5.57 5.47 3.28
N LEU A 19 4.79 5.63 2.23
CA LEU A 19 5.33 5.95 0.91
C LEU A 19 5.63 7.43 0.79
N LEU A 20 4.58 8.24 0.73
CA LEU A 20 4.73 9.69 0.61
C LEU A 20 5.69 10.21 1.68
N ILE A 21 5.54 9.73 2.91
CA ILE A 21 6.41 10.15 4.00
C ILE A 21 7.84 9.72 3.71
N SER A 22 8.07 8.41 3.65
CA SER A 22 9.41 7.88 3.39
C SER A 22 10.06 8.63 2.23
N TYR A 23 9.24 9.10 1.30
CA TYR A 23 9.73 9.85 0.15
C TYR A 23 10.36 11.17 0.59
N THR A 24 9.66 11.86 1.49
CA THR A 24 10.16 13.14 2.02
C THR A 24 11.06 12.92 3.22
N THR A 25 10.57 12.13 4.18
CA THR A 25 11.32 11.81 5.39
C THR A 25 11.91 10.41 5.29
N ASN A 26 12.24 9.82 6.43
CA ASN A 26 12.80 8.48 6.45
C ASN A 26 12.61 7.83 7.82
N LYS A 27 11.46 8.08 8.42
CA LYS A 27 11.15 7.52 9.74
C LYS A 27 10.08 6.46 9.63
N PHE A 28 10.51 5.20 9.63
CA PHE A 28 9.58 4.08 9.53
C PHE A 28 9.29 3.49 10.92
N PRO A 29 10.32 3.15 11.70
CA PRO A 29 10.17 2.58 13.03
C PRO A 29 10.11 3.65 14.12
N SER A 30 9.68 4.85 13.75
CA SER A 30 9.59 5.95 14.71
C SER A 30 8.37 5.80 15.62
N GLU A 31 7.23 6.31 15.16
CA GLU A 31 6.00 6.22 15.94
C GLU A 31 4.78 6.37 15.05
N TYR A 32 3.98 5.31 14.98
CA TYR A 32 2.78 5.32 14.15
C TYR A 32 1.53 5.42 15.01
N VAL A 33 0.76 6.50 14.80
CA VAL A 33 -0.46 6.71 15.56
C VAL A 33 -1.38 7.71 14.87
N PRO A 34 -0.87 8.93 14.58
CA PRO A 34 -1.65 9.98 13.91
C PRO A 34 -2.01 9.60 12.48
N THR A 35 -1.33 8.60 11.93
CA THR A 35 -1.59 8.15 10.56
C THR A 35 -3.08 8.11 10.25
N VAL A 36 -3.88 7.84 11.28
CA VAL A 36 -5.33 7.77 11.12
C VAL A 36 -5.87 9.00 10.41
N PHE A 37 -5.12 10.10 10.47
CA PHE A 37 -5.54 11.34 9.82
C PHE A 37 -5.21 11.34 8.33
N ASP A 38 -5.55 10.26 7.65
CA ASP A 38 -5.30 10.14 6.21
C ASP A 38 -6.26 11.01 5.40
N ASN A 39 -7.19 11.68 6.08
CA ASN A 39 -8.16 12.54 5.40
C ASN A 39 -7.57 13.94 5.14
N TYR A 40 -6.27 14.09 5.33
CA TYR A 40 -5.62 15.38 5.10
C TYR A 40 -5.79 15.82 3.66
N ALA A 41 -5.60 17.11 3.41
CA ALA A 41 -5.75 17.66 2.06
C ALA A 41 -4.40 18.07 1.48
N VAL A 42 -4.17 17.72 0.22
CA VAL A 42 -2.93 18.07 -0.46
C VAL A 42 -3.19 19.05 -1.60
N THR A 43 -2.56 20.21 -1.53
CA THR A 43 -2.72 21.23 -2.57
C THR A 43 -1.66 21.06 -3.65
N VAL A 44 -2.08 20.51 -4.79
CA VAL A 44 -1.17 20.28 -5.90
C VAL A 44 -1.93 20.13 -7.22
N MET A 45 -1.19 19.87 -8.30
CA MET A 45 -1.80 19.70 -9.61
C MET A 45 -1.67 18.26 -10.12
N ILE A 46 -2.73 17.48 -9.94
CA ILE A 46 -2.72 16.09 -10.40
C ILE A 46 -2.75 16.05 -11.93
N GLY A 47 -1.56 16.08 -12.53
CA GLY A 47 -1.45 16.05 -13.99
C GLY A 47 -2.51 16.86 -14.70
N GLY A 48 -3.64 16.21 -15.01
CA GLY A 48 -4.73 16.88 -15.71
C GLY A 48 -4.96 18.31 -15.25
N GLU A 49 -5.69 18.48 -14.15
CA GLU A 49 -5.97 19.82 -13.63
C GLU A 49 -5.78 19.88 -12.12
N PRO A 50 -5.73 21.10 -11.55
CA PRO A 50 -5.54 21.30 -10.12
C PRO A 50 -6.56 20.56 -9.27
N TYR A 51 -6.13 19.42 -8.75
CA TYR A 51 -6.99 18.59 -7.90
C TYR A 51 -6.20 17.43 -7.30
N THR A 52 -6.65 16.96 -6.15
CA THR A 52 -5.99 15.84 -5.48
C THR A 52 -7.02 14.85 -4.94
N LEU A 53 -6.63 13.59 -4.82
CA LEU A 53 -7.52 12.55 -4.32
C LEU A 53 -7.59 12.58 -2.79
N GLY A 54 -8.26 11.58 -2.22
CA GLY A 54 -8.38 11.49 -0.78
C GLY A 54 -7.89 10.15 -0.25
N LEU A 55 -6.65 10.13 0.23
CA LEU A 55 -6.05 8.91 0.76
C LEU A 55 -6.98 8.27 1.80
N PHE A 56 -7.32 7.00 1.56
CA PHE A 56 -8.19 6.26 2.48
C PHE A 56 -7.43 5.12 3.13
N ASP A 57 -7.32 5.17 4.46
CA ASP A 57 -6.62 4.13 5.21
C ASP A 57 -7.55 3.47 6.22
N THR A 58 -6.98 2.56 7.02
CA THR A 58 -7.75 1.85 8.03
C THR A 58 -7.12 2.01 9.42
N ALA A 59 -7.94 2.38 10.39
CA ALA A 59 -7.46 2.57 11.76
C ALA A 59 -8.47 2.05 12.77
N GLY A 60 -8.28 2.39 14.04
CA GLY A 60 -9.18 1.94 15.07
C GLY A 60 -9.21 2.88 16.28
N LEU A 61 -9.26 4.17 16.01
CA LEU A 61 -9.30 5.16 17.08
C LEU A 61 -10.55 6.03 16.99
N GLU A 62 -10.50 7.22 17.58
CA GLU A 62 -11.63 8.13 17.57
C GLU A 62 -11.98 8.57 16.15
N ASP A 63 -10.95 8.72 15.31
CA ASP A 63 -11.16 9.14 13.93
C ASP A 63 -12.27 8.33 13.27
N TYR A 64 -12.12 7.01 13.25
CA TYR A 64 -13.11 6.13 12.65
C TYR A 64 -12.74 4.66 12.87
N ASP A 65 -13.37 4.03 13.85
CA ASP A 65 -13.10 2.63 14.17
C ASP A 65 -13.86 1.71 13.23
N ARG A 66 -14.93 2.22 12.63
CA ARG A 66 -15.74 1.43 11.71
C ARG A 66 -15.21 1.53 10.28
N LEU A 67 -14.58 2.65 9.96
CA LEU A 67 -14.02 2.86 8.62
C LEU A 67 -15.09 2.58 7.55
N ARG A 68 -14.65 2.20 6.36
CA ARG A 68 -15.59 1.91 5.28
C ARG A 68 -14.85 1.49 4.00
N PRO A 69 -13.94 2.34 3.49
CA PRO A 69 -13.18 2.06 2.28
C PRO A 69 -12.69 0.62 2.21
N LEU A 70 -12.48 0.01 3.37
CA LEU A 70 -12.01 -1.37 3.42
C LEU A 70 -13.18 -2.35 3.34
N SER A 71 -14.33 -1.95 3.87
CA SER A 71 -15.52 -2.78 3.86
C SER A 71 -15.76 -3.40 2.48
N TYR A 72 -16.16 -2.56 1.53
CA TYR A 72 -16.42 -3.03 0.16
C TYR A 72 -16.95 -1.90 -0.71
N PRO A 73 -16.12 -0.86 -0.94
CA PRO A 73 -16.51 0.29 -1.77
C PRO A 73 -16.63 -0.09 -3.25
N GLN A 74 -17.13 0.85 -4.05
CA GLN A 74 -17.30 0.63 -5.48
C GLN A 74 -16.02 0.98 -6.25
N THR A 75 -14.93 1.23 -5.53
CA THR A 75 -13.66 1.58 -6.17
C THR A 75 -13.30 0.55 -7.24
N ASP A 76 -12.40 0.94 -8.14
CA ASP A 76 -11.97 0.05 -9.21
C ASP A 76 -10.45 -0.15 -9.19
N VAL A 77 -9.78 0.40 -8.18
CA VAL A 77 -8.33 0.28 -8.07
C VAL A 77 -7.92 0.06 -6.62
N PHE A 78 -7.69 -1.20 -6.25
CA PHE A 78 -7.29 -1.54 -4.90
C PHE A 78 -5.77 -1.66 -4.81
N LEU A 79 -5.27 -2.01 -3.62
CA LEU A 79 -3.83 -2.16 -3.42
C LEU A 79 -3.53 -3.25 -2.39
N VAL A 80 -3.00 -4.38 -2.87
CA VAL A 80 -2.65 -5.48 -2.00
C VAL A 80 -1.18 -5.41 -1.61
N CYS A 81 -0.91 -5.54 -0.32
CA CYS A 81 0.46 -5.47 0.18
C CYS A 81 0.80 -6.68 1.04
N PHE A 82 1.98 -7.26 0.79
CA PHE A 82 2.44 -8.42 1.53
C PHE A 82 3.96 -8.42 1.66
N SER A 83 4.45 -8.64 2.88
CA SER A 83 5.89 -8.65 3.12
C SER A 83 6.50 -10.01 2.80
N VAL A 84 7.62 -9.99 2.07
CA VAL A 84 8.31 -11.22 1.68
C VAL A 84 8.38 -12.21 2.84
N VAL A 85 9.13 -11.88 3.89
CA VAL A 85 9.29 -12.74 5.06
C VAL A 85 7.97 -13.45 5.40
N SER A 86 7.95 -14.76 5.20
CA SER A 86 6.75 -15.54 5.46
C SER A 86 7.08 -16.98 5.86
N PRO A 87 6.36 -17.54 6.85
CA PRO A 87 6.55 -18.90 7.31
C PRO A 87 5.67 -19.88 6.57
N SER A 88 5.74 -19.84 5.24
CA SER A 88 4.92 -20.73 4.40
C SER A 88 3.45 -20.32 4.44
N SER A 89 3.19 -19.09 4.86
CA SER A 89 1.82 -18.58 4.94
C SER A 89 1.46 -17.77 3.70
N PHE A 90 2.48 -17.24 3.02
CA PHE A 90 2.26 -16.45 1.82
C PHE A 90 1.29 -17.13 0.87
N GLU A 91 1.52 -18.41 0.61
CA GLU A 91 0.66 -19.18 -0.29
C GLU A 91 -0.80 -19.04 0.12
N ASN A 92 -1.06 -19.07 1.42
CA ASN A 92 -2.42 -18.95 1.93
C ASN A 92 -2.90 -17.51 1.86
N VAL A 93 -2.00 -16.56 2.11
CA VAL A 93 -2.33 -15.15 2.08
C VAL A 93 -3.04 -14.77 0.78
N LYS A 94 -2.39 -15.04 -0.35
CA LYS A 94 -2.97 -14.74 -1.65
C LYS A 94 -4.10 -15.70 -1.99
N GLU A 95 -3.96 -16.95 -1.53
CA GLU A 95 -4.96 -17.96 -1.80
C GLU A 95 -6.30 -17.62 -1.14
N LYS A 96 -6.25 -16.80 -0.09
CA LYS A 96 -7.44 -16.40 0.62
C LYS A 96 -7.78 -14.93 0.36
N TRP A 97 -6.81 -14.17 -0.14
CA TRP A 97 -7.02 -12.76 -0.44
C TRP A 97 -7.80 -12.58 -1.73
N VAL A 98 -7.30 -13.18 -2.80
CA VAL A 98 -7.97 -13.08 -4.11
C VAL A 98 -9.46 -13.35 -4.00
N PRO A 99 -9.87 -14.45 -3.34
CA PRO A 99 -11.30 -14.78 -3.19
C PRO A 99 -12.02 -13.88 -2.20
N GLU A 100 -11.24 -13.18 -1.37
CA GLU A 100 -11.80 -12.27 -0.38
C GLU A 100 -12.09 -10.90 -0.98
N ILE A 101 -11.18 -10.44 -1.84
CA ILE A 101 -11.33 -9.14 -2.48
C ILE A 101 -12.43 -9.18 -3.53
N THR A 102 -12.60 -10.34 -4.17
CA THR A 102 -13.62 -10.51 -5.19
C THR A 102 -14.99 -10.76 -4.56
N HIS A 103 -14.99 -11.43 -3.42
CA HIS A 103 -16.23 -11.74 -2.71
C HIS A 103 -16.91 -10.46 -2.24
N HIS A 104 -16.14 -9.59 -1.57
CA HIS A 104 -16.66 -8.33 -1.07
C HIS A 104 -16.83 -7.32 -2.20
N CYS A 105 -15.94 -7.40 -3.19
CA CYS A 105 -15.98 -6.49 -4.33
C CYS A 105 -16.01 -7.28 -5.64
N PRO A 106 -17.19 -7.41 -6.26
CA PRO A 106 -17.34 -8.14 -7.52
C PRO A 106 -16.25 -7.80 -8.52
N LYS A 107 -15.19 -8.61 -8.53
CA LYS A 107 -14.07 -8.39 -9.44
C LYS A 107 -13.53 -6.98 -9.32
N THR A 108 -12.40 -6.84 -8.63
CA THR A 108 -11.77 -5.54 -8.44
C THR A 108 -10.26 -5.63 -8.61
N PRO A 109 -9.66 -4.76 -9.43
CA PRO A 109 -8.21 -4.75 -9.68
C PRO A 109 -7.42 -4.53 -8.40
N PHE A 110 -6.12 -4.86 -8.44
CA PHE A 110 -5.25 -4.68 -7.29
C PHE A 110 -3.78 -4.73 -7.70
N LEU A 111 -2.95 -4.03 -6.95
CA LEU A 111 -1.52 -3.98 -7.24
C LEU A 111 -0.70 -4.50 -6.05
N LEU A 112 0.46 -5.08 -6.34
CA LEU A 112 1.33 -5.61 -5.31
C LEU A 112 2.56 -4.73 -5.12
N VAL A 113 3.16 -4.80 -3.94
CA VAL A 113 4.35 -4.00 -3.64
C VAL A 113 5.46 -4.86 -3.04
N GLY A 114 6.70 -4.47 -3.31
CA GLY A 114 7.84 -5.20 -2.79
C GLY A 114 8.77 -4.32 -1.97
N THR A 115 8.45 -4.15 -0.69
CA THR A 115 9.26 -3.32 0.20
C THR A 115 10.08 -4.16 1.18
N GLN A 116 10.06 -5.48 0.98
CA GLN A 116 10.81 -6.39 1.83
C GLN A 116 12.12 -6.75 1.14
N ILE A 117 12.18 -6.50 -0.17
CA ILE A 117 13.38 -6.78 -0.95
C ILE A 117 14.62 -6.22 -0.26
N ASP A 118 14.42 -5.21 0.58
CA ASP A 118 15.53 -4.58 1.28
C ASP A 118 16.01 -5.46 2.43
N LEU A 119 15.14 -6.36 2.89
CA LEU A 119 15.49 -7.25 3.99
C LEU A 119 15.35 -8.72 3.61
N ARG A 120 14.75 -8.98 2.45
CA ARG A 120 14.57 -10.37 1.99
C ARG A 120 15.89 -11.13 2.07
N ASP A 121 16.99 -10.40 1.96
CA ASP A 121 18.31 -11.02 2.03
C ASP A 121 18.68 -11.34 3.47
N ASP A 122 18.11 -10.59 4.40
CA ASP A 122 18.37 -10.80 5.83
C ASP A 122 18.17 -12.27 6.20
N PRO A 123 19.28 -13.01 6.39
CA PRO A 123 19.22 -14.44 6.74
C PRO A 123 18.67 -14.69 8.14
N SER A 124 18.40 -13.61 8.89
CA SER A 124 17.89 -13.74 10.24
C SER A 124 16.39 -13.98 10.18
N THR A 125 15.64 -12.98 9.73
CA THR A 125 14.20 -13.11 9.61
C THR A 125 13.88 -14.31 8.74
N ILE A 126 14.75 -14.54 7.77
CA ILE A 126 14.58 -15.66 6.85
C ILE A 126 14.61 -16.97 7.63
N GLU A 127 15.55 -17.06 8.57
CA GLU A 127 15.67 -18.24 9.40
C GLU A 127 14.35 -18.49 10.11
N LYS A 128 13.65 -17.41 10.46
CA LYS A 128 12.36 -17.55 11.12
C LYS A 128 11.38 -18.17 10.15
N LEU A 129 11.56 -17.86 8.86
CA LEU A 129 10.72 -18.44 7.83
C LEU A 129 11.09 -19.89 7.67
N ALA A 130 12.38 -20.17 7.75
CA ALA A 130 12.91 -21.51 7.63
C ALA A 130 12.13 -22.49 8.49
N LYS A 131 11.55 -21.98 9.57
CA LYS A 131 10.78 -22.80 10.48
C LYS A 131 9.55 -23.38 9.81
N ASN A 132 8.97 -22.64 8.87
CA ASN A 132 7.77 -23.11 8.18
C ASN A 132 7.93 -23.15 6.66
N LYS A 133 8.74 -22.25 6.10
CA LYS A 133 8.93 -22.20 4.66
C LYS A 133 10.42 -22.09 4.30
N GLN A 134 11.00 -20.90 4.52
CA GLN A 134 12.41 -20.61 4.23
C GLN A 134 12.56 -19.86 2.90
N LYS A 135 11.68 -20.18 1.95
CA LYS A 135 11.72 -19.56 0.63
C LYS A 135 11.35 -18.08 0.68
N PRO A 136 12.33 -17.18 0.44
CA PRO A 136 12.09 -15.74 0.45
C PRO A 136 11.38 -15.30 -0.82
N ILE A 137 10.24 -14.67 -0.66
CA ILE A 137 9.46 -14.20 -1.81
C ILE A 137 10.30 -13.26 -2.67
N THR A 138 10.91 -13.81 -3.71
CA THR A 138 11.75 -13.02 -4.61
C THR A 138 10.89 -12.10 -5.48
N PRO A 139 11.44 -10.94 -5.88
CA PRO A 139 10.73 -9.98 -6.71
C PRO A 139 9.92 -10.65 -7.83
N GLU A 140 10.50 -11.70 -8.41
CA GLU A 140 9.83 -12.43 -9.49
C GLU A 140 8.57 -13.11 -8.98
N THR A 141 8.60 -13.56 -7.73
CA THR A 141 7.46 -14.23 -7.13
C THR A 141 6.23 -13.33 -7.13
N ALA A 142 6.32 -12.22 -6.39
CA ALA A 142 5.22 -11.27 -6.29
C ALA A 142 4.68 -10.93 -7.68
N GLU A 143 5.59 -10.61 -8.60
CA GLU A 143 5.21 -10.26 -9.96
C GLU A 143 4.46 -11.43 -10.61
N LYS A 144 4.89 -12.65 -10.30
CA LYS A 144 4.25 -13.84 -10.85
C LYS A 144 2.79 -13.90 -10.43
N LEU A 145 2.54 -13.90 -9.12
CA LEU A 145 1.19 -13.94 -8.60
C LEU A 145 0.42 -12.69 -9.00
N ALA A 146 1.14 -11.57 -9.09
CA ALA A 146 0.53 -10.30 -9.47
C ALA A 146 0.02 -10.36 -10.90
N ARG A 147 0.74 -11.10 -11.75
CA ARG A 147 0.36 -11.24 -13.15
C ARG A 147 -0.55 -12.45 -13.34
N ASP A 148 -0.44 -13.41 -12.43
CA ASP A 148 -1.25 -14.62 -12.50
C ASP A 148 -2.73 -14.28 -12.49
N LEU A 149 -3.09 -13.20 -11.78
CA LEU A 149 -4.47 -12.76 -11.71
C LEU A 149 -4.67 -11.41 -12.41
N LYS A 150 -3.74 -11.07 -13.29
CA LYS A 150 -3.80 -9.81 -14.04
C LYS A 150 -4.11 -8.64 -13.11
N ALA A 151 -3.48 -8.65 -11.93
CA ALA A 151 -3.69 -7.58 -10.96
C ALA A 151 -3.31 -6.23 -11.55
N VAL A 152 -2.02 -5.93 -11.55
CA VAL A 152 -1.52 -4.67 -12.08
C VAL A 152 -0.03 -4.78 -12.40
N LYS A 153 0.78 -4.75 -11.36
CA LYS A 153 2.23 -4.83 -11.53
C LYS A 153 2.94 -4.68 -10.18
N TYR A 154 3.81 -5.64 -9.88
CA TYR A 154 4.56 -5.61 -8.62
C TYR A 154 5.95 -5.02 -8.85
N VAL A 155 6.17 -3.83 -8.32
CA VAL A 155 7.45 -3.15 -8.47
C VAL A 155 8.30 -3.30 -7.20
N GLU A 156 9.61 -3.25 -7.37
CA GLU A 156 10.53 -3.38 -6.25
C GLU A 156 10.89 -2.02 -5.65
N CYS A 157 10.70 -1.89 -4.35
CA CYS A 157 11.00 -0.65 -3.65
C CYS A 157 10.67 -0.75 -2.16
N SER A 158 11.65 -0.43 -1.32
CA SER A 158 11.47 -0.49 0.12
C SER A 158 11.21 0.89 0.72
N ALA A 159 10.52 0.91 1.85
CA ALA A 159 10.20 2.16 2.52
C ALA A 159 11.24 2.49 3.58
N LEU A 160 11.76 1.46 4.23
CA LEU A 160 12.78 1.64 5.27
C LEU A 160 13.88 2.57 4.79
N THR A 161 14.28 2.40 3.54
CA THR A 161 15.32 3.22 2.94
C THR A 161 14.74 4.09 1.82
N GLN A 162 13.55 3.73 1.34
CA GLN A 162 12.90 4.49 0.29
C GLN A 162 13.57 4.25 -1.05
N LYS A 163 13.42 3.04 -1.59
CA LYS A 163 14.02 2.69 -2.87
C LYS A 163 13.11 3.06 -4.04
N GLY A 164 11.82 3.24 -3.75
CA GLY A 164 10.89 3.60 -4.79
C GLY A 164 9.44 3.48 -4.35
N LEU A 165 9.18 3.82 -3.09
CA LEU A 165 7.81 3.75 -2.55
C LEU A 165 6.81 4.39 -3.51
N LYS A 166 7.20 5.50 -4.11
CA LYS A 166 6.33 6.21 -5.05
C LYS A 166 6.22 5.43 -6.36
N ASN A 167 7.30 4.76 -6.74
CA ASN A 167 7.32 3.99 -7.97
C ASN A 167 6.16 2.99 -8.00
N VAL A 168 6.24 1.97 -7.16
CA VAL A 168 5.18 0.96 -7.09
C VAL A 168 3.83 1.63 -6.87
N PHE A 169 3.79 2.56 -5.92
CA PHE A 169 2.57 3.28 -5.61
C PHE A 169 2.03 3.95 -6.87
N ASP A 170 2.92 4.39 -7.74
CA ASP A 170 2.53 5.03 -8.99
C ASP A 170 1.74 4.07 -9.85
N GLU A 171 2.21 2.82 -9.92
CA GLU A 171 1.53 1.80 -10.71
C GLU A 171 0.14 1.55 -10.16
N ALA A 172 -0.02 1.75 -8.85
CA ALA A 172 -1.31 1.55 -8.19
C ALA A 172 -2.24 2.72 -8.44
N ILE A 173 -1.74 3.94 -8.22
CA ILE A 173 -2.52 5.14 -8.41
C ILE A 173 -2.77 5.42 -9.89
N LEU A 174 -1.75 5.13 -10.70
CA LEU A 174 -1.84 5.35 -12.14
C LEU A 174 -2.94 4.48 -12.76
N ALA A 175 -3.13 3.30 -12.19
CA ALA A 175 -4.15 2.38 -12.68
C ALA A 175 -5.54 3.00 -12.62
N ALA A 176 -5.69 4.00 -11.75
CA ALA A 176 -6.97 4.69 -11.60
C ALA A 176 -7.10 5.85 -12.58
N LEU A 177 -5.97 6.45 -12.93
CA LEU A 177 -5.96 7.57 -13.87
C LEU A 177 -5.71 7.10 -15.30
N GLU A 178 -5.87 5.81 -15.52
CA GLU A 178 -5.67 5.23 -16.85
C GLU A 178 -5.84 3.71 -16.82
N PRO A 179 -7.02 3.21 -17.20
CA PRO A 179 -7.31 1.77 -17.21
C PRO A 179 -6.20 0.96 -17.86
N PRO A 180 -5.36 0.30 -17.04
CA PRO A 180 -4.25 -0.53 -17.55
C PRO A 180 -4.73 -1.85 -18.12
N GLU A 181 -3.81 -2.57 -18.77
CA GLU A 181 -4.15 -3.86 -19.37
C GLU A 181 -2.95 -4.81 -19.29
N PRO A 182 -3.20 -6.10 -18.98
CA PRO A 182 -2.15 -7.11 -18.87
C PRO A 182 -1.67 -7.60 -20.23
N LYS A 183 -0.95 -8.71 -20.23
CA LYS A 183 -0.43 -9.28 -21.47
C LYS A 183 -1.01 -10.67 -21.71
N LYS A 184 -1.07 -11.07 -22.98
CA LYS A 184 -1.60 -12.38 -23.34
C LYS A 184 -1.34 -12.70 -24.82
N GLY B 1 5.90 15.00 -10.42
CA GLY B 1 5.92 13.66 -9.75
C GLY B 1 6.03 12.53 -10.75
N SER B 2 5.10 11.59 -10.69
CA SER B 2 5.09 10.45 -11.60
C SER B 2 4.62 10.86 -12.98
N GLY B 3 3.31 10.84 -13.19
CA GLY B 3 2.75 11.21 -14.47
C GLY B 3 3.19 10.28 -15.58
N LEU B 4 2.22 9.63 -16.22
CA LEU B 4 2.52 8.67 -17.27
C LEU B 4 1.25 8.17 -17.97
N SER B 5 1.11 8.49 -19.25
CA SER B 5 -0.04 8.05 -20.04
C SER B 5 -1.26 8.92 -19.77
N ALA B 6 -1.88 8.72 -18.60
CA ALA B 6 -3.07 9.48 -18.20
C ALA B 6 -3.02 10.91 -18.69
N GLN B 7 -1.82 11.47 -18.64
CA GLN B 7 -1.56 12.84 -19.06
C GLN B 7 -0.26 13.31 -18.43
N ASP B 8 -0.04 12.80 -17.21
CA ASP B 8 1.14 13.09 -16.39
C ASP B 8 0.72 13.31 -14.93
N ILE B 9 -0.17 12.45 -14.47
CA ILE B 9 -0.66 12.52 -13.10
C ILE B 9 0.48 12.34 -12.11
N SER B 10 0.87 13.43 -11.45
CA SER B 10 1.95 13.38 -10.48
C SER B 10 1.40 13.36 -9.05
N GLN B 11 1.89 12.42 -8.24
CA GLN B 11 1.44 12.31 -6.86
C GLN B 11 2.15 13.35 -5.99
N PRO B 12 3.48 13.20 -5.80
CA PRO B 12 4.26 14.14 -4.98
C PRO B 12 4.64 15.39 -5.78
N LEU B 13 3.64 16.07 -6.32
CA LEU B 13 3.89 17.29 -7.11
C LEU B 13 4.69 18.30 -6.30
N GLN B 14 3.99 19.10 -5.49
CA GLN B 14 4.65 20.11 -4.67
C GLN B 14 5.03 19.55 -3.30
N ASN B 15 4.07 19.56 -2.38
CA ASN B 15 4.32 19.05 -1.03
C ASN B 15 3.52 17.76 -0.80
N SER B 16 2.32 17.72 -1.35
CA SER B 16 1.45 16.55 -1.22
C SER B 16 1.28 16.15 0.24
N PHE B 17 1.41 17.12 1.14
CA PHE B 17 1.27 16.86 2.56
C PHE B 17 1.05 18.14 3.36
N ILE B 18 -0.21 18.51 3.56
CA ILE B 18 -0.55 19.72 4.30
C ILE B 18 -0.97 19.38 5.73
N HIS B 19 -0.40 20.09 6.69
CA HIS B 19 -0.72 19.87 8.09
C HIS B 19 -2.23 19.96 8.34
N THR B 20 -2.85 18.82 8.59
CA THR B 20 -4.29 18.78 8.84
C THR B 20 -4.70 17.42 9.43
N GLY B 21 -5.67 17.46 10.35
CA GLY B 21 -6.13 16.23 10.97
C GLY B 21 -6.14 16.33 12.49
N HIS B 22 -6.58 15.25 13.14
CA HIS B 22 -6.62 15.21 14.60
C HIS B 22 -6.39 13.80 15.11
N GLY B 23 -7.45 13.00 15.15
CA GLY B 23 -7.34 11.63 15.62
C GLY B 23 -6.80 11.54 17.04
N ASP B 24 -6.47 10.33 17.47
CA ASP B 24 -5.93 10.11 18.81
C ASP B 24 -4.46 9.72 18.75
N SER B 25 -3.58 10.73 18.75
CA SER B 25 -2.15 10.48 18.70
C SER B 25 -1.63 10.05 20.07
N ASP B 26 -1.53 8.74 20.26
CA ASP B 26 -1.03 8.18 21.51
C ASP B 26 -0.89 6.67 21.42
N PRO B 27 -2.01 5.95 21.26
CA PRO B 27 -2.02 4.49 21.15
C PRO B 27 -1.15 3.99 20.00
N ARG B 28 0.16 3.96 20.22
CA ARG B 28 1.09 3.50 19.19
C ARG B 28 1.19 1.98 19.19
N HIS B 29 1.03 1.39 20.36
CA HIS B 29 1.11 -0.06 20.50
C HIS B 29 2.38 -0.61 19.87
N CYS B 30 3.40 0.24 19.78
CA CYS B 30 4.69 -0.14 19.19
C CYS B 30 4.49 -1.01 17.94
N TRP B 31 5.56 -1.68 17.53
CA TRP B 31 5.50 -2.54 16.35
C TRP B 31 6.77 -3.40 16.24
N GLY B 32 6.57 -4.70 16.10
CA GLY B 32 7.70 -5.61 15.98
C GLY B 32 7.30 -6.93 15.35
N PHE B 33 6.38 -6.88 14.40
CA PHE B 33 5.91 -8.07 13.70
C PHE B 33 6.40 -8.10 12.26
N PRO B 34 6.38 -9.29 11.62
CA PRO B 34 6.83 -9.44 10.23
C PRO B 34 6.05 -8.54 9.28
N ASP B 35 4.73 -8.68 9.27
CA ASP B 35 3.87 -7.89 8.41
C ASP B 35 2.82 -7.14 9.22
N ARG B 36 2.30 -6.05 8.64
CA ARG B 36 1.29 -5.25 9.32
C ARG B 36 -0.01 -6.02 9.47
N ILE B 37 -0.70 -5.77 10.57
CA ILE B 37 -1.96 -6.43 10.83
C ILE B 37 -2.94 -6.10 9.72
N ASP B 38 -3.78 -7.07 9.36
CA ASP B 38 -4.75 -6.88 8.28
C ASP B 38 -5.43 -5.51 8.38
N GLU B 39 -5.42 -4.78 7.26
CA GLU B 39 -6.04 -3.44 7.18
C GLU B 39 -7.38 -3.38 7.91
N LEU B 40 -8.03 -4.53 8.06
CA LEU B 40 -9.33 -4.65 8.71
C LEU B 40 -9.54 -3.61 9.83
N TYR B 41 -8.82 -3.76 10.93
CA TYR B 41 -8.99 -2.83 12.06
C TYR B 41 -7.84 -1.83 12.17
N LEU B 42 -6.64 -2.33 12.43
CA LEU B 42 -5.47 -1.46 12.58
C LEU B 42 -5.70 -0.44 13.69
N GLY B 43 -4.70 0.40 13.93
CA GLY B 43 -4.83 1.40 14.98
C GLY B 43 -3.67 2.37 14.97
N ASN B 44 -2.45 1.83 15.06
CA ASN B 44 -1.24 2.65 15.07
C ASN B 44 -0.95 3.21 13.68
MG MG C . 1.49 5.58 8.53
PG GNP D . 0.62 2.56 9.58
O1G GNP D . -0.36 2.22 8.52
O2G GNP D . 0.72 3.97 10.00
O3G GNP D . 0.16 1.74 10.89
N3B GNP D . 2.12 2.10 9.03
PB GNP D . 2.91 2.88 7.78
O1B GNP D . 2.02 2.83 6.60
O2B GNP D . 3.32 4.20 8.28
O3A GNP D . 4.26 2.12 7.33
PA GNP D . 4.43 0.75 6.50
O1A GNP D . 3.74 -0.34 7.23
O2A GNP D . 4.07 1.03 5.09
O5' GNP D . 6.02 0.49 6.57
C5' GNP D . 6.66 -0.36 5.62
C4' GNP D . 6.77 -1.80 6.12
O4' GNP D . 5.55 -2.52 5.88
C3' GNP D . 7.88 -2.54 5.40
O3' GNP D . 8.95 -2.86 6.31
C2' GNP D . 7.28 -3.79 4.83
O2' GNP D . 7.94 -4.95 5.32
C1' GNP D . 5.83 -3.78 5.24
N9 GNP D . 4.93 -3.99 4.09
C8 GNP D . 3.65 -3.61 3.91
N7 GNP D . 3.07 -3.90 2.79
C5 GNP D . 4.10 -4.58 2.12
C6 GNP D . 4.12 -5.18 0.82
O6 GNP D . 3.21 -5.21 -0.01
N1 GNP D . 5.36 -5.77 0.52
C2 GNP D . 6.46 -5.78 1.38
N2 GNP D . 7.55 -6.39 0.94
N3 GNP D . 6.44 -5.22 2.60
C4 GNP D . 5.25 -4.64 2.92
HNB3 GNP D . 2.56 1.33 9.45
H5'2 GNP D . 6.08 -0.35 4.69
H5'1 GNP D . 7.66 0.02 5.41
H4' GNP D . 6.97 -1.79 7.19
H3' GNP D . 8.24 -1.93 4.60
HO3' GNP D . 9.78 -2.75 5.82
H2' GNP D . 7.34 -3.75 3.74
HO2' GNP D . 8.53 -5.27 4.63
H1' GNP D . 5.68 -4.56 5.95
H8 GNP D . 3.11 -3.06 4.68
HN1 GNP D . 5.44 -6.19 -0.36
HN21 GNP D . 7.56 -6.80 0.01
HN22 GNP D . 8.38 -6.42 1.52
N MET A 1 -8.32 16.35 -17.69
CA MET A 1 -8.06 16.31 -16.22
C MET A 1 -8.89 15.22 -15.55
N GLN A 2 -8.26 14.48 -14.66
CA GLN A 2 -8.94 13.42 -13.93
C GLN A 2 -8.02 12.81 -12.89
N THR A 3 -8.53 12.69 -11.66
CA THR A 3 -7.75 12.13 -10.57
C THR A 3 -8.38 10.83 -10.04
N ILE A 4 -7.82 10.31 -8.96
CA ILE A 4 -8.30 9.06 -8.38
C ILE A 4 -8.05 9.01 -6.87
N LYS A 5 -8.75 8.09 -6.21
CA LYS A 5 -8.60 7.93 -4.76
C LYS A 5 -7.70 6.74 -4.44
N CYS A 6 -7.10 6.76 -3.25
CA CYS A 6 -6.20 5.69 -2.83
C CYS A 6 -6.73 5.00 -1.57
N VAL A 7 -6.57 3.68 -1.53
CA VAL A 7 -7.02 2.88 -0.40
C VAL A 7 -6.11 1.67 -0.18
N VAL A 8 -6.14 1.11 1.02
CA VAL A 8 -5.30 -0.05 1.34
C VAL A 8 -6.15 -1.25 1.73
N VAL A 9 -5.60 -2.43 1.48
CA VAL A 9 -6.27 -3.68 1.80
C VAL A 9 -5.24 -4.80 1.96
N GLY A 10 -5.33 -5.53 3.05
CA GLY A 10 -4.40 -6.61 3.28
C GLY A 10 -3.59 -6.43 4.55
N ASP A 11 -2.30 -6.78 4.47
CA ASP A 11 -1.41 -6.66 5.62
C ASP A 11 -0.20 -5.79 5.28
N GLY A 12 -0.39 -4.85 4.34
CA GLY A 12 0.71 -3.98 3.94
C GLY A 12 0.42 -2.52 4.22
N ALA A 13 1.39 -1.67 3.92
CA ALA A 13 1.25 -0.23 4.13
C ALA A 13 1.00 0.51 2.83
N VAL A 14 1.46 -0.07 1.72
CA VAL A 14 1.29 0.54 0.40
C VAL A 14 -0.12 1.09 0.22
N GLY A 15 -0.27 2.38 0.51
CA GLY A 15 -1.57 3.02 0.38
C GLY A 15 -1.91 3.86 1.59
N LYS A 16 -1.29 3.53 2.72
CA LYS A 16 -1.53 4.26 3.95
C LYS A 16 -0.54 5.42 4.10
N THR A 17 -0.35 5.88 5.32
CA THR A 17 0.56 6.99 5.60
C THR A 17 2.01 6.60 5.32
N CYS A 18 2.40 5.41 5.78
CA CYS A 18 3.76 4.89 5.61
C CYS A 18 4.40 5.34 4.29
N LEU A 19 3.76 5.01 3.18
CA LEU A 19 4.27 5.37 1.86
C LEU A 19 4.81 6.79 1.83
N LEU A 20 3.90 7.77 1.96
CA LEU A 20 4.30 9.17 1.95
C LEU A 20 5.02 9.57 3.23
N ILE A 21 4.75 8.85 4.31
CA ILE A 21 5.38 9.14 5.59
C ILE A 21 6.86 8.74 5.56
N SER A 22 7.12 7.44 5.48
CA SER A 22 8.49 6.95 5.44
C SER A 22 9.25 7.55 4.26
N TYR A 23 8.52 7.94 3.22
CA TYR A 23 9.14 8.51 2.03
C TYR A 23 9.46 9.99 2.25
N THR A 24 8.42 10.81 2.36
CA THR A 24 8.59 12.25 2.57
C THR A 24 9.13 12.52 3.97
N THR A 25 8.49 11.91 4.97
CA THR A 25 8.89 12.07 6.36
C THR A 25 10.13 11.24 6.67
N ASN A 26 10.31 10.90 7.94
CA ASN A 26 11.47 10.11 8.36
C ASN A 26 11.12 9.25 9.58
N LYS A 27 9.92 8.69 9.57
CA LYS A 27 9.48 7.86 10.69
C LYS A 27 8.84 6.57 10.19
N PHE A 28 9.33 5.44 10.69
CA PHE A 28 8.80 4.14 10.32
C PHE A 28 9.24 3.06 11.32
N PRO A 29 10.56 2.93 11.59
CA PRO A 29 11.09 1.93 12.52
C PRO A 29 10.93 2.35 13.98
N SER A 30 9.69 2.65 14.38
CA SER A 30 9.42 3.06 15.75
C SER A 30 8.09 2.50 16.23
N GLU A 31 7.00 3.15 15.82
CA GLU A 31 5.67 2.72 16.21
C GLU A 31 4.63 3.24 15.22
N TYR A 32 3.44 2.65 15.23
CA TYR A 32 2.38 3.07 14.33
C TYR A 32 1.06 3.26 15.09
N VAL A 33 0.80 4.50 15.50
CA VAL A 33 -0.43 4.82 16.22
C VAL A 33 -1.10 6.07 15.66
N PRO A 34 -0.39 7.21 15.59
CA PRO A 34 -0.96 8.45 15.06
C PRO A 34 -1.14 8.41 13.55
N THR A 35 -1.92 7.44 13.08
CA THR A 35 -2.18 7.27 11.66
C THR A 35 -3.67 7.38 11.35
N VAL A 36 -4.41 8.03 12.24
CA VAL A 36 -5.84 8.22 12.07
C VAL A 36 -6.15 9.42 11.18
N PHE A 37 -5.12 10.17 10.80
CA PHE A 37 -5.29 11.35 9.95
C PHE A 37 -6.22 11.05 8.79
N ASP A 38 -6.26 9.79 8.37
CA ASP A 38 -7.11 9.37 7.26
C ASP A 38 -6.60 9.94 5.94
N ASN A 39 -5.28 10.08 5.84
CA ASN A 39 -4.67 10.62 4.64
C ASN A 39 -5.31 11.95 4.25
N TYR A 40 -4.79 13.03 4.81
CA TYR A 40 -5.32 14.36 4.53
C TYR A 40 -5.23 14.68 3.04
N ALA A 41 -5.59 15.90 2.67
CA ALA A 41 -5.56 16.32 1.28
C ALA A 41 -4.23 16.96 0.91
N VAL A 42 -3.96 16.99 -0.39
CA VAL A 42 -2.72 17.58 -0.90
C VAL A 42 -3.02 18.63 -1.98
N THR A 43 -2.46 19.82 -1.80
CA THR A 43 -2.69 20.90 -2.76
C THR A 43 -1.71 20.82 -3.93
N VAL A 44 -2.21 20.37 -5.08
CA VAL A 44 -1.38 20.25 -6.27
C VAL A 44 -2.25 20.25 -7.52
N MET A 45 -1.61 20.10 -8.68
CA MET A 45 -2.32 20.07 -9.94
C MET A 45 -1.94 18.83 -10.75
N ILE A 46 -2.92 17.97 -11.01
CA ILE A 46 -2.67 16.75 -11.78
C ILE A 46 -2.69 17.01 -13.28
N GLY A 47 -1.52 17.38 -13.82
CA GLY A 47 -1.38 17.63 -15.24
C GLY A 47 -2.34 18.69 -15.77
N GLY A 48 -3.60 18.31 -15.96
CA GLY A 48 -4.59 19.24 -16.47
C GLY A 48 -4.67 20.52 -15.65
N GLU A 49 -5.68 20.59 -14.78
CA GLU A 49 -5.87 21.76 -13.93
C GLU A 49 -5.78 21.41 -12.45
N PRO A 50 -5.62 22.42 -11.58
CA PRO A 50 -5.51 22.22 -10.13
C PRO A 50 -6.68 21.42 -9.56
N TYR A 51 -6.42 20.13 -9.33
CA TYR A 51 -7.43 19.24 -8.79
C TYR A 51 -6.82 17.88 -8.45
N THR A 52 -6.64 17.62 -7.16
CA THR A 52 -6.06 16.36 -6.73
C THR A 52 -6.97 15.64 -5.74
N LEU A 53 -6.86 14.32 -5.69
CA LEU A 53 -7.68 13.51 -4.79
C LEU A 53 -6.83 12.86 -3.70
N GLY A 54 -6.84 13.46 -2.52
CA GLY A 54 -6.06 12.93 -1.41
C GLY A 54 -6.23 11.43 -1.26
N LEU A 55 -5.34 10.81 -0.51
CA LEU A 55 -5.39 9.37 -0.29
C LEU A 55 -6.43 9.01 0.77
N PHE A 56 -6.98 7.82 0.69
CA PHE A 56 -7.99 7.36 1.64
C PHE A 56 -7.40 6.40 2.66
N ASP A 57 -7.53 6.76 3.94
CA ASP A 57 -7.03 5.92 5.02
C ASP A 57 -8.13 5.68 6.06
N THR A 58 -7.90 4.73 6.95
CA THR A 58 -8.89 4.41 7.97
C THR A 58 -8.21 3.91 9.25
N ALA A 59 -8.59 4.51 10.37
CA ALA A 59 -8.03 4.13 11.67
C ALA A 59 -9.08 4.25 12.76
N GLY A 60 -9.66 3.12 13.15
CA GLY A 60 -10.69 3.12 14.18
C GLY A 60 -10.12 3.42 15.55
N LEU A 61 -9.95 4.70 15.87
CA LEU A 61 -9.42 5.11 17.16
C LEU A 61 -10.41 6.02 17.90
N GLU A 62 -10.09 7.32 18.00
CA GLU A 62 -10.97 8.26 18.68
C GLU A 62 -11.82 9.04 17.70
N ASP A 63 -11.28 9.25 16.50
CA ASP A 63 -11.99 10.00 15.46
C ASP A 63 -13.13 9.19 14.87
N TYR A 64 -12.79 8.07 14.24
CA TYR A 64 -13.80 7.21 13.62
C TYR A 64 -13.99 5.92 14.42
N ASP A 65 -15.20 5.69 14.89
CA ASP A 65 -15.51 4.50 15.68
C ASP A 65 -15.88 3.31 14.80
N ARG A 66 -16.86 3.52 13.92
CA ARG A 66 -17.33 2.44 13.03
C ARG A 66 -16.71 2.53 11.64
N LEU A 67 -15.72 3.40 11.47
CA LEU A 67 -15.06 3.55 10.18
C LEU A 67 -14.68 2.18 9.60
N ARG A 68 -15.36 1.78 8.52
CA ARG A 68 -15.08 0.49 7.90
C ARG A 68 -15.37 0.54 6.40
N PRO A 69 -14.52 1.26 5.63
CA PRO A 69 -14.68 1.38 4.18
C PRO A 69 -14.15 0.17 3.42
N LEU A 70 -13.05 -0.39 3.92
CA LEU A 70 -12.42 -1.55 3.29
C LEU A 70 -13.40 -2.73 3.24
N SER A 71 -14.44 -2.68 4.06
CA SER A 71 -15.45 -3.74 4.11
C SER A 71 -15.83 -4.21 2.70
N TYR A 72 -16.16 -3.27 1.83
CA TYR A 72 -16.54 -3.60 0.46
C TYR A 72 -16.52 -2.36 -0.43
N PRO A 73 -15.32 -1.84 -0.74
CA PRO A 73 -15.16 -0.65 -1.59
C PRO A 73 -15.52 -0.94 -3.05
N GLN A 74 -15.93 0.10 -3.76
CA GLN A 74 -16.30 -0.05 -5.17
C GLN A 74 -15.19 0.47 -6.10
N THR A 75 -14.03 0.75 -5.53
CA THR A 75 -12.90 1.25 -6.32
C THR A 75 -12.54 0.27 -7.44
N ASP A 76 -11.55 0.65 -8.24
CA ASP A 76 -11.10 -0.20 -9.34
C ASP A 76 -9.66 -0.67 -9.14
N VAL A 77 -8.93 0.01 -8.26
CA VAL A 77 -7.54 -0.35 -7.99
C VAL A 77 -7.35 -0.72 -6.52
N PHE A 78 -7.50 -2.01 -6.22
CA PHE A 78 -7.33 -2.50 -4.86
C PHE A 78 -5.85 -2.68 -4.54
N LEU A 79 -5.38 -2.00 -3.50
CA LEU A 79 -3.99 -2.09 -3.10
C LEU A 79 -3.75 -3.31 -2.21
N VAL A 80 -3.07 -4.31 -2.77
CA VAL A 80 -2.75 -5.53 -2.02
C VAL A 80 -1.26 -5.58 -1.75
N CYS A 81 -0.87 -5.24 -0.53
CA CYS A 81 0.54 -5.23 -0.16
C CYS A 81 0.83 -6.29 0.90
N PHE A 82 2.04 -6.85 0.84
CA PHE A 82 2.46 -7.88 1.78
C PHE A 82 3.99 -7.90 1.88
N SER A 83 4.51 -8.14 3.08
CA SER A 83 5.95 -8.18 3.29
C SER A 83 6.53 -9.53 2.89
N VAL A 84 7.63 -9.49 2.14
CA VAL A 84 8.29 -10.70 1.68
C VAL A 84 8.51 -11.70 2.82
N VAL A 85 9.40 -11.35 3.75
CA VAL A 85 9.70 -12.23 4.89
C VAL A 85 8.43 -12.85 5.46
N SER A 86 8.29 -14.16 5.27
CA SER A 86 7.11 -14.87 5.77
C SER A 86 7.44 -16.33 6.01
N PRO A 87 7.02 -16.88 7.16
CA PRO A 87 7.27 -18.29 7.48
C PRO A 87 6.60 -19.22 6.46
N SER A 88 5.31 -19.47 6.63
CA SER A 88 4.57 -20.33 5.73
C SER A 88 3.14 -19.83 5.55
N SER A 89 2.93 -18.55 5.78
CA SER A 89 1.61 -17.95 5.65
C SER A 89 1.40 -17.37 4.25
N PHE A 90 2.50 -17.07 3.56
CA PHE A 90 2.43 -16.52 2.21
C PHE A 90 1.47 -17.30 1.33
N GLU A 91 1.61 -18.62 1.34
CA GLU A 91 0.75 -19.48 0.53
C GLU A 91 -0.72 -19.29 0.89
N ASN A 92 -0.98 -19.15 2.19
CA ASN A 92 -2.34 -18.96 2.67
C ASN A 92 -2.88 -17.60 2.23
N VAL A 93 -2.11 -16.54 2.47
CA VAL A 93 -2.51 -15.19 2.10
C VAL A 93 -2.93 -15.13 0.63
N LYS A 94 -2.08 -15.63 -0.26
CA LYS A 94 -2.36 -15.63 -1.68
C LYS A 94 -3.72 -16.27 -1.97
N GLU A 95 -3.91 -17.49 -1.49
CA GLU A 95 -5.16 -18.22 -1.69
C GLU A 95 -6.26 -17.74 -0.73
N LYS A 96 -5.95 -16.73 0.08
CA LYS A 96 -6.93 -16.20 1.03
C LYS A 96 -7.30 -14.75 0.69
N TRP A 97 -6.45 -14.10 -0.10
CA TRP A 97 -6.70 -12.71 -0.50
C TRP A 97 -7.42 -12.63 -1.84
N VAL A 98 -6.90 -13.33 -2.83
CA VAL A 98 -7.49 -13.34 -4.16
C VAL A 98 -9.00 -13.63 -4.10
N PRO A 99 -9.41 -14.64 -3.31
CA PRO A 99 -10.81 -15.01 -3.18
C PRO A 99 -11.61 -14.03 -2.34
N GLU A 100 -10.90 -13.20 -1.57
CA GLU A 100 -11.55 -12.22 -0.71
C GLU A 100 -11.75 -10.90 -1.44
N ILE A 101 -10.67 -10.36 -2.01
CA ILE A 101 -10.72 -9.11 -2.74
C ILE A 101 -11.75 -9.18 -3.86
N THR A 102 -12.01 -10.39 -4.33
CA THR A 102 -12.97 -10.60 -5.42
C THR A 102 -14.38 -10.78 -4.87
N HIS A 103 -14.51 -11.60 -3.83
CA HIS A 103 -15.81 -11.85 -3.21
C HIS A 103 -16.54 -10.54 -2.90
N HIS A 104 -15.77 -9.51 -2.58
CA HIS A 104 -16.33 -8.21 -2.25
C HIS A 104 -16.69 -7.44 -3.52
N CYS A 105 -16.00 -7.74 -4.61
CA CYS A 105 -16.26 -7.07 -5.89
C CYS A 105 -15.90 -7.99 -7.05
N PRO A 106 -16.92 -8.56 -7.73
CA PRO A 106 -16.69 -9.46 -8.88
C PRO A 106 -15.74 -8.85 -9.90
N LYS A 107 -14.53 -9.40 -9.97
CA LYS A 107 -13.52 -8.91 -10.90
C LYS A 107 -13.05 -7.52 -10.51
N THR A 108 -11.98 -7.46 -9.73
CA THR A 108 -11.43 -6.18 -9.29
C THR A 108 -9.90 -6.18 -9.36
N PRO A 109 -9.31 -5.27 -10.16
CA PRO A 109 -7.85 -5.19 -10.30
C PRO A 109 -7.14 -4.87 -8.99
N PHE A 110 -5.89 -5.28 -8.89
CA PHE A 110 -5.10 -5.05 -7.69
C PHE A 110 -3.61 -4.94 -8.01
N LEU A 111 -2.89 -4.13 -7.25
CA LEU A 111 -1.46 -3.93 -7.47
C LEU A 111 -0.63 -4.56 -6.35
N LEU A 112 0.65 -4.78 -6.63
CA LEU A 112 1.56 -5.38 -5.66
C LEU A 112 2.77 -4.47 -5.44
N VAL A 113 3.47 -4.68 -4.32
CA VAL A 113 4.63 -3.86 -4.00
C VAL A 113 5.77 -4.70 -3.41
N GLY A 114 7.00 -4.34 -3.77
CA GLY A 114 8.16 -5.05 -3.26
C GLY A 114 9.08 -4.14 -2.47
N THR A 115 8.87 -4.10 -1.15
CA THR A 115 9.67 -3.24 -0.27
C THR A 115 10.46 -4.05 0.76
N GLN A 116 10.49 -5.38 0.60
CA GLN A 116 11.23 -6.24 1.52
C GLN A 116 12.38 -6.92 0.78
N ILE A 117 12.66 -6.45 -0.43
CA ILE A 117 13.74 -6.99 -1.23
C ILE A 117 15.07 -6.88 -0.50
N ASP A 118 15.11 -6.03 0.53
CA ASP A 118 16.32 -5.84 1.31
C ASP A 118 16.28 -6.62 2.62
N LEU A 119 15.08 -7.05 3.03
CA LEU A 119 14.93 -7.80 4.26
C LEU A 119 15.02 -9.30 4.00
N ARG A 120 14.54 -9.72 2.83
CA ARG A 120 14.56 -11.14 2.45
C ARG A 120 15.89 -11.80 2.85
N ASP A 121 16.99 -11.20 2.43
CA ASP A 121 18.31 -11.73 2.75
C ASP A 121 18.54 -11.71 4.25
N ASP A 122 18.15 -10.62 4.90
CA ASP A 122 18.32 -10.47 6.34
C ASP A 122 17.88 -11.74 7.07
N PRO A 123 18.85 -12.56 7.51
CA PRO A 123 18.55 -13.81 8.22
C PRO A 123 17.95 -13.58 9.61
N SER A 124 17.91 -12.32 10.04
CA SER A 124 17.35 -11.98 11.33
C SER A 124 15.87 -12.31 11.37
N THR A 125 15.10 -11.61 10.57
CA THR A 125 13.68 -11.86 10.50
C THR A 125 13.45 -13.28 10.04
N ILE A 126 14.13 -13.65 8.95
CA ILE A 126 14.01 -14.99 8.41
C ILE A 126 14.15 -16.04 9.52
N GLU A 127 15.02 -15.74 10.48
CA GLU A 127 15.22 -16.62 11.61
C GLU A 127 13.91 -16.72 12.38
N LYS A 128 13.24 -15.58 12.52
CA LYS A 128 11.96 -15.55 13.20
C LYS A 128 10.96 -16.35 12.38
N LEU A 129 11.13 -16.29 11.06
CA LEU A 129 10.28 -17.05 10.16
C LEU A 129 10.58 -18.53 10.35
N ALA A 130 11.89 -18.80 10.49
CA ALA A 130 12.38 -20.15 10.70
C ALA A 130 11.53 -20.88 11.72
N LYS A 131 11.00 -20.12 12.68
CA LYS A 131 10.15 -20.69 13.72
C LYS A 131 9.04 -21.53 13.09
N ASN A 132 8.67 -21.18 11.86
CA ASN A 132 7.64 -21.90 11.13
C ASN A 132 8.16 -22.43 9.80
N LYS A 133 9.04 -21.67 9.16
CA LYS A 133 9.63 -22.05 7.88
C LYS A 133 10.79 -21.14 7.48
N GLN A 134 10.47 -20.01 6.82
CA GLN A 134 11.45 -19.01 6.35
C GLN A 134 11.67 -19.16 4.85
N LYS A 135 11.13 -18.21 4.10
CA LYS A 135 11.25 -18.22 2.64
C LYS A 135 11.00 -16.82 2.09
N PRO A 136 12.07 -16.03 1.91
CA PRO A 136 11.96 -14.67 1.39
C PRO A 136 11.39 -14.64 -0.02
N ILE A 137 10.11 -14.28 -0.13
CA ILE A 137 9.45 -14.19 -1.45
C ILE A 137 10.35 -13.48 -2.44
N THR A 138 10.92 -14.24 -3.37
CA THR A 138 11.81 -13.65 -4.37
C THR A 138 11.02 -12.75 -5.31
N PRO A 139 11.60 -11.62 -5.72
CA PRO A 139 10.95 -10.67 -6.63
C PRO A 139 10.19 -11.37 -7.74
N GLU A 140 10.68 -12.55 -8.12
CA GLU A 140 10.03 -13.35 -9.17
C GLU A 140 8.64 -13.80 -8.73
N THR A 141 8.55 -14.21 -7.46
CA THR A 141 7.28 -14.67 -6.90
C THR A 141 6.21 -13.60 -7.02
N ALA A 142 6.39 -12.50 -6.29
CA ALA A 142 5.43 -11.40 -6.33
C ALA A 142 5.05 -11.05 -7.76
N GLU A 143 6.07 -10.87 -8.60
CA GLU A 143 5.84 -10.54 -10.01
C GLU A 143 5.12 -11.68 -10.71
N LYS A 144 5.42 -12.91 -10.29
CA LYS A 144 4.79 -14.08 -10.88
C LYS A 144 3.35 -14.22 -10.41
N LEU A 145 3.14 -14.06 -9.11
CA LEU A 145 1.80 -14.15 -8.53
C LEU A 145 0.94 -12.97 -9.00
N ALA A 146 1.57 -11.80 -9.06
CA ALA A 146 0.86 -10.59 -9.48
C ALA A 146 0.38 -10.73 -10.92
N ARG A 147 1.19 -11.41 -11.74
CA ARG A 147 0.85 -11.62 -13.14
C ARG A 147 0.06 -12.92 -13.31
N ASP A 148 0.31 -13.88 -12.44
CA ASP A 148 -0.37 -15.16 -12.49
C ASP A 148 -1.87 -14.97 -12.56
N LEU A 149 -2.35 -13.88 -11.98
CA LEU A 149 -3.77 -13.56 -11.98
C LEU A 149 -4.03 -12.19 -12.60
N LYS A 150 -3.08 -11.72 -13.40
CA LYS A 150 -3.21 -10.42 -14.05
C LYS A 150 -3.64 -9.35 -13.06
N ALA A 151 -2.91 -9.25 -11.95
CA ALA A 151 -3.21 -8.27 -10.92
C ALA A 151 -3.17 -6.85 -11.49
N VAL A 152 -1.97 -6.28 -11.55
CA VAL A 152 -1.77 -4.93 -12.08
C VAL A 152 -0.29 -4.68 -12.35
N LYS A 153 0.50 -4.60 -11.28
CA LYS A 153 1.92 -4.34 -11.40
C LYS A 153 2.66 -4.51 -10.08
N TYR A 154 3.88 -5.02 -10.15
CA TYR A 154 4.72 -5.21 -8.97
C TYR A 154 6.14 -4.75 -9.29
N VAL A 155 6.48 -3.56 -8.82
CA VAL A 155 7.80 -2.99 -9.08
C VAL A 155 8.68 -3.05 -7.84
N GLU A 156 9.98 -2.80 -8.02
CA GLU A 156 10.92 -2.83 -6.92
C GLU A 156 11.03 -1.46 -6.25
N CYS A 157 10.69 -1.40 -4.98
CA CYS A 157 10.75 -0.16 -4.21
C CYS A 157 11.16 -0.46 -2.77
N SER A 158 11.17 0.57 -1.93
CA SER A 158 11.54 0.40 -0.53
C SER A 158 11.03 1.54 0.34
N ALA A 159 10.91 1.27 1.63
CA ALA A 159 10.45 2.28 2.59
C ALA A 159 11.55 2.62 3.57
N LEU A 160 12.38 1.64 3.90
CA LEU A 160 13.48 1.83 4.83
C LEU A 160 14.67 2.47 4.13
N THR A 161 14.86 2.09 2.86
CA THR A 161 15.96 2.63 2.07
C THR A 161 15.45 3.51 0.93
N GLN A 162 14.21 3.27 0.52
CA GLN A 162 13.59 4.03 -0.55
C GLN A 162 14.19 3.67 -1.91
N LYS A 163 13.54 2.74 -2.60
CA LYS A 163 14.02 2.30 -3.91
C LYS A 163 12.92 2.44 -4.96
N GLY A 164 12.08 3.45 -4.80
CA GLY A 164 11.01 3.67 -5.76
C GLY A 164 9.64 3.63 -5.12
N LEU A 165 9.48 4.34 -4.00
CA LEU A 165 8.21 4.37 -3.29
C LEU A 165 7.09 4.85 -4.22
N LYS A 166 7.28 6.04 -4.80
CA LYS A 166 6.29 6.61 -5.70
C LYS A 166 6.13 5.73 -6.94
N ASN A 167 7.19 5.04 -7.32
CA ASN A 167 7.16 4.15 -8.49
C ASN A 167 5.98 3.21 -8.43
N VAL A 168 6.05 2.23 -7.53
CA VAL A 168 4.99 1.24 -7.38
C VAL A 168 3.66 1.93 -7.07
N PHE A 169 3.66 2.77 -6.04
CA PHE A 169 2.47 3.49 -5.65
C PHE A 169 1.86 4.23 -6.83
N ASP A 170 2.72 4.76 -7.70
CA ASP A 170 2.26 5.48 -8.88
C ASP A 170 1.43 4.56 -9.77
N GLU A 171 1.88 3.31 -9.89
CA GLU A 171 1.19 2.32 -10.70
C GLU A 171 -0.22 2.10 -10.16
N ALA A 172 -0.35 2.18 -8.83
CA ALA A 172 -1.64 1.99 -8.18
C ALA A 172 -2.62 3.07 -8.62
N ILE A 173 -2.32 4.31 -8.27
CA ILE A 173 -3.18 5.44 -8.65
C ILE A 173 -3.31 5.55 -10.16
N LEU A 174 -2.20 5.35 -10.85
CA LEU A 174 -2.18 5.42 -12.30
C LEU A 174 -3.12 4.40 -12.92
N ALA A 175 -3.08 3.17 -12.38
CA ALA A 175 -3.94 2.10 -12.88
C ALA A 175 -5.41 2.52 -12.85
N ALA A 176 -5.72 3.51 -12.01
CA ALA A 176 -7.09 4.01 -11.89
C ALA A 176 -7.37 5.09 -12.94
N LEU A 177 -6.37 5.92 -13.20
CA LEU A 177 -6.51 7.01 -14.17
C LEU A 177 -6.51 6.47 -15.59
N GLU A 178 -5.71 5.42 -15.82
CA GLU A 178 -5.63 4.80 -17.14
C GLU A 178 -5.51 3.29 -17.02
N PRO A 179 -6.20 2.55 -17.91
CA PRO A 179 -6.17 1.08 -17.91
C PRO A 179 -4.82 0.53 -18.35
N PRO A 180 -4.06 -0.09 -17.43
CA PRO A 180 -2.75 -0.67 -17.74
C PRO A 180 -2.84 -1.81 -18.74
N GLU A 181 -1.69 -2.21 -19.29
CA GLU A 181 -1.66 -3.30 -20.26
C GLU A 181 -1.15 -4.59 -19.63
N PRO A 182 -2.08 -5.48 -19.20
CA PRO A 182 -1.73 -6.75 -18.58
C PRO A 182 -1.25 -7.78 -19.60
N LYS A 183 -1.21 -9.04 -19.18
CA LYS A 183 -0.78 -10.12 -20.07
C LYS A 183 -1.97 -10.79 -20.73
N LYS A 184 -2.45 -10.18 -21.82
CA LYS A 184 -3.59 -10.72 -22.56
C LYS A 184 -3.20 -11.97 -23.33
N GLY B 1 8.16 7.94 -14.01
CA GLY B 1 8.23 7.97 -12.52
C GLY B 1 6.87 8.12 -11.87
N SER B 2 6.28 9.30 -11.99
CA SER B 2 4.97 9.56 -11.41
C SER B 2 3.92 8.65 -12.03
N GLY B 3 2.66 8.83 -11.61
CA GLY B 3 1.59 8.02 -12.15
C GLY B 3 0.80 8.73 -13.24
N LEU B 4 1.47 9.00 -14.36
CA LEU B 4 0.83 9.68 -15.47
C LEU B 4 0.60 8.73 -16.64
N SER B 5 -0.31 9.10 -17.53
CA SER B 5 -0.66 8.29 -18.69
C SER B 5 -1.95 8.79 -19.30
N ALA B 6 -2.93 9.06 -18.44
CA ALA B 6 -4.22 9.57 -18.87
C ALA B 6 -4.03 10.73 -19.84
N GLN B 7 -2.91 11.42 -19.66
CA GLN B 7 -2.55 12.57 -20.48
C GLN B 7 -1.41 13.32 -19.83
N ASP B 8 -1.36 13.28 -18.50
CA ASP B 8 -0.32 13.96 -17.75
C ASP B 8 -0.62 13.92 -16.26
N ILE B 9 -1.17 12.82 -15.78
CA ILE B 9 -1.50 12.69 -14.37
C ILE B 9 -0.24 12.65 -13.51
N SER B 10 0.05 13.77 -12.85
CA SER B 10 1.22 13.86 -11.99
C SER B 10 0.83 13.73 -10.53
N GLN B 11 1.54 12.88 -9.79
CA GLN B 11 1.27 12.67 -8.38
C GLN B 11 2.12 13.59 -7.50
N PRO B 12 3.46 13.41 -7.53
CA PRO B 12 4.37 14.23 -6.74
C PRO B 12 4.67 15.57 -7.38
N LEU B 13 3.67 16.44 -7.45
CA LEU B 13 3.82 17.75 -8.05
C LEU B 13 4.46 18.73 -7.07
N GLN B 14 3.63 19.34 -6.22
CA GLN B 14 4.12 20.29 -5.24
C GLN B 14 4.39 19.59 -3.90
N ASN B 15 4.42 20.36 -2.82
CA ASN B 15 4.67 19.82 -1.49
C ASN B 15 3.81 18.58 -1.24
N SER B 16 2.66 18.51 -1.91
CA SER B 16 1.74 17.38 -1.78
C SER B 16 1.64 16.91 -0.33
N PHE B 17 1.56 17.85 0.60
CA PHE B 17 1.46 17.52 2.03
C PHE B 17 0.97 18.72 2.83
N ILE B 18 -0.34 18.82 3.02
CA ILE B 18 -0.90 19.93 3.79
C ILE B 18 -0.96 19.61 5.27
N HIS B 19 -1.19 18.34 5.59
CA HIS B 19 -1.27 17.90 6.98
C HIS B 19 -2.52 18.44 7.65
N THR B 20 -3.38 17.52 8.11
CA THR B 20 -4.62 17.91 8.77
C THR B 20 -5.24 16.72 9.49
N GLY B 21 -4.44 16.06 10.33
CA GLY B 21 -4.92 14.91 11.06
C GLY B 21 -4.44 14.90 12.50
N HIS B 22 -5.16 14.19 13.37
CA HIS B 22 -4.79 14.10 14.77
C HIS B 22 -4.83 12.66 15.27
N GLY B 23 -6.02 12.20 15.66
CA GLY B 23 -6.17 10.84 16.14
C GLY B 23 -5.42 10.60 17.45
N ASP B 24 -5.56 9.40 18.00
CA ASP B 24 -4.91 9.05 19.24
C ASP B 24 -3.42 8.80 19.03
N SER B 25 -2.63 9.88 19.10
CA SER B 25 -1.19 9.78 18.91
C SER B 25 -0.49 9.52 20.23
N ASP B 26 -0.20 8.25 20.50
CA ASP B 26 0.47 7.86 21.73
C ASP B 26 1.12 6.49 21.59
N PRO B 27 2.28 6.28 22.24
CA PRO B 27 3.00 5.01 22.17
C PRO B 27 2.27 3.88 22.90
N ARG B 28 1.66 2.98 22.13
CA ARG B 28 0.92 1.86 22.69
C ARG B 28 1.76 0.59 22.68
N HIS B 29 2.24 0.22 21.50
CA HIS B 29 3.05 -0.98 21.35
C HIS B 29 3.76 -0.99 19.99
N CYS B 30 5.02 -0.58 19.99
CA CYS B 30 5.82 -0.53 18.76
C CYS B 30 5.67 -1.83 17.96
N TRP B 31 6.20 -1.84 16.75
CA TRP B 31 6.13 -3.02 15.90
C TRP B 31 6.57 -4.27 16.64
N GLY B 32 6.14 -5.43 16.15
CA GLY B 32 6.50 -6.68 16.78
C GLY B 32 6.44 -7.86 15.82
N PHE B 33 5.26 -8.07 15.22
CA PHE B 33 5.08 -9.17 14.29
C PHE B 33 5.30 -8.70 12.84
N PRO B 34 5.91 -9.56 12.00
CA PRO B 34 6.18 -9.23 10.60
C PRO B 34 4.91 -9.17 9.77
N ASP B 35 4.14 -8.10 9.95
CA ASP B 35 2.89 -7.93 9.21
C ASP B 35 2.12 -6.73 9.73
N ARG B 36 1.47 -6.00 8.83
CA ARG B 36 0.70 -4.83 9.20
C ARG B 36 -0.75 -5.18 9.46
N ILE B 37 -1.53 -4.16 9.82
CA ILE B 37 -2.94 -4.36 10.09
C ILE B 37 -3.80 -3.56 9.12
N ASP B 38 -4.85 -4.21 8.60
CA ASP B 38 -5.75 -3.55 7.67
C ASP B 38 -6.23 -2.22 8.22
N GLU B 39 -6.42 -1.24 7.34
CA GLU B 39 -6.87 0.09 7.74
C GLU B 39 -8.03 0.01 8.73
N LEU B 40 -9.00 -0.86 8.43
CA LEU B 40 -10.17 -1.02 9.30
C LEU B 40 -9.76 -1.18 10.76
N TYR B 41 -8.69 -1.93 10.99
CA TYR B 41 -8.21 -2.19 12.35
C TYR B 41 -6.98 -1.33 12.68
N LEU B 42 -6.65 -0.37 11.81
CA LEU B 42 -5.50 0.49 12.03
C LEU B 42 -5.65 1.25 13.35
N GLY B 43 -5.04 0.72 14.42
CA GLY B 43 -5.13 1.36 15.71
C GLY B 43 -4.46 0.55 16.80
N ASN B 44 -3.16 0.77 17.00
CA ASN B 44 -2.40 0.06 18.02
C ASN B 44 -2.95 0.35 19.40
MG MG C . 0.55 4.72 9.44
PG GNP D . 0.18 1.48 10.52
O1G GNP D . -0.73 0.85 9.53
O2G GNP D . 0.02 2.92 10.79
O3G GNP D . -0.07 0.72 11.91
N3B GNP D . 1.74 1.26 9.94
PB GNP D . 2.34 2.06 8.61
O1B GNP D . 1.45 1.73 7.47
O2B GNP D . 2.47 3.49 8.98
O3A GNP D . 3.82 1.57 8.20
PA GNP D . 4.38 0.07 8.00
O1A GNP D . 4.66 -0.50 9.35
O2A GNP D . 3.49 -0.65 7.07
O5' GNP D . 5.79 0.31 7.25
C5' GNP D . 6.05 -0.31 5.98
C4' GNP D . 6.67 -1.69 6.14
O4' GNP D . 5.71 -2.72 5.87
C3' GNP D . 7.83 -1.88 5.17
O3' GNP D . 9.09 -1.85 5.84
C2' GNP D . 7.61 -3.19 4.48
O2' GNP D . 8.64 -4.12 4.82
C1' GNP D . 6.26 -3.70 4.96
N9 GNP D . 5.36 -3.92 3.82
C8 GNP D . 4.07 -3.57 3.65
N7 GNP D . 3.50 -3.84 2.53
C5 GNP D . 4.53 -4.48 1.84
C6 GNP D . 4.57 -5.05 0.52
O6 GNP D . 3.65 -5.09 -0.31
N1 GNP D . 5.82 -5.60 0.21
C2 GNP D . 6.91 -5.61 1.07
N2 GNP D . 8.02 -6.21 0.62
N3 GNP D . 6.89 -5.08 2.31
C4 GNP D . 5.68 -4.54 2.63
HNB3 GNP D . 2.32 0.61 10.40
H5'2 GNP D . 5.11 -0.41 5.43
H5'1 GNP D . 6.72 0.32 5.41
H4' GNP D . 7.04 -1.81 7.15
H3' GNP D . 7.78 -1.10 4.43
HO3' GNP D . 9.53 -1.04 5.57
H2' GNP D . 7.58 -3.04 3.41
HO2' GNP D . 9.23 -4.17 4.06
H1' GNP D . 6.41 -4.61 5.49
H8 GNP D . 3.52 -3.06 4.45
HN1 GNP D . 5.91 -6.01 -0.69
HN21 GNP D . 8.05 -6.60 -0.30
HN22 GNP D . 8.84 -6.22 1.21
N MET A 1 -8.76 16.83 -16.98
CA MET A 1 -8.40 16.51 -15.57
C MET A 1 -9.11 15.23 -15.10
N GLN A 2 -8.31 14.19 -14.83
CA GLN A 2 -8.87 12.92 -14.37
C GLN A 2 -8.49 12.66 -12.93
N THR A 3 -9.51 12.38 -12.11
CA THR A 3 -9.31 12.12 -10.71
C THR A 3 -9.43 10.63 -10.42
N ILE A 4 -8.85 10.18 -9.31
CA ILE A 4 -8.89 8.78 -8.93
C ILE A 4 -8.73 8.59 -7.42
N LYS A 5 -9.14 7.43 -6.94
CA LYS A 5 -9.04 7.11 -5.52
C LYS A 5 -8.49 5.70 -5.32
N CYS A 6 -7.63 5.54 -4.32
CA CYS A 6 -7.02 4.24 -4.04
C CYS A 6 -6.97 3.96 -2.54
N VAL A 7 -7.55 2.83 -2.14
CA VAL A 7 -7.55 2.42 -0.74
C VAL A 7 -6.73 1.16 -0.54
N VAL A 8 -5.93 1.14 0.52
CA VAL A 8 -5.09 -0.02 0.80
C VAL A 8 -5.86 -1.07 1.58
N VAL A 9 -6.08 -2.21 0.96
CA VAL A 9 -6.78 -3.31 1.59
C VAL A 9 -5.85 -4.52 1.70
N GLY A 10 -5.77 -5.09 2.88
CA GLY A 10 -4.90 -6.24 3.08
C GLY A 10 -4.04 -6.11 4.32
N ASP A 11 -2.95 -6.89 4.37
CA ASP A 11 -2.05 -6.85 5.51
C ASP A 11 -0.90 -5.87 5.27
N GLY A 12 -1.13 -4.91 4.37
CA GLY A 12 -0.11 -3.93 4.08
C GLY A 12 0.01 -2.87 5.16
N ALA A 13 1.15 -2.20 5.18
CA ALA A 13 1.39 -1.16 6.16
C ALA A 13 0.28 -0.12 6.18
N VAL A 14 0.04 0.48 5.01
CA VAL A 14 -1.00 1.50 4.84
C VAL A 14 -0.65 2.42 3.66
N GLY A 15 -1.18 2.09 2.50
CA GLY A 15 -0.90 2.88 1.29
C GLY A 15 -1.07 4.37 1.51
N LYS A 16 -1.85 4.76 2.51
CA LYS A 16 -2.08 6.17 2.78
C LYS A 16 -0.84 6.85 3.34
N THR A 17 -0.36 6.36 4.48
CA THR A 17 0.82 6.94 5.13
C THR A 17 2.10 6.17 4.79
N CYS A 18 2.00 4.85 4.73
CA CYS A 18 3.15 3.98 4.43
C CYS A 18 4.12 4.62 3.45
N LEU A 19 3.74 4.69 2.19
CA LEU A 19 4.58 5.27 1.15
C LEU A 19 4.81 6.76 1.37
N LEU A 20 3.74 7.54 1.21
CA LEU A 20 3.83 8.99 1.36
C LEU A 20 4.53 9.37 2.67
N ILE A 21 3.88 9.13 3.80
CA ILE A 21 4.45 9.47 5.10
C ILE A 21 5.93 9.09 5.17
N SER A 22 6.26 7.88 4.77
CA SER A 22 7.63 7.40 4.80
C SER A 22 8.51 8.24 3.88
N TYR A 23 7.91 8.77 2.82
CA TYR A 23 8.65 9.59 1.87
C TYR A 23 8.93 10.97 2.43
N THR A 24 7.97 11.51 3.18
CA THR A 24 8.11 12.83 3.78
C THR A 24 8.80 12.74 5.13
N THR A 25 8.32 11.85 5.99
CA THR A 25 8.88 11.67 7.33
C THR A 25 9.92 10.55 7.32
N ASN A 26 9.47 9.34 7.00
CA ASN A 26 10.35 8.18 6.97
C ASN A 26 10.73 7.75 8.37
N LYS A 27 9.77 7.77 9.28
CA LYS A 27 10.01 7.37 10.66
C LYS A 27 9.51 5.95 10.91
N PHE A 28 10.20 4.99 10.32
CA PHE A 28 9.84 3.59 10.45
C PHE A 28 10.48 2.96 11.70
N PRO A 29 11.78 3.22 11.93
CA PRO A 29 12.48 2.66 13.09
C PRO A 29 12.25 3.48 14.36
N SER A 30 11.05 3.35 14.92
CA SER A 30 10.70 4.08 16.13
C SER A 30 9.35 3.62 16.67
N GLU A 31 8.28 4.22 16.16
CA GLU A 31 6.93 3.87 16.60
C GLU A 31 5.90 4.26 15.54
N TYR A 32 4.70 3.72 15.68
CA TYR A 32 3.62 4.01 14.74
C TYR A 32 2.34 4.39 15.47
N VAL A 33 1.80 5.56 15.15
CA VAL A 33 0.58 6.04 15.79
C VAL A 33 -0.14 7.07 14.93
N PRO A 34 0.56 8.15 14.50
CA PRO A 34 -0.03 9.19 13.67
C PRO A 34 -0.23 8.75 12.22
N THR A 35 -0.95 7.65 12.04
CA THR A 35 -1.22 7.13 10.70
C THR A 35 -2.66 7.39 10.29
N VAL A 36 -3.54 7.61 11.29
CA VAL A 36 -4.96 7.87 11.01
C VAL A 36 -5.12 8.82 9.82
N PHE A 37 -4.65 10.05 9.99
CA PHE A 37 -4.71 11.08 8.94
C PHE A 37 -5.95 10.95 8.07
N ASP A 38 -5.85 10.14 7.01
CA ASP A 38 -6.97 9.91 6.10
C ASP A 38 -7.36 11.19 5.35
N ASN A 39 -7.83 12.18 6.09
CA ASN A 39 -8.25 13.45 5.50
C ASN A 39 -7.04 14.27 5.04
N TYR A 40 -5.83 13.79 5.31
CA TYR A 40 -4.63 14.50 4.92
C TYR A 40 -4.59 14.66 3.40
N ALA A 41 -5.05 15.82 2.94
CA ALA A 41 -5.09 16.11 1.50
C ALA A 41 -3.79 16.78 1.05
N VAL A 42 -3.73 17.11 -0.24
CA VAL A 42 -2.56 17.75 -0.80
C VAL A 42 -2.95 18.76 -1.88
N THR A 43 -2.03 19.67 -2.19
CA THR A 43 -2.29 20.68 -3.20
C THR A 43 -1.21 20.69 -4.28
N VAL A 44 -1.56 20.17 -5.45
CA VAL A 44 -0.62 20.11 -6.56
C VAL A 44 -1.35 20.04 -7.90
N MET A 45 -0.59 19.94 -8.98
CA MET A 45 -1.16 19.86 -10.32
C MET A 45 -1.19 18.43 -10.84
N ILE A 46 -2.35 17.78 -10.71
CA ILE A 46 -2.50 16.41 -11.19
C ILE A 46 -2.52 16.38 -12.71
N GLY A 47 -1.34 16.22 -13.31
CA GLY A 47 -1.22 16.16 -14.76
C GLY A 47 -2.14 17.13 -15.48
N GLY A 48 -3.33 16.67 -15.84
CA GLY A 48 -4.30 17.49 -16.55
C GLY A 48 -4.35 18.92 -16.04
N GLU A 49 -5.10 19.15 -14.96
CA GLU A 49 -5.22 20.49 -14.40
C GLU A 49 -5.05 20.47 -12.88
N PRO A 50 -4.85 21.65 -12.27
CA PRO A 50 -4.67 21.77 -10.82
C PRO A 50 -5.72 21.01 -10.03
N TYR A 51 -5.31 19.87 -9.48
CA TYR A 51 -6.19 19.04 -8.68
C TYR A 51 -5.39 17.90 -8.03
N THR A 52 -5.90 17.38 -6.93
CA THR A 52 -5.24 16.30 -6.22
C THR A 52 -6.24 15.26 -5.75
N LEU A 53 -5.78 14.02 -5.61
CA LEU A 53 -6.64 12.93 -5.15
C LEU A 53 -6.25 12.47 -3.75
N GLY A 54 -6.99 12.95 -2.75
CA GLY A 54 -6.70 12.57 -1.38
C GLY A 54 -6.58 11.08 -1.20
N LEU A 55 -6.33 10.64 0.03
CA LEU A 55 -6.20 9.22 0.33
C LEU A 55 -6.89 8.89 1.65
N PHE A 56 -8.11 8.40 1.56
CA PHE A 56 -8.88 8.04 2.76
C PHE A 56 -8.51 6.63 3.23
N ASP A 57 -7.92 6.54 4.41
CA ASP A 57 -7.52 5.26 4.97
C ASP A 57 -8.32 4.92 6.22
N THR A 58 -7.96 3.82 6.85
CA THR A 58 -8.63 3.35 8.05
C THR A 58 -7.99 3.93 9.31
N ALA A 59 -8.49 3.48 10.46
CA ALA A 59 -7.97 3.94 11.75
C ALA A 59 -8.60 3.13 12.88
N GLY A 60 -8.05 3.26 14.08
CA GLY A 60 -8.57 2.52 15.22
C GLY A 60 -8.40 3.27 16.53
N LEU A 61 -8.23 4.58 16.44
CA LEU A 61 -8.05 5.41 17.64
C LEU A 61 -9.13 6.48 17.72
N GLU A 62 -8.98 7.41 18.67
CA GLU A 62 -9.94 8.49 18.87
C GLU A 62 -10.48 9.02 17.53
N ASP A 63 -9.65 8.98 16.50
CA ASP A 63 -10.05 9.44 15.17
C ASP A 63 -11.45 8.95 14.80
N TYR A 64 -11.59 7.63 14.70
CA TYR A 64 -12.88 7.03 14.36
C TYR A 64 -12.71 5.55 13.98
N ASP A 65 -12.54 4.70 14.99
CA ASP A 65 -12.37 3.26 14.76
C ASP A 65 -13.61 2.67 14.10
N ARG A 66 -14.75 3.35 14.25
CA ARG A 66 -16.00 2.88 13.67
C ARG A 66 -15.86 2.63 12.17
N LEU A 67 -14.86 3.28 11.56
CA LEU A 67 -14.63 3.12 10.13
C LEU A 67 -14.64 1.65 9.71
N ARG A 68 -15.22 1.37 8.55
CA ARG A 68 -15.29 0.00 8.05
C ARG A 68 -15.50 -0.01 6.53
N PRO A 69 -14.68 0.76 5.78
CA PRO A 69 -14.79 0.82 4.33
C PRO A 69 -14.24 -0.43 3.65
N LEU A 70 -13.05 -0.85 4.05
CA LEU A 70 -12.41 -2.03 3.49
C LEU A 70 -13.37 -3.23 3.52
N SER A 71 -14.32 -3.19 4.44
CA SER A 71 -15.30 -4.27 4.57
C SER A 71 -15.94 -4.60 3.23
N TYR A 72 -16.04 -3.59 2.37
CA TYR A 72 -16.64 -3.76 1.05
C TYR A 72 -16.69 -2.43 0.30
N PRO A 73 -15.51 -1.86 -0.03
CA PRO A 73 -15.43 -0.58 -0.74
C PRO A 73 -15.89 -0.70 -2.18
N GLN A 74 -16.34 0.41 -2.75
CA GLN A 74 -16.81 0.44 -4.13
C GLN A 74 -15.75 1.04 -5.06
N THR A 75 -14.53 1.23 -4.54
CA THR A 75 -13.44 1.79 -5.32
C THR A 75 -13.31 1.07 -6.66
N ASP A 76 -12.45 1.60 -7.53
CA ASP A 76 -12.23 1.00 -8.84
C ASP A 76 -10.81 0.44 -8.96
N VAL A 77 -9.90 0.97 -8.15
CA VAL A 77 -8.51 0.53 -8.17
C VAL A 77 -8.00 0.22 -6.76
N PHE A 78 -8.13 -1.04 -6.36
CA PHE A 78 -7.69 -1.47 -5.04
C PHE A 78 -6.19 -1.71 -5.04
N LEU A 79 -5.61 -1.84 -3.84
CA LEU A 79 -4.17 -2.06 -3.72
C LEU A 79 -3.86 -3.05 -2.59
N VAL A 80 -3.44 -4.25 -2.96
CA VAL A 80 -3.10 -5.28 -1.99
C VAL A 80 -1.59 -5.30 -1.73
N CYS A 81 -1.21 -5.21 -0.46
CA CYS A 81 0.20 -5.20 -0.09
C CYS A 81 0.57 -6.40 0.77
N PHE A 82 1.85 -6.73 0.78
CA PHE A 82 2.37 -7.85 1.56
C PHE A 82 3.77 -7.54 2.06
N SER A 83 4.42 -8.52 2.68
CA SER A 83 5.78 -8.30 3.19
C SER A 83 6.66 -9.52 2.91
N VAL A 84 7.86 -9.27 2.38
CA VAL A 84 8.80 -10.34 2.07
C VAL A 84 8.94 -11.31 3.24
N VAL A 85 9.59 -10.87 4.31
CA VAL A 85 9.78 -11.71 5.48
C VAL A 85 8.46 -12.39 5.87
N SER A 86 8.36 -13.69 5.61
CA SER A 86 7.15 -14.43 5.92
C SER A 86 7.44 -15.89 6.24
N PRO A 87 6.79 -16.44 7.27
CA PRO A 87 6.97 -17.83 7.69
C PRO A 87 5.96 -18.75 7.02
N SER A 88 5.91 -18.68 5.69
CA SER A 88 4.98 -19.51 4.91
C SER A 88 3.59 -18.89 4.90
N SER A 89 3.54 -17.56 4.98
CA SER A 89 2.25 -16.85 4.97
C SER A 89 1.91 -16.35 3.58
N PHE A 90 2.94 -16.14 2.76
CA PHE A 90 2.74 -15.66 1.39
C PHE A 90 1.71 -16.51 0.66
N GLU A 91 1.99 -17.80 0.54
CA GLU A 91 1.08 -18.72 -0.14
C GLU A 91 -0.34 -18.58 0.38
N ASN A 92 -0.50 -18.78 1.69
CA ASN A 92 -1.80 -18.68 2.32
C ASN A 92 -2.48 -17.36 1.95
N VAL A 93 -1.86 -16.25 2.35
CA VAL A 93 -2.40 -14.92 2.08
C VAL A 93 -2.88 -14.81 0.63
N LYS A 94 -2.05 -15.27 -0.30
CA LYS A 94 -2.40 -15.22 -1.72
C LYS A 94 -3.75 -15.88 -1.96
N GLU A 95 -3.89 -17.10 -1.45
CA GLU A 95 -5.13 -17.85 -1.62
C GLU A 95 -6.17 -17.47 -0.56
N LYS A 96 -5.86 -16.45 0.24
CA LYS A 96 -6.77 -16.00 1.29
C LYS A 96 -7.36 -14.64 0.96
N TRP A 97 -6.58 -13.81 0.26
CA TRP A 97 -7.02 -12.48 -0.12
C TRP A 97 -7.64 -12.47 -1.51
N VAL A 98 -6.99 -13.14 -2.45
CA VAL A 98 -7.48 -13.19 -3.83
C VAL A 98 -8.96 -13.60 -3.88
N PRO A 99 -9.34 -14.65 -3.14
CA PRO A 99 -10.73 -15.13 -3.11
C PRO A 99 -11.62 -14.30 -2.19
N GLU A 100 -10.99 -13.51 -1.31
CA GLU A 100 -11.73 -12.68 -0.38
C GLU A 100 -12.03 -11.30 -0.99
N ILE A 101 -11.02 -10.71 -1.62
CA ILE A 101 -11.18 -9.41 -2.25
C ILE A 101 -12.15 -9.47 -3.43
N THR A 102 -12.19 -10.63 -4.09
CA THR A 102 -13.07 -10.82 -5.24
C THR A 102 -14.48 -11.19 -4.79
N HIS A 103 -14.58 -11.80 -3.61
CA HIS A 103 -15.87 -12.20 -3.06
C HIS A 103 -16.72 -10.99 -2.72
N HIS A 104 -16.14 -10.07 -1.96
CA HIS A 104 -16.85 -8.86 -1.56
C HIS A 104 -17.07 -7.93 -2.75
N CYS A 105 -16.03 -7.76 -3.56
CA CYS A 105 -16.13 -6.90 -4.74
C CYS A 105 -16.05 -7.73 -6.03
N PRO A 106 -17.03 -7.56 -6.93
CA PRO A 106 -17.07 -8.30 -8.20
C PRO A 106 -15.81 -8.07 -9.03
N LYS A 107 -14.75 -8.80 -8.71
CA LYS A 107 -13.49 -8.67 -9.42
C LYS A 107 -13.03 -7.22 -9.47
N THR A 108 -12.15 -6.86 -8.56
CA THR A 108 -11.62 -5.49 -8.49
C THR A 108 -10.11 -5.47 -8.72
N PRO A 109 -9.61 -4.46 -9.45
CA PRO A 109 -8.17 -4.34 -9.75
C PRO A 109 -7.33 -4.22 -8.48
N PHE A 110 -6.16 -4.84 -8.50
CA PHE A 110 -5.25 -4.81 -7.36
C PHE A 110 -3.80 -4.85 -7.82
N LEU A 111 -2.97 -4.01 -7.21
CA LEU A 111 -1.56 -3.95 -7.57
C LEU A 111 -0.68 -4.50 -6.44
N LEU A 112 0.51 -4.96 -6.80
CA LEU A 112 1.45 -5.52 -5.83
C LEU A 112 2.63 -4.57 -5.63
N VAL A 113 3.17 -4.55 -4.41
CA VAL A 113 4.30 -3.67 -4.11
C VAL A 113 5.42 -4.42 -3.38
N GLY A 114 6.65 -4.00 -3.64
CA GLY A 114 7.80 -4.63 -3.00
C GLY A 114 8.67 -3.61 -2.28
N THR A 115 8.52 -3.54 -0.96
CA THR A 115 9.29 -2.59 -0.14
C THR A 115 10.20 -3.33 0.83
N GLN A 116 9.65 -4.35 1.48
CA GLN A 116 10.41 -5.14 2.43
C GLN A 116 11.53 -5.91 1.74
N ILE A 117 11.52 -5.90 0.40
CA ILE A 117 12.55 -6.58 -0.39
C ILE A 117 13.94 -6.35 0.18
N ASP A 118 14.13 -5.21 0.85
CA ASP A 118 15.41 -4.88 1.43
C ASP A 118 15.73 -5.75 2.66
N LEU A 119 14.69 -6.18 3.35
CA LEU A 119 14.85 -7.02 4.53
C LEU A 119 15.09 -8.48 4.14
N ARG A 120 14.66 -8.84 2.93
CA ARG A 120 14.83 -10.21 2.45
C ARG A 120 16.25 -10.72 2.73
N ASP A 121 17.20 -9.79 2.77
CA ASP A 121 18.59 -10.14 3.04
C ASP A 121 18.81 -10.35 4.53
N ASP A 122 18.16 -9.51 5.35
CA ASP A 122 18.28 -9.61 6.80
C ASP A 122 18.13 -11.05 7.26
N PRO A 123 19.26 -11.70 7.61
CA PRO A 123 19.25 -13.10 8.08
C PRO A 123 18.61 -13.27 9.45
N SER A 124 18.30 -12.16 10.11
CA SER A 124 17.68 -12.20 11.43
C SER A 124 16.20 -12.52 11.30
N THR A 125 15.46 -11.60 10.71
CA THR A 125 14.04 -11.81 10.51
C THR A 125 13.81 -13.09 9.72
N ILE A 126 14.68 -13.32 8.75
CA ILE A 126 14.61 -14.51 7.93
C ILE A 126 14.58 -15.75 8.81
N GLU A 127 15.46 -15.77 9.81
CA GLU A 127 15.53 -16.89 10.75
C GLU A 127 14.19 -17.09 11.42
N LYS A 128 13.51 -15.98 11.72
CA LYS A 128 12.20 -16.06 12.35
C LYS A 128 11.23 -16.76 11.42
N LEU A 129 11.46 -16.61 10.12
CA LEU A 129 10.62 -17.25 9.12
C LEU A 129 10.98 -18.72 9.07
N ALA A 130 12.28 -18.99 9.22
CA ALA A 130 12.80 -20.34 9.21
C ALA A 130 11.94 -21.26 10.06
N LYS A 131 11.38 -20.72 11.14
CA LYS A 131 10.53 -21.49 12.04
C LYS A 131 9.47 -22.25 11.24
N ASN A 132 9.00 -21.64 10.16
CA ASN A 132 7.99 -22.25 9.31
C ASN A 132 8.46 -22.37 7.86
N LYS A 133 9.30 -21.43 7.43
CA LYS A 133 9.82 -21.45 6.06
C LYS A 133 11.26 -20.93 6.00
N GLN A 134 11.44 -19.65 5.58
CA GLN A 134 12.76 -19.00 5.47
C GLN A 134 12.87 -18.27 4.13
N LYS A 135 12.13 -18.75 3.14
CA LYS A 135 12.14 -18.17 1.80
C LYS A 135 11.51 -16.78 1.78
N PRO A 136 12.32 -15.73 1.57
CA PRO A 136 11.83 -14.36 1.51
C PRO A 136 11.22 -14.03 0.15
N ILE A 137 10.05 -13.41 0.15
CA ILE A 137 9.38 -13.07 -1.10
C ILE A 137 10.18 -12.00 -1.86
N THR A 138 10.98 -12.45 -2.81
CA THR A 138 11.80 -11.54 -3.61
C THR A 138 11.00 -10.96 -4.77
N PRO A 139 11.48 -9.87 -5.38
CA PRO A 139 10.80 -9.23 -6.50
C PRO A 139 10.32 -10.24 -7.55
N GLU A 140 11.15 -11.23 -7.83
CA GLU A 140 10.81 -12.27 -8.80
C GLU A 140 9.51 -12.97 -8.41
N THR A 141 9.44 -13.44 -7.18
CA THR A 141 8.26 -14.13 -6.68
C THR A 141 7.02 -13.24 -6.80
N ALA A 142 7.13 -12.02 -6.27
CA ALA A 142 6.02 -11.07 -6.33
C ALA A 142 5.54 -10.88 -7.75
N GLU A 143 6.47 -10.56 -8.65
CA GLU A 143 6.13 -10.35 -10.06
C GLU A 143 5.33 -11.52 -10.59
N LYS A 144 5.60 -12.71 -10.08
CA LYS A 144 4.90 -13.92 -10.50
C LYS A 144 3.43 -13.85 -10.10
N LEU A 145 3.17 -13.77 -8.80
CA LEU A 145 1.82 -13.70 -8.28
C LEU A 145 1.10 -12.46 -8.82
N ALA A 146 1.85 -11.37 -8.96
CA ALA A 146 1.29 -10.12 -9.47
C ALA A 146 0.78 -10.29 -10.89
N ARG A 147 1.53 -11.01 -11.71
CA ARG A 147 1.15 -11.26 -13.09
C ARG A 147 0.27 -12.49 -13.20
N ASP A 148 0.42 -13.41 -12.25
CA ASP A 148 -0.36 -14.63 -12.23
C ASP A 148 -1.84 -14.34 -11.97
N LEU A 149 -2.09 -13.43 -11.02
CA LEU A 149 -3.46 -13.06 -10.68
C LEU A 149 -3.92 -11.84 -11.48
N LYS A 150 -3.21 -11.52 -12.55
CA LYS A 150 -3.54 -10.38 -13.40
C LYS A 150 -3.82 -9.14 -12.56
N ALA A 151 -3.09 -9.00 -11.45
CA ALA A 151 -3.26 -7.86 -10.57
C ALA A 151 -3.10 -6.54 -11.33
N VAL A 152 -1.86 -6.13 -11.52
CA VAL A 152 -1.55 -4.89 -12.23
C VAL A 152 -0.08 -4.88 -12.68
N LYS A 153 0.80 -4.64 -11.72
CA LYS A 153 2.22 -4.56 -12.02
C LYS A 153 3.04 -4.36 -10.73
N TYR A 154 3.82 -5.37 -10.37
CA TYR A 154 4.65 -5.29 -9.18
C TYR A 154 6.00 -4.66 -9.50
N VAL A 155 6.19 -3.42 -9.06
CA VAL A 155 7.44 -2.70 -9.31
C VAL A 155 8.31 -2.70 -8.06
N GLU A 156 9.50 -2.15 -8.16
CA GLU A 156 10.42 -2.10 -7.03
C GLU A 156 10.38 -0.73 -6.34
N CYS A 157 10.01 -0.73 -5.08
CA CYS A 157 9.93 0.50 -4.29
C CYS A 157 9.96 0.20 -2.79
N SER A 158 10.88 0.83 -2.08
CA SER A 158 11.00 0.62 -0.65
C SER A 158 10.64 1.88 0.13
N ALA A 159 10.27 1.70 1.39
CA ALA A 159 9.89 2.82 2.25
C ALA A 159 10.97 3.07 3.29
N LEU A 160 11.63 2.00 3.73
CA LEU A 160 12.69 2.10 4.73
C LEU A 160 13.91 2.80 4.14
N THR A 161 14.19 2.52 2.88
CA THR A 161 15.33 3.13 2.19
C THR A 161 14.86 4.11 1.12
N GLN A 162 13.60 3.99 0.71
CA GLN A 162 13.03 4.88 -0.30
C GLN A 162 13.53 4.49 -1.69
N LYS A 163 13.13 3.32 -2.16
CA LYS A 163 13.54 2.83 -3.48
C LYS A 163 12.52 3.22 -4.55
N GLY A 164 11.96 4.43 -4.42
CA GLY A 164 10.99 4.90 -5.40
C GLY A 164 9.56 4.53 -5.03
N LEU A 165 9.18 4.79 -3.79
CA LEU A 165 7.84 4.49 -3.31
C LEU A 165 6.77 4.97 -4.29
N LYS A 166 7.07 6.06 -4.99
CA LYS A 166 6.14 6.62 -5.97
C LYS A 166 6.03 5.73 -7.20
N ASN A 167 7.10 5.01 -7.52
CA ASN A 167 7.11 4.12 -8.67
C ASN A 167 5.91 3.17 -8.65
N VAL A 168 5.95 2.20 -7.75
CA VAL A 168 4.86 1.24 -7.62
C VAL A 168 3.55 1.96 -7.34
N PHE A 169 3.57 2.85 -6.34
CA PHE A 169 2.38 3.59 -5.98
C PHE A 169 1.81 4.32 -7.20
N ASP A 170 2.69 4.68 -8.12
CA ASP A 170 2.27 5.37 -9.35
C ASP A 170 1.56 4.39 -10.26
N GLU A 171 1.93 3.12 -10.16
CA GLU A 171 1.31 2.07 -10.97
C GLU A 171 -0.08 1.76 -10.45
N ALA A 172 -0.26 1.90 -9.14
CA ALA A 172 -1.56 1.64 -8.51
C ALA A 172 -2.59 2.68 -8.95
N ILE A 173 -2.20 3.95 -8.88
CA ILE A 173 -3.09 5.04 -9.28
C ILE A 173 -3.22 5.09 -10.80
N LEU A 174 -2.16 4.71 -11.48
CA LEU A 174 -2.15 4.71 -12.93
C LEU A 174 -3.37 3.98 -13.49
N ALA A 175 -3.56 2.74 -13.03
CA ALA A 175 -4.70 1.94 -13.48
C ALA A 175 -6.00 2.71 -13.33
N ALA A 176 -6.01 3.68 -12.41
CA ALA A 176 -7.18 4.50 -12.16
C ALA A 176 -7.27 5.65 -13.16
N LEU A 177 -6.16 6.37 -13.33
CA LEU A 177 -6.12 7.49 -14.25
C LEU A 177 -6.22 7.02 -15.70
N GLU A 178 -5.85 5.76 -15.93
CA GLU A 178 -5.90 5.18 -17.26
C GLU A 178 -6.10 3.67 -17.20
N PRO A 179 -6.89 3.10 -18.13
CA PRO A 179 -7.15 1.66 -18.17
C PRO A 179 -5.86 0.85 -18.17
N PRO A 180 -5.66 0.01 -17.13
CA PRO A 180 -4.46 -0.83 -17.02
C PRO A 180 -4.39 -1.90 -18.09
N GLU A 181 -3.19 -2.35 -18.41
CA GLU A 181 -2.98 -3.38 -19.42
C GLU A 181 -1.77 -4.25 -19.08
N PRO A 182 -2.00 -5.42 -18.47
CA PRO A 182 -0.92 -6.34 -18.09
C PRO A 182 -0.35 -7.09 -19.29
N LYS A 183 0.41 -8.14 -19.02
CA LYS A 183 1.01 -8.95 -20.08
C LYS A 183 0.83 -10.44 -19.81
N LYS A 184 0.90 -11.24 -20.86
CA LYS A 184 0.75 -12.68 -20.73
C LYS A 184 1.95 -13.42 -21.30
N GLY B 1 8.75 13.24 -11.71
CA GLY B 1 8.57 12.12 -12.66
C GLY B 1 7.51 11.13 -12.21
N SER B 2 6.49 10.93 -13.02
CA SER B 2 5.42 9.99 -12.70
C SER B 2 5.56 8.70 -13.49
N GLY B 3 4.46 7.95 -13.57
CA GLY B 3 4.47 6.70 -14.32
C GLY B 3 3.09 6.30 -14.75
N LEU B 4 2.53 7.05 -15.70
CA LEU B 4 1.19 6.78 -16.19
C LEU B 4 1.14 6.80 -17.72
N SER B 5 1.56 7.94 -18.29
CA SER B 5 1.57 8.14 -19.74
C SER B 5 0.24 8.71 -20.24
N ALA B 6 -0.82 8.54 -19.45
CA ALA B 6 -2.13 9.05 -19.81
C ALA B 6 -2.04 10.52 -20.18
N GLN B 7 -2.00 11.36 -19.16
CA GLN B 7 -1.90 12.80 -19.34
C GLN B 7 -0.79 13.38 -18.46
N ASP B 8 -0.06 12.49 -17.76
CA ASP B 8 1.03 12.89 -16.88
C ASP B 8 0.50 13.28 -15.50
N ILE B 9 -0.49 12.54 -15.03
CA ILE B 9 -1.07 12.79 -13.71
C ILE B 9 -0.09 12.45 -12.61
N SER B 10 0.92 13.31 -12.46
CA SER B 10 1.94 13.11 -11.43
C SER B 10 1.32 13.09 -10.04
N GLN B 11 1.82 12.21 -9.18
CA GLN B 11 1.32 12.10 -7.82
C GLN B 11 2.08 13.03 -6.88
N PRO B 12 3.39 12.79 -6.69
CA PRO B 12 4.24 13.61 -5.83
C PRO B 12 4.73 14.88 -6.52
N LEU B 13 3.80 15.62 -7.13
CA LEU B 13 4.16 16.84 -7.82
C LEU B 13 4.96 17.78 -6.91
N GLN B 14 4.26 18.63 -6.17
CA GLN B 14 4.91 19.56 -5.26
C GLN B 14 4.98 18.95 -3.86
N ASN B 15 5.11 19.80 -2.84
CA ASN B 15 5.18 19.31 -1.47
C ASN B 15 4.05 18.33 -1.19
N SER B 16 2.94 18.51 -1.90
CA SER B 16 1.77 17.64 -1.77
C SER B 16 1.54 17.22 -0.32
N PHE B 17 1.33 18.19 0.57
CA PHE B 17 1.08 17.90 1.97
C PHE B 17 0.52 19.10 2.70
N ILE B 18 -0.77 19.05 3.05
CA ILE B 18 -1.40 20.15 3.77
C ILE B 18 -2.55 19.63 4.65
N HIS B 19 -2.82 20.35 5.73
CA HIS B 19 -3.89 19.98 6.65
C HIS B 19 -3.51 18.71 7.43
N THR B 20 -2.64 18.88 8.41
CA THR B 20 -2.19 17.76 9.24
C THR B 20 -3.27 17.35 10.24
N GLY B 21 -3.71 16.10 10.15
CA GLY B 21 -4.73 15.61 11.06
C GLY B 21 -4.29 15.65 12.50
N HIS B 22 -4.92 14.84 13.35
CA HIS B 22 -4.58 14.78 14.77
C HIS B 22 -4.11 13.38 15.14
N GLY B 23 -5.06 12.50 15.44
CA GLY B 23 -4.71 11.13 15.82
C GLY B 23 -4.01 11.06 17.16
N ASP B 24 -4.60 10.30 18.08
CA ASP B 24 -4.03 10.15 19.42
C ASP B 24 -4.20 8.72 19.92
N SER B 25 -3.67 7.75 19.16
CA SER B 25 -3.77 6.36 19.55
C SER B 25 -2.74 6.01 20.62
N ASP B 26 -3.16 6.03 21.89
CA ASP B 26 -2.26 5.72 23.00
C ASP B 26 -1.39 4.50 22.68
N PRO B 27 -2.03 3.38 22.27
CA PRO B 27 -1.32 2.14 21.94
C PRO B 27 -0.55 2.27 20.64
N ARG B 28 0.69 1.82 20.65
CA ARG B 28 1.55 1.89 19.49
C ARG B 28 1.61 0.54 18.76
N HIS B 29 1.47 -0.53 19.53
CA HIS B 29 1.50 -1.88 18.97
C HIS B 29 2.92 -2.26 18.51
N CYS B 30 3.90 -1.38 18.76
CA CYS B 30 5.28 -1.64 18.37
C CYS B 30 5.37 -2.00 16.88
N TRP B 31 5.22 -3.28 16.56
CA TRP B 31 5.28 -3.74 15.19
C TRP B 31 4.49 -5.03 15.01
N GLY B 32 4.69 -5.97 15.94
CA GLY B 32 3.99 -7.23 15.86
C GLY B 32 4.43 -8.09 14.69
N PHE B 33 3.49 -8.79 14.09
CA PHE B 33 3.79 -9.65 12.94
C PHE B 33 4.23 -8.82 11.75
N PRO B 34 5.08 -9.41 10.88
CA PRO B 34 5.58 -8.72 9.68
C PRO B 34 4.46 -8.06 8.88
N ASP B 35 3.42 -8.84 8.59
CA ASP B 35 2.29 -8.35 7.83
C ASP B 35 1.38 -7.49 8.70
N ARG B 36 1.38 -6.18 8.44
CA ARG B 36 0.56 -5.25 9.21
C ARG B 36 -0.88 -5.72 9.28
N ILE B 37 -1.50 -5.50 10.42
CA ILE B 37 -2.88 -5.89 10.61
C ILE B 37 -3.77 -5.22 9.57
N ASP B 38 -4.82 -5.91 9.16
CA ASP B 38 -5.72 -5.37 8.15
C ASP B 38 -6.11 -3.93 8.48
N GLU B 39 -6.18 -3.09 7.44
CA GLU B 39 -6.54 -1.68 7.60
C GLU B 39 -7.72 -1.51 8.55
N LEU B 40 -8.57 -2.52 8.62
CA LEU B 40 -9.74 -2.48 9.50
C LEU B 40 -9.30 -2.20 10.92
N TYR B 41 -8.12 -2.69 11.25
CA TYR B 41 -7.57 -2.53 12.59
C TYR B 41 -6.45 -1.48 12.63
N LEU B 42 -6.15 -0.87 11.48
CA LEU B 42 -5.10 0.14 11.42
C LEU B 42 -5.26 1.16 12.52
N GLY B 43 -4.27 1.24 13.40
CA GLY B 43 -4.33 2.18 14.51
C GLY B 43 -3.93 1.57 15.82
N ASN B 44 -4.46 0.39 16.12
CA ASN B 44 -4.14 -0.32 17.36
C ASN B 44 -4.55 0.52 18.57
MG MG C . 2.29 5.32 9.20
PG GNP D . 5.11 5.55 10.79
O1G GNP D . 5.34 6.90 10.20
O2G GNP D . 3.72 5.14 11.04
O3G GNP D . 5.85 5.54 12.22
N3B GNP D . 5.77 4.44 9.73
PB GNP D . 4.92 3.80 8.45
O1B GNP D . 4.19 2.62 8.95
O2B GNP D . 4.13 4.91 7.85
O3A GNP D . 5.89 3.27 7.27
PA GNP D . 5.56 2.29 6.03
O1A GNP D . 5.96 2.98 4.78
O2A GNP D . 4.18 1.79 6.19
O5' GNP D . 6.57 1.07 6.26
C5' GNP D . 6.92 0.19 5.18
C4' GNP D . 6.85 -1.27 5.61
O4' GNP D . 5.62 -1.86 5.18
C3' GNP D . 7.98 -2.07 4.98
O3' GNP D . 8.93 -2.49 5.97
C2' GNP D . 7.36 -3.24 4.29
O2' GNP D . 7.87 -4.47 4.81
C1' GNP D . 5.87 -3.12 4.53
N9 GNP D . 5.11 -3.25 3.28
C8 GNP D . 3.96 -2.63 2.91
N7 GNP D . 3.47 -2.92 1.74
C5 GNP D . 4.41 -3.84 1.27
C6 GNP D . 4.46 -4.55 0.01
O6 GNP D . 3.65 -4.50 -0.91
N1 GNP D . 5.59 -5.38 -0.08
C2 GNP D . 6.56 -5.52 0.91
N2 GNP D . 7.58 -6.33 0.63
N3 GNP D . 6.51 -4.86 2.09
C4 GNP D . 5.42 -4.04 2.20
HNB3 GNP D . 6.70 4.15 9.87
H5'2 GNP D . 6.23 0.36 4.36
H5'1 GNP D . 7.93 0.41 4.85
H4' GNP D . 6.92 -1.33 6.69
H3' GNP D . 8.47 -1.45 4.24
HO3' GNP D . 9.37 -1.69 6.29
H2' GNP D . 7.56 -3.18 3.22
HO2' GNP D . 7.24 -5.15 4.60
H1' GNP D . 5.59 -3.92 5.20
H8 GNP D . 3.46 -1.93 3.56
HN1 GNP D . 5.69 -5.88 -0.91
HN21 GNP D . 8.33 -6.45 1.31
HN22 GNP D . 7.61 -6.82 -0.25
N MET A 1 -7.77 14.81 -17.51
CA MET A 1 -7.54 14.92 -16.05
C MET A 1 -7.86 13.61 -15.34
N GLN A 2 -9.14 13.23 -15.35
CA GLN A 2 -9.57 11.99 -14.70
C GLN A 2 -9.19 12.00 -13.23
N THR A 3 -9.87 11.15 -12.45
CA THR A 3 -9.61 11.06 -11.02
C THR A 3 -9.14 9.68 -10.62
N ILE A 4 -8.98 9.47 -9.32
CA ILE A 4 -8.52 8.18 -8.81
C ILE A 4 -8.98 7.92 -7.38
N LYS A 5 -9.18 6.66 -7.05
CA LYS A 5 -9.60 6.27 -5.71
C LYS A 5 -8.78 5.09 -5.21
N CYS A 6 -7.73 5.38 -4.45
CA CYS A 6 -6.85 4.33 -3.92
C CYS A 6 -7.18 4.01 -2.47
N VAL A 7 -7.17 2.71 -2.16
CA VAL A 7 -7.44 2.26 -0.80
C VAL A 7 -6.42 1.21 -0.38
N VAL A 8 -6.29 0.99 0.92
CA VAL A 8 -5.33 0.02 1.43
C VAL A 8 -6.02 -1.18 2.05
N VAL A 9 -5.48 -2.35 1.75
CA VAL A 9 -6.01 -3.61 2.28
C VAL A 9 -4.95 -4.70 2.16
N GLY A 10 -4.70 -5.41 3.24
CA GLY A 10 -3.71 -6.48 3.21
C GLY A 10 -3.02 -6.66 4.55
N ASP A 11 -1.74 -6.98 4.51
CA ASP A 11 -0.96 -7.19 5.73
C ASP A 11 0.23 -6.25 5.79
N GLY A 12 0.11 -5.11 5.10
CA GLY A 12 1.18 -4.14 5.08
C GLY A 12 0.69 -2.75 4.73
N ALA A 13 1.60 -1.90 4.30
CA ALA A 13 1.25 -0.53 3.93
C ALA A 13 0.63 -0.48 2.55
N VAL A 14 1.28 -1.15 1.58
CA VAL A 14 0.79 -1.21 0.20
C VAL A 14 0.83 0.18 -0.46
N GLY A 15 0.10 1.13 0.11
CA GLY A 15 0.06 2.47 -0.42
C GLY A 15 -0.54 3.44 0.57
N LYS A 16 -0.35 3.13 1.86
CA LYS A 16 -0.88 3.96 2.93
C LYS A 16 0.12 5.03 3.36
N THR A 17 -0.13 5.62 4.52
CA THR A 17 0.71 6.67 5.07
C THR A 17 2.20 6.40 4.84
N CYS A 18 2.70 5.34 5.48
CA CYS A 18 4.12 4.96 5.39
C CYS A 18 4.75 5.30 4.05
N LEU A 19 4.04 5.02 2.96
CA LEU A 19 4.57 5.29 1.63
C LEU A 19 4.94 6.76 1.47
N LEU A 20 3.92 7.62 1.39
CA LEU A 20 4.15 9.05 1.24
C LEU A 20 4.59 9.69 2.56
N ILE A 21 3.84 9.42 3.61
CA ILE A 21 4.15 9.97 4.93
C ILE A 21 5.62 9.78 5.29
N SER A 22 6.09 8.54 5.25
CA SER A 22 7.49 8.26 5.59
C SER A 22 8.44 8.91 4.60
N TYR A 23 8.14 8.83 3.30
CA TYR A 23 8.99 9.43 2.28
C TYR A 23 9.38 10.84 2.69
N THR A 24 8.46 11.52 3.37
CA THR A 24 8.69 12.88 3.84
C THR A 24 9.01 12.90 5.33
N THR A 25 8.41 11.98 6.08
CA THR A 25 8.61 11.92 7.53
C THR A 25 7.67 10.88 8.17
N ASN A 26 8.25 9.96 8.94
CA ASN A 26 7.47 8.93 9.63
C ASN A 26 8.40 8.00 10.41
N LYS A 27 9.49 7.60 9.78
CA LYS A 27 10.46 6.70 10.40
C LYS A 27 9.83 5.34 10.67
N PHE A 28 10.62 4.28 10.48
CA PHE A 28 10.14 2.92 10.69
C PHE A 28 10.30 2.52 12.16
N PRO A 29 11.49 2.73 12.73
CA PRO A 29 11.78 2.38 14.12
C PRO A 29 11.24 3.43 15.10
N SER A 30 9.95 3.75 14.97
CA SER A 30 9.33 4.73 15.84
C SER A 30 7.97 4.23 16.35
N GLU A 31 6.86 4.80 15.86
CA GLU A 31 5.54 4.37 16.29
C GLU A 31 4.48 4.78 15.28
N TYR A 32 3.78 3.81 14.71
CA TYR A 32 2.75 4.08 13.73
C TYR A 32 1.39 4.24 14.44
N VAL A 33 0.77 5.40 14.27
CA VAL A 33 -0.54 5.68 14.90
C VAL A 33 -1.25 6.82 14.19
N PRO A 34 -0.66 8.04 14.20
CA PRO A 34 -1.23 9.23 13.58
C PRO A 34 -2.01 8.93 12.29
N THR A 35 -1.62 7.87 11.58
CA THR A 35 -2.26 7.46 10.32
C THR A 35 -3.75 7.85 10.27
N VAL A 36 -4.44 7.72 11.39
CA VAL A 36 -5.86 8.05 11.46
C VAL A 36 -6.13 9.43 10.88
N PHE A 37 -5.12 10.29 10.89
CA PHE A 37 -5.24 11.64 10.36
C PHE A 37 -5.47 11.62 8.84
N ASP A 38 -5.32 10.46 8.22
CA ASP A 38 -5.53 10.33 6.78
C ASP A 38 -6.80 11.03 6.33
N ASN A 39 -7.00 11.10 5.02
CA ASN A 39 -8.20 11.76 4.47
C ASN A 39 -8.08 13.28 4.55
N TYR A 40 -6.93 13.78 5.00
CA TYR A 40 -6.70 15.22 5.12
C TYR A 40 -6.86 15.90 3.76
N ALA A 41 -6.57 17.19 3.72
CA ALA A 41 -6.68 17.96 2.48
C ALA A 41 -5.31 18.37 1.96
N VAL A 42 -5.01 17.99 0.71
CA VAL A 42 -3.74 18.34 0.10
C VAL A 42 -3.95 19.21 -1.13
N THR A 43 -3.30 20.37 -1.15
CA THR A 43 -3.42 21.29 -2.27
C THR A 43 -2.28 21.08 -3.28
N VAL A 44 -2.60 20.46 -4.40
CA VAL A 44 -1.61 20.21 -5.44
C VAL A 44 -2.28 20.10 -6.81
N MET A 45 -1.48 19.81 -7.83
CA MET A 45 -1.99 19.70 -9.20
C MET A 45 -1.92 18.26 -9.70
N ILE A 46 -3.07 17.57 -9.73
CA ILE A 46 -3.11 16.21 -10.24
C ILE A 46 -2.99 16.24 -11.77
N GLY A 47 -1.76 16.26 -12.25
CA GLY A 47 -1.50 16.29 -13.68
C GLY A 47 -2.39 17.27 -14.43
N GLY A 48 -3.50 16.76 -14.97
CA GLY A 48 -4.43 17.57 -15.73
C GLY A 48 -4.61 18.98 -15.17
N GLU A 49 -5.55 19.12 -14.23
CA GLU A 49 -5.82 20.42 -13.62
C GLU A 49 -5.72 20.32 -12.10
N PRO A 50 -5.64 21.47 -11.42
CA PRO A 50 -5.54 21.53 -9.96
C PRO A 50 -6.67 20.76 -9.27
N TYR A 51 -6.33 19.61 -8.72
CA TYR A 51 -7.29 18.77 -8.03
C TYR A 51 -6.59 17.60 -7.33
N THR A 52 -7.14 17.17 -6.21
CA THR A 52 -6.58 16.07 -5.45
C THR A 52 -7.69 15.13 -4.96
N LEU A 53 -7.34 13.87 -4.74
CA LEU A 53 -8.31 12.89 -4.27
C LEU A 53 -7.78 12.11 -3.08
N GLY A 54 -8.61 11.21 -2.56
CA GLY A 54 -8.21 10.39 -1.42
C GLY A 54 -7.22 9.31 -1.83
N LEU A 55 -6.00 9.41 -1.31
CA LEU A 55 -4.96 8.43 -1.63
C LEU A 55 -5.11 7.19 -0.77
N PHE A 56 -4.97 7.37 0.55
CA PHE A 56 -5.08 6.26 1.48
C PHE A 56 -5.76 6.70 2.77
N ASP A 57 -6.78 5.95 3.18
CA ASP A 57 -7.51 6.27 4.40
C ASP A 57 -7.89 4.99 5.15
N THR A 58 -7.24 4.77 6.28
CA THR A 58 -7.51 3.59 7.12
C THR A 58 -7.11 3.87 8.56
N ALA A 59 -8.01 3.55 9.49
CA ALA A 59 -7.73 3.78 10.90
C ALA A 59 -8.80 3.14 11.79
N GLY A 60 -8.43 2.89 13.04
CA GLY A 60 -9.37 2.29 13.99
C GLY A 60 -9.42 3.05 15.29
N LEU A 61 -8.97 4.31 15.26
CA LEU A 61 -8.96 5.14 16.46
C LEU A 61 -10.30 5.85 16.64
N GLU A 62 -10.38 6.72 17.64
CA GLU A 62 -11.61 7.46 17.92
C GLU A 62 -12.20 8.05 16.64
N ASP A 63 -11.34 8.40 15.71
CA ASP A 63 -11.77 8.99 14.44
C ASP A 63 -12.87 8.15 13.80
N TYR A 64 -12.53 6.90 13.47
CA TYR A 64 -13.50 6.00 12.84
C TYR A 64 -12.98 4.57 12.82
N ASP A 65 -13.86 3.62 13.14
CA ASP A 65 -13.49 2.21 13.16
C ASP A 65 -13.64 1.59 11.76
N ARG A 66 -14.88 1.52 11.28
CA ARG A 66 -15.15 0.95 9.96
C ARG A 66 -14.71 1.91 8.86
N LEU A 67 -14.66 3.19 9.18
CA LEU A 67 -14.25 4.22 8.23
C LEU A 67 -15.30 4.39 7.12
N ARG A 68 -15.12 3.70 5.99
CA ARG A 68 -16.06 3.80 4.88
C ARG A 68 -15.47 3.21 3.60
N PRO A 69 -14.28 3.68 3.19
CA PRO A 69 -13.61 3.19 1.97
C PRO A 69 -13.46 1.67 1.94
N LEU A 70 -12.76 1.13 2.92
CA LEU A 70 -12.54 -0.31 3.01
C LEU A 70 -13.88 -1.06 3.08
N SER A 71 -14.88 -0.43 3.69
CA SER A 71 -16.20 -1.04 3.84
C SER A 71 -16.76 -1.46 2.49
N TYR A 72 -16.47 -0.68 1.45
CA TYR A 72 -16.95 -0.97 0.11
C TYR A 72 -16.56 0.14 -0.86
N PRO A 73 -15.31 0.12 -1.36
CA PRO A 73 -14.83 1.13 -2.29
C PRO A 73 -15.27 0.86 -3.73
N GLN A 74 -15.71 1.91 -4.41
CA GLN A 74 -16.15 1.77 -5.80
C GLN A 74 -15.00 1.99 -6.78
N THR A 75 -13.77 2.05 -6.26
CA THR A 75 -12.60 2.25 -7.11
C THR A 75 -12.50 1.17 -8.17
N ASP A 76 -11.49 1.26 -9.02
CA ASP A 76 -11.28 0.28 -10.07
C ASP A 76 -9.89 -0.36 -10.00
N VAL A 77 -9.16 -0.06 -8.92
CA VAL A 77 -7.82 -0.61 -8.75
C VAL A 77 -7.45 -0.71 -7.27
N PHE A 78 -7.56 -1.91 -6.72
CA PHE A 78 -7.24 -2.14 -5.32
C PHE A 78 -5.72 -2.28 -5.14
N LEU A 79 -5.28 -2.44 -3.90
CA LEU A 79 -3.86 -2.59 -3.62
C LEU A 79 -3.62 -3.66 -2.57
N VAL A 80 -3.09 -4.80 -3.00
CA VAL A 80 -2.79 -5.91 -2.10
C VAL A 80 -1.28 -6.09 -1.96
N CYS A 81 -0.80 -6.11 -0.72
CA CYS A 81 0.63 -6.25 -0.48
C CYS A 81 0.99 -7.62 0.08
N PHE A 82 2.30 -7.81 0.27
CA PHE A 82 2.84 -9.05 0.80
C PHE A 82 4.36 -8.91 0.97
N SER A 83 4.86 -9.14 2.18
CA SER A 83 6.28 -9.02 2.45
C SER A 83 7.02 -10.31 2.17
N VAL A 84 8.24 -10.21 1.66
CA VAL A 84 9.05 -11.38 1.35
C VAL A 84 9.19 -12.27 2.57
N VAL A 85 9.63 -11.70 3.68
CA VAL A 85 9.79 -12.45 4.92
C VAL A 85 8.50 -13.19 5.26
N SER A 86 8.54 -14.52 5.14
CA SER A 86 7.37 -15.32 5.42
C SER A 86 7.74 -16.72 5.92
N PRO A 87 7.18 -17.16 7.06
CA PRO A 87 7.43 -18.47 7.62
C PRO A 87 6.40 -19.50 7.15
N SER A 88 6.25 -19.60 5.84
CA SER A 88 5.30 -20.53 5.24
C SER A 88 3.88 -19.99 5.32
N SER A 89 3.75 -18.68 5.54
CA SER A 89 2.44 -18.05 5.64
C SER A 89 2.04 -17.41 4.32
N PHE A 90 3.04 -17.08 3.50
CA PHE A 90 2.80 -16.44 2.21
C PHE A 90 1.70 -17.18 1.44
N GLU A 91 1.80 -18.49 1.40
CA GLU A 91 0.81 -19.31 0.69
C GLU A 91 -0.61 -18.95 1.11
N ASN A 92 -0.86 -18.94 2.41
CA ASN A 92 -2.17 -18.61 2.95
C ASN A 92 -2.51 -17.14 2.71
N VAL A 93 -1.53 -16.27 2.88
CA VAL A 93 -1.72 -14.84 2.69
C VAL A 93 -2.42 -14.55 1.38
N LYS A 94 -1.98 -15.21 0.31
CA LYS A 94 -2.57 -15.00 -1.01
C LYS A 94 -3.86 -15.81 -1.16
N GLU A 95 -3.88 -17.00 -0.58
CA GLU A 95 -5.05 -17.87 -0.64
C GLU A 95 -6.17 -17.38 0.27
N LYS A 96 -5.86 -16.42 1.14
CA LYS A 96 -6.86 -15.88 2.06
C LYS A 96 -7.21 -14.44 1.71
N TRP A 97 -6.33 -13.76 0.97
CA TRP A 97 -6.57 -12.38 0.58
C TRP A 97 -7.38 -12.31 -0.71
N VAL A 98 -6.93 -13.02 -1.74
CA VAL A 98 -7.62 -13.03 -3.02
C VAL A 98 -9.12 -13.26 -2.85
N PRO A 99 -9.52 -14.27 -2.06
CA PRO A 99 -10.94 -14.58 -1.84
C PRO A 99 -11.60 -13.60 -0.87
N GLU A 100 -10.79 -12.81 -0.17
CA GLU A 100 -11.30 -11.84 0.78
C GLU A 100 -11.55 -10.50 0.10
N ILE A 101 -10.55 -10.03 -0.63
CA ILE A 101 -10.67 -8.76 -1.35
C ILE A 101 -11.87 -8.76 -2.28
N THR A 102 -12.24 -9.94 -2.76
CA THR A 102 -13.37 -10.08 -3.67
C THR A 102 -14.65 -10.38 -2.89
N HIS A 103 -14.51 -10.98 -1.71
CA HIS A 103 -15.65 -11.31 -0.88
C HIS A 103 -16.39 -10.05 -0.43
N HIS A 104 -15.75 -9.26 0.41
CA HIS A 104 -16.34 -8.03 0.92
C HIS A 104 -16.54 -7.03 -0.22
N CYS A 105 -15.47 -6.80 -0.98
CA CYS A 105 -15.53 -5.86 -2.10
C CYS A 105 -15.66 -6.60 -3.43
N PRO A 106 -16.47 -6.07 -4.36
CA PRO A 106 -16.67 -6.69 -5.67
C PRO A 106 -15.36 -7.01 -6.37
N LYS A 107 -15.40 -8.00 -7.27
CA LYS A 107 -14.20 -8.40 -8.01
C LYS A 107 -13.54 -7.21 -8.69
N THR A 108 -12.62 -6.56 -7.98
CA THR A 108 -11.92 -5.40 -8.52
C THR A 108 -10.43 -5.69 -8.70
N PRO A 109 -9.77 -5.01 -9.65
CA PRO A 109 -8.34 -5.20 -9.91
C PRO A 109 -7.47 -4.87 -8.70
N PHE A 110 -6.20 -5.24 -8.77
CA PHE A 110 -5.26 -4.99 -7.68
C PHE A 110 -3.83 -4.96 -8.20
N LEU A 111 -2.94 -4.33 -7.44
CA LEU A 111 -1.54 -4.23 -7.83
C LEU A 111 -0.63 -4.85 -6.78
N LEU A 112 0.51 -5.38 -7.23
CA LEU A 112 1.48 -5.99 -6.32
C LEU A 112 2.53 -4.97 -5.90
N VAL A 113 2.95 -5.04 -4.65
CA VAL A 113 3.95 -4.11 -4.14
C VAL A 113 5.18 -4.82 -3.59
N GLY A 114 6.34 -4.19 -3.78
CA GLY A 114 7.58 -4.75 -3.31
C GLY A 114 8.38 -3.72 -2.53
N THR A 115 8.76 -4.05 -1.31
CA THR A 115 9.51 -3.13 -0.46
C THR A 115 10.53 -3.87 0.39
N GLN A 116 10.10 -4.98 0.98
CA GLN A 116 10.97 -5.80 1.81
C GLN A 116 12.00 -6.54 0.96
N ILE A 117 11.94 -6.39 -0.36
CA ILE A 117 12.86 -7.04 -1.28
C ILE A 117 14.30 -6.99 -0.76
N ASP A 118 14.61 -5.95 0.02
CA ASP A 118 15.95 -5.79 0.58
C ASP A 118 16.19 -6.75 1.73
N LEU A 119 15.14 -7.03 2.50
CA LEU A 119 15.23 -7.94 3.64
C LEU A 119 15.43 -9.37 3.17
N ARG A 120 14.87 -9.70 2.01
CA ARG A 120 14.98 -11.05 1.46
C ARG A 120 16.42 -11.55 1.56
N ASP A 121 17.37 -10.62 1.49
CA ASP A 121 18.78 -10.96 1.56
C ASP A 121 19.22 -11.10 3.02
N ASP A 122 18.60 -10.31 3.89
CA ASP A 122 18.91 -10.34 5.31
C ASP A 122 18.74 -11.75 5.87
N PRO A 123 19.86 -12.44 6.17
CA PRO A 123 19.83 -13.81 6.70
C PRO A 123 19.29 -13.87 8.13
N SER A 124 19.00 -12.71 8.72
CA SER A 124 18.47 -12.66 10.08
C SER A 124 16.98 -12.95 10.07
N THR A 125 16.22 -12.05 9.44
CA THR A 125 14.79 -12.22 9.34
C THR A 125 14.48 -13.55 8.66
N ILE A 126 15.29 -13.87 7.67
CA ILE A 126 15.14 -15.11 6.94
C ILE A 126 15.16 -16.29 7.91
N GLU A 127 16.08 -16.23 8.88
CA GLU A 127 16.19 -17.27 9.88
C GLU A 127 14.87 -17.41 10.63
N LYS A 128 14.22 -16.28 10.88
CA LYS A 128 12.93 -16.30 11.58
C LYS A 128 11.92 -17.06 10.74
N LEU A 129 12.10 -16.99 9.42
CA LEU A 129 11.22 -17.71 8.51
C LEU A 129 11.58 -19.17 8.54
N ALA A 130 12.87 -19.44 8.62
CA ALA A 130 13.39 -20.80 8.68
C ALA A 130 12.61 -21.64 9.68
N LYS A 131 12.12 -20.98 10.73
CA LYS A 131 11.35 -21.66 11.76
C LYS A 131 10.23 -22.49 11.12
N ASN A 132 9.69 -21.98 10.02
CA ASN A 132 8.62 -22.68 9.31
C ASN A 132 9.00 -22.93 7.85
N LYS A 133 9.79 -22.03 7.27
CA LYS A 133 10.22 -22.17 5.88
C LYS A 133 11.65 -21.66 5.69
N GLN A 134 11.79 -20.41 5.18
CA GLN A 134 13.10 -19.76 4.91
C GLN A 134 13.11 -19.14 3.52
N LYS A 135 12.26 -19.64 2.65
CA LYS A 135 12.18 -19.16 1.27
C LYS A 135 11.62 -17.74 1.20
N PRO A 136 12.47 -16.76 0.85
CA PRO A 136 12.05 -15.36 0.73
C PRO A 136 11.37 -15.09 -0.60
N ILE A 137 10.14 -14.59 -0.55
CA ILE A 137 9.39 -14.31 -1.76
C ILE A 137 10.17 -13.39 -2.69
N THR A 138 10.87 -13.98 -3.65
CA THR A 138 11.66 -13.22 -4.60
C THR A 138 10.78 -12.41 -5.54
N PRO A 139 11.32 -11.32 -6.12
CA PRO A 139 10.58 -10.46 -7.04
C PRO A 139 9.89 -11.26 -8.15
N GLU A 140 10.59 -12.26 -8.67
CA GLU A 140 10.04 -13.10 -9.74
C GLU A 140 8.76 -13.78 -9.26
N THR A 141 8.73 -14.14 -7.99
CA THR A 141 7.56 -14.80 -7.41
C THR A 141 6.34 -13.89 -7.46
N ALA A 142 6.54 -12.63 -7.06
CA ALA A 142 5.46 -11.65 -7.06
C ALA A 142 4.83 -11.53 -8.46
N GLU A 143 5.69 -11.39 -9.47
CA GLU A 143 5.22 -11.27 -10.84
C GLU A 143 4.30 -12.43 -11.20
N LYS A 144 4.71 -13.64 -10.81
CA LYS A 144 3.92 -14.83 -11.09
C LYS A 144 2.49 -14.67 -10.58
N LEU A 145 2.34 -14.50 -9.27
CA LEU A 145 1.03 -14.32 -8.67
C LEU A 145 0.35 -13.07 -9.22
N ALA A 146 1.13 -12.02 -9.43
CA ALA A 146 0.61 -10.76 -9.95
C ALA A 146 -0.05 -10.97 -11.32
N ARG A 147 0.67 -11.65 -12.21
CA ARG A 147 0.16 -11.93 -13.55
C ARG A 147 -0.81 -13.10 -13.53
N ASP A 148 -0.66 -13.97 -12.54
CA ASP A 148 -1.52 -15.14 -12.41
C ASP A 148 -2.98 -14.71 -12.32
N LEU A 149 -3.23 -13.63 -11.58
CA LEU A 149 -4.58 -13.12 -11.41
C LEU A 149 -4.74 -11.78 -12.14
N LYS A 150 -3.93 -11.59 -13.18
CA LYS A 150 -3.95 -10.36 -13.99
C LYS A 150 -4.19 -9.13 -13.12
N ALA A 151 -3.32 -8.93 -12.14
CA ALA A 151 -3.46 -7.77 -11.25
C ALA A 151 -3.05 -6.49 -11.95
N VAL A 152 -1.74 -6.24 -11.99
CA VAL A 152 -1.21 -5.04 -12.64
C VAL A 152 0.28 -5.21 -12.94
N LYS A 153 1.10 -5.09 -11.90
CA LYS A 153 2.54 -5.21 -12.03
C LYS A 153 3.21 -5.10 -10.67
N TYR A 154 4.31 -5.83 -10.50
CA TYR A 154 5.06 -5.82 -9.24
C TYR A 154 6.34 -5.01 -9.39
N VAL A 155 6.43 -3.90 -8.69
CA VAL A 155 7.61 -3.05 -8.74
C VAL A 155 8.34 -3.05 -7.40
N GLU A 156 9.63 -2.72 -7.42
CA GLU A 156 10.44 -2.70 -6.21
C GLU A 156 10.54 -1.28 -5.65
N CYS A 157 10.05 -1.10 -4.44
CA CYS A 157 10.08 0.20 -3.77
C CYS A 157 9.89 0.04 -2.27
N SER A 158 10.81 0.60 -1.49
CA SER A 158 10.74 0.50 -0.04
C SER A 158 11.31 1.75 0.64
N ALA A 159 10.83 2.01 1.85
CA ALA A 159 11.29 3.16 2.62
C ALA A 159 12.64 2.86 3.28
N LEU A 160 12.94 1.57 3.44
CA LEU A 160 14.19 1.15 4.04
C LEU A 160 15.38 1.49 3.15
N THR A 161 15.37 0.95 1.94
CA THR A 161 16.46 1.19 0.99
C THR A 161 16.15 2.39 0.10
N GLN A 162 14.87 2.72 -0.03
CA GLN A 162 14.45 3.85 -0.86
C GLN A 162 14.61 3.53 -2.34
N LYS A 163 13.76 2.62 -2.84
CA LYS A 163 13.82 2.22 -4.25
C LYS A 163 12.91 3.10 -5.10
N GLY A 164 12.54 4.28 -4.58
CA GLY A 164 11.67 5.17 -5.32
C GLY A 164 10.37 5.45 -4.60
N LEU A 165 9.78 4.41 -4.02
CA LEU A 165 8.52 4.54 -3.30
C LEU A 165 7.37 4.93 -4.23
N LYS A 166 7.45 6.12 -4.80
CA LYS A 166 6.41 6.61 -5.70
C LYS A 166 6.22 5.68 -6.90
N ASN A 167 7.27 4.95 -7.25
CA ASN A 167 7.21 4.03 -8.40
C ASN A 167 6.03 3.06 -8.24
N VAL A 168 6.15 2.15 -7.30
CA VAL A 168 5.10 1.16 -7.05
C VAL A 168 3.77 1.85 -6.79
N PHE A 169 3.81 2.89 -5.96
CA PHE A 169 2.60 3.62 -5.63
C PHE A 169 2.07 4.38 -6.86
N ASP A 170 2.91 4.54 -7.87
CA ASP A 170 2.52 5.23 -9.10
C ASP A 170 1.74 4.29 -10.02
N GLU A 171 2.17 3.04 -10.08
CA GLU A 171 1.50 2.05 -10.91
C GLU A 171 0.11 1.74 -10.33
N ALA A 172 -0.01 1.89 -9.01
CA ALA A 172 -1.27 1.62 -8.33
C ALA A 172 -2.26 2.76 -8.57
N ILE A 173 -1.77 4.00 -8.50
CA ILE A 173 -2.61 5.16 -8.71
C ILE A 173 -2.80 5.44 -10.20
N LEU A 174 -1.77 5.17 -10.97
CA LEU A 174 -1.81 5.38 -12.42
C LEU A 174 -2.98 4.63 -13.04
N ALA A 175 -3.15 3.38 -12.64
CA ALA A 175 -4.24 2.56 -13.16
C ALA A 175 -5.57 3.28 -13.06
N ALA A 176 -5.65 4.22 -12.12
CA ALA A 176 -6.88 5.00 -11.91
C ALA A 176 -6.94 6.18 -12.86
N LEU A 177 -5.80 6.84 -13.08
CA LEU A 177 -5.72 7.99 -13.96
C LEU A 177 -5.95 7.56 -15.41
N GLU A 178 -5.67 6.28 -15.70
CA GLU A 178 -5.85 5.74 -17.03
C GLU A 178 -5.80 4.22 -17.01
N PRO A 179 -6.67 3.55 -17.77
CA PRO A 179 -6.74 2.08 -17.83
C PRO A 179 -5.50 1.47 -18.49
N PRO A 180 -4.62 0.82 -17.71
CA PRO A 180 -3.40 0.19 -18.22
C PRO A 180 -3.71 -1.05 -19.05
N GLU A 181 -2.71 -1.91 -19.20
CA GLU A 181 -2.85 -3.15 -19.97
C GLU A 181 -2.03 -4.27 -19.36
N PRO A 182 -2.52 -5.52 -19.46
CA PRO A 182 -1.82 -6.68 -18.91
C PRO A 182 -0.65 -7.11 -19.80
N LYS A 183 -0.15 -8.33 -19.55
CA LYS A 183 0.97 -8.86 -20.32
C LYS A 183 0.59 -9.04 -21.79
N LYS A 184 1.59 -9.00 -22.66
CA LYS A 184 1.36 -9.16 -24.09
C LYS A 184 2.39 -10.09 -24.70
N GLY B 1 7.44 15.11 -11.35
CA GLY B 1 6.24 14.29 -11.01
C GLY B 1 6.39 12.85 -11.44
N SER B 2 5.30 12.10 -11.41
CA SER B 2 5.31 10.70 -11.81
C SER B 2 5.41 10.56 -13.32
N GLY B 3 4.33 10.94 -14.01
CA GLY B 3 4.31 10.86 -15.47
C GLY B 3 4.43 9.44 -15.96
N LEU B 4 3.37 8.96 -16.61
CA LEU B 4 3.34 7.61 -17.15
C LEU B 4 2.48 7.53 -18.41
N SER B 5 1.25 8.03 -18.32
CA SER B 5 0.34 8.03 -19.46
C SER B 5 -0.70 9.14 -19.30
N ALA B 6 -1.81 9.01 -20.03
CA ALA B 6 -2.88 10.00 -19.98
C ALA B 6 -2.34 11.39 -20.28
N GLN B 7 -1.94 12.10 -19.22
CA GLN B 7 -1.39 13.44 -19.37
C GLN B 7 -0.09 13.59 -18.58
N ASP B 8 0.38 12.50 -17.98
CA ASP B 8 1.61 12.50 -17.20
C ASP B 8 1.33 13.05 -15.80
N ILE B 9 0.21 12.59 -15.24
CA ILE B 9 -0.21 13.02 -13.91
C ILE B 9 0.77 12.55 -12.83
N SER B 10 0.94 13.37 -11.81
CA SER B 10 1.84 13.07 -10.71
C SER B 10 1.07 12.76 -9.43
N GLN B 11 1.64 11.90 -8.58
CA GLN B 11 1.01 11.53 -7.32
C GLN B 11 1.52 12.43 -6.19
N PRO B 12 2.85 12.50 -6.02
CA PRO B 12 3.48 13.31 -4.99
C PRO B 12 3.94 14.66 -5.53
N LEU B 13 2.99 15.57 -5.76
CA LEU B 13 3.33 16.88 -6.30
C LEU B 13 3.99 17.76 -5.25
N GLN B 14 3.18 18.49 -4.47
CA GLN B 14 3.71 19.37 -3.44
C GLN B 14 3.91 18.61 -2.13
N ASN B 15 3.99 19.36 -1.03
CA ASN B 15 4.17 18.76 0.29
C ASN B 15 3.11 17.70 0.57
N SER B 16 1.99 17.77 -0.13
CA SER B 16 0.90 16.82 0.05
C SER B 16 0.59 16.62 1.54
N PHE B 17 0.83 17.66 2.33
CA PHE B 17 0.58 17.60 3.77
C PHE B 17 0.23 18.99 4.31
N ILE B 18 -1.06 19.30 4.35
CA ILE B 18 -1.53 20.60 4.83
C ILE B 18 -1.97 20.51 6.29
N HIS B 19 -3.08 19.82 6.53
CA HIS B 19 -3.62 19.66 7.88
C HIS B 19 -3.64 18.20 8.30
N THR B 20 -4.29 17.92 9.42
CA THR B 20 -4.38 16.56 9.94
C THR B 20 -5.84 16.10 10.02
N GLY B 21 -6.09 15.09 10.83
CA GLY B 21 -7.43 14.58 10.99
C GLY B 21 -8.01 14.88 12.36
N HIS B 22 -7.85 13.94 13.29
CA HIS B 22 -8.36 14.12 14.65
C HIS B 22 -7.22 14.18 15.66
N GLY B 23 -6.80 13.03 16.16
CA GLY B 23 -5.72 12.99 17.14
C GLY B 23 -5.64 11.66 17.87
N ASP B 24 -4.46 11.03 17.81
CA ASP B 24 -4.24 9.76 18.47
C ASP B 24 -2.84 9.23 18.17
N SER B 25 -1.85 10.11 18.29
CA SER B 25 -0.47 9.75 18.02
C SER B 25 0.31 9.58 19.33
N ASP B 26 0.48 8.33 19.75
CA ASP B 26 1.21 8.04 20.98
C ASP B 26 1.78 6.61 20.95
N PRO B 27 2.72 6.31 21.85
CA PRO B 27 3.34 4.98 21.94
C PRO B 27 2.32 3.89 22.23
N ARG B 28 1.83 3.24 21.18
CA ARG B 28 0.84 2.18 21.32
C ARG B 28 1.50 0.80 21.30
N HIS B 29 2.35 0.57 20.30
CA HIS B 29 3.04 -0.70 20.16
C HIS B 29 4.14 -0.62 19.11
N CYS B 30 3.84 0.04 17.99
CA CYS B 30 4.81 0.19 16.90
C CYS B 30 4.99 -1.13 16.16
N TRP B 31 5.80 -1.11 15.11
CA TRP B 31 6.07 -2.31 14.33
C TRP B 31 6.54 -3.45 15.22
N GLY B 32 5.59 -4.27 15.66
CA GLY B 32 5.91 -5.39 16.53
C GLY B 32 5.64 -6.73 15.86
N PHE B 33 4.36 -6.97 15.53
CA PHE B 33 3.97 -8.22 14.89
C PHE B 33 4.32 -8.20 13.41
N PRO B 34 4.81 -9.33 12.88
CA PRO B 34 5.19 -9.44 11.47
C PRO B 34 4.06 -9.04 10.53
N ASP B 35 4.34 -8.08 9.65
CA ASP B 35 3.34 -7.61 8.70
C ASP B 35 2.24 -6.82 9.41
N ARG B 36 1.99 -5.60 8.93
CA ARG B 36 0.97 -4.74 9.51
C ARG B 36 -0.37 -5.45 9.54
N ILE B 37 -0.94 -5.55 10.73
CA ILE B 37 -2.24 -6.17 10.89
C ILE B 37 -3.20 -5.58 9.85
N ASP B 38 -4.19 -6.35 9.43
CA ASP B 38 -5.15 -5.89 8.42
C ASP B 38 -5.51 -4.42 8.60
N GLU B 39 -4.96 -3.58 7.73
CA GLU B 39 -5.22 -2.14 7.76
C GLU B 39 -6.70 -1.84 7.95
N LEU B 40 -7.55 -2.76 7.51
CA LEU B 40 -9.00 -2.60 7.62
C LEU B 40 -9.38 -2.00 8.98
N TYR B 41 -8.63 -2.38 10.00
CA TYR B 41 -8.87 -1.88 11.36
C TYR B 41 -7.83 -0.84 11.73
N LEU B 42 -6.56 -1.23 11.67
CA LEU B 42 -5.46 -0.34 12.01
C LEU B 42 -5.56 0.10 13.47
N GLY B 43 -4.57 0.86 13.91
CA GLY B 43 -4.57 1.32 15.28
C GLY B 43 -3.61 0.55 16.17
N ASN B 44 -2.33 0.89 16.08
CA ASN B 44 -1.31 0.22 16.87
C ASN B 44 -1.71 0.16 18.35
MG MG C . 0.56 4.01 8.88
PG GNP D . 0.45 1.23 10.54
O1G GNP D . -0.46 0.28 11.21
O2G GNP D . 0.19 2.68 10.73
O3G GNP D . 1.92 0.96 11.14
N3B GNP D . 0.35 0.92 8.90
PB GNP D . 1.65 1.13 7.87
O1B GNP D . 1.23 0.61 6.55
O2B GNP D . 2.05 2.55 7.94
O3A GNP D . 2.94 0.27 8.31
PA GNP D . 4.38 0.17 7.60
O1A GNP D . 5.40 0.73 8.53
O2A GNP D . 4.28 0.71 6.23
O5' GNP D . 4.62 -1.41 7.50
C5' GNP D . 4.68 -2.06 6.23
C4' GNP D . 5.97 -2.84 6.06
O4' GNP D . 5.71 -4.16 5.52
C3' GNP D . 6.92 -2.13 5.11
O3' GNP D . 8.01 -1.53 5.81
C2' GNP D . 7.39 -3.15 4.13
O2' GNP D . 8.76 -3.50 4.37
C1' GNP D . 6.48 -4.35 4.32
N9 GNP D . 5.61 -4.52 3.16
C8 GNP D . 4.35 -4.08 2.99
N7 GNP D . 3.76 -4.32 1.86
C5 GNP D . 4.76 -5.01 1.18
C6 GNP D . 4.75 -5.57 -0.14
O6 GNP D . 3.84 -5.56 -0.97
N1 GNP D . 5.96 -6.21 -0.46
C2 GNP D . 7.05 -6.29 0.40
N2 GNP D . 8.13 -6.94 -0.07
N3 GNP D . 7.07 -5.77 1.64
C4 GNP D . 5.90 -5.15 1.97
HNB3 GNP D . -0.49 0.60 8.53
H5'2 GNP D . 3.84 -2.74 6.13
H5'1 GNP D . 4.61 -1.31 5.45
H4' GNP D . 6.45 -2.96 7.03
H3' GNP D . 6.36 -1.38 4.58
HO3' GNP D . 7.82 -0.60 5.88
H2' GNP D . 7.27 -2.77 3.12
HO2' GNP D . 8.96 -4.25 3.81
H1' GNP D . 7.09 -5.21 4.44
H8 GNP D . 3.84 -3.55 3.79
HN1 GNP D . 6.02 -6.60 -1.36
HN21 GNP D . 8.11 -7.32 -1.00
HN22 GNP D . 8.95 -7.03 0.50
N MET A 1 -8.55 16.03 -16.86
CA MET A 1 -7.43 15.64 -15.97
C MET A 1 -7.51 14.16 -15.57
N GLN A 2 -8.69 13.73 -15.13
CA GLN A 2 -8.88 12.34 -14.71
C GLN A 2 -7.99 12.00 -13.53
N THR A 3 -8.57 11.38 -12.51
CA THR A 3 -7.83 11.01 -11.32
C THR A 3 -8.12 9.57 -10.91
N ILE A 4 -7.81 9.25 -9.65
CA ILE A 4 -8.02 7.89 -9.15
C ILE A 4 -8.21 7.85 -7.63
N LYS A 5 -8.73 6.74 -7.14
CA LYS A 5 -8.96 6.55 -5.71
C LYS A 5 -8.00 5.49 -5.17
N CYS A 6 -7.42 5.76 -4.00
CA CYS A 6 -6.47 4.82 -3.40
C CYS A 6 -7.08 4.14 -2.16
N VAL A 7 -6.82 2.84 -2.05
CA VAL A 7 -7.32 2.05 -0.92
C VAL A 7 -6.37 0.90 -0.63
N VAL A 8 -6.46 0.35 0.57
CA VAL A 8 -5.60 -0.76 0.96
C VAL A 8 -6.33 -1.76 1.84
N VAL A 9 -6.08 -3.06 1.59
CA VAL A 9 -6.71 -4.11 2.36
C VAL A 9 -5.74 -5.27 2.60
N GLY A 10 -5.64 -5.71 3.84
CA GLY A 10 -4.75 -6.81 4.17
C GLY A 10 -3.44 -6.34 4.77
N ASP A 11 -2.36 -6.49 3.99
CA ASP A 11 -1.04 -6.08 4.44
C ASP A 11 -0.77 -4.63 4.09
N GLY A 12 -1.48 -4.12 3.09
CA GLY A 12 -1.30 -2.74 2.67
C GLY A 12 -1.37 -1.77 3.84
N ALA A 13 -0.67 -0.66 3.71
CA ALA A 13 -0.64 0.36 4.76
C ALA A 13 -1.73 1.40 4.53
N VAL A 14 -1.72 2.03 3.36
CA VAL A 14 -2.71 3.05 3.01
C VAL A 14 -2.32 3.75 1.72
N GLY A 15 -1.12 4.33 1.70
CA GLY A 15 -0.66 5.04 0.52
C GLY A 15 -0.58 6.54 0.74
N LYS A 16 -1.24 7.02 1.79
CA LYS A 16 -1.25 8.44 2.10
C LYS A 16 -0.14 8.79 3.09
N THR A 17 -0.08 8.04 4.20
CA THR A 17 0.94 8.30 5.21
C THR A 17 2.14 7.38 5.06
N CYS A 18 1.96 6.09 5.36
CA CYS A 18 3.02 5.08 5.29
C CYS A 18 3.99 5.35 4.13
N LEU A 19 3.54 5.07 2.91
CA LEU A 19 4.37 5.26 1.73
C LEU A 19 5.04 6.62 1.74
N LEU A 20 4.32 7.63 2.19
CA LEU A 20 4.86 8.98 2.26
C LEU A 20 5.80 9.13 3.45
N ILE A 21 5.66 8.24 4.45
CA ILE A 21 6.53 8.29 5.61
C ILE A 21 7.97 8.07 5.17
N SER A 22 8.26 6.85 4.73
CA SER A 22 9.60 6.53 4.27
C SER A 22 10.01 7.47 3.14
N TYR A 23 9.04 7.90 2.33
CA TYR A 23 9.30 8.79 1.22
C TYR A 23 9.96 10.08 1.71
N THR A 24 9.21 10.89 2.45
CA THR A 24 9.73 12.15 2.97
C THR A 24 10.63 11.90 4.18
N THR A 25 10.16 11.04 5.08
CA THR A 25 10.92 10.70 6.27
C THR A 25 11.78 9.46 6.03
N ASN A 26 12.12 8.75 7.10
CA ASN A 26 12.94 7.54 6.99
C ASN A 26 12.71 6.62 8.17
N LYS A 27 11.55 6.74 8.81
CA LYS A 27 11.23 5.92 9.97
C LYS A 27 10.17 4.87 9.63
N PHE A 28 10.62 3.65 9.39
CA PHE A 28 9.72 2.55 9.07
C PHE A 28 9.24 1.89 10.36
N PRO A 29 10.16 1.27 11.12
CA PRO A 29 9.82 0.61 12.38
C PRO A 29 9.75 1.61 13.54
N SER A 30 8.94 2.64 13.37
CA SER A 30 8.78 3.67 14.40
C SER A 30 7.55 3.39 15.24
N GLU A 31 6.39 3.86 14.77
CA GLU A 31 5.15 3.66 15.51
C GLU A 31 3.95 3.56 14.57
N TYR A 32 3.19 2.49 14.74
CA TYR A 32 2.00 2.27 13.92
C TYR A 32 0.76 2.54 14.76
N VAL A 33 0.28 3.78 14.68
CA VAL A 33 -0.91 4.19 15.45
C VAL A 33 -1.47 5.51 14.93
N PRO A 34 -0.70 6.61 15.05
CA PRO A 34 -1.14 7.93 14.60
C PRO A 34 -1.20 8.06 13.08
N THR A 35 -1.96 7.17 12.45
CA THR A 35 -2.10 7.19 11.00
C THR A 35 -3.57 7.36 10.61
N VAL A 36 -4.34 7.98 11.50
CA VAL A 36 -5.76 8.20 11.26
C VAL A 36 -6.01 9.40 10.35
N PHE A 37 -4.95 10.13 10.02
CA PHE A 37 -5.08 11.31 9.16
C PHE A 37 -4.83 10.95 7.70
N ASP A 38 -5.08 9.69 7.35
CA ASP A 38 -4.90 9.23 5.98
C ASP A 38 -5.94 9.84 5.05
N ASN A 39 -7.04 10.33 5.61
CA ASN A 39 -8.11 10.93 4.83
C ASN A 39 -8.03 12.46 4.85
N TYR A 40 -6.91 12.99 5.35
CA TYR A 40 -6.74 14.44 5.42
C TYR A 40 -6.77 15.05 4.03
N ALA A 41 -6.21 16.25 3.89
CA ALA A 41 -6.19 16.94 2.61
C ALA A 41 -4.76 17.16 2.13
N VAL A 42 -4.61 17.33 0.81
CA VAL A 42 -3.29 17.56 0.22
C VAL A 42 -3.38 18.58 -0.91
N THR A 43 -2.57 19.63 -0.84
CA THR A 43 -2.57 20.67 -1.85
C THR A 43 -1.66 20.28 -3.01
N VAL A 44 -2.26 19.88 -4.12
CA VAL A 44 -1.51 19.47 -5.29
C VAL A 44 -2.41 19.42 -6.54
N MET A 45 -1.79 19.50 -7.70
CA MET A 45 -2.52 19.44 -8.96
C MET A 45 -2.14 18.16 -9.71
N ILE A 46 -3.14 17.31 -9.95
CA ILE A 46 -2.90 16.04 -10.64
C ILE A 46 -2.81 16.24 -12.15
N GLY A 47 -1.59 16.55 -12.61
CA GLY A 47 -1.34 16.74 -14.04
C GLY A 47 -2.24 17.77 -14.70
N GLY A 48 -3.49 17.39 -14.96
CA GLY A 48 -4.43 18.28 -15.62
C GLY A 48 -4.63 19.59 -14.87
N GLU A 49 -5.68 19.64 -14.06
CA GLU A 49 -6.01 20.84 -13.30
C GLU A 49 -5.90 20.61 -11.80
N PRO A 50 -5.84 21.69 -11.00
CA PRO A 50 -5.73 21.59 -9.55
C PRO A 50 -6.79 20.67 -8.95
N TYR A 51 -6.38 19.45 -8.65
CA TYR A 51 -7.27 18.46 -8.06
C TYR A 51 -6.49 17.22 -7.65
N THR A 52 -6.51 16.92 -6.36
CA THR A 52 -5.80 15.75 -5.84
C THR A 52 -6.78 14.73 -5.31
N LEU A 53 -6.50 13.46 -5.59
CA LEU A 53 -7.37 12.38 -5.16
C LEU A 53 -7.28 12.16 -3.66
N GLY A 54 -8.35 12.52 -2.94
CA GLY A 54 -8.36 12.35 -1.51
C GLY A 54 -8.22 10.90 -1.12
N LEU A 55 -6.99 10.48 -0.84
CA LEU A 55 -6.71 9.08 -0.47
C LEU A 55 -7.77 8.56 0.49
N PHE A 56 -8.58 7.62 0.01
CA PHE A 56 -9.62 7.03 0.83
C PHE A 56 -9.05 5.91 1.68
N ASP A 57 -8.87 6.18 2.97
CA ASP A 57 -8.31 5.20 3.88
C ASP A 57 -9.15 5.10 5.14
N THR A 58 -8.79 4.15 6.00
CA THR A 58 -9.54 3.93 7.24
C THR A 58 -8.59 3.52 8.38
N ALA A 59 -8.88 4.00 9.58
CA ALA A 59 -8.07 3.67 10.75
C ALA A 59 -8.93 3.44 11.98
N GLY A 60 -8.75 2.28 12.60
CA GLY A 60 -9.53 1.93 13.79
C GLY A 60 -9.06 2.67 15.02
N LEU A 61 -9.23 3.99 15.02
CA LEU A 61 -8.83 4.82 16.15
C LEU A 61 -10.02 5.59 16.71
N GLU A 62 -9.76 6.42 17.72
CA GLU A 62 -10.81 7.21 18.35
C GLU A 62 -11.61 8.00 17.32
N ASP A 63 -10.89 8.64 16.39
CA ASP A 63 -11.53 9.42 15.34
C ASP A 63 -12.62 8.61 14.64
N TYR A 64 -12.36 7.33 14.45
CA TYR A 64 -13.31 6.44 13.79
C TYR A 64 -13.26 5.04 14.38
N ASP A 65 -14.17 4.76 15.31
CA ASP A 65 -14.22 3.46 15.97
C ASP A 65 -15.04 2.47 15.15
N ARG A 66 -16.12 2.95 14.55
CA ARG A 66 -16.99 2.09 13.74
C ARG A 66 -16.66 2.19 12.26
N LEU A 67 -15.62 2.95 11.92
CA LEU A 67 -15.22 3.10 10.53
C LEU A 67 -14.81 1.74 9.93
N ARG A 68 -15.30 1.45 8.74
CA ARG A 68 -14.99 0.20 8.08
C ARG A 68 -15.57 0.15 6.66
N PRO A 69 -15.16 1.09 5.79
CA PRO A 69 -15.64 1.16 4.42
C PRO A 69 -15.05 0.04 3.55
N LEU A 70 -13.90 -0.46 3.98
CA LEU A 70 -13.22 -1.53 3.25
C LEU A 70 -14.11 -2.77 3.13
N SER A 71 -15.11 -2.87 3.99
CA SER A 71 -16.02 -4.01 3.97
C SER A 71 -16.58 -4.24 2.57
N TYR A 72 -16.94 -3.16 1.88
CA TYR A 72 -17.49 -3.27 0.54
C TYR A 72 -17.39 -1.93 -0.19
N PRO A 73 -16.17 -1.51 -0.55
CA PRO A 73 -15.94 -0.25 -1.26
C PRO A 73 -16.33 -0.33 -2.73
N GLN A 74 -16.76 0.79 -3.29
CA GLN A 74 -17.15 0.84 -4.69
C GLN A 74 -16.06 1.46 -5.57
N THR A 75 -14.87 1.65 -4.99
CA THR A 75 -13.75 2.22 -5.73
C THR A 75 -13.57 1.53 -7.08
N ASP A 76 -12.64 2.02 -7.88
CA ASP A 76 -12.37 1.45 -9.20
C ASP A 76 -11.03 0.73 -9.22
N VAL A 77 -10.13 1.12 -8.32
CA VAL A 77 -8.81 0.50 -8.24
C VAL A 77 -8.44 0.17 -6.79
N PHE A 78 -7.75 -0.95 -6.61
CA PHE A 78 -7.33 -1.38 -5.28
C PHE A 78 -5.82 -1.63 -5.26
N LEU A 79 -5.29 -1.92 -4.07
CA LEU A 79 -3.86 -2.18 -3.93
C LEU A 79 -3.60 -3.21 -2.83
N VAL A 80 -3.18 -4.40 -3.25
CA VAL A 80 -2.88 -5.48 -2.32
C VAL A 80 -1.38 -5.57 -2.05
N CYS A 81 -0.98 -5.30 -0.82
CA CYS A 81 0.43 -5.34 -0.45
C CYS A 81 0.76 -6.55 0.43
N PHE A 82 2.05 -6.80 0.61
CA PHE A 82 2.52 -7.91 1.43
C PHE A 82 4.02 -7.81 1.66
N SER A 83 4.45 -8.04 2.89
CA SER A 83 5.85 -7.95 3.25
C SER A 83 6.60 -9.24 2.91
N VAL A 84 7.83 -9.09 2.42
CA VAL A 84 8.66 -10.24 2.06
C VAL A 84 8.85 -11.18 3.23
N VAL A 85 8.87 -10.63 4.44
CA VAL A 85 9.03 -11.43 5.65
C VAL A 85 7.71 -12.11 5.99
N SER A 86 7.70 -13.44 5.97
CA SER A 86 6.48 -14.18 6.27
C SER A 86 6.76 -15.55 6.87
N PRO A 87 5.93 -15.99 7.83
CA PRO A 87 6.07 -17.28 8.48
C PRO A 87 5.24 -18.36 7.78
N SER A 88 5.44 -18.50 6.48
CA SER A 88 4.71 -19.47 5.66
C SER A 88 3.25 -19.04 5.49
N SER A 89 2.97 -17.75 5.71
CA SER A 89 1.62 -17.23 5.58
C SER A 89 1.40 -16.60 4.20
N PHE A 90 2.51 -16.21 3.55
CA PHE A 90 2.43 -15.58 2.23
C PHE A 90 1.51 -16.38 1.30
N GLU A 91 1.84 -17.64 1.09
CA GLU A 91 1.04 -18.50 0.22
C GLU A 91 -0.44 -18.42 0.58
N ASN A 92 -0.72 -18.36 1.88
CA ASN A 92 -2.09 -18.27 2.36
C ASN A 92 -2.68 -16.89 2.09
N VAL A 93 -1.88 -15.87 2.35
CA VAL A 93 -2.30 -14.48 2.13
C VAL A 93 -2.90 -14.31 0.73
N LYS A 94 -2.07 -14.51 -0.28
CA LYS A 94 -2.52 -14.37 -1.66
C LYS A 94 -3.68 -15.32 -1.96
N GLU A 95 -3.60 -16.53 -1.41
CA GLU A 95 -4.64 -17.53 -1.62
C GLU A 95 -5.96 -17.08 -0.98
N LYS A 96 -5.86 -16.24 0.04
CA LYS A 96 -7.04 -15.74 0.74
C LYS A 96 -7.41 -14.35 0.27
N TRP A 97 -6.43 -13.62 -0.26
CA TRP A 97 -6.65 -12.26 -0.74
C TRP A 97 -7.54 -12.26 -1.97
N VAL A 98 -7.11 -12.97 -3.03
CA VAL A 98 -7.88 -13.05 -4.26
C VAL A 98 -9.36 -13.31 -4.00
N PRO A 99 -9.69 -14.38 -3.24
CA PRO A 99 -11.09 -14.72 -2.93
C PRO A 99 -11.75 -13.69 -2.01
N GLU A 100 -10.94 -12.83 -1.39
CA GLU A 100 -11.46 -11.82 -0.49
C GLU A 100 -11.84 -10.55 -1.25
N ILE A 101 -11.08 -10.24 -2.29
CA ILE A 101 -11.34 -9.06 -3.09
C ILE A 101 -12.49 -9.29 -4.08
N THR A 102 -12.60 -10.53 -4.55
CA THR A 102 -13.65 -10.89 -5.49
C THR A 102 -14.95 -11.24 -4.77
N HIS A 103 -14.84 -11.60 -3.50
CA HIS A 103 -16.01 -11.95 -2.69
C HIS A 103 -16.62 -10.72 -2.05
N HIS A 104 -15.79 -9.94 -1.36
CA HIS A 104 -16.25 -8.72 -0.70
C HIS A 104 -16.38 -7.57 -1.68
N CYS A 105 -15.56 -7.59 -2.72
CA CYS A 105 -15.58 -6.54 -3.73
C CYS A 105 -15.96 -7.11 -5.10
N PRO A 106 -16.66 -6.31 -5.93
CA PRO A 106 -17.07 -6.73 -7.27
C PRO A 106 -15.90 -6.86 -8.23
N LYS A 107 -14.96 -7.73 -7.89
CA LYS A 107 -13.79 -7.94 -8.73
C LYS A 107 -13.00 -6.64 -8.91
N THR A 108 -12.41 -6.17 -7.83
CA THR A 108 -11.61 -4.94 -7.86
C THR A 108 -10.15 -5.25 -8.17
N PRO A 109 -9.46 -4.33 -8.88
CA PRO A 109 -8.05 -4.52 -9.23
C PRO A 109 -7.16 -4.62 -8.00
N PHE A 110 -5.90 -5.01 -8.23
CA PHE A 110 -4.95 -5.16 -7.15
C PHE A 110 -3.52 -5.17 -7.68
N LEU A 111 -2.64 -4.42 -7.02
CA LEU A 111 -1.24 -4.35 -7.43
C LEU A 111 -0.32 -4.81 -6.31
N LEU A 112 0.86 -5.29 -6.70
CA LEU A 112 1.84 -5.76 -5.73
C LEU A 112 2.91 -4.71 -5.47
N VAL A 113 3.28 -4.54 -4.20
CA VAL A 113 4.28 -3.56 -3.82
C VAL A 113 5.46 -4.22 -3.12
N GLY A 114 6.65 -3.66 -3.31
CA GLY A 114 7.84 -4.19 -2.69
C GLY A 114 8.64 -3.12 -1.98
N THR A 115 8.61 -3.14 -0.65
CA THR A 115 9.32 -2.14 0.14
C THR A 115 10.27 -2.82 1.13
N GLN A 116 9.79 -3.90 1.74
CA GLN A 116 10.59 -4.65 2.69
C GLN A 116 11.61 -5.55 1.98
N ILE A 117 11.64 -5.47 0.65
CA ILE A 117 12.56 -6.28 -0.15
C ILE A 117 13.98 -6.22 0.42
N ASP A 118 14.30 -5.14 1.12
CA ASP A 118 15.62 -4.97 1.70
C ASP A 118 15.80 -5.82 2.94
N LEU A 119 14.70 -6.15 3.60
CA LEU A 119 14.74 -6.96 4.81
C LEU A 119 14.78 -8.46 4.48
N ARG A 120 14.25 -8.80 3.30
CA ARG A 120 14.25 -10.20 2.87
C ARG A 120 15.63 -10.82 3.00
N ASP A 121 16.65 -9.96 2.95
CA ASP A 121 18.03 -10.42 3.07
C ASP A 121 18.45 -10.47 4.53
N ASP A 122 17.80 -9.65 5.36
CA ASP A 122 18.12 -9.60 6.78
C ASP A 122 17.85 -10.95 7.44
N PRO A 123 18.91 -11.65 7.89
CA PRO A 123 18.78 -12.96 8.53
C PRO A 123 18.08 -12.89 9.89
N SER A 124 17.81 -11.69 10.37
CA SER A 124 17.14 -11.51 11.65
C SER A 124 15.65 -11.77 11.50
N THR A 125 14.97 -10.89 10.78
CA THR A 125 13.55 -11.06 10.56
C THR A 125 13.29 -12.41 9.92
N ILE A 126 14.21 -12.83 9.07
CA ILE A 126 14.11 -14.11 8.39
C ILE A 126 14.01 -15.22 9.43
N GLU A 127 14.85 -15.13 10.45
CA GLU A 127 14.84 -16.11 11.52
C GLU A 127 13.45 -16.20 12.12
N LYS A 128 12.77 -15.06 12.22
CA LYS A 128 11.42 -15.05 12.74
C LYS A 128 10.52 -15.85 11.81
N LEU A 129 10.85 -15.83 10.54
CA LEU A 129 10.11 -16.59 9.55
C LEU A 129 10.45 -18.06 9.71
N ALA A 130 11.73 -18.32 9.91
CA ALA A 130 12.23 -19.67 10.09
C ALA A 130 11.37 -20.44 11.09
N LYS A 131 10.78 -19.70 12.02
CA LYS A 131 9.93 -20.33 13.02
C LYS A 131 8.80 -21.12 12.36
N ASN A 132 8.32 -20.64 11.22
CA ASN A 132 7.24 -21.31 10.51
C ASN A 132 7.61 -21.64 9.06
N LYS A 133 8.45 -20.81 8.44
CA LYS A 133 8.84 -21.04 7.05
C LYS A 133 10.35 -20.80 6.85
N GLN A 134 10.73 -19.51 6.81
CA GLN A 134 12.14 -19.07 6.61
C GLN A 134 12.31 -18.38 5.26
N LYS A 135 11.75 -19.00 4.22
CA LYS A 135 11.85 -18.46 2.86
C LYS A 135 11.04 -17.18 2.70
N PRO A 136 11.73 -16.02 2.52
CA PRO A 136 11.06 -14.74 2.33
C PRO A 136 10.43 -14.65 0.95
N ILE A 137 9.97 -13.46 0.58
CA ILE A 137 9.35 -13.27 -0.72
C ILE A 137 10.19 -12.35 -1.60
N THR A 138 11.00 -12.95 -2.47
CA THR A 138 11.86 -12.19 -3.37
C THR A 138 11.04 -11.43 -4.39
N PRO A 139 11.60 -10.33 -4.95
CA PRO A 139 10.91 -9.51 -5.94
C PRO A 139 10.38 -10.34 -7.10
N GLU A 140 11.15 -11.35 -7.51
CA GLU A 140 10.75 -12.21 -8.62
C GLU A 140 9.51 -13.02 -8.23
N THR A 141 9.33 -13.23 -6.94
CA THR A 141 8.18 -13.98 -6.43
C THR A 141 6.89 -13.17 -6.58
N ALA A 142 6.94 -11.91 -6.16
CA ALA A 142 5.79 -11.03 -6.25
C ALA A 142 5.26 -10.96 -7.68
N GLU A 143 6.19 -10.94 -8.64
CA GLU A 143 5.83 -10.87 -10.05
C GLU A 143 5.17 -12.17 -10.50
N LYS A 144 5.71 -13.30 -10.04
CA LYS A 144 5.17 -14.60 -10.40
C LYS A 144 3.67 -14.67 -10.08
N LEU A 145 3.34 -14.51 -8.81
CA LEU A 145 1.94 -14.54 -8.38
C LEU A 145 1.17 -13.37 -8.96
N ALA A 146 1.81 -12.20 -8.98
CA ALA A 146 1.17 -10.99 -9.50
C ALA A 146 0.55 -11.26 -10.87
N ARG A 147 1.33 -11.85 -11.77
CA ARG A 147 0.85 -12.16 -13.10
C ARG A 147 -0.01 -13.43 -13.09
N ASP A 148 0.21 -14.27 -12.09
CA ASP A 148 -0.55 -15.51 -11.95
C ASP A 148 -2.05 -15.26 -12.07
N LEU A 149 -2.48 -14.10 -11.57
CA LEU A 149 -3.89 -13.73 -11.62
C LEU A 149 -4.07 -12.41 -12.36
N LYS A 150 -3.09 -12.06 -13.20
CA LYS A 150 -3.15 -10.82 -13.98
C LYS A 150 -3.53 -9.64 -13.09
N ALA A 151 -2.75 -9.40 -12.05
CA ALA A 151 -3.02 -8.30 -11.13
C ALA A 151 -2.74 -6.95 -11.79
N VAL A 152 -1.47 -6.56 -11.78
CA VAL A 152 -1.07 -5.29 -12.39
C VAL A 152 0.44 -5.28 -12.66
N LYS A 153 1.22 -5.15 -11.59
CA LYS A 153 2.67 -5.10 -11.70
C LYS A 153 3.31 -4.92 -10.32
N TYR A 154 4.48 -5.52 -10.15
CA TYR A 154 5.21 -5.42 -8.89
C TYR A 154 6.50 -4.62 -9.07
N VAL A 155 6.48 -3.37 -8.61
CA VAL A 155 7.64 -2.50 -8.73
C VAL A 155 8.37 -2.38 -7.40
N GLU A 156 9.46 -1.61 -7.38
CA GLU A 156 10.25 -1.43 -6.16
C GLU A 156 9.72 -0.25 -5.35
N CYS A 157 9.91 -0.33 -4.03
CA CYS A 157 9.46 0.72 -3.13
C CYS A 157 10.59 1.16 -2.20
N SER A 158 10.36 2.25 -1.49
CA SER A 158 11.37 2.79 -0.57
C SER A 158 10.96 2.55 0.88
N ALA A 159 11.96 2.42 1.75
CA ALA A 159 11.73 2.18 3.17
C ALA A 159 13.05 1.91 3.89
N LEU A 160 13.97 1.26 3.20
CA LEU A 160 15.27 0.93 3.76
C LEU A 160 16.40 1.33 2.81
N THR A 161 16.22 1.02 1.53
CA THR A 161 17.20 1.34 0.52
C THR A 161 16.81 2.60 -0.26
N GLN A 162 15.51 2.92 -0.23
CA GLN A 162 15.01 4.10 -0.93
C GLN A 162 14.99 3.88 -2.44
N LYS A 163 14.00 3.13 -2.92
CA LYS A 163 13.88 2.85 -4.34
C LYS A 163 12.90 3.80 -5.03
N GLY A 164 12.47 4.84 -4.31
CA GLY A 164 11.55 5.81 -4.89
C GLY A 164 10.21 5.85 -4.18
N LEU A 165 9.59 4.68 -3.99
CA LEU A 165 8.29 4.59 -3.34
C LEU A 165 7.17 4.94 -4.30
N LYS A 166 7.24 6.13 -4.87
CA LYS A 166 6.24 6.59 -5.83
C LYS A 166 6.11 5.61 -6.99
N ASN A 167 7.16 4.81 -7.21
CA ASN A 167 7.16 3.82 -8.28
C ASN A 167 5.96 2.89 -8.18
N VAL A 168 5.98 2.00 -7.20
CA VAL A 168 4.90 1.06 -6.99
C VAL A 168 3.58 1.79 -6.78
N PHE A 169 3.63 2.87 -6.01
CA PHE A 169 2.44 3.66 -5.73
C PHE A 169 1.87 4.27 -7.01
N ASP A 170 2.76 4.63 -7.92
CA ASP A 170 2.36 5.22 -9.19
C ASP A 170 1.78 4.15 -10.13
N GLU A 171 2.18 2.90 -9.90
CA GLU A 171 1.70 1.79 -10.72
C GLU A 171 0.32 1.36 -10.26
N ALA A 172 0.06 1.47 -8.97
CA ALA A 172 -1.23 1.10 -8.40
C ALA A 172 -2.30 2.13 -8.77
N ILE A 173 -1.89 3.40 -8.83
CA ILE A 173 -2.79 4.49 -9.17
C ILE A 173 -2.95 4.61 -10.68
N LEU A 174 -1.87 4.29 -11.40
CA LEU A 174 -1.87 4.35 -12.85
C LEU A 174 -3.02 3.54 -13.45
N ALA A 175 -3.18 2.31 -12.96
CA ALA A 175 -4.23 1.43 -13.45
C ALA A 175 -5.57 2.15 -13.50
N ALA A 176 -5.73 3.16 -12.65
CA ALA A 176 -6.95 3.94 -12.60
C ALA A 176 -6.85 5.18 -13.47
N LEU A 177 -5.67 5.79 -13.50
CA LEU A 177 -5.46 6.99 -14.31
C LEU A 177 -5.50 6.66 -15.80
N GLU A 178 -5.22 5.40 -16.12
CA GLU A 178 -5.23 4.94 -17.51
C GLU A 178 -5.37 3.42 -17.58
N PRO A 179 -6.32 2.91 -18.37
CA PRO A 179 -6.54 1.46 -18.51
C PRO A 179 -5.27 0.72 -18.93
N PRO A 180 -4.64 -0.02 -17.99
CA PRO A 180 -3.41 -0.77 -18.28
C PRO A 180 -3.69 -2.04 -19.10
N GLU A 181 -2.62 -2.74 -19.47
CA GLU A 181 -2.74 -3.96 -20.26
C GLU A 181 -1.77 -5.02 -19.76
N PRO A 182 -2.20 -6.29 -19.75
CA PRO A 182 -1.36 -7.41 -19.31
C PRO A 182 -0.33 -7.80 -20.36
N LYS A 183 0.27 -8.98 -20.18
CA LYS A 183 1.28 -9.48 -21.11
C LYS A 183 0.70 -9.65 -22.51
N LYS A 184 1.56 -9.98 -23.47
CA LYS A 184 1.13 -10.18 -24.85
C LYS A 184 0.33 -8.99 -25.35
N GLY B 1 5.80 15.96 -14.35
CA GLY B 1 5.61 15.25 -13.05
C GLY B 1 6.00 13.78 -13.14
N SER B 2 5.00 12.91 -13.09
CA SER B 2 5.24 11.47 -13.16
C SER B 2 5.27 11.00 -14.60
N GLY B 3 4.10 10.79 -15.19
CA GLY B 3 4.03 10.33 -16.57
C GLY B 3 3.70 8.86 -16.66
N LEU B 4 2.52 8.54 -17.18
CA LEU B 4 2.11 7.16 -17.30
C LEU B 4 1.40 6.89 -18.62
N SER B 5 0.54 7.82 -19.04
CA SER B 5 -0.20 7.67 -20.30
C SER B 5 -1.40 8.60 -20.34
N ALA B 6 -2.14 8.66 -19.24
CA ALA B 6 -3.32 9.52 -19.11
C ALA B 6 -3.10 10.85 -19.81
N GLN B 7 -1.86 11.31 -19.74
CA GLN B 7 -1.45 12.56 -20.35
C GLN B 7 -0.10 12.95 -19.79
N ASP B 8 0.05 12.67 -18.49
CA ASP B 8 1.27 12.95 -17.72
C ASP B 8 0.91 13.26 -16.28
N ILE B 9 0.00 12.46 -15.73
CA ILE B 9 -0.46 12.65 -14.36
C ILE B 9 0.72 12.66 -13.38
N SER B 10 0.71 13.63 -12.47
CA SER B 10 1.76 13.76 -11.47
C SER B 10 1.24 13.41 -10.08
N GLN B 11 2.00 12.62 -9.34
CA GLN B 11 1.60 12.22 -8.00
C GLN B 11 2.31 13.07 -6.94
N PRO B 12 3.64 13.14 -6.98
CA PRO B 12 4.43 13.91 -6.04
C PRO B 12 4.76 15.32 -6.55
N LEU B 13 3.78 16.22 -6.47
CA LEU B 13 3.99 17.59 -6.92
C LEU B 13 4.52 18.47 -5.81
N GLN B 14 3.63 19.09 -5.04
CA GLN B 14 4.04 19.96 -3.95
C GLN B 14 4.10 19.20 -2.63
N ASN B 15 4.74 18.03 -2.66
CA ASN B 15 4.90 17.18 -1.48
C ASN B 15 3.62 16.39 -1.15
N SER B 16 2.46 17.01 -1.32
CA SER B 16 1.18 16.35 -1.04
C SER B 16 1.08 15.93 0.42
N PHE B 17 1.27 16.89 1.33
CA PHE B 17 1.19 16.61 2.76
C PHE B 17 1.04 17.90 3.55
N ILE B 18 -0.21 18.29 3.83
CA ILE B 18 -0.48 19.51 4.58
C ILE B 18 -0.09 19.35 6.04
N HIS B 19 -0.84 18.51 6.76
CA HIS B 19 -0.58 18.26 8.17
C HIS B 19 -1.23 16.97 8.63
N THR B 20 -1.23 16.74 9.94
CA THR B 20 -1.82 15.53 10.51
C THR B 20 -3.34 15.63 10.55
N GLY B 21 -3.96 14.70 11.26
CA GLY B 21 -5.41 14.70 11.38
C GLY B 21 -5.88 14.79 12.81
N HIS B 22 -5.76 13.69 13.55
CA HIS B 22 -6.17 13.66 14.95
C HIS B 22 -5.95 12.26 15.55
N GLY B 23 -6.95 11.39 15.42
CA GLY B 23 -6.84 10.05 15.96
C GLY B 23 -6.30 10.02 17.38
N ASP B 24 -5.43 9.06 17.65
CA ASP B 24 -4.83 8.92 18.97
C ASP B 24 -3.35 8.61 18.87
N SER B 25 -2.54 9.64 18.70
CA SER B 25 -1.10 9.46 18.59
C SER B 25 -0.50 9.10 19.93
N ASP B 26 -0.31 7.81 20.16
CA ASP B 26 0.26 7.33 21.41
C ASP B 26 1.11 6.08 21.18
N PRO B 27 2.24 5.95 21.91
CA PRO B 27 3.14 4.81 21.78
C PRO B 27 2.57 3.56 22.43
N ARG B 28 2.10 2.63 21.60
CA ARG B 28 1.52 1.39 22.10
C ARG B 28 2.52 0.23 22.01
N HIS B 29 3.04 -0.01 20.82
CA HIS B 29 4.00 -1.08 20.61
C HIS B 29 5.24 -0.60 19.85
N CYS B 30 5.03 0.30 18.89
CA CYS B 30 6.13 0.82 18.08
C CYS B 30 6.54 -0.16 17.00
N TRP B 31 5.58 -0.98 16.56
CA TRP B 31 5.84 -1.97 15.53
C TRP B 31 6.92 -2.95 15.96
N GLY B 32 6.50 -4.15 16.37
CA GLY B 32 7.45 -5.16 16.80
C GLY B 32 7.47 -6.36 15.87
N PHE B 33 6.38 -6.57 15.16
CA PHE B 33 6.27 -7.68 14.22
C PHE B 33 5.71 -7.22 12.88
N PRO B 34 6.35 -7.59 11.77
CA PRO B 34 5.90 -7.20 10.43
C PRO B 34 4.44 -7.58 10.17
N ASP B 35 4.01 -7.45 8.91
CA ASP B 35 2.65 -7.79 8.53
C ASP B 35 1.65 -6.82 9.15
N ARG B 36 0.89 -6.14 8.30
CA ARG B 36 -0.10 -5.17 8.77
C ARG B 36 -1.51 -5.71 8.62
N ILE B 37 -2.45 -4.89 9.01
CA ILE B 37 -3.85 -5.24 8.93
C ILE B 37 -4.57 -4.32 7.95
N ASP B 38 -5.83 -4.59 7.69
CA ASP B 38 -6.59 -3.76 6.78
C ASP B 38 -6.85 -2.39 7.40
N GLU B 39 -7.21 -1.42 6.56
CA GLU B 39 -7.48 -0.06 7.01
C GLU B 39 -8.26 -0.03 8.31
N LEU B 40 -9.34 -0.81 8.37
CA LEU B 40 -10.18 -0.90 9.57
C LEU B 40 -9.36 -0.95 10.84
N TYR B 41 -8.64 -2.05 11.02
CA TYR B 41 -7.83 -2.26 12.21
C TYR B 41 -6.44 -1.62 12.06
N LEU B 42 -6.25 -0.83 11.00
CA LEU B 42 -4.96 -0.18 10.77
C LEU B 42 -4.40 0.44 12.05
N GLY B 43 -5.29 0.82 12.95
CA GLY B 43 -4.87 1.42 14.21
C GLY B 43 -4.25 0.41 15.15
N ASN B 44 -3.00 0.04 14.89
CA ASN B 44 -2.29 -0.93 15.72
C ASN B 44 -3.04 -2.25 15.79
MG MG C . 0.96 5.47 8.72
PG GNP D . 0.93 3.36 10.93
O1G GNP D . 0.86 4.39 12.00
O2G GNP D . 0.13 3.56 9.71
O3G GNP D . 0.42 1.98 11.58
N3B GNP D . 2.53 3.28 10.45
PB GNP D . 3.00 3.24 8.85
O1B GNP D . 2.04 2.38 8.13
O2B GNP D . 3.13 4.65 8.40
O3A GNP D . 4.45 2.56 8.64
PA GNP D . 5.37 2.43 7.32
O1A GNP D . 4.98 3.51 6.38
O2A GNP D . 6.78 2.30 7.75
O5' GNP D . 4.89 1.03 6.69
C5' GNP D . 5.58 0.45 5.58
C4' GNP D . 6.12 -0.94 5.91
O4' GNP D . 5.15 -1.95 5.57
C3' GNP D . 7.39 -1.22 5.12
O3' GNP D . 8.54 -1.21 5.97
C2' GNP D . 7.20 -2.56 4.46
O2' GNP D . 8.14 -3.51 4.97
C1' GNP D . 5.78 -2.98 4.77
N9 GNP D . 5.02 -3.21 3.52
C8 GNP D . 3.80 -2.75 3.15
N7 GNP D . 3.36 -3.09 1.98
C5 GNP D . 4.40 -3.88 1.50
C6 GNP D . 4.54 -4.57 0.25
O6 GNP D . 3.73 -4.62 -0.67
N1 GNP D . 5.76 -5.27 0.16
C2 GNP D . 6.73 -5.29 1.15
N2 GNP D . 7.83 -6.01 0.88
N3 GNP D . 6.61 -4.65 2.33
C4 GNP D . 5.43 -3.96 2.43
HNB3 GNP D . 3.22 3.26 11.14
H5'2 GNP D . 6.42 1.10 5.31
H5'1 GNP D . 4.91 0.38 4.73
H4' GNP D . 6.34 -1.00 6.97
H3' GNP D . 7.48 -0.48 4.34
HO3' GNP D . 9.24 -0.76 5.50
H2' GNP D . 7.32 -2.45 3.39
HO2' GNP D . 8.93 -3.43 4.44
H1' GNP D . 5.82 -3.88 5.33
H8 GNP D . 3.22 -2.11 3.81
HN1 GNP D . 5.91 -5.75 -0.68
HN21 GNP D . 7.90 -6.50 -0.01
HN22 GNP D . 8.57 -6.07 1.56
N MET A 1 -7.49 16.73 -16.82
CA MET A 1 -6.87 15.97 -15.70
C MET A 1 -7.69 14.73 -15.35
N GLN A 2 -7.09 13.86 -14.55
CA GLN A 2 -7.76 12.63 -14.11
C GLN A 2 -7.69 12.49 -12.61
N THR A 3 -8.78 12.01 -12.02
CA THR A 3 -8.84 11.82 -10.58
C THR A 3 -8.45 10.40 -10.20
N ILE A 4 -8.24 10.18 -8.91
CA ILE A 4 -7.85 8.86 -8.43
C ILE A 4 -8.34 8.62 -6.99
N LYS A 5 -8.51 7.35 -6.65
CA LYS A 5 -8.97 6.96 -5.31
C LYS A 5 -7.94 6.06 -4.64
N CYS A 6 -7.28 6.57 -3.62
CA CYS A 6 -6.26 5.81 -2.91
C CYS A 6 -6.85 5.07 -1.72
N VAL A 7 -6.96 3.75 -1.85
CA VAL A 7 -7.49 2.91 -0.79
C VAL A 7 -6.67 1.63 -0.66
N VAL A 8 -5.98 1.48 0.46
CA VAL A 8 -5.15 0.32 0.69
C VAL A 8 -5.95 -0.83 1.31
N VAL A 9 -5.52 -2.04 1.00
CA VAL A 9 -6.15 -3.25 1.52
C VAL A 9 -5.15 -4.39 1.52
N GLY A 10 -5.05 -5.08 2.66
CA GLY A 10 -4.11 -6.17 2.76
C GLY A 10 -3.61 -6.39 4.17
N ASP A 11 -3.33 -7.65 4.51
CA ASP A 11 -2.84 -7.98 5.84
C ASP A 11 -1.54 -7.21 6.14
N GLY A 12 -0.67 -7.14 5.14
CA GLY A 12 0.59 -6.43 5.31
C GLY A 12 0.40 -4.97 5.65
N ALA A 13 1.34 -4.14 5.23
CA ALA A 13 1.29 -2.71 5.50
C ALA A 13 0.87 -1.91 4.27
N VAL A 14 1.60 -2.08 3.18
CA VAL A 14 1.33 -1.35 1.93
C VAL A 14 1.99 0.01 1.98
N GLY A 15 1.74 0.75 3.06
CA GLY A 15 2.35 2.06 3.21
C GLY A 15 1.49 3.17 2.65
N LYS A 16 0.18 2.95 2.57
CA LYS A 16 -0.75 3.96 2.04
C LYS A 16 -0.34 5.36 2.48
N THR A 17 0.02 5.48 3.76
CA THR A 17 0.46 6.75 4.32
C THR A 17 2.00 6.81 4.35
N CYS A 18 2.59 5.88 5.09
CA CYS A 18 4.04 5.80 5.23
C CYS A 18 4.76 5.93 3.89
N LEU A 19 4.13 5.43 2.83
CA LEU A 19 4.73 5.48 1.49
C LEU A 19 5.33 6.85 1.19
N LEU A 20 4.46 7.83 0.97
CA LEU A 20 4.91 9.18 0.66
C LEU A 20 5.66 9.78 1.84
N ILE A 21 5.39 9.28 3.04
CA ILE A 21 6.06 9.77 4.23
C ILE A 21 7.56 9.55 4.15
N SER A 22 7.96 8.28 4.23
CA SER A 22 9.37 7.94 4.18
C SER A 22 10.04 8.56 2.95
N TYR A 23 9.29 8.65 1.86
CA TYR A 23 9.82 9.22 0.63
C TYR A 23 10.35 10.63 0.87
N THR A 24 9.59 11.43 1.59
CA THR A 24 9.98 12.81 1.87
C THR A 24 10.55 12.95 3.28
N THR A 25 9.72 12.70 4.28
CA THR A 25 10.13 12.80 5.68
C THR A 25 11.17 11.74 6.04
N ASN A 26 11.01 10.56 5.48
CA ASN A 26 11.92 9.44 5.75
C ASN A 26 11.80 8.99 7.20
N LYS A 27 10.60 8.62 7.61
CA LYS A 27 10.37 8.15 8.97
C LYS A 27 9.54 6.88 8.98
N PHE A 28 10.22 5.75 8.79
CA PHE A 28 9.56 4.45 8.77
C PHE A 28 9.56 3.81 10.18
N PRO A 29 10.70 3.84 10.89
CA PRO A 29 10.82 3.26 12.22
C PRO A 29 10.61 4.28 13.33
N SER A 30 9.36 4.43 13.76
CA SER A 30 9.04 5.37 14.83
C SER A 30 7.82 4.89 15.62
N GLU A 31 6.63 5.29 15.19
CA GLU A 31 5.40 4.89 15.87
C GLU A 31 4.21 5.02 14.92
N TYR A 32 3.45 3.94 14.77
CA TYR A 32 2.29 3.94 13.88
C TYR A 32 0.99 3.85 14.68
N VAL A 33 0.14 4.85 14.48
CA VAL A 33 -1.15 4.91 15.17
C VAL A 33 -2.06 5.94 14.51
N PRO A 34 -1.67 7.22 14.57
CA PRO A 34 -2.46 8.31 13.97
C PRO A 34 -2.44 8.27 12.44
N THR A 35 -2.88 7.15 11.88
CA THR A 35 -2.92 7.00 10.43
C THR A 35 -4.23 7.54 9.87
N VAL A 36 -5.01 8.23 10.71
CA VAL A 36 -6.29 8.80 10.29
C VAL A 36 -6.07 10.05 9.45
N PHE A 37 -4.98 10.75 9.71
CA PHE A 37 -4.65 11.97 8.98
C PHE A 37 -4.71 11.74 7.47
N ASP A 38 -4.52 10.48 7.07
CA ASP A 38 -4.55 10.13 5.65
C ASP A 38 -5.80 10.68 4.98
N ASN A 39 -6.87 10.83 5.76
CA ASN A 39 -8.13 11.35 5.23
C ASN A 39 -8.18 12.87 5.33
N TYR A 40 -7.03 13.50 5.57
CA TYR A 40 -6.95 14.95 5.67
C TYR A 40 -7.14 15.61 4.30
N ALA A 41 -6.88 16.91 4.24
CA ALA A 41 -7.03 17.66 2.99
C ALA A 41 -5.68 18.12 2.47
N VAL A 42 -5.32 17.68 1.27
CA VAL A 42 -4.06 18.06 0.65
C VAL A 42 -4.29 18.74 -0.70
N THR A 43 -3.82 19.97 -0.83
CA THR A 43 -3.96 20.71 -2.07
C THR A 43 -2.65 20.77 -2.85
N VAL A 44 -2.71 20.40 -4.12
CA VAL A 44 -1.53 20.41 -4.98
C VAL A 44 -1.92 20.33 -6.46
N MET A 45 -0.94 20.27 -7.34
CA MET A 45 -1.18 20.19 -8.77
C MET A 45 -1.01 18.76 -9.28
N ILE A 46 -2.12 18.03 -9.39
CA ILE A 46 -2.09 16.65 -9.87
C ILE A 46 -1.87 16.62 -11.38
N GLY A 47 -0.60 16.65 -11.79
CA GLY A 47 -0.24 16.64 -13.21
C GLY A 47 -1.22 17.35 -14.12
N GLY A 48 -2.24 16.62 -14.57
CA GLY A 48 -3.25 17.17 -15.46
C GLY A 48 -3.62 18.62 -15.14
N GLU A 49 -4.47 18.81 -14.13
CA GLU A 49 -4.90 20.14 -13.74
C GLU A 49 -5.00 20.29 -12.23
N PRO A 50 -4.90 21.53 -11.73
CA PRO A 50 -4.96 21.82 -10.30
C PRO A 50 -6.05 21.05 -9.58
N TYR A 51 -5.64 19.98 -8.91
CA TYR A 51 -6.55 19.14 -8.15
C TYR A 51 -5.78 18.11 -7.34
N THR A 52 -6.37 17.65 -6.24
CA THR A 52 -5.75 16.66 -5.39
C THR A 52 -6.74 15.61 -4.95
N LEU A 53 -6.24 14.41 -4.64
CA LEU A 53 -7.10 13.32 -4.22
C LEU A 53 -7.08 13.18 -2.69
N GLY A 54 -8.03 12.40 -2.16
CA GLY A 54 -8.10 12.21 -0.74
C GLY A 54 -7.83 10.77 -0.34
N LEU A 55 -6.57 10.43 -0.14
CA LEU A 55 -6.19 9.08 0.24
C LEU A 55 -6.84 8.70 1.57
N PHE A 56 -8.08 8.26 1.51
CA PHE A 56 -8.81 7.86 2.71
C PHE A 56 -8.49 6.43 3.09
N ASP A 57 -7.69 6.26 4.13
CA ASP A 57 -7.30 4.94 4.59
C ASP A 57 -8.16 4.51 5.77
N THR A 58 -7.87 3.32 6.30
CA THR A 58 -8.62 2.79 7.42
C THR A 58 -7.93 3.13 8.75
N ALA A 59 -8.68 3.04 9.84
CA ALA A 59 -8.15 3.34 11.16
C ALA A 59 -9.13 2.95 12.25
N GLY A 60 -8.74 3.18 13.50
CA GLY A 60 -9.59 2.84 14.62
C GLY A 60 -9.35 3.74 15.82
N LEU A 61 -9.06 5.01 15.56
CA LEU A 61 -8.80 5.98 16.61
C LEU A 61 -10.06 6.78 16.93
N GLU A 62 -9.92 7.78 17.79
CA GLU A 62 -11.05 8.62 18.17
C GLU A 62 -11.79 9.14 16.93
N ASP A 63 -11.06 9.22 15.82
CA ASP A 63 -11.64 9.70 14.57
C ASP A 63 -12.90 8.90 14.21
N TYR A 64 -12.74 7.57 14.15
CA TYR A 64 -13.86 6.69 13.83
C TYR A 64 -13.93 5.53 14.81
N ASP A 65 -15.13 5.00 15.01
CA ASP A 65 -15.33 3.88 15.93
C ASP A 65 -15.07 2.55 15.24
N ARG A 66 -15.96 2.19 14.31
CA ARG A 66 -15.83 0.94 13.58
C ARG A 66 -15.04 1.12 12.29
N LEU A 67 -15.45 2.08 11.49
CA LEU A 67 -14.77 2.36 10.23
C LEU A 67 -14.71 1.10 9.37
N ARG A 68 -15.63 0.99 8.42
CA ARG A 68 -15.69 -0.17 7.54
C ARG A 68 -15.83 0.25 6.08
N PRO A 69 -14.88 1.04 5.57
CA PRO A 69 -14.89 1.51 4.19
C PRO A 69 -14.32 0.49 3.22
N LEU A 70 -13.51 -0.42 3.74
CA LEU A 70 -12.89 -1.47 2.93
C LEU A 70 -13.81 -2.67 2.77
N SER A 71 -15.00 -2.61 3.35
CA SER A 71 -15.96 -3.71 3.26
C SER A 71 -16.53 -3.83 1.85
N TYR A 72 -17.37 -2.87 1.46
CA TYR A 72 -17.96 -2.87 0.13
C TYR A 72 -17.63 -1.59 -0.62
N PRO A 73 -16.36 -1.46 -1.06
CA PRO A 73 -15.91 -0.27 -1.80
C PRO A 73 -16.33 -0.30 -3.26
N GLN A 74 -16.71 0.86 -3.78
CA GLN A 74 -17.14 0.98 -5.17
C GLN A 74 -16.04 1.57 -6.04
N THR A 75 -14.82 1.69 -5.49
CA THR A 75 -13.70 2.24 -6.23
C THR A 75 -13.41 1.43 -7.48
N ASP A 76 -12.32 1.77 -8.17
CA ASP A 76 -11.93 1.07 -9.39
C ASP A 76 -10.43 0.78 -9.42
N VAL A 77 -9.74 1.04 -8.31
CA VAL A 77 -8.31 0.81 -8.22
C VAL A 77 -7.89 0.49 -6.79
N PHE A 78 -7.67 -0.80 -6.51
CA PHE A 78 -7.26 -1.22 -5.19
C PHE A 78 -5.77 -1.53 -5.16
N LEU A 79 -5.26 -1.99 -4.01
CA LEU A 79 -3.85 -2.30 -3.88
C LEU A 79 -3.61 -3.35 -2.78
N VAL A 80 -3.14 -4.52 -3.19
CA VAL A 80 -2.84 -5.60 -2.25
C VAL A 80 -1.38 -5.57 -1.85
N CYS A 81 -1.07 -6.13 -0.68
CA CYS A 81 0.30 -6.15 -0.19
C CYS A 81 0.75 -7.55 0.22
N PHE A 82 2.05 -7.68 0.46
CA PHE A 82 2.65 -8.95 0.88
C PHE A 82 4.15 -8.78 1.06
N SER A 83 4.66 -9.08 2.25
CA SER A 83 6.08 -8.96 2.52
C SER A 83 6.82 -10.27 2.28
N VAL A 84 8.07 -10.16 1.82
CA VAL A 84 8.89 -11.33 1.54
C VAL A 84 8.91 -12.30 2.74
N VAL A 85 9.65 -11.92 3.79
CA VAL A 85 9.75 -12.76 4.98
C VAL A 85 8.38 -13.32 5.37
N SER A 86 8.18 -14.60 5.12
CA SER A 86 6.90 -15.25 5.42
C SER A 86 7.08 -16.74 5.72
N PRO A 87 6.37 -17.25 6.75
CA PRO A 87 6.43 -18.65 7.14
C PRO A 87 5.37 -19.49 6.44
N SER A 88 5.35 -19.41 5.11
CA SER A 88 4.37 -20.15 4.31
C SER A 88 3.04 -19.42 4.27
N SER A 89 3.09 -18.10 4.35
CA SER A 89 1.89 -17.28 4.32
C SER A 89 1.52 -16.93 2.88
N PHE A 90 2.52 -16.94 1.99
CA PHE A 90 2.29 -16.62 0.59
C PHE A 90 1.14 -17.44 0.02
N GLU A 91 1.32 -18.75 -0.02
CA GLU A 91 0.29 -19.65 -0.55
C GLU A 91 -1.06 -19.38 0.12
N ASN A 92 -1.01 -19.09 1.42
CA ASN A 92 -2.23 -18.82 2.17
C ASN A 92 -2.88 -17.50 1.72
N VAL A 93 -2.18 -16.40 1.92
CA VAL A 93 -2.67 -15.09 1.54
C VAL A 93 -3.18 -15.09 0.10
N LYS A 94 -2.40 -15.65 -0.80
CA LYS A 94 -2.77 -15.72 -2.21
C LYS A 94 -4.15 -16.35 -2.39
N GLU A 95 -4.29 -17.58 -1.93
CA GLU A 95 -5.55 -18.31 -2.06
C GLU A 95 -6.52 -17.96 -0.92
N LYS A 96 -6.19 -16.94 -0.15
CA LYS A 96 -7.04 -16.51 0.96
C LYS A 96 -7.56 -15.10 0.75
N TRP A 97 -6.75 -14.26 0.11
CA TRP A 97 -7.14 -12.88 -0.16
C TRP A 97 -7.76 -12.73 -1.54
N VAL A 98 -7.13 -13.34 -2.54
CA VAL A 98 -7.63 -13.25 -3.92
C VAL A 98 -9.11 -13.66 -4.01
N PRO A 99 -9.50 -14.76 -3.34
CA PRO A 99 -10.88 -15.24 -3.37
C PRO A 99 -11.81 -14.42 -2.49
N GLU A 100 -11.24 -13.76 -1.49
CA GLU A 100 -12.02 -12.94 -0.57
C GLU A 100 -12.15 -11.51 -1.09
N ILE A 101 -11.02 -10.93 -1.47
CA ILE A 101 -11.00 -9.57 -1.99
C ILE A 101 -12.02 -9.38 -3.10
N THR A 102 -12.36 -10.47 -3.76
CA THR A 102 -13.33 -10.44 -4.86
C THR A 102 -14.72 -10.83 -4.38
N HIS A 103 -14.77 -11.65 -3.34
CA HIS A 103 -16.05 -12.10 -2.78
C HIS A 103 -16.72 -10.96 -2.01
N HIS A 104 -16.14 -10.60 -0.88
CA HIS A 104 -16.68 -9.54 -0.04
C HIS A 104 -16.67 -8.21 -0.79
N CYS A 105 -15.58 -7.95 -1.49
CA CYS A 105 -15.44 -6.71 -2.26
C CYS A 105 -15.47 -7.01 -3.76
N PRO A 106 -15.99 -6.06 -4.56
CA PRO A 106 -16.06 -6.22 -6.01
C PRO A 106 -14.74 -6.67 -6.62
N LYS A 107 -14.77 -7.08 -7.87
CA LYS A 107 -13.56 -7.53 -8.57
C LYS A 107 -12.79 -6.34 -9.12
N THR A 108 -12.45 -5.39 -8.24
CA THR A 108 -11.70 -4.21 -8.64
C THR A 108 -10.23 -4.54 -8.83
N PRO A 109 -9.52 -3.73 -9.62
CA PRO A 109 -8.09 -3.92 -9.90
C PRO A 109 -7.25 -3.85 -8.62
N PHE A 110 -6.00 -4.30 -8.73
CA PHE A 110 -5.09 -4.28 -7.58
C PHE A 110 -3.64 -4.44 -8.04
N LEU A 111 -2.74 -3.73 -7.37
CA LEU A 111 -1.32 -3.77 -7.69
C LEU A 111 -0.54 -4.52 -6.63
N LEU A 112 0.65 -4.99 -6.99
CA LEU A 112 1.50 -5.72 -6.07
C LEU A 112 2.67 -4.86 -5.61
N VAL A 113 2.87 -4.75 -4.31
CA VAL A 113 3.94 -3.95 -3.75
C VAL A 113 5.22 -4.77 -3.58
N GLY A 114 6.31 -4.24 -4.11
CA GLY A 114 7.59 -4.92 -4.01
C GLY A 114 8.57 -4.18 -3.13
N THR A 115 8.75 -4.68 -1.91
CA THR A 115 9.66 -4.06 -0.96
C THR A 115 10.34 -5.15 -0.14
N GLN A 116 10.75 -4.83 1.08
CA GLN A 116 11.41 -5.81 1.97
C GLN A 116 12.36 -6.71 1.18
N ILE A 117 12.92 -6.17 0.11
CA ILE A 117 13.85 -6.91 -0.73
C ILE A 117 15.20 -7.04 -0.05
N ASP A 118 15.34 -6.40 1.12
CA ASP A 118 16.58 -6.46 1.88
C ASP A 118 16.50 -7.47 3.02
N LEU A 119 15.28 -7.79 3.43
CA LEU A 119 15.06 -8.74 4.51
C LEU A 119 15.35 -10.17 4.05
N ARG A 120 15.14 -10.42 2.76
CA ARG A 120 15.38 -11.75 2.20
C ARG A 120 16.73 -12.30 2.63
N ASP A 121 17.70 -11.41 2.76
CA ASP A 121 19.05 -11.79 3.17
C ASP A 121 19.09 -12.05 4.67
N ASP A 122 18.44 -11.19 5.44
CA ASP A 122 18.41 -11.33 6.90
C ASP A 122 18.08 -12.76 7.29
N PRO A 123 19.10 -13.55 7.68
CA PRO A 123 18.92 -14.95 8.08
C PRO A 123 18.24 -15.09 9.44
N SER A 124 17.98 -13.96 10.10
CA SER A 124 17.33 -13.98 11.39
C SER A 124 15.83 -14.17 11.21
N THR A 125 15.20 -13.19 10.57
CA THR A 125 13.77 -13.26 10.31
C THR A 125 13.48 -14.50 9.48
N ILE A 126 14.36 -14.77 8.52
CA ILE A 126 14.23 -15.92 7.66
C ILE A 126 14.10 -17.19 8.51
N GLU A 127 14.95 -17.30 9.51
CA GLU A 127 14.93 -18.45 10.41
C GLU A 127 13.56 -18.57 11.06
N LYS A 128 12.94 -17.43 11.36
CA LYS A 128 11.61 -17.44 11.96
C LYS A 128 10.62 -18.05 10.99
N LEU A 129 10.88 -17.86 9.70
CA LEU A 129 10.04 -18.41 8.67
C LEU A 129 10.28 -19.90 8.60
N ALA A 130 11.57 -20.26 8.70
CA ALA A 130 11.99 -21.65 8.65
C ALA A 130 11.08 -22.54 9.48
N LYS A 131 10.60 -22.02 10.60
CA LYS A 131 9.71 -22.78 11.46
C LYS A 131 8.55 -23.36 10.65
N ASN A 132 8.20 -22.65 9.58
CA ASN A 132 7.11 -23.09 8.72
C ASN A 132 7.56 -23.23 7.26
N LYS A 133 8.53 -22.42 6.84
CA LYS A 133 9.03 -22.49 5.47
C LYS A 133 10.52 -22.11 5.40
N GLN A 134 10.80 -20.80 5.18
CA GLN A 134 12.16 -20.24 5.06
C GLN A 134 12.33 -19.53 3.72
N LYS A 135 11.53 -19.95 2.74
CA LYS A 135 11.59 -19.37 1.40
C LYS A 135 11.08 -17.93 1.38
N PRO A 136 11.98 -16.95 1.17
CA PRO A 136 11.60 -15.54 1.11
C PRO A 136 11.07 -15.17 -0.27
N ILE A 137 9.90 -14.56 -0.29
CA ILE A 137 9.29 -14.17 -1.56
C ILE A 137 10.19 -13.22 -2.34
N THR A 138 10.96 -13.79 -3.27
CA THR A 138 11.87 -13.01 -4.09
C THR A 138 11.12 -12.12 -5.07
N PRO A 139 11.75 -11.02 -5.52
CA PRO A 139 11.13 -10.09 -6.47
C PRO A 139 10.58 -10.81 -7.70
N GLU A 140 11.12 -11.98 -7.99
CA GLU A 140 10.68 -12.77 -9.13
C GLU A 140 9.40 -13.53 -8.79
N THR A 141 9.40 -14.16 -7.63
CA THR A 141 8.23 -14.92 -7.18
C THR A 141 6.99 -14.04 -7.15
N ALA A 142 7.14 -12.83 -6.60
CA ALA A 142 6.03 -11.89 -6.52
C ALA A 142 5.38 -11.72 -7.89
N GLU A 143 6.19 -11.42 -8.90
CA GLU A 143 5.69 -11.23 -10.25
C GLU A 143 4.86 -12.43 -10.70
N LYS A 144 5.32 -13.62 -10.34
CA LYS A 144 4.62 -14.85 -10.69
C LYS A 144 3.16 -14.79 -10.24
N LEU A 145 2.96 -14.55 -8.95
CA LEU A 145 1.62 -14.47 -8.39
C LEU A 145 0.91 -13.21 -8.89
N ALA A 146 1.67 -12.12 -9.02
CA ALA A 146 1.13 -10.86 -9.48
C ALA A 146 0.41 -11.02 -10.82
N ARG A 147 1.19 -11.24 -11.88
CA ARG A 147 0.62 -11.41 -13.21
C ARG A 147 -0.29 -12.63 -13.27
N ASP A 148 -0.07 -13.57 -12.35
CA ASP A 148 -0.88 -14.79 -12.29
C ASP A 148 -2.37 -14.46 -12.33
N LEU A 149 -2.73 -13.37 -11.67
CA LEU A 149 -4.13 -12.94 -11.62
C LEU A 149 -4.32 -11.63 -12.38
N LYS A 150 -3.39 -11.32 -13.27
CA LYS A 150 -3.46 -10.09 -14.06
C LYS A 150 -3.77 -8.88 -13.18
N ALA A 151 -3.03 -8.74 -12.09
CA ALA A 151 -3.23 -7.63 -11.17
C ALA A 151 -2.89 -6.30 -11.83
N VAL A 152 -1.60 -5.98 -11.87
CA VAL A 152 -1.14 -4.74 -12.49
C VAL A 152 0.35 -4.82 -12.79
N LYS A 153 1.17 -4.71 -11.75
CA LYS A 153 2.62 -4.75 -11.92
C LYS A 153 3.32 -4.71 -10.56
N TYR A 154 4.27 -5.62 -10.37
CA TYR A 154 5.02 -5.68 -9.12
C TYR A 154 6.44 -5.11 -9.33
N VAL A 155 6.65 -3.89 -8.85
CA VAL A 155 7.94 -3.24 -8.99
C VAL A 155 8.73 -3.30 -7.70
N GLU A 156 10.03 -3.02 -7.78
CA GLU A 156 10.90 -3.04 -6.62
C GLU A 156 10.95 -1.67 -5.94
N CYS A 157 10.85 -1.67 -4.62
CA CYS A 157 10.88 -0.42 -3.85
C CYS A 157 10.79 -0.70 -2.36
N SER A 158 11.70 -0.10 -1.60
CA SER A 158 11.73 -0.29 -0.15
C SER A 158 11.69 1.05 0.58
N ALA A 159 10.95 1.10 1.68
CA ALA A 159 10.84 2.32 2.47
C ALA A 159 12.00 2.44 3.45
N LEU A 160 12.31 1.33 4.12
CA LEU A 160 13.41 1.31 5.09
C LEU A 160 14.66 1.97 4.51
N THR A 161 14.86 1.78 3.21
CA THR A 161 16.01 2.36 2.52
C THR A 161 15.58 3.37 1.47
N GLN A 162 14.29 3.35 1.11
CA GLN A 162 13.76 4.27 0.11
C GLN A 162 14.29 3.92 -1.27
N LYS A 163 13.89 2.77 -1.78
CA LYS A 163 14.33 2.32 -3.10
C LYS A 163 13.33 2.72 -4.18
N GLY A 164 12.54 3.75 -3.90
CA GLY A 164 11.56 4.22 -4.87
C GLY A 164 10.15 3.77 -4.57
N LEU A 165 9.77 3.82 -3.30
CA LEU A 165 8.42 3.42 -2.89
C LEU A 165 7.37 4.10 -3.76
N LYS A 166 7.73 5.25 -4.32
CA LYS A 166 6.83 6.00 -5.18
C LYS A 166 6.58 5.26 -6.49
N ASN A 167 7.55 4.43 -6.88
CA ASN A 167 7.43 3.66 -8.12
C ASN A 167 6.19 2.78 -8.09
N VAL A 168 6.24 1.72 -7.29
CA VAL A 168 5.11 0.80 -7.17
C VAL A 168 3.83 1.56 -6.87
N PHE A 169 3.93 2.52 -5.95
CA PHE A 169 2.79 3.33 -5.57
C PHE A 169 2.29 4.15 -6.75
N ASP A 170 3.22 4.55 -7.62
CA ASP A 170 2.89 5.32 -8.80
C ASP A 170 2.15 4.47 -9.82
N GLU A 171 2.38 3.16 -9.76
CA GLU A 171 1.71 2.23 -10.66
C GLU A 171 0.28 1.97 -10.19
N ALA A 172 0.07 2.07 -8.88
CA ALA A 172 -1.24 1.85 -8.30
C ALA A 172 -2.15 3.04 -8.56
N ILE A 173 -1.62 4.25 -8.39
CA ILE A 173 -2.39 5.46 -8.62
C ILE A 173 -2.70 5.64 -10.10
N LEU A 174 -1.76 5.24 -10.95
CA LEU A 174 -1.92 5.35 -12.38
C LEU A 174 -3.19 4.64 -12.83
N ALA A 175 -3.43 3.45 -12.28
CA ALA A 175 -4.61 2.67 -12.63
C ALA A 175 -5.86 3.55 -12.57
N ALA A 176 -5.82 4.59 -11.75
CA ALA A 176 -6.94 5.50 -11.61
C ALA A 176 -6.87 6.61 -12.66
N LEU A 177 -5.67 7.16 -12.86
CA LEU A 177 -5.49 8.22 -13.84
C LEU A 177 -5.65 7.66 -15.26
N GLU A 178 -5.38 6.37 -15.41
CA GLU A 178 -5.50 5.70 -16.70
C GLU A 178 -5.28 4.20 -16.56
N PRO A 179 -6.36 3.43 -16.36
CA PRO A 179 -6.27 1.97 -16.22
C PRO A 179 -5.40 1.33 -17.29
N PRO A 180 -4.18 0.89 -16.92
CA PRO A 180 -3.26 0.25 -17.86
C PRO A 180 -3.76 -1.11 -18.34
N GLU A 181 -3.07 -1.68 -19.31
CA GLU A 181 -3.46 -2.98 -19.86
C GLU A 181 -2.45 -4.06 -19.47
N PRO A 182 -2.93 -5.25 -19.08
CA PRO A 182 -2.06 -6.36 -18.68
C PRO A 182 -1.48 -7.10 -19.89
N LYS A 183 -0.94 -8.28 -19.64
CA LYS A 183 -0.34 -9.09 -20.72
C LYS A 183 -0.76 -10.54 -20.60
N LYS A 184 -1.78 -10.93 -21.36
CA LYS A 184 -2.28 -12.30 -21.34
C LYS A 184 -1.16 -13.29 -21.66
N GLY B 1 5.08 16.82 -15.64
CA GLY B 1 4.31 15.70 -15.03
C GLY B 1 5.10 14.41 -14.98
N SER B 2 4.40 13.30 -14.71
CA SER B 2 5.05 12.00 -14.62
C SER B 2 5.05 11.31 -15.99
N GLY B 3 3.89 10.78 -16.37
CA GLY B 3 3.79 10.09 -17.66
C GLY B 3 2.84 8.92 -17.60
N LEU B 4 3.39 7.72 -17.83
CA LEU B 4 2.59 6.50 -17.80
C LEU B 4 1.56 6.48 -18.92
N SER B 5 0.54 7.34 -18.79
CA SER B 5 -0.51 7.44 -19.79
C SER B 5 -1.43 8.63 -19.49
N ALA B 6 -2.64 8.59 -20.05
CA ALA B 6 -3.59 9.66 -19.84
C ALA B 6 -3.06 10.97 -20.41
N GLN B 7 -2.44 11.79 -19.56
CA GLN B 7 -1.87 13.06 -19.98
C GLN B 7 -0.49 13.28 -19.35
N ASP B 8 -0.01 12.27 -18.61
CA ASP B 8 1.28 12.33 -17.91
C ASP B 8 1.09 12.83 -16.49
N ILE B 9 -0.09 12.54 -15.94
CA ILE B 9 -0.43 12.95 -14.59
C ILE B 9 0.51 12.33 -13.56
N SER B 10 0.73 13.05 -12.46
CA SER B 10 1.62 12.58 -11.40
C SER B 10 0.84 12.18 -10.16
N GLN B 11 1.33 11.18 -9.45
CA GLN B 11 0.69 10.70 -8.24
C GLN B 11 0.58 11.84 -7.21
N PRO B 12 0.07 11.54 -5.99
CA PRO B 12 -0.07 12.55 -4.94
C PRO B 12 1.25 13.25 -4.64
N LEU B 13 1.56 14.25 -5.45
CA LEU B 13 2.81 15.00 -5.31
C LEU B 13 3.06 15.40 -3.87
N GLN B 14 4.25 15.94 -3.63
CA GLN B 14 4.63 16.39 -2.30
C GLN B 14 4.34 17.88 -2.13
N ASN B 15 4.85 18.46 -1.05
CA ASN B 15 4.66 19.88 -0.77
C ASN B 15 3.19 20.18 -0.47
N SER B 16 2.38 19.15 -0.29
CA SER B 16 0.96 19.33 0.00
C SER B 16 0.51 18.43 1.16
N PHE B 17 0.80 18.88 2.37
CA PHE B 17 0.43 18.12 3.56
C PHE B 17 -0.06 19.05 4.66
N ILE B 18 -1.38 19.27 4.70
CA ILE B 18 -1.97 20.14 5.71
C ILE B 18 -2.25 19.37 7.00
N HIS B 19 -1.96 20.01 8.14
CA HIS B 19 -2.18 19.38 9.44
C HIS B 19 -3.50 18.63 9.49
N THR B 20 -4.57 19.33 9.88
CA THR B 20 -5.90 18.72 9.95
C THR B 20 -5.84 17.39 10.71
N GLY B 21 -6.87 16.58 10.53
CA GLY B 21 -6.92 15.29 11.20
C GLY B 21 -6.78 15.41 12.70
N HIS B 22 -7.01 14.30 13.40
CA HIS B 22 -6.90 14.29 14.86
C HIS B 22 -6.63 12.87 15.37
N GLY B 23 -7.69 12.07 15.40
CA GLY B 23 -7.56 10.69 15.87
C GLY B 23 -6.77 10.58 17.16
N ASP B 24 -5.99 9.51 17.29
CA ASP B 24 -5.19 9.30 18.49
C ASP B 24 -3.71 9.23 18.14
N SER B 25 -3.09 10.41 17.99
CA SER B 25 -1.68 10.48 17.65
C SER B 25 -0.83 10.48 18.92
N ASP B 26 -0.34 9.30 19.29
CA ASP B 26 0.50 9.16 20.47
C ASP B 26 1.28 7.84 20.44
N PRO B 27 2.54 7.86 20.88
CA PRO B 27 3.40 6.66 20.91
C PRO B 27 2.77 5.53 21.71
N ARG B 28 2.11 4.61 21.01
CA ARG B 28 1.47 3.47 21.65
C ARG B 28 2.34 2.22 21.55
N HIS B 29 2.70 1.87 20.33
CA HIS B 29 3.52 0.69 20.08
C HIS B 29 4.10 0.70 18.68
N CYS B 30 5.34 1.16 18.55
CA CYS B 30 6.01 1.23 17.26
C CYS B 30 5.98 -0.12 16.55
N TRP B 31 6.69 -0.21 15.44
CA TRP B 31 6.76 -1.44 14.65
C TRP B 31 7.05 -2.64 15.55
N GLY B 32 6.01 -3.43 15.83
CA GLY B 32 6.17 -4.60 16.68
C GLY B 32 5.88 -5.89 15.94
N PHE B 33 4.68 -6.01 15.39
CA PHE B 33 4.29 -7.19 14.65
C PHE B 33 5.07 -7.32 13.35
N PRO B 34 5.20 -8.54 12.81
CA PRO B 34 5.94 -8.79 11.57
C PRO B 34 5.30 -8.10 10.37
N ASP B 35 4.03 -7.73 10.50
CA ASP B 35 3.30 -7.07 9.43
C ASP B 35 2.20 -6.17 9.99
N ARG B 36 2.06 -4.99 9.40
CA ARG B 36 1.04 -4.04 9.84
C ARG B 36 -0.31 -4.71 9.99
N ILE B 37 -1.14 -4.18 10.88
CA ILE B 37 -2.46 -4.72 11.11
C ILE B 37 -3.31 -4.61 9.84
N ASP B 38 -4.10 -5.64 9.57
CA ASP B 38 -4.94 -5.65 8.38
C ASP B 38 -5.65 -4.30 8.19
N GLU B 39 -5.87 -3.93 6.94
CA GLU B 39 -6.53 -2.66 6.63
C GLU B 39 -7.94 -2.59 7.23
N LEU B 40 -8.47 -3.75 7.63
CA LEU B 40 -9.81 -3.81 8.21
C LEU B 40 -10.04 -2.65 9.17
N TYR B 41 -9.20 -2.59 10.20
CA TYR B 41 -9.28 -1.52 11.20
C TYR B 41 -8.16 -0.51 11.00
N LEU B 42 -6.93 -1.00 10.96
CA LEU B 42 -5.75 -0.16 10.79
C LEU B 42 -5.69 0.92 11.87
N GLY B 43 -6.18 0.59 13.05
CA GLY B 43 -6.17 1.54 14.15
C GLY B 43 -5.37 1.04 15.33
N ASN B 44 -4.05 1.24 15.28
CA ASN B 44 -3.17 0.81 16.36
C ASN B 44 -3.51 1.54 17.66
MG MG C . -0.33 4.22 8.15
PG GNP D . -0.33 1.09 9.56
O1G GNP D . -1.35 0.07 9.87
O2G GNP D . -0.72 2.52 9.66
O3G GNP D . 0.87 0.88 10.62
N3B GNP D . 0.16 0.84 7.99
PB GNP D . 1.57 1.47 7.35
O1B GNP D . 1.55 1.18 5.89
O2B GNP D . 1.64 2.88 7.78
O3A GNP D . 2.89 0.75 7.93
PA GNP D . 4.41 0.82 7.42
O1A GNP D . 5.29 1.03 8.59
O2A GNP D . 4.47 1.76 6.27
O5' GNP D . 4.67 -0.67 6.86
C5' GNP D . 5.54 -0.89 5.76
C4' GNP D . 6.47 -2.08 5.98
O4' GNP D . 5.78 -3.31 5.70
C3' GNP D . 7.67 -2.00 5.06
O3' GNP D . 8.89 -1.90 5.81
C2' GNP D . 7.66 -3.24 4.22
O2' GNP D . 8.88 -3.97 4.35
C1' GNP D . 6.49 -4.05 4.69
N9 GNP D . 5.59 -4.39 3.57
C8 GNP D . 4.28 -4.10 3.43
N7 GNP D . 3.69 -4.46 2.33
C5 GNP D . 4.73 -5.07 1.64
C6 GNP D . 4.76 -5.68 0.34
O6 GNP D . 3.81 -5.82 -0.44
N1 GNP D . 6.02 -6.17 0.01
C2 GNP D . 7.15 -6.10 0.83
N2 GNP D . 8.27 -6.66 0.36
N3 GNP D . 7.14 -5.52 2.05
C4 GNP D . 5.91 -5.03 2.39
HNB3 GNP D . -0.41 0.27 7.41
H5'2 GNP D . 6.15 0.00 5.60
H5'1 GNP D . 4.95 -1.06 4.86
H4' GNP D . 6.81 -2.08 7.02
H3' GNP D . 7.57 -1.15 4.41
HO3' GNP D . 9.56 -1.54 5.21
H2' GNP D . 7.50 -2.96 3.17
HO2' GNP D . 8.85 -4.70 3.72
H1' GNP D . 6.86 -4.96 5.13
H8 GNP D . 3.73 -3.59 4.22
HN1 GNP D . 6.10 -6.58 -0.88
HN21 GNP D . 8.27 -7.09 -0.55
HN22 GNP D . 9.12 -6.64 0.91
N MET A 1 -8.01 15.76 -16.68
CA MET A 1 -7.92 15.90 -15.20
C MET A 1 -8.78 14.87 -14.49
N GLN A 2 -8.58 13.59 -14.83
CA GLN A 2 -9.33 12.51 -14.22
C GLN A 2 -8.89 12.29 -12.80
N THR A 3 -9.83 11.95 -11.93
CA THR A 3 -9.52 11.71 -10.53
C THR A 3 -9.26 10.23 -10.28
N ILE A 4 -8.90 9.90 -9.05
CA ILE A 4 -8.60 8.52 -8.69
C ILE A 4 -8.86 8.22 -7.22
N LYS A 5 -9.29 7.00 -6.93
CA LYS A 5 -9.57 6.59 -5.57
C LYS A 5 -8.98 5.21 -5.30
N CYS A 6 -7.78 5.19 -4.73
CA CYS A 6 -7.10 3.93 -4.42
C CYS A 6 -7.05 3.69 -2.92
N VAL A 7 -7.65 2.59 -2.48
CA VAL A 7 -7.66 2.25 -1.06
C VAL A 7 -6.68 1.12 -0.76
N VAL A 8 -6.08 1.19 0.43
CA VAL A 8 -5.14 0.17 0.86
C VAL A 8 -5.86 -0.92 1.64
N VAL A 9 -5.88 -2.13 1.07
CA VAL A 9 -6.55 -3.25 1.72
C VAL A 9 -5.68 -4.51 1.66
N GLY A 10 -5.82 -5.37 2.65
CA GLY A 10 -5.05 -6.59 2.68
C GLY A 10 -4.32 -6.78 4.00
N ASP A 11 -3.13 -7.36 3.94
CA ASP A 11 -2.33 -7.60 5.13
C ASP A 11 -1.21 -6.57 5.26
N GLY A 12 -0.84 -5.95 4.14
CA GLY A 12 0.21 -4.95 4.16
C GLY A 12 -0.32 -3.54 4.04
N ALA A 13 0.46 -2.59 4.52
CA ALA A 13 0.09 -1.18 4.49
C ALA A 13 0.39 -0.55 3.13
N VAL A 14 0.84 -1.36 2.17
CA VAL A 14 1.17 -0.88 0.83
C VAL A 14 1.90 0.47 0.89
N GLY A 15 2.66 0.67 1.97
CA GLY A 15 3.39 1.90 2.13
C GLY A 15 2.50 3.11 2.10
N LYS A 16 1.22 2.92 2.43
CA LYS A 16 0.24 4.02 2.43
C LYS A 16 0.85 5.32 2.95
N THR A 17 1.59 5.22 4.05
CA THR A 17 2.24 6.40 4.63
C THR A 17 3.69 6.47 4.18
N CYS A 18 4.45 5.42 4.46
CA CYS A 18 5.86 5.36 4.10
C CYS A 18 6.08 5.77 2.64
N LEU A 19 5.10 5.50 1.79
CA LEU A 19 5.19 5.84 0.39
C LEU A 19 5.65 7.29 0.21
N LEU A 20 4.78 8.23 0.54
CA LEU A 20 5.09 9.64 0.42
C LEU A 20 5.77 10.15 1.68
N ILE A 21 5.48 9.52 2.82
CA ILE A 21 6.10 9.91 4.08
C ILE A 21 7.58 9.59 4.06
N SER A 22 7.91 8.34 3.76
CA SER A 22 9.31 7.92 3.69
C SER A 22 10.02 8.56 2.50
N TYR A 23 9.30 8.68 1.39
CA TYR A 23 9.87 9.28 0.18
C TYR A 23 10.47 10.64 0.49
N THR A 24 9.74 11.45 1.25
CA THR A 24 10.21 12.78 1.63
C THR A 24 10.90 12.74 2.99
N THR A 25 10.24 12.11 3.95
CA THR A 25 10.78 11.99 5.30
C THR A 25 11.47 10.64 5.48
N ASN A 26 11.41 10.04 6.67
CA ASN A 26 12.05 8.76 6.93
C ASN A 26 11.51 8.11 8.19
N LYS A 27 10.22 8.31 8.47
CA LYS A 27 9.60 7.74 9.66
C LYS A 27 9.11 6.32 9.39
N PHE A 28 9.52 5.39 10.24
CA PHE A 28 9.11 3.98 10.10
C PHE A 28 9.37 3.18 11.38
N PRO A 29 10.59 3.24 11.96
CA PRO A 29 10.91 2.50 13.17
C PRO A 29 10.69 3.32 14.44
N SER A 30 9.69 4.20 14.41
CA SER A 30 9.38 5.04 15.57
C SER A 30 8.03 4.67 16.16
N GLU A 31 6.96 5.22 15.61
CA GLU A 31 5.62 4.94 16.08
C GLU A 31 4.59 5.26 15.00
N TYR A 32 3.50 4.50 14.98
CA TYR A 32 2.44 4.72 14.00
C TYR A 32 1.09 4.89 14.69
N VAL A 33 0.43 6.00 14.42
CA VAL A 33 -0.87 6.29 15.02
C VAL A 33 -1.58 7.42 14.28
N PRO A 34 -0.99 8.63 14.27
CA PRO A 34 -1.58 9.78 13.58
C PRO A 34 -2.09 9.44 12.18
N THR A 35 -1.48 8.41 11.58
CA THR A 35 -1.86 7.96 10.25
C THR A 35 -3.37 7.99 10.03
N VAL A 36 -4.13 7.80 11.11
CA VAL A 36 -5.58 7.81 11.03
C VAL A 36 -6.10 9.06 10.33
N PHE A 37 -5.29 10.11 10.31
CA PHE A 37 -5.67 11.36 9.67
C PHE A 37 -5.29 11.38 8.20
N ASP A 38 -5.03 10.21 7.63
CA ASP A 38 -4.64 10.09 6.23
C ASP A 38 -5.72 10.68 5.32
N ASN A 39 -6.93 10.85 5.84
CA ASN A 39 -8.04 11.39 5.07
C ASN A 39 -8.05 12.92 5.12
N TYR A 40 -6.96 13.52 5.59
CA TYR A 40 -6.87 14.97 5.68
C TYR A 40 -6.99 15.61 4.30
N ALA A 41 -6.94 16.94 4.28
CA ALA A 41 -7.06 17.68 3.02
C ALA A 41 -5.68 18.07 2.48
N VAL A 42 -5.41 17.69 1.24
CA VAL A 42 -4.13 18.00 0.61
C VAL A 42 -4.34 18.85 -0.64
N THR A 43 -3.40 19.74 -0.91
CA THR A 43 -3.50 20.61 -2.08
C THR A 43 -2.22 20.58 -2.91
N VAL A 44 -2.32 20.02 -4.11
CA VAL A 44 -1.19 19.94 -5.02
C VAL A 44 -1.67 19.90 -6.48
N MET A 45 -0.73 19.75 -7.41
CA MET A 45 -1.06 19.72 -8.82
C MET A 45 -1.07 18.28 -9.37
N ILE A 46 -2.26 17.68 -9.44
CA ILE A 46 -2.39 16.32 -9.96
C ILE A 46 -2.46 16.36 -11.49
N GLY A 47 -1.29 16.33 -12.12
CA GLY A 47 -1.20 16.37 -13.57
C GLY A 47 -2.09 17.43 -14.21
N GLY A 48 -3.32 17.05 -14.53
CA GLY A 48 -4.27 17.96 -15.17
C GLY A 48 -4.18 19.40 -14.67
N GLU A 49 -5.03 19.75 -13.72
CA GLU A 49 -5.05 21.09 -13.15
C GLU A 49 -4.93 21.02 -11.64
N PRO A 50 -4.49 22.12 -11.00
CA PRO A 50 -4.34 22.18 -9.54
C PRO A 50 -5.46 21.47 -8.80
N TYR A 51 -5.16 20.27 -8.35
CA TYR A 51 -6.14 19.46 -7.62
C TYR A 51 -5.47 18.20 -7.07
N THR A 52 -6.13 17.57 -6.09
CA THR A 52 -5.60 16.35 -5.49
C THR A 52 -6.71 15.31 -5.31
N LEU A 53 -6.35 14.04 -5.45
CA LEU A 53 -7.31 12.95 -5.31
C LEU A 53 -7.48 12.59 -3.83
N GLY A 54 -8.33 11.60 -3.57
CA GLY A 54 -8.57 11.16 -2.21
C GLY A 54 -7.86 9.86 -1.90
N LEU A 55 -6.84 9.93 -1.06
CA LEU A 55 -6.08 8.75 -0.69
C LEU A 55 -6.90 7.84 0.23
N PHE A 56 -6.22 6.98 0.97
CA PHE A 56 -6.88 6.06 1.88
C PHE A 56 -6.73 6.52 3.34
N ASP A 57 -7.52 5.92 4.22
CA ASP A 57 -7.48 6.26 5.63
C ASP A 57 -8.27 5.23 6.44
N THR A 58 -7.54 4.44 7.23
CA THR A 58 -8.18 3.41 8.06
C THR A 58 -7.45 3.25 9.38
N ALA A 59 -8.19 3.35 10.47
CA ALA A 59 -7.62 3.22 11.80
C ALA A 59 -8.72 3.15 12.87
N GLY A 60 -8.66 2.11 13.70
CA GLY A 60 -9.65 1.95 14.75
C GLY A 60 -9.42 2.90 15.90
N LEU A 61 -9.57 4.19 15.64
CA LEU A 61 -9.39 5.20 16.68
C LEU A 61 -10.69 5.95 16.95
N GLU A 62 -10.67 6.80 17.97
CA GLU A 62 -11.85 7.57 18.34
C GLU A 62 -12.41 8.32 17.13
N ASP A 63 -11.52 8.80 16.28
CA ASP A 63 -11.92 9.54 15.08
C ASP A 63 -12.81 8.68 14.20
N TYR A 64 -12.27 7.57 13.72
CA TYR A 64 -13.03 6.66 12.86
C TYR A 64 -12.78 5.21 13.28
N ASP A 65 -13.43 4.79 14.35
CA ASP A 65 -13.29 3.44 14.86
C ASP A 65 -14.25 2.46 14.17
N ARG A 66 -15.26 3.02 13.50
CA ARG A 66 -16.24 2.19 12.80
C ARG A 66 -15.75 1.77 11.42
N LEU A 67 -15.35 2.75 10.61
CA LEU A 67 -14.86 2.48 9.27
C LEU A 67 -15.83 1.58 8.51
N ARG A 68 -15.51 1.24 7.26
CA ARG A 68 -16.37 0.37 6.45
C ARG A 68 -15.94 0.37 4.99
N PRO A 69 -15.89 1.56 4.36
CA PRO A 69 -15.50 1.69 2.95
C PRO A 69 -14.37 0.75 2.55
N LEU A 70 -13.32 0.70 3.36
CA LEU A 70 -12.17 -0.16 3.08
C LEU A 70 -12.62 -1.57 2.73
N SER A 71 -13.78 -1.98 3.24
CA SER A 71 -14.30 -3.31 2.98
C SER A 71 -15.32 -3.30 1.84
N TYR A 72 -16.05 -2.20 1.71
CA TYR A 72 -17.05 -2.06 0.66
C TYR A 72 -16.42 -1.64 -0.66
N PRO A 73 -16.93 -2.17 -1.79
CA PRO A 73 -16.42 -1.85 -3.12
C PRO A 73 -16.76 -0.42 -3.53
N GLN A 74 -15.78 0.48 -3.41
CA GLN A 74 -15.98 1.88 -3.74
C GLN A 74 -15.36 2.22 -5.09
N THR A 75 -14.04 2.17 -5.16
CA THR A 75 -13.31 2.48 -6.38
C THR A 75 -13.23 1.28 -7.31
N ASP A 76 -12.33 1.37 -8.29
CA ASP A 76 -12.13 0.30 -9.26
C ASP A 76 -10.66 -0.15 -9.29
N VAL A 77 -9.85 0.36 -8.36
CA VAL A 77 -8.44 0.01 -8.31
C VAL A 77 -7.97 -0.14 -6.87
N PHE A 78 -8.05 -1.36 -6.35
CA PHE A 78 -7.63 -1.64 -4.97
C PHE A 78 -6.11 -1.81 -4.90
N LEU A 79 -5.61 -2.11 -3.71
CA LEU A 79 -4.17 -2.28 -3.52
C LEU A 79 -3.87 -3.40 -2.52
N VAL A 80 -3.37 -4.52 -3.03
CA VAL A 80 -3.03 -5.66 -2.18
C VAL A 80 -1.52 -5.76 -2.04
N CYS A 81 -1.05 -5.98 -0.82
CA CYS A 81 0.38 -6.07 -0.57
C CYS A 81 0.73 -7.22 0.38
N PHE A 82 2.02 -7.49 0.50
CA PHE A 82 2.52 -8.55 1.37
C PHE A 82 4.03 -8.45 1.55
N SER A 83 4.49 -8.63 2.78
CA SER A 83 5.92 -8.55 3.07
C SER A 83 6.61 -9.88 2.76
N VAL A 84 7.80 -9.81 2.18
CA VAL A 84 8.56 -11.00 1.82
C VAL A 84 8.62 -11.97 3.00
N VAL A 85 9.27 -11.55 4.09
CA VAL A 85 9.37 -12.41 5.28
C VAL A 85 8.02 -13.06 5.60
N SER A 86 7.95 -14.37 5.43
CA SER A 86 6.70 -15.08 5.68
C SER A 86 6.94 -16.51 6.18
N PRO A 87 6.13 -16.97 7.14
CA PRO A 87 6.22 -18.31 7.69
C PRO A 87 5.30 -19.28 6.98
N SER A 88 5.44 -19.36 5.66
CA SER A 88 4.61 -20.24 4.84
C SER A 88 3.18 -19.72 4.74
N SER A 89 3.01 -18.41 4.95
CA SER A 89 1.70 -17.79 4.89
C SER A 89 1.48 -17.12 3.53
N PHE A 90 2.57 -16.88 2.80
CA PHE A 90 2.49 -16.25 1.49
C PHE A 90 1.37 -16.85 0.64
N GLU A 91 1.60 -18.08 0.16
CA GLU A 91 0.61 -18.76 -0.67
C GLU A 91 -0.74 -18.82 0.03
N ASN A 92 -0.70 -18.87 1.35
CA ASN A 92 -1.93 -18.93 2.15
C ASN A 92 -2.71 -17.62 2.03
N VAL A 93 -2.08 -16.52 2.39
CA VAL A 93 -2.73 -15.21 2.33
C VAL A 93 -3.10 -14.85 0.89
N LYS A 94 -2.21 -15.15 -0.04
CA LYS A 94 -2.44 -14.85 -1.45
C LYS A 94 -3.74 -15.49 -1.92
N GLU A 95 -3.72 -16.80 -2.13
CA GLU A 95 -4.89 -17.54 -2.58
C GLU A 95 -6.09 -17.23 -1.68
N LYS A 96 -5.81 -16.83 -0.45
CA LYS A 96 -6.87 -16.51 0.50
C LYS A 96 -7.38 -15.08 0.31
N TRP A 97 -6.55 -14.24 -0.29
CA TRP A 97 -6.91 -12.84 -0.53
C TRP A 97 -7.77 -12.70 -1.78
N VAL A 98 -7.26 -13.19 -2.92
CA VAL A 98 -7.97 -13.08 -4.19
C VAL A 98 -9.46 -13.36 -4.05
N PRO A 99 -9.84 -14.43 -3.33
CA PRO A 99 -11.25 -14.81 -3.13
C PRO A 99 -11.98 -13.83 -2.22
N GLU A 100 -11.26 -13.30 -1.23
CA GLU A 100 -11.84 -12.35 -0.29
C GLU A 100 -11.97 -10.97 -0.91
N ILE A 101 -10.98 -10.61 -1.72
CA ILE A 101 -10.99 -9.32 -2.39
C ILE A 101 -12.12 -9.22 -3.40
N THR A 102 -12.56 -10.38 -3.90
CA THR A 102 -13.64 -10.42 -4.87
C THR A 102 -14.99 -10.63 -4.18
N HIS A 103 -14.95 -11.26 -3.00
CA HIS A 103 -16.16 -11.52 -2.24
C HIS A 103 -16.79 -10.21 -1.75
N HIS A 104 -16.10 -9.54 -0.84
CA HIS A 104 -16.59 -8.27 -0.29
C HIS A 104 -16.76 -7.24 -1.40
N CYS A 105 -15.88 -7.30 -2.40
CA CYS A 105 -15.93 -6.37 -3.53
C CYS A 105 -15.93 -7.13 -4.85
N PRO A 106 -17.10 -7.24 -5.51
CA PRO A 106 -17.21 -7.96 -6.79
C PRO A 106 -16.40 -7.29 -7.89
N LYS A 107 -15.29 -7.92 -8.26
CA LYS A 107 -14.42 -7.39 -9.30
C LYS A 107 -13.69 -6.13 -8.82
N THR A 108 -12.58 -6.35 -8.11
CA THR A 108 -11.79 -5.23 -7.60
C THR A 108 -10.31 -5.42 -7.90
N PRO A 109 -9.80 -4.75 -8.95
CA PRO A 109 -8.39 -4.86 -9.36
C PRO A 109 -7.44 -4.43 -8.25
N PHE A 110 -6.19 -4.89 -8.33
CA PHE A 110 -5.19 -4.56 -7.33
C PHE A 110 -3.78 -4.54 -7.94
N LEU A 111 -2.78 -4.32 -7.10
CA LEU A 111 -1.39 -4.28 -7.56
C LEU A 111 -0.45 -4.83 -6.48
N LEU A 112 0.64 -5.46 -6.92
CA LEU A 112 1.61 -6.02 -6.00
C LEU A 112 2.73 -5.03 -5.73
N VAL A 113 3.42 -5.19 -4.61
CA VAL A 113 4.50 -4.27 -4.25
C VAL A 113 5.66 -4.99 -3.55
N GLY A 114 6.85 -4.45 -3.73
CA GLY A 114 8.04 -5.04 -3.11
C GLY A 114 8.78 -4.01 -2.27
N THR A 115 8.57 -4.07 -0.96
CA THR A 115 9.21 -3.13 -0.03
C THR A 115 10.03 -3.83 1.04
N GLN A 116 10.03 -5.16 1.02
CA GLN A 116 10.80 -5.94 1.98
C GLN A 116 11.94 -6.66 1.26
N ILE A 117 12.15 -6.28 0.00
CA ILE A 117 13.21 -6.85 -0.82
C ILE A 117 14.59 -6.50 -0.25
N ASP A 118 14.61 -5.58 0.71
CA ASP A 118 15.86 -5.15 1.33
C ASP A 118 16.33 -6.13 2.40
N LEU A 119 15.41 -6.60 3.23
CA LEU A 119 15.76 -7.54 4.30
C LEU A 119 15.43 -8.99 3.92
N ARG A 120 14.92 -9.21 2.72
CA ARG A 120 14.61 -10.57 2.28
C ARG A 120 15.83 -11.45 2.40
N ASP A 121 17.01 -10.83 2.30
CA ASP A 121 18.26 -11.56 2.41
C ASP A 121 18.61 -11.80 3.88
N ASP A 122 18.08 -10.96 4.75
CA ASP A 122 18.32 -11.08 6.18
C ASP A 122 18.05 -12.50 6.65
N PRO A 123 19.10 -13.29 6.91
CA PRO A 123 18.96 -14.68 7.35
C PRO A 123 18.41 -14.80 8.78
N SER A 124 18.19 -13.66 9.44
CA SER A 124 17.65 -13.67 10.79
C SER A 124 16.19 -14.04 10.76
N THR A 125 15.37 -13.15 10.24
CA THR A 125 13.94 -13.42 10.14
C THR A 125 13.74 -14.69 9.33
N ILE A 126 14.47 -14.78 8.23
CA ILE A 126 14.38 -15.93 7.36
C ILE A 126 14.53 -17.22 8.16
N GLU A 127 15.33 -17.16 9.22
CA GLU A 127 15.52 -18.32 10.08
C GLU A 127 14.23 -18.54 10.87
N LYS A 128 13.58 -17.44 11.23
CA LYS A 128 12.33 -17.51 11.95
C LYS A 128 11.27 -18.07 11.01
N LEU A 129 11.40 -17.73 9.74
CA LEU A 129 10.48 -18.22 8.72
C LEU A 129 10.60 -19.73 8.68
N ALA A 130 11.85 -20.20 8.75
CA ALA A 130 12.17 -21.62 8.74
C ALA A 130 11.20 -22.41 9.59
N LYS A 131 10.80 -21.83 10.71
CA LYS A 131 9.87 -22.49 11.61
C LYS A 131 8.61 -22.91 10.89
N ASN A 132 8.24 -22.16 9.84
CA ASN A 132 7.03 -22.47 9.08
C ASN A 132 7.32 -22.65 7.59
N LYS A 133 8.29 -21.94 7.05
CA LYS A 133 8.61 -22.03 5.64
C LYS A 133 10.13 -21.94 5.41
N GLN A 134 10.65 -20.68 5.36
CA GLN A 134 12.08 -20.37 5.14
C GLN A 134 12.28 -19.64 3.82
N LYS A 135 11.59 -20.09 2.78
CA LYS A 135 11.71 -19.50 1.45
C LYS A 135 11.12 -18.09 1.39
N PRO A 136 11.99 -17.07 1.24
CA PRO A 136 11.55 -15.69 1.14
C PRO A 136 10.96 -15.38 -0.23
N ILE A 137 9.99 -14.48 -0.27
CA ILE A 137 9.34 -14.13 -1.51
C ILE A 137 10.22 -13.21 -2.36
N THR A 138 10.95 -13.81 -3.30
CA THR A 138 11.84 -13.04 -4.17
C THR A 138 11.04 -12.17 -5.12
N PRO A 139 11.59 -11.00 -5.51
CA PRO A 139 10.92 -10.08 -6.43
C PRO A 139 10.30 -10.79 -7.63
N GLU A 140 10.88 -11.93 -8.00
CA GLU A 140 10.40 -12.70 -9.13
C GLU A 140 9.14 -13.48 -8.75
N THR A 141 9.06 -13.90 -7.50
CA THR A 141 7.91 -14.65 -7.01
C THR A 141 6.65 -13.81 -7.06
N ALA A 142 6.67 -12.66 -6.39
CA ALA A 142 5.53 -11.77 -6.35
C ALA A 142 5.03 -11.46 -7.76
N GLU A 143 5.97 -11.20 -8.67
CA GLU A 143 5.62 -10.90 -10.05
C GLU A 143 4.79 -12.02 -10.67
N LYS A 144 5.21 -13.26 -10.42
CA LYS A 144 4.50 -14.43 -10.95
C LYS A 144 3.04 -14.41 -10.50
N LEU A 145 2.82 -14.50 -9.20
CA LEU A 145 1.47 -14.50 -8.64
C LEU A 145 0.73 -13.21 -9.01
N ALA A 146 1.47 -12.11 -9.04
CA ALA A 146 0.89 -10.81 -9.38
C ALA A 146 0.11 -10.90 -10.69
N ARG A 147 0.80 -11.24 -11.76
CA ARG A 147 0.17 -11.36 -13.06
C ARG A 147 -0.82 -12.53 -13.10
N ASP A 148 -0.62 -13.48 -12.19
CA ASP A 148 -1.49 -14.65 -12.11
C ASP A 148 -2.96 -14.22 -12.06
N LEU A 149 -3.27 -13.27 -11.20
CA LEU A 149 -4.63 -12.78 -11.07
C LEU A 149 -4.86 -11.55 -11.95
N LYS A 150 -3.98 -11.35 -12.94
CA LYS A 150 -4.09 -10.22 -13.85
C LYS A 150 -4.33 -8.93 -13.08
N ALA A 151 -3.49 -8.67 -12.10
CA ALA A 151 -3.62 -7.45 -11.29
C ALA A 151 -3.12 -6.23 -12.04
N VAL A 152 -1.81 -6.02 -12.03
CA VAL A 152 -1.20 -4.89 -12.71
C VAL A 152 0.28 -5.13 -12.96
N LYS A 153 1.06 -5.03 -11.90
CA LYS A 153 2.50 -5.21 -11.99
C LYS A 153 3.16 -5.09 -10.61
N TYR A 154 4.19 -5.88 -10.37
CA TYR A 154 4.91 -5.86 -9.11
C TYR A 154 6.27 -5.17 -9.28
N VAL A 155 6.39 -3.98 -8.71
CA VAL A 155 7.63 -3.21 -8.81
C VAL A 155 8.44 -3.32 -7.52
N GLU A 156 9.73 -3.06 -7.61
CA GLU A 156 10.62 -3.14 -6.46
C GLU A 156 10.92 -1.77 -5.86
N CYS A 157 10.65 -1.63 -4.57
CA CYS A 157 10.90 -0.38 -3.86
C CYS A 157 10.49 -0.49 -2.40
N SER A 158 11.41 -0.18 -1.49
CA SER A 158 11.14 -0.26 -0.07
C SER A 158 11.12 1.12 0.58
N ALA A 159 10.63 1.18 1.82
CA ALA A 159 10.56 2.43 2.56
C ALA A 159 11.73 2.56 3.52
N LEU A 160 12.19 1.44 4.05
CA LEU A 160 13.31 1.44 4.98
C LEU A 160 14.48 2.20 4.39
N THR A 161 14.69 2.03 3.09
CA THR A 161 15.78 2.71 2.39
C THR A 161 15.25 3.67 1.33
N GLN A 162 13.95 3.54 1.01
CA GLN A 162 13.33 4.39 0.00
C GLN A 162 13.93 4.14 -1.37
N LYS A 163 13.60 2.99 -1.96
CA LYS A 163 14.11 2.63 -3.28
C LYS A 163 13.11 2.98 -4.37
N GLY A 164 12.20 3.92 -4.07
CA GLY A 164 11.21 4.32 -5.05
C GLY A 164 9.81 3.82 -4.72
N LEU A 165 9.44 3.88 -3.45
CA LEU A 165 8.12 3.44 -3.01
C LEU A 165 7.03 4.05 -3.90
N LYS A 166 7.30 5.26 -4.40
CA LYS A 166 6.36 5.95 -5.26
C LYS A 166 6.24 5.24 -6.60
N ASN A 167 7.34 4.62 -7.04
CA ASN A 167 7.35 3.90 -8.31
C ASN A 167 6.20 2.90 -8.36
N VAL A 168 6.30 1.85 -7.55
CA VAL A 168 5.25 0.83 -7.52
C VAL A 168 3.89 1.47 -7.35
N PHE A 169 3.81 2.44 -6.45
CA PHE A 169 2.57 3.16 -6.20
C PHE A 169 2.09 3.83 -7.49
N ASP A 170 3.04 4.30 -8.29
CA ASP A 170 2.73 4.95 -9.55
C ASP A 170 1.98 3.99 -10.46
N GLU A 171 2.33 2.71 -10.37
CA GLU A 171 1.69 1.68 -11.17
C GLU A 171 0.29 1.41 -10.63
N ALA A 172 0.12 1.59 -9.32
CA ALA A 172 -1.18 1.36 -8.68
C ALA A 172 -2.12 2.51 -8.96
N ILE A 173 -1.59 3.73 -8.89
CA ILE A 173 -2.39 4.93 -9.15
C ILE A 173 -2.59 5.11 -10.65
N LEU A 174 -1.60 4.70 -11.42
CA LEU A 174 -1.65 4.80 -12.86
C LEU A 174 -2.92 4.14 -13.40
N ALA A 175 -3.17 2.93 -12.95
CA ALA A 175 -4.36 2.20 -13.37
C ALA A 175 -5.63 2.97 -12.99
N ALA A 176 -5.52 3.84 -12.00
CA ALA A 176 -6.65 4.64 -11.55
C ALA A 176 -6.80 5.90 -12.40
N LEU A 177 -5.69 6.54 -12.71
CA LEU A 177 -5.69 7.75 -13.52
C LEU A 177 -6.10 7.45 -14.96
N GLU A 178 -5.92 6.20 -15.36
CA GLU A 178 -6.27 5.78 -16.71
C GLU A 178 -6.22 4.25 -16.84
N PRO A 179 -7.01 3.68 -17.78
CA PRO A 179 -7.06 2.23 -17.99
C PRO A 179 -5.66 1.64 -18.20
N PRO A 180 -5.28 0.64 -17.38
CA PRO A 180 -3.97 -0.01 -17.49
C PRO A 180 -3.87 -0.92 -18.71
N GLU A 181 -2.72 -1.58 -18.87
CA GLU A 181 -2.50 -2.47 -19.99
C GLU A 181 -1.64 -3.67 -19.58
N PRO A 182 -2.29 -4.82 -19.31
CA PRO A 182 -1.60 -6.05 -18.89
C PRO A 182 -1.16 -6.91 -20.06
N LYS A 183 -0.76 -6.26 -21.13
CA LYS A 183 -0.31 -6.95 -22.33
C LYS A 183 0.85 -7.89 -22.01
N LYS A 184 1.04 -8.89 -22.87
CA LYS A 184 2.11 -9.87 -22.68
C LYS A 184 3.20 -9.68 -23.73
N GLY B 1 5.95 15.72 -12.37
CA GLY B 1 5.16 15.03 -13.42
C GLY B 1 5.62 13.61 -13.68
N SER B 2 4.76 12.64 -13.37
CA SER B 2 5.10 11.24 -13.57
C SER B 2 5.22 10.92 -15.06
N GLY B 3 4.07 10.75 -15.71
CA GLY B 3 4.08 10.42 -17.13
C GLY B 3 4.04 8.94 -17.39
N LEU B 4 2.87 8.43 -17.77
CA LEU B 4 2.72 7.00 -18.04
C LEU B 4 1.44 6.72 -18.82
N SER B 5 1.21 7.49 -19.88
CA SER B 5 0.02 7.31 -20.70
C SER B 5 -1.23 7.50 -19.84
N ALA B 6 -1.68 8.74 -19.74
CA ALA B 6 -2.85 9.08 -18.94
C ALA B 6 -3.03 10.58 -18.88
N GLN B 7 -1.90 11.29 -18.79
CA GLN B 7 -1.86 12.74 -18.71
C GLN B 7 -0.56 13.18 -18.04
N ASP B 8 0.06 12.27 -17.28
CA ASP B 8 1.31 12.52 -16.57
C ASP B 8 1.03 13.06 -15.17
N ILE B 9 0.00 12.50 -14.55
CA ILE B 9 -0.39 12.90 -13.19
C ILE B 9 0.66 12.43 -12.18
N SER B 10 1.00 13.31 -11.25
CA SER B 10 1.99 13.01 -10.23
C SER B 10 1.34 12.85 -8.86
N GLN B 11 1.98 12.08 -7.99
CA GLN B 11 1.46 11.85 -6.65
C GLN B 11 2.14 12.76 -5.64
N PRO B 12 3.44 12.55 -5.36
CA PRO B 12 4.19 13.38 -4.41
C PRO B 12 4.61 14.71 -5.04
N LEU B 13 3.62 15.49 -5.47
CA LEU B 13 3.88 16.78 -6.10
C LEU B 13 4.32 17.82 -5.08
N GLN B 14 3.35 18.49 -4.46
CA GLN B 14 3.66 19.52 -3.47
C GLN B 14 3.80 18.93 -2.07
N ASN B 15 3.44 17.66 -1.91
CA ASN B 15 3.53 17.01 -0.61
C ASN B 15 2.80 17.84 0.45
N SER B 16 1.84 18.63 0.00
CA SER B 16 1.05 19.49 0.90
C SER B 16 0.16 18.67 1.81
N PHE B 17 0.76 17.79 2.61
CA PHE B 17 0.01 16.96 3.54
C PHE B 17 -0.38 17.76 4.77
N ILE B 18 -1.56 18.37 4.73
CA ILE B 18 -2.05 19.18 5.84
C ILE B 18 -2.54 18.30 6.99
N HIS B 19 -2.57 18.87 8.18
CA HIS B 19 -3.03 18.13 9.36
C HIS B 19 -4.45 18.53 9.73
N THR B 20 -5.35 17.55 9.72
CA THR B 20 -6.75 17.79 10.05
C THR B 20 -7.27 16.73 11.01
N GLY B 21 -7.28 15.48 10.56
CA GLY B 21 -7.75 14.39 11.40
C GLY B 21 -7.02 14.32 12.73
N HIS B 22 -7.78 14.46 13.82
CA HIS B 22 -7.20 14.40 15.16
C HIS B 22 -6.49 13.06 15.39
N GLY B 23 -7.26 12.06 15.78
CA GLY B 23 -6.69 10.74 16.03
C GLY B 23 -5.79 10.72 17.25
N ASP B 24 -5.43 9.53 17.69
CA ASP B 24 -4.56 9.38 18.85
C ASP B 24 -3.09 9.46 18.45
N SER B 25 -2.59 10.68 18.33
CA SER B 25 -1.20 10.90 17.96
C SER B 25 -0.30 10.79 19.17
N ASP B 26 0.28 9.61 19.38
CA ASP B 26 1.18 9.38 20.52
C ASP B 26 1.74 7.96 20.48
N PRO B 27 2.98 7.79 20.96
CA PRO B 27 3.64 6.47 21.00
C PRO B 27 2.84 5.45 21.81
N ARG B 28 2.12 4.58 21.12
CA ARG B 28 1.31 3.56 21.77
C ARG B 28 2.01 2.21 21.77
N HIS B 29 2.39 1.74 20.59
CA HIS B 29 3.06 0.46 20.46
C HIS B 29 4.15 0.51 19.40
N CYS B 30 3.81 1.06 18.23
CA CYS B 30 4.75 1.18 17.12
C CYS B 30 4.99 -0.19 16.48
N TRP B 31 5.96 -0.24 15.57
CA TRP B 31 6.29 -1.49 14.89
C TRP B 31 6.78 -2.54 15.88
N GLY B 32 5.92 -3.48 16.20
CA GLY B 32 6.27 -4.53 17.14
C GLY B 32 6.14 -5.92 16.54
N PHE B 33 5.09 -6.11 15.74
CA PHE B 33 4.84 -7.40 15.10
C PHE B 33 5.19 -7.35 13.62
N PRO B 34 5.52 -8.51 13.02
CA PRO B 34 5.86 -8.59 11.59
C PRO B 34 4.68 -8.28 10.69
N ASP B 35 4.86 -7.33 9.79
CA ASP B 35 3.80 -6.93 8.87
C ASP B 35 2.69 -6.18 9.60
N ARG B 36 2.15 -5.15 8.96
CA ARG B 36 1.08 -4.36 9.56
C ARG B 36 -0.22 -5.14 9.63
N ILE B 37 -0.99 -4.92 10.69
CA ILE B 37 -2.25 -5.59 10.83
C ILE B 37 -3.14 -5.28 9.64
N ASP B 38 -3.95 -6.27 9.23
CA ASP B 38 -4.82 -6.10 8.07
C ASP B 38 -5.48 -4.72 8.04
N GLU B 39 -5.44 -4.09 6.88
CA GLU B 39 -6.03 -2.76 6.66
C GLU B 39 -7.38 -2.61 7.38
N LEU B 40 -8.07 -3.74 7.55
CA LEU B 40 -9.38 -3.78 8.21
C LEU B 40 -9.55 -2.71 9.29
N TYR B 41 -8.83 -2.86 10.40
CA TYR B 41 -8.94 -1.91 11.51
C TYR B 41 -7.77 -0.94 11.56
N LEU B 42 -6.57 -1.47 11.79
CA LEU B 42 -5.38 -0.65 11.88
C LEU B 42 -5.44 0.28 13.09
N GLY B 43 -4.31 0.46 13.76
CA GLY B 43 -4.27 1.32 14.92
C GLY B 43 -3.55 0.68 16.10
N ASN B 44 -2.79 1.48 16.84
CA ASN B 44 -2.05 0.98 17.99
C ASN B 44 -2.62 1.54 19.29
MG MG C . 0.30 4.63 8.67
PG GNP D . -0.17 2.19 11.13
O1G GNP D . -0.11 1.94 12.59
O2G GNP D . -0.21 3.59 10.66
O3G GNP D . -1.54 1.51 10.62
N3B GNP D . 1.18 1.49 10.46
PB GNP D . 1.44 1.44 8.80
O1B GNP D . 0.32 0.70 8.21
O2B GNP D . 1.68 2.84 8.36
O3A GNP D . 2.78 0.63 8.42
PA GNP D . 4.01 1.06 7.48
O1A GNP D . 5.23 1.16 8.31
O2A GNP D . 3.57 2.22 6.66
O5' GNP D . 4.16 -0.20 6.49
C5' GNP D . 5.35 -0.40 5.73
C4' GNP D . 5.97 -1.77 5.98
O4' GNP D . 5.07 -2.81 5.58
C3' GNP D . 7.25 -1.93 5.20
O3' GNP D . 8.39 -2.01 6.06
C2' GNP D . 7.10 -3.17 4.36
O2' GNP D . 8.12 -4.12 4.68
C1' GNP D . 5.74 -3.71 4.69
N9 GNP D . 4.94 -3.92 3.45
C8 GNP D . 3.70 -3.47 3.14
N7 GNP D . 3.21 -3.78 1.99
C5 GNP D . 4.24 -4.55 1.44
C6 GNP D . 4.33 -5.19 0.16
O6 GNP D . 3.50 -5.21 -0.74
N1 GNP D . 5.55 -5.86 0.00
C2 GNP D . 6.57 -5.91 0.94
N2 GNP D . 7.67 -6.59 0.58
N3 GNP D . 6.50 -5.30 2.14
C4 GNP D . 5.31 -4.64 2.33
HNB3 GNP D . 1.84 1.09 11.05
H5'2 GNP D . 6.08 0.38 6.01
H5'1 GNP D . 5.11 -0.30 4.67
H4' GNP D . 6.18 -1.87 7.05
H3' GNP D . 7.36 -1.09 4.53
HO3' GNP D . 8.16 -2.64 6.76
H2' GNP D . 7.16 -2.91 3.32
HO2' GNP D . 8.68 -4.20 3.92
H1' GNP D . 5.86 -4.65 5.18
H8 GNP D . 3.13 -2.86 3.85
HN1 GNP D . 5.68 -6.33 -0.86
HN21 GNP D . 7.71 -7.04 -0.32
HN22 GNP D . 8.47 -6.61 1.20
N MET A 1 -8.29 15.06 -17.39
CA MET A 1 -8.17 15.11 -15.91
C MET A 1 -8.02 13.70 -15.31
N GLN A 2 -9.15 13.04 -15.06
CA GLN A 2 -9.13 11.69 -14.50
C GLN A 2 -8.45 11.68 -13.14
N THR A 3 -9.03 10.94 -12.20
CA THR A 3 -8.48 10.85 -10.86
C THR A 3 -8.21 9.41 -10.45
N ILE A 4 -7.99 9.19 -9.16
CA ILE A 4 -7.71 7.86 -8.63
C ILE A 4 -8.18 7.72 -7.18
N LYS A 5 -8.78 6.58 -6.87
CA LYS A 5 -9.27 6.32 -5.51
C LYS A 5 -8.22 5.55 -4.71
N CYS A 6 -7.51 6.26 -3.85
CA CYS A 6 -6.47 5.65 -3.02
C CYS A 6 -7.08 4.95 -1.80
N VAL A 7 -7.03 3.63 -1.80
CA VAL A 7 -7.58 2.85 -0.69
C VAL A 7 -6.83 1.52 -0.55
N VAL A 8 -6.00 1.42 0.48
CA VAL A 8 -5.22 0.21 0.70
C VAL A 8 -5.98 -0.79 1.58
N VAL A 9 -5.94 -2.04 1.16
CA VAL A 9 -6.58 -3.12 1.89
C VAL A 9 -5.62 -4.29 2.02
N GLY A 10 -5.44 -4.79 3.22
CA GLY A 10 -4.53 -5.89 3.42
C GLY A 10 -3.75 -5.77 4.72
N ASP A 11 -2.69 -6.56 4.84
CA ASP A 11 -1.85 -6.53 6.04
C ASP A 11 -0.68 -5.56 5.86
N GLY A 12 -0.83 -4.61 4.94
CA GLY A 12 0.21 -3.63 4.70
C GLY A 12 -0.29 -2.21 4.75
N ALA A 13 0.62 -1.27 4.92
CA ALA A 13 0.28 0.14 5.00
C ALA A 13 0.35 0.81 3.64
N VAL A 14 1.09 0.20 2.70
CA VAL A 14 1.26 0.75 1.36
C VAL A 14 -0.07 1.28 0.81
N GLY A 15 -0.30 2.58 1.02
CA GLY A 15 -1.52 3.19 0.54
C GLY A 15 -1.59 4.68 0.83
N LYS A 16 -1.90 5.02 2.08
CA LYS A 16 -2.01 6.42 2.48
C LYS A 16 -0.73 6.91 3.17
N THR A 17 -0.63 6.65 4.46
CA THR A 17 0.52 7.08 5.26
C THR A 17 1.83 6.44 4.80
N CYS A 18 1.81 5.11 4.67
CA CYS A 18 3.00 4.34 4.28
C CYS A 18 3.92 5.09 3.32
N LEU A 19 3.49 5.28 2.08
CA LEU A 19 4.32 5.96 1.08
C LEU A 19 4.74 7.37 1.52
N LEU A 20 3.78 8.28 1.52
CA LEU A 20 4.05 9.67 1.87
C LEU A 20 4.80 9.79 3.20
N ILE A 21 4.16 9.42 4.31
CA ILE A 21 4.80 9.51 5.62
C ILE A 21 6.23 8.98 5.57
N SER A 22 6.37 7.67 5.37
CA SER A 22 7.69 7.05 5.30
C SER A 22 8.60 7.82 4.35
N TYR A 23 7.99 8.49 3.38
CA TYR A 23 8.74 9.26 2.39
C TYR A 23 9.10 10.64 2.95
N THR A 24 8.29 11.12 3.91
CA THR A 24 8.52 12.43 4.51
C THR A 24 9.20 12.28 5.88
N THR A 25 8.51 11.66 6.82
CA THR A 25 9.05 11.45 8.17
C THR A 25 10.31 10.60 8.13
N ASN A 26 10.17 9.38 7.60
CA ASN A 26 11.29 8.46 7.49
C ASN A 26 11.63 7.85 8.85
N LYS A 27 10.60 7.47 9.60
CA LYS A 27 10.81 6.87 10.92
C LYS A 27 10.23 5.47 10.98
N PHE A 28 11.06 4.47 10.65
CA PHE A 28 10.63 3.07 10.66
C PHE A 28 10.85 2.42 12.02
N PRO A 29 12.02 2.62 12.65
CA PRO A 29 12.33 2.03 13.95
C PRO A 29 11.79 2.85 15.12
N SER A 30 10.50 2.71 15.39
CA SER A 30 9.87 3.43 16.49
C SER A 30 8.42 2.97 16.67
N GLU A 31 7.47 3.70 16.05
CA GLU A 31 6.06 3.36 16.15
C GLU A 31 5.29 3.99 15.01
N TYR A 32 4.15 3.39 14.66
CA TYR A 32 3.33 3.91 13.58
C TYR A 32 1.87 3.95 13.99
N VAL A 33 1.42 5.09 14.48
CA VAL A 33 0.03 5.25 14.90
C VAL A 33 -0.62 6.52 14.35
N PRO A 34 -0.21 7.05 13.17
CA PRO A 34 -0.81 8.26 12.60
C PRO A 34 -2.04 7.95 11.75
N THR A 35 -1.99 6.83 11.02
CA THR A 35 -3.08 6.42 10.16
C THR A 35 -4.42 6.46 10.88
N VAL A 36 -5.17 7.54 10.65
CA VAL A 36 -6.49 7.72 11.25
C VAL A 36 -7.09 9.07 10.87
N PHE A 37 -6.23 10.07 10.75
CA PHE A 37 -6.65 11.41 10.39
C PHE A 37 -6.20 11.76 8.98
N ASP A 38 -6.20 10.77 8.10
CA ASP A 38 -5.79 10.96 6.71
C ASP A 38 -6.98 11.37 5.84
N ASN A 39 -7.78 12.31 6.33
CA ASN A 39 -8.94 12.79 5.60
C ASN A 39 -8.69 14.19 5.02
N TYR A 40 -7.66 14.86 5.53
CA TYR A 40 -7.32 16.20 5.08
C TYR A 40 -6.99 16.19 3.59
N ALA A 41 -6.76 17.38 3.03
CA ALA A 41 -6.43 17.50 1.61
C ALA A 41 -4.92 17.48 1.40
N VAL A 42 -4.51 17.48 0.13
CA VAL A 42 -3.10 17.48 -0.21
C VAL A 42 -2.83 18.40 -1.40
N THR A 43 -1.68 19.06 -1.38
CA THR A 43 -1.31 19.98 -2.45
C THR A 43 -0.67 19.22 -3.60
N VAL A 44 -1.41 19.07 -4.69
CA VAL A 44 -0.91 18.35 -5.86
C VAL A 44 -1.68 18.75 -7.13
N MET A 45 -1.02 18.62 -8.27
CA MET A 45 -1.62 18.96 -9.55
C MET A 45 -1.70 17.72 -10.43
N ILE A 46 -2.86 17.07 -10.43
CA ILE A 46 -3.06 15.87 -11.22
C ILE A 46 -3.13 16.18 -12.71
N GLY A 47 -1.97 16.20 -13.37
CA GLY A 47 -1.89 16.47 -14.79
C GLY A 47 -2.88 17.52 -15.28
N GLY A 48 -4.09 17.08 -15.63
CA GLY A 48 -5.12 17.98 -16.13
C GLY A 48 -5.14 19.32 -15.38
N GLU A 49 -5.73 19.33 -14.19
CA GLU A 49 -5.81 20.55 -13.40
C GLU A 49 -5.61 20.26 -11.91
N PRO A 50 -5.29 21.29 -11.11
CA PRO A 50 -5.08 21.15 -9.67
C PRO A 50 -6.25 20.49 -8.96
N TYR A 51 -6.18 19.17 -8.84
CA TYR A 51 -7.23 18.41 -8.19
C TYR A 51 -6.79 16.94 -8.04
N THR A 52 -6.84 16.43 -6.82
CA THR A 52 -6.46 15.06 -6.53
C THR A 52 -7.48 14.38 -5.63
N LEU A 53 -7.74 13.10 -5.90
CA LEU A 53 -8.70 12.34 -5.11
C LEU A 53 -8.16 12.04 -3.72
N GLY A 54 -8.87 12.49 -2.69
CA GLY A 54 -8.43 12.26 -1.33
C GLY A 54 -8.14 10.80 -1.06
N LEU A 55 -7.25 10.53 -0.11
CA LEU A 55 -6.89 9.16 0.23
C LEU A 55 -7.44 8.78 1.59
N PHE A 56 -8.61 8.14 1.59
CA PHE A 56 -9.25 7.71 2.84
C PHE A 56 -8.70 6.36 3.28
N ASP A 57 -7.86 6.38 4.31
CA ASP A 57 -7.26 5.15 4.83
C ASP A 57 -8.08 4.61 5.99
N THR A 58 -7.84 3.35 6.33
CA THR A 58 -8.57 2.71 7.42
C THR A 58 -7.85 2.91 8.76
N ALA A 59 -8.64 3.02 9.82
CA ALA A 59 -8.12 3.21 11.16
C ALA A 59 -9.22 3.11 12.20
N GLY A 60 -8.95 3.61 13.40
CA GLY A 60 -9.94 3.56 14.46
C GLY A 60 -9.36 3.87 15.82
N LEU A 61 -8.92 5.10 16.00
CA LEU A 61 -8.32 5.52 17.28
C LEU A 61 -9.10 6.69 17.88
N GLU A 62 -8.75 7.91 17.49
CA GLU A 62 -9.42 9.09 18.00
C GLU A 62 -10.47 9.60 17.03
N ASP A 63 -10.21 9.39 15.74
CA ASP A 63 -11.13 9.84 14.70
C ASP A 63 -12.40 9.01 14.68
N TYR A 64 -12.25 7.72 14.40
CA TYR A 64 -13.40 6.80 14.35
C TYR A 64 -13.26 5.70 15.40
N ASP A 65 -14.39 5.08 15.74
CA ASP A 65 -14.39 4.01 16.73
C ASP A 65 -14.07 2.68 16.08
N ARG A 66 -14.98 2.18 15.24
CA ARG A 66 -14.80 0.91 14.56
C ARG A 66 -14.25 1.12 13.15
N LEU A 67 -14.92 1.97 12.38
CA LEU A 67 -14.50 2.25 11.02
C LEU A 67 -14.42 0.97 10.20
N ARG A 68 -15.38 0.77 9.30
CA ARG A 68 -15.42 -0.43 8.46
C ARG A 68 -15.89 -0.10 7.06
N PRO A 69 -15.25 0.88 6.39
CA PRO A 69 -15.61 1.28 5.03
C PRO A 69 -14.95 0.39 3.98
N LEU A 70 -13.87 -0.29 4.37
CA LEU A 70 -13.15 -1.17 3.46
C LEU A 70 -13.88 -2.50 3.26
N SER A 71 -15.03 -2.66 3.90
CA SER A 71 -15.80 -3.90 3.78
C SER A 71 -15.99 -4.28 2.30
N TYR A 72 -16.65 -3.40 1.56
CA TYR A 72 -16.90 -3.64 0.15
C TYR A 72 -17.19 -2.33 -0.59
N PRO A 73 -16.26 -1.36 -0.50
CA PRO A 73 -16.43 -0.05 -1.16
C PRO A 73 -16.56 -0.17 -2.67
N GLN A 74 -16.83 0.94 -3.33
CA GLN A 74 -16.97 0.97 -4.78
C GLN A 74 -15.66 1.37 -5.47
N THR A 75 -14.57 1.41 -4.71
CA THR A 75 -13.27 1.78 -5.26
C THR A 75 -13.00 1.03 -6.57
N ASP A 76 -12.31 1.70 -7.49
CA ASP A 76 -12.00 1.09 -8.78
C ASP A 76 -10.52 0.73 -8.86
N VAL A 77 -9.70 1.36 -8.03
CA VAL A 77 -8.27 1.09 -8.01
C VAL A 77 -7.80 0.65 -6.63
N PHE A 78 -7.94 -0.63 -6.34
CA PHE A 78 -7.52 -1.18 -5.05
C PHE A 78 -6.02 -1.44 -5.04
N LEU A 79 -5.47 -1.66 -3.86
CA LEU A 79 -4.04 -1.93 -3.71
C LEU A 79 -3.78 -2.96 -2.63
N VAL A 80 -3.38 -4.15 -3.04
CA VAL A 80 -3.08 -5.23 -2.10
C VAL A 80 -1.65 -5.12 -1.58
N CYS A 81 -1.44 -5.53 -0.33
CA CYS A 81 -0.12 -5.47 0.27
C CYS A 81 0.42 -6.87 0.56
N PHE A 82 1.67 -6.92 1.00
CA PHE A 82 2.33 -8.18 1.33
C PHE A 82 3.75 -7.90 1.82
N SER A 83 4.53 -8.96 2.02
CA SER A 83 5.91 -8.80 2.48
C SER A 83 6.77 -10.00 2.11
N VAL A 84 7.97 -9.74 1.63
CA VAL A 84 8.90 -10.79 1.24
C VAL A 84 9.07 -11.81 2.37
N VAL A 85 9.13 -11.32 3.60
CA VAL A 85 9.28 -12.18 4.76
C VAL A 85 7.97 -12.92 5.05
N SER A 86 7.98 -14.23 4.84
CA SER A 86 6.78 -15.03 5.08
C SER A 86 7.13 -16.47 5.46
N PRO A 87 6.45 -17.02 6.49
CA PRO A 87 6.67 -18.37 6.96
C PRO A 87 5.73 -19.36 6.27
N SER A 88 5.73 -19.31 4.94
CA SER A 88 4.88 -20.20 4.14
C SER A 88 3.44 -19.67 4.10
N SER A 89 3.29 -18.36 4.27
CA SER A 89 1.98 -17.75 4.25
C SER A 89 1.65 -17.18 2.88
N PHE A 90 2.69 -16.85 2.11
CA PHE A 90 2.50 -16.30 0.77
C PHE A 90 1.52 -17.14 -0.03
N GLU A 91 1.78 -18.45 -0.13
CA GLU A 91 0.92 -19.35 -0.87
C GLU A 91 -0.54 -19.17 -0.46
N ASN A 92 -0.79 -19.26 0.84
CA ASN A 92 -2.14 -19.11 1.37
C ASN A 92 -2.66 -17.70 1.11
N VAL A 93 -1.83 -16.71 1.43
CA VAL A 93 -2.20 -15.30 1.23
C VAL A 93 -2.71 -15.07 -0.19
N LYS A 94 -2.05 -15.70 -1.16
CA LYS A 94 -2.43 -15.56 -2.56
C LYS A 94 -3.84 -16.13 -2.80
N GLU A 95 -4.06 -17.35 -2.34
CA GLU A 95 -5.36 -18.00 -2.51
C GLU A 95 -6.35 -17.57 -1.43
N LYS A 96 -5.97 -16.59 -0.61
CA LYS A 96 -6.84 -16.11 0.45
C LYS A 96 -7.35 -14.70 0.15
N TRP A 97 -6.59 -13.97 -0.66
CA TRP A 97 -6.97 -12.61 -1.02
C TRP A 97 -7.72 -12.59 -2.35
N VAL A 98 -7.19 -13.32 -3.33
CA VAL A 98 -7.82 -13.37 -4.65
C VAL A 98 -9.31 -13.69 -4.55
N PRO A 99 -9.70 -14.69 -3.74
CA PRO A 99 -11.10 -15.07 -3.59
C PRO A 99 -11.84 -14.16 -2.61
N GLU A 100 -11.09 -13.40 -1.82
CA GLU A 100 -11.69 -12.49 -0.84
C GLU A 100 -11.94 -11.12 -1.46
N ILE A 101 -10.93 -10.58 -2.11
CA ILE A 101 -11.04 -9.27 -2.74
C ILE A 101 -12.09 -9.27 -3.85
N THR A 102 -12.37 -10.46 -4.38
CA THR A 102 -13.36 -10.60 -5.44
C THR A 102 -14.75 -10.88 -4.86
N HIS A 103 -14.77 -11.47 -3.67
CA HIS A 103 -16.03 -11.79 -3.01
C HIS A 103 -16.66 -10.55 -2.40
N HIS A 104 -15.92 -9.89 -1.52
CA HIS A 104 -16.41 -8.68 -0.86
C HIS A 104 -16.59 -7.55 -1.86
N CYS A 105 -15.51 -7.21 -2.57
CA CYS A 105 -15.55 -6.15 -3.56
C CYS A 105 -16.01 -6.68 -4.91
N PRO A 106 -16.80 -5.89 -5.66
CA PRO A 106 -17.31 -6.28 -6.97
C PRO A 106 -16.21 -6.35 -8.02
N LYS A 107 -15.22 -7.20 -7.78
CA LYS A 107 -14.10 -7.36 -8.71
C LYS A 107 -13.27 -6.09 -8.77
N THR A 108 -12.41 -5.89 -7.76
CA THR A 108 -11.55 -4.72 -7.72
C THR A 108 -10.11 -5.09 -7.97
N PRO A 109 -9.37 -4.25 -8.72
CA PRO A 109 -7.96 -4.51 -9.04
C PRO A 109 -7.06 -4.48 -7.81
N PHE A 110 -5.79 -4.75 -8.02
CA PHE A 110 -4.81 -4.76 -6.93
C PHE A 110 -3.39 -4.75 -7.47
N LEU A 111 -2.56 -3.88 -6.91
CA LEU A 111 -1.17 -3.76 -7.33
C LEU A 111 -0.24 -4.31 -6.27
N LEU A 112 0.82 -4.98 -6.69
CA LEU A 112 1.79 -5.56 -5.78
C LEU A 112 2.90 -4.55 -5.46
N VAL A 113 3.54 -4.70 -4.30
CA VAL A 113 4.60 -3.79 -3.90
C VAL A 113 5.73 -4.53 -3.18
N GLY A 114 6.96 -4.21 -3.56
CA GLY A 114 8.11 -4.84 -2.94
C GLY A 114 8.84 -3.88 -2.01
N THR A 115 8.38 -3.83 -0.77
CA THR A 115 8.96 -2.94 0.24
C THR A 115 9.72 -3.70 1.32
N GLN A 116 9.78 -5.03 1.21
CA GLN A 116 10.51 -5.83 2.17
C GLN A 116 11.89 -6.12 1.63
N ILE A 117 12.03 -6.05 0.31
CA ILE A 117 13.31 -6.29 -0.35
C ILE A 117 14.44 -5.55 0.37
N ASP A 118 14.08 -4.46 1.05
CA ASP A 118 15.05 -3.66 1.77
C ASP A 118 15.87 -4.52 2.73
N LEU A 119 15.20 -5.36 3.51
CA LEU A 119 15.88 -6.21 4.48
C LEU A 119 15.59 -7.69 4.26
N ARG A 120 15.04 -8.04 3.09
CA ARG A 120 14.72 -9.43 2.80
C ARG A 120 15.93 -10.33 3.09
N ASP A 121 17.13 -9.76 2.97
CA ASP A 121 18.35 -10.51 3.22
C ASP A 121 18.53 -10.78 4.71
N ASP A 122 17.88 -9.97 5.55
CA ASP A 122 17.98 -10.12 7.00
C ASP A 122 17.76 -11.58 7.41
N PRO A 123 18.84 -12.30 7.76
CA PRO A 123 18.76 -13.71 8.16
C PRO A 123 18.00 -13.91 9.48
N SER A 124 17.66 -12.82 10.14
CA SER A 124 16.95 -12.89 11.40
C SER A 124 15.47 -13.13 11.15
N THR A 125 14.80 -12.16 10.55
CA THR A 125 13.38 -12.29 10.24
C THR A 125 13.19 -13.54 9.40
N ILE A 126 14.13 -13.77 8.51
CA ILE A 126 14.10 -14.92 7.63
C ILE A 126 14.01 -16.21 8.47
N GLU A 127 14.79 -16.24 9.55
CA GLU A 127 14.79 -17.38 10.44
C GLU A 127 13.40 -17.59 11.01
N LYS A 128 12.70 -16.48 11.30
CA LYS A 128 11.34 -16.58 11.82
C LYS A 128 10.48 -17.29 10.80
N LEU A 129 10.82 -17.10 9.53
CA LEU A 129 10.11 -17.75 8.45
C LEU A 129 10.52 -19.21 8.41
N ALA A 130 11.83 -19.42 8.59
CA ALA A 130 12.40 -20.75 8.57
C ALA A 130 11.55 -21.72 9.39
N LYS A 131 10.94 -21.22 10.46
CA LYS A 131 10.09 -22.04 11.31
C LYS A 131 9.08 -22.81 10.46
N ASN A 132 8.65 -22.20 9.36
CA ASN A 132 7.70 -22.82 8.45
C ASN A 132 8.25 -22.92 7.02
N LYS A 133 9.08 -21.94 6.65
CA LYS A 133 9.67 -21.93 5.32
C LYS A 133 11.10 -21.38 5.34
N GLN A 134 11.28 -20.09 4.99
CA GLN A 134 12.58 -19.39 4.95
C GLN A 134 12.76 -18.69 3.61
N LYS A 135 12.06 -19.16 2.59
CA LYS A 135 12.14 -18.60 1.25
C LYS A 135 11.53 -17.20 1.19
N PRO A 136 12.38 -16.16 1.01
CA PRO A 136 11.92 -14.79 0.92
C PRO A 136 11.38 -14.47 -0.46
N ILE A 137 10.16 -13.95 -0.52
CA ILE A 137 9.55 -13.62 -1.80
C ILE A 137 10.42 -12.66 -2.60
N THR A 138 11.23 -13.22 -3.50
CA THR A 138 12.12 -12.41 -4.32
C THR A 138 11.34 -11.55 -5.30
N PRO A 139 11.94 -10.43 -5.76
CA PRO A 139 11.28 -9.52 -6.70
C PRO A 139 10.67 -10.27 -7.88
N GLU A 140 11.24 -11.42 -8.21
CA GLU A 140 10.74 -12.23 -9.31
C GLU A 140 9.48 -12.99 -8.90
N THR A 141 9.40 -13.32 -7.61
CA THR A 141 8.24 -14.04 -7.09
C THR A 141 7.00 -13.16 -7.08
N ALA A 142 7.05 -12.06 -6.32
CA ALA A 142 5.94 -11.13 -6.24
C ALA A 142 5.49 -10.70 -7.64
N GLU A 143 6.47 -10.55 -8.54
CA GLU A 143 6.18 -10.16 -9.91
C GLU A 143 5.37 -11.23 -10.63
N LYS A 144 5.76 -12.49 -10.39
CA LYS A 144 5.07 -13.62 -11.02
C LYS A 144 3.59 -13.58 -10.71
N LEU A 145 3.24 -13.68 -9.42
CA LEU A 145 1.84 -13.64 -9.00
C LEU A 145 1.19 -12.34 -9.44
N ALA A 146 1.90 -11.24 -9.26
CA ALA A 146 1.38 -9.93 -9.64
C ALA A 146 0.97 -9.92 -11.11
N ARG A 147 1.71 -10.65 -11.94
CA ARG A 147 1.42 -10.73 -13.37
C ARG A 147 0.50 -11.90 -13.66
N ASP A 148 0.62 -12.96 -12.85
CA ASP A 148 -0.20 -14.15 -13.03
C ASP A 148 -1.67 -13.83 -12.78
N LEU A 149 -1.93 -13.08 -11.71
CA LEU A 149 -3.30 -12.71 -11.36
C LEU A 149 -3.70 -11.39 -12.03
N LYS A 150 -2.91 -10.96 -13.02
CA LYS A 150 -3.19 -9.72 -13.74
C LYS A 150 -3.49 -8.58 -12.76
N ALA A 151 -2.68 -8.46 -11.72
CA ALA A 151 -2.87 -7.42 -10.72
C ALA A 151 -2.67 -6.03 -11.32
N VAL A 152 -1.40 -5.63 -11.42
CA VAL A 152 -1.07 -4.31 -11.97
C VAL A 152 0.40 -4.28 -12.41
N LYS A 153 1.28 -4.18 -11.42
CA LYS A 153 2.72 -4.11 -11.69
C LYS A 153 3.51 -4.05 -10.39
N TYR A 154 4.19 -5.15 -10.08
CA TYR A 154 5.00 -5.22 -8.86
C TYR A 154 6.35 -4.54 -9.08
N VAL A 155 6.57 -3.45 -8.36
CA VAL A 155 7.83 -2.71 -8.46
C VAL A 155 8.66 -2.88 -7.21
N GLU A 156 9.98 -2.72 -7.34
CA GLU A 156 10.88 -2.87 -6.21
C GLU A 156 11.17 -1.52 -5.55
N CYS A 157 10.80 -1.41 -4.28
CA CYS A 157 11.02 -0.18 -3.52
C CYS A 157 10.47 -0.32 -2.11
N SER A 158 11.22 0.17 -1.12
CA SER A 158 10.81 0.09 0.27
C SER A 158 10.52 1.48 0.84
N ALA A 159 9.59 1.53 1.79
CA ALA A 159 9.21 2.78 2.42
C ALA A 159 10.18 3.14 3.55
N LEU A 160 10.54 2.12 4.33
CA LEU A 160 11.48 2.33 5.45
C LEU A 160 12.71 3.08 4.99
N THR A 161 13.15 2.80 3.77
CA THR A 161 14.32 3.46 3.20
C THR A 161 13.92 4.37 2.05
N GLN A 162 12.76 4.10 1.46
CA GLN A 162 12.26 4.91 0.35
C GLN A 162 13.05 4.62 -0.93
N LYS A 163 12.99 3.36 -1.38
CA LYS A 163 13.69 2.96 -2.59
C LYS A 163 12.80 3.09 -3.82
N GLY A 164 11.78 3.93 -3.73
CA GLY A 164 10.87 4.13 -4.85
C GLY A 164 9.41 4.07 -4.46
N LEU A 165 9.07 4.58 -3.27
CA LEU A 165 7.69 4.59 -2.80
C LEU A 165 6.76 5.14 -3.86
N LYS A 166 7.19 6.22 -4.52
CA LYS A 166 6.40 6.84 -5.57
C LYS A 166 6.33 5.95 -6.81
N ASN A 167 7.41 5.23 -7.08
CA ASN A 167 7.48 4.35 -8.24
C ASN A 167 6.37 3.30 -8.20
N VAL A 168 6.50 2.33 -7.30
CA VAL A 168 5.50 1.27 -7.16
C VAL A 168 4.10 1.86 -7.07
N PHE A 169 3.94 2.88 -6.23
CA PHE A 169 2.64 3.52 -6.05
C PHE A 169 2.21 4.20 -7.34
N ASP A 170 3.17 4.72 -8.10
CA ASP A 170 2.86 5.37 -9.37
C ASP A 170 2.09 4.40 -10.25
N GLU A 171 2.41 3.12 -10.12
CA GLU A 171 1.74 2.08 -10.88
C GLU A 171 0.35 1.84 -10.32
N ALA A 172 0.23 1.93 -9.00
CA ALA A 172 -1.04 1.73 -8.33
C ALA A 172 -2.02 2.85 -8.69
N ILE A 173 -1.52 4.09 -8.68
CA ILE A 173 -2.33 5.24 -9.01
C ILE A 173 -2.52 5.36 -10.52
N LEU A 174 -1.50 4.95 -11.26
CA LEU A 174 -1.54 5.00 -12.71
C LEU A 174 -2.69 4.17 -13.25
N ALA A 175 -2.88 2.98 -12.67
CA ALA A 175 -3.95 2.09 -13.09
C ALA A 175 -5.31 2.80 -13.01
N ALA A 176 -5.38 3.86 -12.21
CA ALA A 176 -6.62 4.62 -12.06
C ALA A 176 -6.73 5.72 -13.12
N LEU A 177 -5.60 6.33 -13.45
CA LEU A 177 -5.58 7.40 -14.45
C LEU A 177 -5.87 6.86 -15.84
N GLU A 178 -5.54 5.59 -16.06
CA GLU A 178 -5.78 4.96 -17.35
C GLU A 178 -5.58 3.44 -17.27
N PRO A 179 -6.48 2.66 -17.89
CA PRO A 179 -6.40 1.19 -17.88
C PRO A 179 -5.08 0.67 -18.44
N PRO A 180 -4.22 0.08 -17.60
CA PRO A 180 -2.92 -0.45 -18.02
C PRO A 180 -3.05 -1.77 -18.76
N GLU A 181 -2.01 -2.14 -19.49
CA GLU A 181 -2.01 -3.39 -20.25
C GLU A 181 -0.73 -4.18 -20.00
N PRO A 182 -0.84 -5.52 -19.96
CA PRO A 182 0.31 -6.40 -19.73
C PRO A 182 1.18 -6.55 -20.97
N LYS A 183 2.06 -7.55 -20.96
CA LYS A 183 2.95 -7.79 -22.09
C LYS A 183 2.18 -8.35 -23.27
N LYS A 184 1.59 -7.46 -24.05
CA LYS A 184 0.80 -7.87 -25.23
C LYS A 184 1.09 -6.95 -26.41
N GLY B 1 2.86 17.08 -15.05
CA GLY B 1 2.55 15.74 -15.60
C GLY B 1 3.66 14.73 -15.36
N SER B 2 3.32 13.45 -15.47
CA SER B 2 4.29 12.39 -15.25
C SER B 2 4.68 11.72 -16.57
N GLY B 3 3.78 10.91 -17.11
CA GLY B 3 4.05 10.23 -18.37
C GLY B 3 4.08 8.72 -18.20
N LEU B 4 3.02 8.06 -18.64
CA LEU B 4 2.94 6.61 -18.54
C LEU B 4 1.69 6.06 -19.22
N SER B 5 1.33 6.66 -20.35
CA SER B 5 0.15 6.24 -21.09
C SER B 5 -1.12 6.58 -20.32
N ALA B 6 -1.08 7.71 -19.62
CA ALA B 6 -2.20 8.17 -18.83
C ALA B 6 -2.39 9.67 -19.00
N GLN B 7 -2.14 10.16 -20.20
CA GLN B 7 -2.25 11.59 -20.49
C GLN B 7 -1.08 12.35 -19.88
N ASP B 8 -0.13 11.61 -19.27
CA ASP B 8 1.03 12.21 -18.65
C ASP B 8 0.65 12.93 -17.36
N ILE B 9 -0.17 12.27 -16.56
CA ILE B 9 -0.62 12.83 -15.29
C ILE B 9 0.28 12.38 -14.15
N SER B 10 0.59 13.31 -13.25
CA SER B 10 1.46 13.00 -12.12
C SER B 10 0.66 12.96 -10.81
N GLN B 11 1.21 12.26 -9.82
CA GLN B 11 0.56 12.14 -8.52
C GLN B 11 1.35 12.92 -7.46
N PRO B 12 2.54 12.43 -7.05
CA PRO B 12 3.37 13.12 -6.05
C PRO B 12 4.04 14.36 -6.63
N LEU B 13 3.23 15.29 -7.13
CA LEU B 13 3.74 16.51 -7.73
C LEU B 13 4.44 17.39 -6.69
N GLN B 14 3.68 18.24 -6.02
CA GLN B 14 4.25 19.13 -5.02
C GLN B 14 4.73 18.36 -3.79
N ASN B 15 3.89 18.28 -2.75
CA ASN B 15 4.27 17.57 -1.53
C ASN B 15 3.22 16.53 -1.13
N SER B 16 2.04 16.58 -1.74
CA SER B 16 0.97 15.64 -1.44
C SER B 16 0.76 15.53 0.07
N PHE B 17 0.99 16.64 0.78
CA PHE B 17 0.83 16.66 2.23
C PHE B 17 0.75 18.09 2.76
N ILE B 18 -0.47 18.62 2.86
CA ILE B 18 -0.66 19.99 3.35
C ILE B 18 -0.21 20.11 4.81
N HIS B 19 -0.91 19.40 5.69
CA HIS B 19 -0.58 19.42 7.11
C HIS B 19 -0.39 18.01 7.65
N THR B 20 -0.30 17.89 8.98
CA THR B 20 -0.12 16.59 9.61
C THR B 20 -1.28 16.27 10.54
N GLY B 21 -2.04 15.23 10.19
CA GLY B 21 -3.18 14.84 11.00
C GLY B 21 -2.93 13.55 11.76
N HIS B 22 -3.01 13.62 13.09
CA HIS B 22 -2.78 12.45 13.93
C HIS B 22 -4.05 12.06 14.67
N GLY B 23 -4.30 12.70 15.80
CA GLY B 23 -5.49 12.40 16.58
C GLY B 23 -5.19 11.51 17.78
N ASP B 24 -4.39 10.47 17.55
CA ASP B 24 -4.02 9.54 18.61
C ASP B 24 -2.66 8.92 18.34
N SER B 25 -1.77 9.68 17.72
CA SER B 25 -0.43 9.21 17.40
C SER B 25 0.47 9.27 18.63
N ASP B 26 0.61 8.13 19.31
CA ASP B 26 1.44 8.05 20.50
C ASP B 26 2.12 6.69 20.60
N PRO B 27 3.19 6.59 21.41
CA PRO B 27 3.92 5.32 21.60
C PRO B 27 3.11 4.30 22.39
N ARG B 28 2.45 3.40 21.67
CA ARG B 28 1.64 2.36 22.31
C ARG B 28 2.41 1.07 22.45
N HIS B 29 3.43 0.90 21.61
CA HIS B 29 4.25 -0.31 21.65
C HIS B 29 5.36 -0.24 20.61
N CYS B 30 5.03 -0.59 19.37
CA CYS B 30 6.00 -0.57 18.28
C CYS B 30 5.36 -1.05 16.98
N TRP B 31 5.03 -2.33 16.93
CA TRP B 31 4.43 -2.92 15.75
C TRP B 31 3.13 -3.65 16.10
N GLY B 32 3.18 -4.50 17.11
CA GLY B 32 2.01 -5.24 17.53
C GLY B 32 2.08 -6.70 17.13
N PHE B 33 2.24 -6.95 15.84
CA PHE B 33 2.31 -8.32 15.32
C PHE B 33 2.97 -8.34 13.94
N PRO B 34 3.47 -9.51 13.51
CA PRO B 34 4.12 -9.66 12.20
C PRO B 34 3.29 -9.04 11.07
N ASP B 35 3.91 -8.12 10.34
CA ASP B 35 3.24 -7.45 9.24
C ASP B 35 2.13 -6.54 9.75
N ARG B 36 1.94 -5.41 9.07
CA ARG B 36 0.90 -4.46 9.47
C ARG B 36 -0.43 -5.14 9.63
N ILE B 37 -1.16 -4.74 10.66
CA ILE B 37 -2.47 -5.31 10.91
C ILE B 37 -3.38 -5.04 9.73
N ASP B 38 -4.27 -5.99 9.44
CA ASP B 38 -5.18 -5.86 8.31
C ASP B 38 -5.79 -4.46 8.25
N GLU B 39 -5.85 -3.90 7.05
CA GLU B 39 -6.40 -2.56 6.85
C GLU B 39 -7.79 -2.44 7.48
N LEU B 40 -8.45 -3.58 7.68
CA LEU B 40 -9.79 -3.61 8.27
C LEU B 40 -9.95 -2.56 9.37
N TYR B 41 -9.18 -2.71 10.45
CA TYR B 41 -9.25 -1.78 11.57
C TYR B 41 -8.05 -0.85 11.59
N LEU B 42 -6.85 -1.42 11.66
CA LEU B 42 -5.61 -0.65 11.70
C LEU B 42 -5.34 -0.15 13.11
N GLY B 43 -4.39 0.76 13.23
CA GLY B 43 -4.06 1.30 14.54
C GLY B 43 -2.92 0.55 15.20
N ASN B 44 -2.60 0.92 16.44
CA ASN B 44 -1.52 0.28 17.17
C ASN B 44 -1.75 0.38 18.68
MG MG C . 0.61 3.76 8.67
PG GNP D . 1.31 1.10 10.30
O1G GNP D . 0.69 0.23 9.27
O2G GNP D . 0.70 2.42 10.54
O3G GNP D . 1.21 0.29 11.68
N3B GNP D . 2.89 1.37 9.83
PB GNP D . 3.33 1.62 8.23
O1B GNP D . 3.28 0.30 7.56
O2B GNP D . 2.48 2.70 7.71
O3A GNP D . 4.85 2.14 8.09
PA GNP D . 5.83 2.10 6.81
O1A GNP D . 5.33 3.07 5.83
O2A GNP D . 7.23 2.20 7.31
O5' GNP D . 5.60 0.62 6.23
C5' GNP D . 6.67 -0.08 5.57
C4' GNP D . 6.71 -1.55 5.98
O4' GNP D . 5.47 -2.19 5.70
C3' GNP D . 7.81 -2.28 5.22
O3' GNP D . 8.90 -2.61 6.09
C2' GNP D . 7.17 -3.51 4.64
O2' GNP D . 7.76 -4.69 5.19
C1' GNP D . 5.70 -3.42 4.99
N9 GNP D . 4.86 -3.51 3.79
C8 GNP D . 3.64 -2.96 3.55
N7 GNP D . 3.09 -3.19 2.40
C5 GNP D . 4.06 -3.99 1.78
C6 GNP D . 4.06 -4.58 0.48
O6 GNP D . 3.19 -4.51 -0.40
N1 GNP D . 5.24 -5.31 0.23
C2 GNP D . 6.29 -5.46 1.14
N2 GNP D . 7.33 -6.17 0.72
N3 GNP D . 6.28 -4.91 2.36
C4 GNP D . 5.15 -4.19 2.62
HNB3 GNP D . 3.59 1.38 10.52
H5'2 GNP D . 6.53 -0.01 4.50
H5'1 GNP D . 7.62 0.40 5.84
H4' GNP D . 6.92 -1.61 7.05
H3' GNP D . 8.14 -1.66 4.41
HO3' GNP D . 8.89 -3.56 6.19
H2' GNP D . 7.29 -3.50 3.56
HO2' GNP D . 8.59 -4.83 4.73
H1' GNP D . 5.47 -4.24 5.65
H8 GNP D . 3.14 -2.36 4.30
HN1 GNP D . 5.30 -5.75 -0.64
HN21 GNP D . 7.33 -6.58 -0.20
HN22 GNP D . 8.15 -6.26 1.31
#